data_4KIW
#
_entry.id   4KIW
#
_cell.length_a   96.710
_cell.length_b   135.220
_cell.length_c   143.910
_cell.angle_alpha   90.00
_cell.angle_beta   97.18
_cell.angle_gamma   90.00
#
_symmetry.space_group_name_H-M   'P 1 21 1'
#
loop_
_entity.id
_entity.type
_entity.pdbx_description
1 polymer '3-dehydroquinate dehydratase'
2 non-polymer '5-[(3-nitrobenzyl)amino]benzene-1,3-dicarboxylic acid'
3 water water
#
_entity_poly.entity_id   1
_entity_poly.type   'polypeptide(L)'
_entity_poly.pdbx_seq_one_letter_code
;MGSSHHHHHHSSGLVPRGSHMSELIVNVINGPNLGRLGRREPAVYGGTTHDELVALIEREAAELGLKAVVRQSDSEAQLL
DWIHQAADAAEPVILNAGGLTHTSVALRDACAELSAPLIEVHISNVHAREEFRRHSYLSPIATGVIVGLGIQGYLLALRY
LAEHVGT
;
_entity_poly.pdbx_strand_id   A,B,C,D,E,F,G,H,I,J,K,L,M,N,O,P,Q,R,S,T,U,V,W,X
#
# COMPACT_ATOMS: atom_id res chain seq x y z
N LEU A 24 6.98 -49.24 -22.26
CA LEU A 24 7.90 -48.08 -22.23
C LEU A 24 7.72 -47.33 -20.92
N ILE A 25 8.84 -47.06 -20.25
CA ILE A 25 8.82 -46.24 -19.06
C ILE A 25 9.11 -44.80 -19.49
N VAL A 26 8.33 -43.87 -18.97
CA VAL A 26 8.55 -42.44 -19.21
C VAL A 26 8.78 -41.72 -17.90
N ASN A 27 9.75 -40.80 -17.88
CA ASN A 27 10.10 -40.12 -16.64
C ASN A 27 9.66 -38.66 -16.68
N VAL A 28 8.79 -38.25 -15.75
CA VAL A 28 8.46 -36.82 -15.63
C VAL A 28 9.18 -36.18 -14.47
N ILE A 29 10.01 -35.19 -14.78
CA ILE A 29 10.82 -34.61 -13.73
C ILE A 29 10.60 -33.11 -13.60
N ASN A 30 10.25 -32.72 -12.38
CA ASN A 30 10.02 -31.35 -11.97
C ASN A 30 11.15 -30.83 -11.10
N GLY A 31 11.66 -29.66 -11.45
CA GLY A 31 12.76 -29.04 -10.75
C GLY A 31 12.23 -28.27 -9.58
N PRO A 32 13.09 -27.38 -8.98
CA PRO A 32 12.83 -26.68 -7.71
C PRO A 32 11.55 -25.89 -7.74
N ASN A 33 10.92 -25.76 -6.57
CA ASN A 33 9.70 -24.96 -6.33
C ASN A 33 8.40 -25.62 -6.81
N LEU A 34 8.52 -26.61 -7.70
CA LEU A 34 7.37 -27.21 -8.35
C LEU A 34 6.61 -28.16 -7.42
N GLY A 35 7.18 -28.40 -6.24
CA GLY A 35 6.47 -29.09 -5.17
C GLY A 35 5.38 -28.19 -4.61
N ARG A 36 5.51 -26.88 -4.85
CA ARG A 36 4.60 -25.88 -4.27
C ARG A 36 3.32 -25.72 -5.09
N LEU A 37 3.32 -26.28 -6.30
CA LEU A 37 2.14 -26.28 -7.17
C LEU A 37 0.76 -26.33 -6.48
N GLY A 38 -0.17 -25.53 -7.02
CA GLY A 38 -1.56 -25.50 -6.57
C GLY A 38 -1.88 -24.66 -5.35
N ARG A 39 -0.93 -24.56 -4.42
CA ARG A 39 -1.14 -23.84 -3.16
C ARG A 39 -0.81 -22.35 -3.23
N ARG A 40 -1.67 -21.56 -2.58
CA ARG A 40 -1.73 -20.07 -2.63
C ARG A 40 -3.12 -19.54 -3.10
N GLU A 41 -3.57 -19.82 -4.33
CA GLU A 41 -2.86 -20.56 -5.39
C GLU A 41 -2.55 -19.62 -6.55
N PRO A 42 -1.28 -19.64 -7.05
CA PRO A 42 -1.05 -18.78 -8.20
C PRO A 42 -2.12 -18.90 -9.30
N ALA A 43 -2.36 -17.79 -9.99
CA ALA A 43 -3.11 -17.79 -11.22
C ALA A 43 -2.10 -17.83 -12.35
N VAL A 44 -0.82 -17.90 -11.97
CA VAL A 44 0.30 -18.14 -12.89
C VAL A 44 0.35 -19.62 -13.26
N TYR A 45 0.22 -20.49 -12.26
CA TYR A 45 0.08 -21.93 -12.46
C TYR A 45 -1.34 -22.33 -12.01
N GLY A 46 -1.80 -23.53 -12.31
CA GLY A 46 -3.18 -23.91 -11.96
C GLY A 46 -3.45 -24.12 -10.47
N GLY A 47 -4.65 -24.58 -10.14
CA GLY A 47 -5.04 -24.84 -8.75
C GLY A 47 -4.77 -26.27 -8.34
N THR A 48 -4.22 -27.04 -9.29
CA THR A 48 -3.86 -28.44 -9.11
C THR A 48 -2.58 -28.56 -8.29
N THR A 49 -2.63 -29.41 -7.26
CA THR A 49 -1.49 -29.69 -6.41
C THR A 49 -0.58 -30.67 -7.11
N HIS A 50 0.68 -30.75 -6.67
CA HIS A 50 1.66 -31.63 -7.29
C HIS A 50 1.27 -33.08 -7.17
N ASP A 51 0.52 -33.42 -6.14
CA ASP A 51 -0.03 -34.77 -5.97
C ASP A 51 -1.03 -35.06 -7.06
N GLU A 52 -1.99 -34.16 -7.21
CA GLU A 52 -3.00 -34.26 -8.26
C GLU A 52 -2.39 -34.35 -9.66
N LEU A 53 -1.27 -33.63 -9.85
CA LEU A 53 -0.50 -33.72 -11.10
C LEU A 53 0.00 -35.13 -11.36
N VAL A 54 0.48 -35.81 -10.30
CA VAL A 54 0.98 -37.19 -10.44
C VAL A 54 -0.15 -38.10 -10.93
N ALA A 55 -1.21 -38.14 -10.15
CA ALA A 55 -2.42 -38.84 -10.50
C ALA A 55 -2.77 -38.69 -12.01
N LEU A 56 -2.89 -37.45 -12.50
CA LEU A 56 -3.31 -37.17 -13.89
C LEU A 56 -2.38 -37.75 -14.94
N ILE A 57 -1.08 -37.66 -14.69
CA ILE A 57 -0.06 -38.11 -15.63
C ILE A 57 -0.07 -39.63 -15.73
N GLU A 58 0.11 -40.28 -14.59
CA GLU A 58 0.15 -41.74 -14.50
C GLU A 58 -1.14 -42.27 -15.09
N ARG A 59 -2.25 -41.64 -14.70
CA ARG A 59 -3.55 -41.95 -15.24
C ARG A 59 -3.51 -41.84 -16.76
N GLU A 60 -3.17 -40.65 -17.26
CA GLU A 60 -3.14 -40.43 -18.69
C GLU A 60 -2.20 -41.41 -19.40
N ALA A 61 -1.04 -41.67 -18.78
CA ALA A 61 -0.06 -42.61 -19.34
C ALA A 61 -0.66 -44.00 -19.43
N ALA A 62 -1.38 -44.41 -18.38
CA ALA A 62 -2.05 -45.69 -18.37
C ALA A 62 -3.00 -45.70 -19.56
N GLU A 63 -3.84 -44.68 -19.68
CA GLU A 63 -4.74 -44.65 -20.84
C GLU A 63 -3.99 -44.75 -22.17
N LEU A 64 -2.75 -44.29 -22.20
CA LEU A 64 -1.92 -44.31 -23.41
C LEU A 64 -1.08 -45.59 -23.55
N GLY A 65 -1.10 -46.42 -22.51
CA GLY A 65 -0.30 -47.64 -22.48
C GLY A 65 1.19 -47.35 -22.30
N LEU A 66 1.49 -46.29 -21.55
CA LEU A 66 2.85 -45.98 -21.06
C LEU A 66 2.86 -46.08 -19.56
N LYS A 67 4.05 -46.20 -18.97
CA LYS A 67 4.22 -46.21 -17.52
C LYS A 67 5.00 -44.95 -17.06
N ALA A 68 4.30 -44.07 -16.35
CA ALA A 68 4.87 -42.78 -15.99
C ALA A 68 5.42 -42.84 -14.58
N VAL A 69 6.70 -42.48 -14.42
CA VAL A 69 7.24 -42.15 -13.10
C VAL A 69 7.41 -40.64 -13.02
N VAL A 70 6.72 -40.00 -12.07
CA VAL A 70 6.74 -38.56 -11.89
C VAL A 70 7.45 -38.25 -10.60
N ARG A 71 8.54 -37.47 -10.67
CA ARG A 71 9.30 -37.11 -9.47
C ARG A 71 9.58 -35.59 -9.35
N GLN A 72 9.69 -35.09 -8.12
CA GLN A 72 10.04 -33.68 -7.89
C GLN A 72 11.15 -33.48 -6.85
N SER A 73 11.99 -32.47 -7.08
CA SER A 73 13.10 -32.15 -6.18
C SER A 73 13.47 -30.67 -6.22
N ASP A 74 14.06 -30.19 -5.12
CA ASP A 74 14.66 -28.85 -5.12
C ASP A 74 16.17 -28.98 -5.29
N SER A 75 16.64 -30.21 -5.29
CA SER A 75 18.07 -30.49 -5.36
C SER A 75 18.55 -30.73 -6.78
N GLU A 76 19.48 -29.90 -7.25
CA GLU A 76 20.00 -30.06 -8.61
C GLU A 76 20.59 -31.44 -8.77
N ALA A 77 21.62 -31.72 -7.98
CA ALA A 77 22.28 -33.03 -7.95
C ALA A 77 21.33 -34.26 -8.05
N GLN A 78 20.16 -34.19 -7.42
CA GLN A 78 19.17 -35.28 -7.49
C GLN A 78 18.55 -35.39 -8.90
N LEU A 79 18.31 -34.26 -9.54
CA LEU A 79 17.81 -34.25 -10.92
C LEU A 79 18.89 -34.80 -11.83
N LEU A 80 20.15 -34.54 -11.51
CA LEU A 80 21.23 -35.12 -12.28
C LEU A 80 21.18 -36.65 -12.19
N ASP A 81 21.10 -37.16 -10.96
CA ASP A 81 20.97 -38.58 -10.72
C ASP A 81 19.78 -39.21 -11.51
N TRP A 82 18.61 -38.58 -11.47
CA TRP A 82 17.48 -39.11 -12.23
C TRP A 82 17.71 -39.09 -13.74
N ILE A 83 18.34 -38.02 -14.24
CA ILE A 83 18.69 -37.97 -15.67
C ILE A 83 19.69 -39.08 -16.00
N HIS A 84 20.71 -39.26 -15.14
CA HIS A 84 21.68 -40.33 -15.29
C HIS A 84 20.94 -41.65 -15.43
N GLN A 85 19.90 -41.82 -14.61
CA GLN A 85 19.20 -43.10 -14.50
C GLN A 85 18.36 -43.30 -15.73
N ALA A 86 17.81 -42.22 -16.27
CA ALA A 86 17.02 -42.27 -17.49
C ALA A 86 17.94 -42.59 -18.66
N ALA A 87 19.16 -42.09 -18.62
CA ALA A 87 20.10 -42.31 -19.70
C ALA A 87 20.52 -43.77 -19.79
N ASP A 88 20.78 -44.38 -18.64
CA ASP A 88 21.28 -45.74 -18.56
C ASP A 88 20.21 -46.77 -18.97
N ALA A 89 18.94 -46.40 -18.83
CA ALA A 89 17.84 -47.29 -19.16
C ALA A 89 17.27 -46.90 -20.54
N ALA A 90 17.84 -45.88 -21.17
CA ALA A 90 17.37 -45.38 -22.48
C ALA A 90 15.88 -45.15 -22.40
N GLU A 91 15.46 -44.36 -21.43
CA GLU A 91 14.05 -43.94 -21.34
C GLU A 91 13.91 -42.45 -21.62
N PRO A 92 12.81 -42.07 -22.30
CA PRO A 92 12.46 -40.65 -22.54
C PRO A 92 12.29 -39.85 -21.26
N VAL A 93 12.42 -38.52 -21.37
CA VAL A 93 12.25 -37.62 -20.22
C VAL A 93 11.44 -36.39 -20.56
N ILE A 94 10.34 -36.23 -19.82
CA ILE A 94 9.63 -34.99 -19.75
C ILE A 94 10.21 -34.14 -18.61
N LEU A 95 10.77 -32.98 -18.94
CA LEU A 95 11.46 -32.15 -17.95
C LEU A 95 10.93 -30.73 -17.81
N ASN A 96 10.58 -30.38 -16.57
CA ASN A 96 10.36 -28.98 -16.20
C ASN A 96 11.29 -28.66 -15.01
N ALA A 97 12.49 -28.15 -15.33
CA ALA A 97 13.57 -27.96 -14.36
C ALA A 97 13.38 -26.72 -13.56
N GLY A 98 12.20 -26.12 -13.68
CA GLY A 98 11.95 -24.81 -13.13
C GLY A 98 12.96 -23.82 -13.67
N GLY A 99 13.53 -23.06 -12.74
CA GLY A 99 14.46 -21.98 -13.08
C GLY A 99 15.82 -22.47 -13.52
N LEU A 100 16.13 -23.74 -13.23
CA LEU A 100 17.45 -24.31 -13.53
C LEU A 100 17.69 -24.33 -15.02
N THR A 101 16.59 -24.40 -15.76
CA THR A 101 16.61 -24.25 -17.21
C THR A 101 17.58 -23.14 -17.63
N HIS A 102 17.50 -22.04 -16.90
CA HIS A 102 18.16 -20.81 -17.27
C HIS A 102 19.56 -20.65 -16.72
N THR A 103 19.93 -21.47 -15.75
CA THR A 103 21.16 -21.23 -15.06
C THR A 103 22.14 -22.38 -15.12
N SER A 104 21.65 -23.59 -15.33
CA SER A 104 22.47 -24.77 -15.15
C SER A 104 22.99 -25.42 -16.42
N VAL A 105 24.30 -25.33 -16.58
CA VAL A 105 25.03 -26.05 -17.63
C VAL A 105 25.09 -27.55 -17.30
N ALA A 106 24.98 -27.88 -16.03
CA ALA A 106 25.22 -29.24 -15.54
C ALA A 106 24.05 -30.11 -15.95
N LEU A 107 22.88 -29.51 -15.94
CA LEU A 107 21.67 -30.20 -16.33
C LEU A 107 21.71 -30.42 -17.83
N ARG A 108 22.18 -29.41 -18.57
CA ARG A 108 22.35 -29.52 -20.01
C ARG A 108 23.20 -30.76 -20.34
N ASP A 109 24.34 -30.89 -19.68
CA ASP A 109 25.32 -31.92 -20.04
C ASP A 109 24.78 -33.32 -19.75
N ALA A 110 23.85 -33.39 -18.80
CA ALA A 110 23.35 -34.66 -18.29
C ALA A 110 22.22 -35.05 -19.17
N CYS A 111 21.53 -34.05 -19.71
CA CYS A 111 20.41 -34.30 -20.63
C CYS A 111 20.89 -34.62 -22.03
N ALA A 112 22.13 -34.24 -22.31
CA ALA A 112 22.76 -34.42 -23.62
C ALA A 112 22.96 -35.91 -23.92
N GLU A 113 23.21 -36.69 -22.88
CA GLU A 113 23.53 -38.09 -23.01
C GLU A 113 22.29 -38.95 -23.20
N LEU A 114 21.09 -38.39 -23.13
CA LEU A 114 19.91 -39.22 -23.38
C LEU A 114 19.84 -39.64 -24.86
N SER A 115 19.53 -40.92 -25.13
CA SER A 115 19.21 -41.34 -26.51
C SER A 115 17.71 -41.27 -26.83
N ALA A 116 16.86 -41.62 -25.86
CA ALA A 116 15.43 -41.41 -26.01
C ALA A 116 15.02 -39.91 -26.02
N PRO A 117 13.79 -39.60 -26.46
CA PRO A 117 13.50 -38.16 -26.50
C PRO A 117 13.48 -37.47 -25.13
N LEU A 118 13.72 -36.16 -25.16
CA LEU A 118 13.66 -35.28 -24.00
C LEU A 118 12.76 -34.12 -24.42
N ILE A 119 11.65 -33.96 -23.72
CA ILE A 119 10.70 -32.90 -24.01
C ILE A 119 10.63 -31.94 -22.83
N GLU A 120 11.00 -30.68 -23.08
CA GLU A 120 11.02 -29.61 -22.08
C GLU A 120 9.58 -29.11 -21.91
N VAL A 121 9.11 -28.99 -20.68
CA VAL A 121 7.74 -28.51 -20.44
C VAL A 121 7.67 -27.37 -19.41
N HIS A 122 7.02 -26.26 -19.74
CA HIS A 122 6.71 -25.21 -18.73
C HIS A 122 5.24 -24.95 -18.68
N ILE A 123 4.72 -24.77 -17.46
CA ILE A 123 3.27 -24.49 -17.28
C ILE A 123 2.86 -23.11 -17.80
N SER A 124 3.63 -22.10 -17.36
CA SER A 124 3.42 -20.73 -17.77
C SER A 124 4.13 -20.41 -19.07
N ASN A 125 3.61 -19.43 -19.81
CA ASN A 125 4.31 -18.94 -20.98
C ASN A 125 5.51 -18.10 -20.58
N VAL A 126 6.69 -18.70 -20.77
CA VAL A 126 7.97 -18.08 -20.34
C VAL A 126 8.54 -17.05 -21.32
N HIS A 127 7.80 -16.73 -22.39
CA HIS A 127 8.24 -15.66 -23.29
C HIS A 127 7.44 -14.40 -23.02
N ALA A 128 6.32 -14.58 -22.32
CA ALA A 128 5.52 -13.48 -21.76
C ALA A 128 6.07 -12.97 -20.39
N ARG A 129 7.17 -13.54 -19.92
CA ARG A 129 7.65 -13.17 -18.61
C ARG A 129 8.91 -12.28 -18.67
N GLU A 130 9.80 -12.38 -17.68
CA GLU A 130 11.00 -11.54 -17.62
C GLU A 130 12.03 -12.02 -18.62
N GLU A 131 13.02 -11.18 -18.90
CA GLU A 131 14.05 -11.46 -19.89
C GLU A 131 14.88 -12.74 -19.64
N PHE A 132 15.23 -13.01 -18.38
CA PHE A 132 16.14 -14.14 -18.10
C PHE A 132 15.46 -15.50 -18.34
N ARG A 133 14.14 -15.53 -18.26
CA ARG A 133 13.41 -16.77 -18.53
C ARG A 133 13.31 -17.10 -20.02
N ARG A 134 13.84 -16.24 -20.88
CA ARG A 134 13.67 -16.38 -22.33
C ARG A 134 14.85 -17.04 -22.99
N HIS A 135 15.86 -17.44 -22.22
CA HIS A 135 16.93 -18.28 -22.75
C HIS A 135 16.94 -19.56 -21.97
N SER A 136 17.09 -20.67 -22.68
CA SER A 136 17.14 -21.97 -22.05
C SER A 136 18.42 -22.64 -22.46
N TYR A 137 19.19 -23.10 -21.46
CA TYR A 137 20.31 -24.00 -21.73
C TYR A 137 19.86 -25.34 -22.32
N LEU A 138 18.59 -25.70 -22.14
CA LEU A 138 18.11 -27.03 -22.52
C LEU A 138 17.46 -27.12 -23.87
N SER A 139 16.61 -26.13 -24.17
CA SER A 139 15.94 -26.03 -25.46
C SER A 139 16.85 -26.47 -26.63
N PRO A 140 18.09 -25.94 -26.76
CA PRO A 140 18.88 -26.31 -27.95
C PRO A 140 19.29 -27.78 -28.03
N ILE A 141 19.06 -28.54 -26.95
CA ILE A 141 19.38 -29.98 -26.98
C ILE A 141 18.18 -30.88 -26.79
N ALA A 142 17.04 -30.32 -26.39
CA ALA A 142 15.82 -31.10 -26.27
C ALA A 142 15.29 -31.53 -27.66
N THR A 143 14.44 -32.55 -27.71
CA THR A 143 13.70 -32.91 -28.93
C THR A 143 12.69 -31.82 -29.30
N GLY A 144 11.87 -31.42 -28.33
CA GLY A 144 10.93 -30.29 -28.48
C GLY A 144 10.66 -29.59 -27.15
N VAL A 145 9.79 -28.59 -27.18
CA VAL A 145 9.46 -27.80 -25.97
C VAL A 145 7.98 -27.42 -25.96
N ILE A 146 7.34 -27.58 -24.80
CA ILE A 146 5.97 -27.08 -24.62
C ILE A 146 5.94 -26.06 -23.50
N VAL A 147 5.37 -24.89 -23.79
CA VAL A 147 5.47 -23.76 -22.89
C VAL A 147 4.11 -23.04 -22.89
N GLY A 148 3.55 -22.83 -21.71
CA GLY A 148 2.37 -21.98 -21.58
C GLY A 148 1.00 -22.64 -21.59
N LEU A 149 0.97 -23.93 -21.93
CA LEU A 149 -0.30 -24.64 -22.03
C LEU A 149 -0.79 -25.18 -20.69
N GLY A 150 -0.08 -24.84 -19.63
CA GLY A 150 -0.44 -25.24 -18.26
C GLY A 150 -0.14 -26.70 -17.99
N ILE A 151 -0.75 -27.23 -16.94
CA ILE A 151 -0.62 -28.65 -16.60
C ILE A 151 -0.77 -29.59 -17.82
N GLN A 152 -1.59 -29.19 -18.79
CA GLN A 152 -1.89 -30.02 -19.95
C GLN A 152 -0.66 -30.31 -20.82
N GLY A 153 0.33 -29.43 -20.73
CA GLY A 153 1.56 -29.59 -21.48
C GLY A 153 2.24 -30.91 -21.20
N TYR A 154 2.22 -31.36 -19.93
CA TYR A 154 2.75 -32.68 -19.56
C TYR A 154 1.97 -33.83 -20.22
N LEU A 155 0.67 -33.63 -20.39
CA LEU A 155 -0.18 -34.69 -20.95
C LEU A 155 0.03 -34.78 -22.45
N LEU A 156 0.17 -33.60 -23.06
CA LEU A 156 0.50 -33.48 -24.45
C LEU A 156 1.85 -34.11 -24.78
N ALA A 157 2.86 -33.85 -23.95
CA ALA A 157 4.18 -34.44 -24.13
C ALA A 157 4.11 -35.98 -24.03
N LEU A 158 3.25 -36.44 -23.14
CA LEU A 158 2.92 -37.86 -23.06
C LEU A 158 2.42 -38.41 -24.40
N ARG A 159 1.48 -37.69 -25.03
CA ARG A 159 0.98 -38.05 -26.35
C ARG A 159 2.03 -38.08 -27.44
N TYR A 160 2.86 -37.03 -27.53
CA TYR A 160 4.01 -37.11 -28.40
C TYR A 160 4.76 -38.45 -28.20
N LEU A 161 5.01 -38.78 -26.93
CA LEU A 161 5.81 -39.95 -26.56
C LEU A 161 5.09 -41.29 -26.83
N ALA A 162 3.80 -41.36 -26.50
CA ALA A 162 3.00 -42.52 -26.84
C ALA A 162 3.06 -42.86 -28.34
N GLU A 163 3.03 -41.83 -29.19
CA GLU A 163 3.23 -41.98 -30.64
C GLU A 163 4.74 -42.05 -30.98
N HIS A 164 5.56 -42.47 -30.01
CA HIS A 164 7.04 -42.26 -29.99
C HIS A 164 7.53 -40.90 -30.55
N LEU B 24 47.75 -0.65 -69.68
CA LEU B 24 46.96 -0.84 -68.43
C LEU B 24 47.60 -1.92 -67.58
N ILE B 25 48.09 -1.53 -66.41
CA ILE B 25 48.81 -2.45 -65.54
C ILE B 25 48.04 -2.70 -64.25
N VAL B 26 47.33 -3.83 -64.23
CA VAL B 26 46.54 -4.30 -63.07
C VAL B 26 47.42 -4.98 -62.03
N ASN B 27 47.22 -4.65 -60.76
CA ASN B 27 47.94 -5.37 -59.71
C ASN B 27 47.06 -6.31 -58.90
N VAL B 28 47.49 -7.57 -58.84
CA VAL B 28 46.90 -8.57 -57.97
C VAL B 28 47.82 -8.80 -56.78
N ILE B 29 47.33 -8.52 -55.58
CA ILE B 29 48.11 -8.81 -54.41
C ILE B 29 47.45 -9.89 -53.56
N ASN B 30 48.26 -10.88 -53.20
CA ASN B 30 47.88 -11.97 -52.31
C ASN B 30 48.68 -11.97 -51.02
N GLY B 31 47.96 -11.93 -49.91
CA GLY B 31 48.56 -11.85 -48.58
C GLY B 31 48.80 -13.21 -47.97
N PRO B 32 49.09 -13.24 -46.64
CA PRO B 32 49.46 -14.43 -45.88
C PRO B 32 48.72 -15.71 -46.26
N ASN B 33 49.46 -16.80 -46.43
CA ASN B 33 48.92 -18.17 -46.58
C ASN B 33 48.48 -18.55 -47.99
N LEU B 34 48.13 -17.56 -48.83
CA LEU B 34 47.72 -17.85 -50.21
C LEU B 34 48.81 -18.47 -51.10
N GLY B 35 50.08 -18.30 -50.70
CA GLY B 35 51.22 -18.91 -51.41
C GLY B 35 51.17 -20.43 -51.58
N ARG B 36 50.54 -21.10 -50.62
CA ARG B 36 50.43 -22.55 -50.65
C ARG B 36 49.05 -23.02 -51.14
N LEU B 37 48.50 -22.28 -52.11
CA LEU B 37 47.25 -22.65 -52.78
C LEU B 37 47.44 -23.96 -53.53
N GLY B 38 46.36 -24.72 -53.68
CA GLY B 38 46.38 -26.01 -54.37
C GLY B 38 47.07 -27.04 -53.51
N ARG B 39 48.39 -27.12 -53.65
CA ARG B 39 49.30 -27.77 -52.72
C ARG B 39 48.54 -28.45 -51.59
N ARG B 40 47.89 -27.62 -50.76
CA ARG B 40 46.98 -28.05 -49.70
C ARG B 40 46.95 -26.99 -48.61
N GLU B 41 45.77 -26.69 -48.06
CA GLU B 41 44.52 -27.44 -48.29
C GLU B 41 43.89 -27.18 -49.67
N PRO B 42 43.26 -28.21 -50.29
CA PRO B 42 42.55 -28.14 -51.57
C PRO B 42 41.15 -28.77 -51.51
N ALA B 43 40.16 -28.01 -51.07
CA ALA B 43 38.80 -28.53 -50.82
C ALA B 43 37.91 -27.36 -50.46
N VAL B 44 38.49 -26.42 -49.73
CA VAL B 44 37.88 -25.14 -49.38
C VAL B 44 38.27 -24.02 -50.38
N TYR B 45 39.48 -24.11 -50.94
CA TYR B 45 39.97 -23.20 -52.00
C TYR B 45 40.07 -23.83 -53.42
N GLY B 46 40.43 -25.10 -53.50
CA GLY B 46 40.44 -25.82 -54.77
C GLY B 46 41.82 -26.13 -55.31
N GLY B 47 41.82 -26.89 -56.42
CA GLY B 47 43.03 -27.48 -57.02
C GLY B 47 44.19 -26.58 -57.43
N THR B 48 43.87 -25.35 -57.86
CA THR B 48 44.82 -24.47 -58.51
C THR B 48 45.97 -24.00 -57.61
N THR B 49 47.21 -24.16 -58.09
CA THR B 49 48.38 -23.68 -57.33
C THR B 49 48.53 -22.17 -57.45
N HIS B 50 49.44 -21.61 -56.67
CA HIS B 50 49.67 -20.20 -56.81
C HIS B 50 50.33 -19.85 -58.15
N ASP B 51 51.27 -20.68 -58.60
CA ASP B 51 51.93 -20.47 -59.88
C ASP B 51 50.99 -20.61 -61.06
N GLU B 52 50.12 -21.60 -61.03
CA GLU B 52 49.12 -21.76 -62.08
C GLU B 52 48.12 -20.61 -62.02
N LEU B 53 48.00 -19.97 -60.86
CA LEU B 53 47.14 -18.80 -60.76
C LEU B 53 47.74 -17.64 -61.54
N VAL B 54 48.97 -17.26 -61.19
CA VAL B 54 49.73 -16.27 -61.95
C VAL B 54 49.45 -16.47 -63.44
N ALA B 55 49.83 -17.63 -63.96
CA ALA B 55 49.69 -17.96 -65.37
C ALA B 55 48.26 -17.86 -65.91
N LEU B 56 47.28 -18.26 -65.10
CA LEU B 56 45.88 -18.18 -65.54
C LEU B 56 45.47 -16.71 -65.71
N ILE B 57 45.96 -15.87 -64.80
CA ILE B 57 45.70 -14.44 -64.84
C ILE B 57 46.50 -13.80 -65.99
N GLU B 58 47.82 -13.98 -65.96
CA GLU B 58 48.70 -13.49 -67.02
C GLU B 58 48.11 -13.69 -68.42
N ARG B 59 47.49 -14.84 -68.66
CA ARG B 59 46.79 -15.11 -69.94
C ARG B 59 45.51 -14.29 -70.09
N GLU B 60 44.62 -14.32 -69.09
CA GLU B 60 43.39 -13.52 -69.15
C GLU B 60 43.69 -12.03 -69.27
N ALA B 61 44.81 -11.61 -68.64
CA ALA B 61 45.34 -10.26 -68.75
C ALA B 61 45.56 -9.89 -70.22
N ALA B 62 46.13 -10.82 -70.98
CA ALA B 62 46.32 -10.65 -72.41
C ALA B 62 44.97 -10.66 -73.13
N GLU B 63 44.18 -11.71 -72.91
CA GLU B 63 42.86 -11.87 -73.58
C GLU B 63 41.94 -10.65 -73.52
N LEU B 64 42.17 -9.76 -72.54
CA LEU B 64 41.35 -8.55 -72.42
C LEU B 64 42.19 -7.29 -72.68
N GLY B 65 43.49 -7.46 -72.88
CA GLY B 65 44.40 -6.35 -73.13
C GLY B 65 44.76 -5.51 -71.92
N LEU B 66 45.50 -6.11 -70.99
CA LEU B 66 46.15 -5.42 -69.86
C LEU B 66 47.38 -6.28 -69.53
N LYS B 67 48.24 -5.78 -68.64
CA LYS B 67 49.47 -6.46 -68.33
C LYS B 67 49.57 -6.73 -66.82
N ALA B 68 48.81 -7.72 -66.34
CA ALA B 68 48.69 -8.01 -64.89
C ALA B 68 49.96 -8.43 -64.16
N VAL B 69 50.29 -7.74 -63.07
CA VAL B 69 51.36 -8.17 -62.15
C VAL B 69 50.75 -8.92 -60.98
N VAL B 70 51.19 -10.16 -60.77
CA VAL B 70 50.70 -10.95 -59.64
C VAL B 70 51.84 -11.18 -58.65
N ARG B 71 51.54 -11.01 -57.36
CA ARG B 71 52.54 -11.20 -56.33
C ARG B 71 51.89 -11.67 -55.03
N GLN B 72 52.68 -12.38 -54.22
CA GLN B 72 52.22 -12.99 -52.99
C GLN B 72 53.29 -12.79 -51.95
N SER B 73 52.88 -12.48 -50.72
CA SER B 73 53.78 -12.33 -49.59
C SER B 73 53.02 -12.56 -48.30
N ASP B 74 53.69 -13.17 -47.33
CA ASP B 74 53.09 -13.37 -46.01
C ASP B 74 53.39 -12.17 -45.14
N SER B 75 54.29 -11.31 -45.60
CA SER B 75 54.70 -10.15 -44.81
C SER B 75 53.76 -8.97 -45.07
N GLU B 76 53.04 -8.54 -44.03
CA GLU B 76 52.22 -7.33 -44.13
C GLU B 76 52.99 -6.15 -44.75
N ALA B 77 54.26 -5.98 -44.36
CA ALA B 77 55.09 -4.87 -44.82
C ALA B 77 55.34 -4.87 -46.34
N GLN B 78 55.64 -6.04 -46.90
CA GLN B 78 55.80 -6.13 -48.35
C GLN B 78 54.53 -5.61 -49.02
N LEU B 79 53.40 -6.20 -48.64
CA LEU B 79 52.10 -5.79 -49.15
C LEU B 79 51.96 -4.27 -49.17
N LEU B 80 52.26 -3.62 -48.04
CA LEU B 80 52.16 -2.16 -47.93
C LEU B 80 53.04 -1.46 -48.95
N ASP B 81 54.29 -1.93 -49.06
CA ASP B 81 55.25 -1.44 -50.05
C ASP B 81 54.66 -1.59 -51.44
N TRP B 82 54.01 -2.73 -51.69
CA TRP B 82 53.41 -2.92 -53.00
C TRP B 82 52.18 -2.04 -53.20
N ILE B 83 51.36 -1.82 -52.17
CA ILE B 83 50.18 -0.94 -52.32
C ILE B 83 50.70 0.49 -52.54
N HIS B 84 51.82 0.80 -51.91
CA HIS B 84 52.47 2.08 -52.09
C HIS B 84 52.82 2.34 -53.56
N GLN B 85 53.60 1.44 -54.15
CA GLN B 85 53.97 1.55 -55.55
C GLN B 85 52.76 1.82 -56.46
N ALA B 86 51.74 0.97 -56.34
CA ALA B 86 50.54 1.07 -57.17
C ALA B 86 49.83 2.41 -57.01
N ALA B 87 49.94 2.99 -55.82
CA ALA B 87 49.38 4.30 -55.59
C ALA B 87 50.19 5.40 -56.29
N ASP B 88 51.52 5.35 -56.17
CA ASP B 88 52.40 6.28 -56.88
C ASP B 88 52.16 6.17 -58.38
N ALA B 89 51.97 4.94 -58.87
CA ALA B 89 51.73 4.67 -60.28
C ALA B 89 50.28 4.84 -60.74
N ALA B 90 49.36 5.06 -59.80
CA ALA B 90 47.94 5.18 -60.08
C ALA B 90 47.36 3.94 -60.78
N GLU B 91 47.95 2.79 -60.47
CA GLU B 91 47.51 1.49 -61.03
C GLU B 91 46.40 0.84 -60.18
N PRO B 92 45.41 0.21 -60.83
CA PRO B 92 44.30 -0.43 -60.10
C PRO B 92 44.74 -1.68 -59.33
N VAL B 93 43.93 -2.14 -58.39
CA VAL B 93 44.30 -3.25 -57.50
C VAL B 93 43.22 -4.31 -57.27
N ILE B 94 43.60 -5.56 -57.53
CA ILE B 94 42.84 -6.71 -57.08
C ILE B 94 43.59 -7.25 -55.86
N LEU B 95 42.89 -7.33 -54.73
CA LEU B 95 43.50 -7.73 -53.44
C LEU B 95 42.77 -8.87 -52.72
N ASN B 96 43.57 -9.86 -52.34
CA ASN B 96 43.11 -10.96 -51.49
C ASN B 96 44.13 -11.08 -50.38
N ALA B 97 43.87 -10.39 -49.28
CA ALA B 97 44.89 -10.22 -48.23
C ALA B 97 44.72 -11.20 -47.09
N GLY B 98 44.52 -12.47 -47.42
CA GLY B 98 44.33 -13.51 -46.42
C GLY B 98 43.50 -13.04 -45.25
N GLY B 99 43.94 -13.40 -44.04
CA GLY B 99 43.27 -13.00 -42.83
C GLY B 99 43.39 -11.51 -42.51
N LEU B 100 44.46 -10.89 -43.01
CA LEU B 100 44.75 -9.47 -42.78
C LEU B 100 43.56 -8.57 -43.06
N THR B 101 42.69 -9.02 -43.96
CA THR B 101 41.45 -8.33 -44.31
C THR B 101 40.78 -7.83 -43.05
N HIS B 102 40.82 -8.69 -42.02
CA HIS B 102 39.97 -8.54 -40.82
C HIS B 102 40.66 -7.97 -39.64
N THR B 103 41.92 -7.60 -39.81
CA THR B 103 42.73 -7.22 -38.68
C THR B 103 43.75 -6.14 -38.98
N SER B 104 43.79 -5.63 -40.20
CA SER B 104 44.85 -4.69 -40.58
C SER B 104 44.38 -3.34 -41.07
N VAL B 105 44.38 -2.41 -40.13
CA VAL B 105 44.00 -1.04 -40.38
C VAL B 105 45.03 -0.44 -41.33
N ALA B 106 46.31 -0.73 -41.10
CA ALA B 106 47.38 -0.21 -41.93
C ALA B 106 47.18 -0.65 -43.37
N LEU B 107 46.68 -1.85 -43.57
CA LEU B 107 46.44 -2.34 -44.92
C LEU B 107 45.28 -1.58 -45.54
N ARG B 108 44.22 -1.38 -44.75
CA ARG B 108 43.14 -0.48 -45.12
C ARG B 108 43.70 0.91 -45.45
N ASP B 109 44.50 1.49 -44.56
CA ASP B 109 44.96 2.85 -44.77
C ASP B 109 45.68 2.99 -46.10
N ALA B 110 46.68 2.16 -46.33
CA ALA B 110 47.45 2.18 -47.57
C ALA B 110 46.56 2.03 -48.82
N CYS B 111 45.49 1.26 -48.70
CA CYS B 111 44.53 1.08 -49.79
C CYS B 111 43.63 2.30 -50.03
N ALA B 112 43.30 3.01 -48.95
CA ALA B 112 42.63 4.31 -49.04
C ALA B 112 43.25 5.32 -50.04
N GLU B 113 44.57 5.23 -50.24
CA GLU B 113 45.28 6.16 -51.13
C GLU B 113 45.06 5.96 -52.64
N LEU B 114 44.40 4.86 -53.02
CA LEU B 114 44.31 4.50 -54.43
C LEU B 114 43.34 5.36 -55.22
N SER B 115 43.88 6.21 -56.10
CA SER B 115 43.08 6.97 -57.04
C SER B 115 42.31 5.98 -57.85
N ALA B 116 43.02 4.96 -58.32
CA ALA B 116 42.45 3.91 -59.19
C ALA B 116 41.73 2.81 -58.41
N PRO B 117 40.79 2.11 -59.06
CA PRO B 117 39.84 1.23 -58.36
C PRO B 117 40.49 0.06 -57.61
N LEU B 118 39.84 -0.35 -56.53
CA LEU B 118 40.28 -1.46 -55.68
C LEU B 118 39.18 -2.52 -55.59
N ILE B 119 39.48 -3.69 -56.14
CA ILE B 119 38.54 -4.79 -56.03
C ILE B 119 39.12 -5.77 -55.02
N GLU B 120 38.34 -6.05 -53.98
CA GLU B 120 38.67 -7.08 -53.01
C GLU B 120 38.06 -8.40 -53.49
N VAL B 121 38.92 -9.42 -53.55
CA VAL B 121 38.51 -10.78 -53.95
C VAL B 121 38.83 -11.83 -52.89
N HIS B 122 37.82 -12.59 -52.48
CA HIS B 122 38.06 -13.76 -51.64
C HIS B 122 37.54 -15.00 -52.35
N ILE B 123 38.39 -16.03 -52.38
CA ILE B 123 38.08 -17.26 -53.09
C ILE B 123 36.87 -17.97 -52.49
N SER B 124 36.90 -18.18 -51.18
CA SER B 124 35.79 -18.80 -50.46
C SER B 124 34.75 -17.74 -50.13
N ASN B 125 33.51 -18.18 -50.00
CA ASN B 125 32.45 -17.35 -49.46
C ASN B 125 32.68 -17.14 -47.97
N VAL B 126 33.32 -16.03 -47.64
CA VAL B 126 33.67 -15.71 -46.27
C VAL B 126 32.45 -15.51 -45.36
N HIS B 127 31.27 -15.37 -45.96
CA HIS B 127 30.03 -15.23 -45.19
C HIS B 127 29.43 -16.56 -44.74
N ALA B 128 30.03 -17.67 -45.21
CA ALA B 128 29.64 -19.00 -44.73
C ALA B 128 30.50 -19.38 -43.54
N ARG B 129 31.68 -18.78 -43.46
CA ARG B 129 32.72 -19.20 -42.54
C ARG B 129 32.57 -18.56 -41.14
N GLU B 130 33.60 -18.63 -40.29
CA GLU B 130 33.48 -18.08 -38.93
C GLU B 130 33.11 -16.59 -38.93
N GLU B 131 32.57 -16.10 -37.81
CA GLU B 131 32.01 -14.76 -37.78
C GLU B 131 33.05 -13.65 -37.89
N PHE B 132 34.23 -13.87 -37.32
CA PHE B 132 35.32 -12.91 -37.45
C PHE B 132 35.68 -12.64 -38.91
N ARG B 133 35.14 -13.48 -39.79
CA ARG B 133 35.46 -13.40 -41.20
C ARG B 133 34.40 -12.63 -41.94
N ARG B 134 33.44 -12.07 -41.23
CA ARG B 134 32.32 -11.46 -41.92
C ARG B 134 32.30 -9.94 -41.88
N HIS B 135 33.30 -9.35 -41.22
N HIS B 135 33.34 -9.34 -41.30
CA HIS B 135 33.57 -7.91 -41.26
CA HIS B 135 33.49 -7.89 -41.30
C HIS B 135 34.91 -7.71 -41.94
C HIS B 135 34.90 -7.55 -41.77
N SER B 136 34.98 -6.69 -42.79
CA SER B 136 36.22 -6.37 -43.47
C SER B 136 36.53 -4.89 -43.30
N TYR B 137 37.79 -4.60 -42.95
CA TYR B 137 38.30 -3.23 -42.93
C TYR B 137 38.48 -2.71 -44.33
N LEU B 138 38.72 -3.61 -45.28
CA LEU B 138 38.95 -3.24 -46.66
C LEU B 138 37.65 -2.99 -47.40
N SER B 139 36.59 -3.67 -47.00
CA SER B 139 35.37 -3.57 -47.75
C SER B 139 34.82 -2.14 -47.88
N PRO B 140 34.92 -1.30 -46.84
CA PRO B 140 34.26 0.02 -46.95
C PRO B 140 34.97 1.03 -47.83
N ILE B 141 36.25 0.80 -48.14
CA ILE B 141 37.03 1.73 -48.95
C ILE B 141 37.38 1.11 -50.31
N ALA B 142 36.82 -0.06 -50.57
CA ALA B 142 37.02 -0.71 -51.87
C ALA B 142 35.95 -0.30 -52.89
N THR B 143 36.28 -0.39 -54.17
CA THR B 143 35.27 -0.15 -55.19
C THR B 143 34.23 -1.24 -55.04
N GLY B 144 34.70 -2.48 -54.93
CA GLY B 144 33.81 -3.63 -54.87
C GLY B 144 34.44 -4.91 -54.36
N VAL B 145 33.61 -5.89 -54.05
CA VAL B 145 34.12 -7.12 -53.47
C VAL B 145 33.52 -8.27 -54.22
N ILE B 146 34.36 -9.27 -54.51
CA ILE B 146 33.88 -10.55 -55.04
C ILE B 146 34.28 -11.65 -54.09
N VAL B 147 33.31 -12.48 -53.75
CA VAL B 147 33.50 -13.44 -52.69
C VAL B 147 32.83 -14.77 -53.01
N GLY B 148 33.61 -15.85 -52.90
CA GLY B 148 33.08 -17.21 -52.96
C GLY B 148 32.72 -17.69 -54.35
N LEU B 149 33.41 -17.14 -55.37
CA LEU B 149 33.28 -17.61 -56.74
C LEU B 149 34.56 -18.33 -57.15
N GLY B 150 35.29 -18.81 -56.16
CA GLY B 150 36.51 -19.51 -56.42
C GLY B 150 37.60 -18.67 -57.03
N ILE B 151 38.53 -19.38 -57.64
CA ILE B 151 39.74 -18.84 -58.24
C ILE B 151 39.36 -17.89 -59.37
N GLN B 152 38.28 -18.22 -60.09
CA GLN B 152 37.81 -17.43 -61.23
C GLN B 152 37.37 -16.00 -60.89
N GLY B 153 37.08 -15.74 -59.61
CA GLY B 153 36.71 -14.41 -59.12
C GLY B 153 37.81 -13.38 -59.37
N TYR B 154 39.07 -13.78 -59.24
CA TYR B 154 40.18 -12.92 -59.67
C TYR B 154 39.93 -12.52 -61.14
N LEU B 155 39.68 -13.50 -62.01
CA LEU B 155 39.49 -13.23 -63.43
C LEU B 155 38.32 -12.29 -63.71
N LEU B 156 37.19 -12.53 -63.05
CA LEU B 156 35.98 -11.71 -63.19
C LEU B 156 36.26 -10.23 -62.93
N ALA B 157 37.17 -9.99 -61.99
CA ALA B 157 37.47 -8.65 -61.60
C ALA B 157 38.52 -8.05 -62.53
N LEU B 158 39.26 -8.89 -63.25
CA LEU B 158 40.08 -8.38 -64.34
C LEU B 158 39.14 -7.76 -65.40
N ARG B 159 38.01 -8.40 -65.63
CA ARG B 159 37.05 -7.96 -66.62
C ARG B 159 36.34 -6.65 -66.24
N TYR B 160 36.24 -6.36 -64.94
CA TYR B 160 35.64 -5.11 -64.51
C TYR B 160 36.56 -3.99 -64.91
N LEU B 161 37.86 -4.23 -64.80
CA LEU B 161 38.83 -3.16 -65.04
C LEU B 161 38.94 -2.78 -66.50
N ALA B 162 38.92 -3.79 -67.38
CA ALA B 162 38.67 -3.58 -68.82
C ALA B 162 37.54 -2.55 -69.09
N GLU B 163 36.37 -2.75 -68.48
CA GLU B 163 35.19 -1.88 -68.67
C GLU B 163 35.13 -0.58 -67.83
N HIS B 164 36.05 -0.41 -66.89
CA HIS B 164 36.11 0.74 -65.97
C HIS B 164 35.31 0.50 -64.67
N LEU C 24 71.00 13.55 -23.33
CA LEU C 24 69.65 12.93 -23.33
C LEU C 24 69.05 12.73 -24.74
N ILE C 25 68.99 11.45 -25.16
CA ILE C 25 68.51 10.98 -26.48
C ILE C 25 67.03 10.60 -26.42
N VAL C 26 66.25 11.12 -27.37
CA VAL C 26 64.79 10.95 -27.38
C VAL C 26 64.39 10.21 -28.65
N ASN C 27 63.58 9.17 -28.53
CA ASN C 27 63.32 8.35 -29.72
C ASN C 27 61.99 8.67 -30.39
N VAL C 28 62.01 9.08 -31.65
CA VAL C 28 60.72 9.33 -32.28
C VAL C 28 60.52 8.24 -33.27
N ILE C 29 59.37 7.56 -33.15
CA ILE C 29 59.09 6.39 -33.94
C ILE C 29 57.75 6.53 -34.63
N ASN C 30 57.79 6.29 -35.93
CA ASN C 30 56.64 6.37 -36.80
C ASN C 30 56.29 5.04 -37.50
N GLY C 31 55.05 4.60 -37.24
CA GLY C 31 54.53 3.33 -37.72
C GLY C 31 54.29 3.37 -39.21
N PRO C 32 53.71 2.31 -39.77
CA PRO C 32 53.53 2.18 -41.21
C PRO C 32 52.78 3.33 -41.84
N ASN C 33 52.85 3.43 -43.16
CA ASN C 33 52.13 4.44 -43.93
C ASN C 33 52.57 5.87 -43.64
N LEU C 34 53.32 6.07 -42.56
CA LEU C 34 53.82 7.39 -42.19
C LEU C 34 54.99 7.85 -43.04
N GLY C 35 55.49 6.93 -43.86
CA GLY C 35 56.50 7.26 -44.85
C GLY C 35 55.83 7.96 -46.01
N ARG C 36 54.49 7.86 -46.05
CA ARG C 36 53.67 8.48 -47.09
C ARG C 36 53.10 9.83 -46.65
N LEU C 37 53.77 10.46 -45.69
CA LEU C 37 53.32 11.71 -45.15
C LEU C 37 53.41 12.78 -46.22
N GLY C 38 52.61 13.83 -46.10
CA GLY C 38 52.58 14.90 -47.09
C GLY C 38 51.82 14.46 -48.31
N ARG C 39 52.48 13.64 -49.14
CA ARG C 39 51.85 13.04 -50.31
C ARG C 39 50.43 12.56 -49.96
N ARG C 40 49.45 13.12 -50.66
CA ARG C 40 48.01 12.94 -50.40
C ARG C 40 47.54 13.53 -49.06
N GLU C 41 46.59 14.44 -49.19
CA GLU C 41 46.19 15.40 -48.15
C GLU C 41 45.69 14.76 -46.84
N TYR C 45 44.92 16.73 -44.38
CA TYR C 45 45.71 17.55 -43.49
C TYR C 45 46.71 18.43 -44.22
N GLY C 46 47.82 18.72 -43.52
CA GLY C 46 49.09 19.16 -44.12
C GLY C 46 49.66 18.00 -44.94
N GLY C 47 50.66 18.23 -45.79
CA GLY C 47 51.45 19.46 -45.89
C GLY C 47 52.88 18.96 -45.99
N THR C 48 53.51 18.83 -44.82
CA THR C 48 54.86 18.31 -44.63
C THR C 48 55.06 16.83 -45.03
N THR C 49 56.27 16.53 -45.55
CA THR C 49 56.71 15.17 -45.94
C THR C 49 57.42 14.48 -44.76
N HIS C 50 57.89 13.24 -44.97
CA HIS C 50 58.61 12.58 -43.88
C HIS C 50 60.00 13.12 -43.60
N ASP C 51 60.84 13.14 -44.63
CA ASP C 51 62.18 13.77 -44.56
C ASP C 51 62.16 15.18 -43.98
N GLU C 52 61.13 15.97 -44.31
CA GLU C 52 60.92 17.29 -43.69
C GLU C 52 60.68 17.19 -42.17
N LEU C 53 59.63 16.45 -41.78
CA LEU C 53 59.34 16.21 -40.37
C LEU C 53 60.61 15.82 -39.57
N VAL C 54 61.48 15.03 -40.19
CA VAL C 54 62.73 14.61 -39.58
C VAL C 54 63.56 15.85 -39.20
N ALA C 55 63.64 16.82 -40.11
CA ALA C 55 64.45 18.02 -39.89
C ALA C 55 63.83 18.97 -38.87
N LEU C 56 62.51 19.10 -38.90
CA LEU C 56 61.85 19.97 -37.95
C LEU C 56 62.17 19.50 -36.56
N ILE C 57 61.88 18.21 -36.33
CA ILE C 57 62.02 17.62 -35.00
C ILE C 57 63.47 17.66 -34.54
N GLU C 58 64.37 17.15 -35.39
CA GLU C 58 65.81 17.15 -35.12
C GLU C 58 66.38 18.52 -34.73
N ARG C 59 66.01 19.58 -35.45
CA ARG C 59 66.43 20.93 -35.09
C ARG C 59 65.79 21.41 -33.76
N GLU C 60 64.49 21.19 -33.62
CA GLU C 60 63.72 21.63 -32.44
C GLU C 60 64.28 21.01 -31.19
N ALA C 61 64.67 19.75 -31.32
CA ALA C 61 65.17 18.97 -30.21
C ALA C 61 66.46 19.54 -29.66
N ALA C 62 67.42 19.75 -30.57
CA ALA C 62 68.71 20.31 -30.21
C ALA C 62 68.53 21.70 -29.63
N GLU C 63 67.70 22.52 -30.29
CA GLU C 63 67.29 23.82 -29.75
C GLU C 63 66.80 23.74 -28.32
N LEU C 64 66.20 22.62 -27.94
CA LEU C 64 65.79 22.37 -26.55
C LEU C 64 66.90 21.69 -25.71
N GLY C 65 68.00 21.36 -26.36
CA GLY C 65 69.09 20.63 -25.70
C GLY C 65 68.77 19.15 -25.59
N LEU C 66 68.46 18.52 -26.73
CA LEU C 66 68.13 17.09 -26.80
C LEU C 66 68.66 16.48 -28.09
N LYS C 67 68.93 15.18 -28.07
CA LYS C 67 69.33 14.46 -29.29
C LYS C 67 68.19 13.52 -29.70
N ALA C 68 67.70 13.65 -30.92
CA ALA C 68 66.54 12.89 -31.36
C ALA C 68 66.84 12.03 -32.57
N VAL C 69 66.52 10.74 -32.47
CA VAL C 69 66.58 9.87 -33.63
C VAL C 69 65.15 9.70 -34.07
N VAL C 70 64.91 9.88 -35.37
CA VAL C 70 63.58 9.72 -35.89
C VAL C 70 63.64 8.64 -36.95
N ARG C 71 62.83 7.61 -36.75
CA ARG C 71 62.80 6.47 -37.65
C ARG C 71 61.35 6.12 -37.90
N GLN C 72 61.03 5.76 -39.14
CA GLN C 72 59.72 5.31 -39.57
C GLN C 72 59.89 3.86 -40.00
N SER C 73 58.83 3.04 -39.87
CA SER C 73 58.78 1.68 -40.41
C SER C 73 57.39 1.14 -40.71
N ASP C 74 57.26 0.47 -41.85
CA ASP C 74 56.03 -0.23 -42.18
C ASP C 74 55.95 -1.63 -41.54
N SER C 75 57.01 -2.02 -40.81
CA SER C 75 57.13 -3.38 -40.27
C SER C 75 57.04 -3.42 -38.74
N GLU C 76 56.08 -4.21 -38.25
CA GLU C 76 55.85 -4.39 -36.81
C GLU C 76 57.14 -4.80 -36.08
N ALA C 77 57.90 -5.70 -36.70
CA ALA C 77 59.12 -6.27 -36.14
C ALA C 77 60.20 -5.21 -36.01
N GLN C 78 60.21 -4.28 -36.98
CA GLN C 78 61.18 -3.19 -36.96
C GLN C 78 60.84 -2.22 -35.85
N LEU C 79 59.55 -1.94 -35.68
CA LEU C 79 59.08 -1.14 -34.58
C LEU C 79 59.40 -1.81 -33.24
N LEU C 80 59.14 -3.12 -33.15
CA LEU C 80 59.38 -3.84 -31.92
C LEU C 80 60.85 -3.79 -31.53
N ASP C 81 61.72 -4.05 -32.52
CA ASP C 81 63.16 -3.89 -32.34
C ASP C 81 63.58 -2.50 -31.80
N TRP C 82 63.14 -1.41 -32.45
CA TRP C 82 63.44 -0.06 -31.92
C TRP C 82 62.94 0.12 -30.50
N ILE C 83 61.68 -0.24 -30.26
CA ILE C 83 61.14 -0.19 -28.89
C ILE C 83 61.95 -1.06 -27.89
N HIS C 84 62.50 -2.19 -28.33
CA HIS C 84 63.40 -2.96 -27.45
C HIS C 84 64.68 -2.22 -27.16
N GLN C 85 65.28 -1.66 -28.22
CA GLN C 85 66.57 -0.98 -28.05
C GLN C 85 66.43 0.20 -27.09
N ALA C 86 65.35 0.96 -27.26
CA ALA C 86 65.02 2.08 -26.36
C ALA C 86 64.74 1.64 -24.92
N ALA C 87 64.17 0.45 -24.75
CA ALA C 87 63.96 -0.13 -23.42
C ALA C 87 65.29 -0.34 -22.71
N ASP C 88 66.19 -1.06 -23.38
CA ASP C 88 67.52 -1.40 -22.87
C ASP C 88 68.26 -0.13 -22.54
N ALA C 89 67.97 0.91 -23.32
CA ALA C 89 68.73 2.14 -23.24
C ALA C 89 68.05 3.17 -22.36
N ALA C 90 66.92 2.77 -21.74
CA ALA C 90 66.16 3.66 -20.87
C ALA C 90 65.84 5.01 -21.52
N GLU C 91 65.85 5.05 -22.84
CA GLU C 91 65.60 6.29 -23.57
C GLU C 91 64.11 6.53 -23.79
N PRO C 92 63.66 7.78 -23.60
CA PRO C 92 62.27 8.15 -23.86
C PRO C 92 61.85 7.86 -25.27
N VAL C 93 60.58 7.55 -25.45
CA VAL C 93 60.02 7.30 -26.77
C VAL C 93 58.79 8.17 -27.06
N ILE C 94 58.78 8.73 -28.27
CA ILE C 94 57.62 9.40 -28.85
C ILE C 94 57.18 8.55 -30.04
N LEU C 95 55.89 8.25 -30.12
CA LEU C 95 55.44 7.22 -31.03
C LEU C 95 54.09 7.47 -31.70
N ASN C 96 54.11 7.55 -33.02
CA ASN C 96 52.90 7.42 -33.80
C ASN C 96 53.00 6.07 -34.47
N ALA C 97 52.34 5.08 -33.89
CA ALA C 97 52.39 3.73 -34.43
C ALA C 97 51.39 3.58 -35.57
N GLY C 98 50.38 4.43 -35.57
CA GLY C 98 49.43 4.48 -36.66
C GLY C 98 48.27 3.52 -36.45
N GLY C 99 47.87 2.87 -37.53
CA GLY C 99 46.88 1.80 -37.49
C GLY C 99 47.16 0.74 -36.44
N LEU C 100 48.45 0.46 -36.23
CA LEU C 100 48.88 -0.55 -35.26
C LEU C 100 48.51 -0.15 -33.85
N THR C 101 48.24 1.15 -33.65
CA THR C 101 47.70 1.69 -32.40
C THR C 101 46.46 0.89 -31.99
N HIS C 102 45.63 0.54 -32.97
CA HIS C 102 44.34 -0.07 -32.71
C HIS C 102 44.30 -1.57 -32.88
N THR C 103 45.37 -2.13 -33.45
CA THR C 103 45.45 -3.57 -33.66
C THR C 103 46.50 -4.32 -32.81
N SER C 104 47.61 -3.69 -32.44
CA SER C 104 48.77 -4.48 -32.01
C SER C 104 49.00 -4.59 -30.51
N VAL C 105 48.75 -5.80 -30.00
CA VAL C 105 49.07 -6.17 -28.63
C VAL C 105 50.59 -6.32 -28.44
N ALA C 106 51.29 -6.75 -29.50
CA ALA C 106 52.74 -6.98 -29.42
C ALA C 106 53.46 -5.66 -29.19
N LEU C 107 53.07 -4.66 -29.96
CA LEU C 107 53.55 -3.30 -29.78
C LEU C 107 53.31 -2.79 -28.36
N ARG C 108 52.08 -2.96 -27.89
CA ARG C 108 51.70 -2.53 -26.56
C ARG C 108 52.62 -3.17 -25.51
N ASP C 109 52.83 -4.48 -25.62
CA ASP C 109 53.71 -5.20 -24.65
C ASP C 109 55.19 -4.80 -24.78
N ALA C 110 55.67 -4.67 -26.02
CA ALA C 110 56.95 -4.03 -26.25
C ALA C 110 57.09 -2.74 -25.45
N CYS C 111 56.07 -1.87 -25.49
CA CYS C 111 56.17 -0.52 -24.88
C CYS C 111 56.08 -0.51 -23.37
N ALA C 112 55.28 -1.41 -22.82
CA ALA C 112 55.10 -1.51 -21.38
C ALA C 112 56.43 -1.57 -20.62
N GLU C 113 57.44 -2.25 -21.16
CA GLU C 113 58.83 -2.30 -20.61
C GLU C 113 59.47 -0.92 -20.29
N LEU C 114 59.12 0.11 -21.07
CA LEU C 114 59.75 1.43 -21.01
C LEU C 114 59.73 2.02 -19.62
N SER C 115 60.88 2.48 -19.14
CA SER C 115 60.92 3.26 -17.89
C SER C 115 60.83 4.74 -18.15
N ALA C 116 61.47 5.18 -19.21
CA ALA C 116 61.38 6.59 -19.61
C ALA C 116 59.98 6.91 -20.21
N PRO C 117 59.55 8.19 -20.08
CA PRO C 117 58.24 8.55 -20.60
C PRO C 117 58.00 8.04 -22.02
N LEU C 118 56.79 7.61 -22.27
CA LEU C 118 56.36 7.31 -23.61
C LEU C 118 55.22 8.27 -23.93
N ILE C 119 55.29 8.92 -25.07
CA ILE C 119 54.20 9.81 -25.49
C ILE C 119 53.58 9.36 -26.82
N GLU C 120 52.28 9.15 -26.79
CA GLU C 120 51.55 8.81 -28.00
C GLU C 120 51.20 10.09 -28.75
N VAL C 121 51.61 10.11 -30.01
CA VAL C 121 51.27 11.23 -30.89
C VAL C 121 50.45 10.77 -32.09
N HIS C 122 49.34 11.47 -32.33
CA HIS C 122 48.62 11.33 -33.58
C HIS C 122 48.39 12.71 -34.23
N ILE C 123 48.74 12.83 -35.51
CA ILE C 123 48.64 14.10 -36.27
C ILE C 123 47.18 14.57 -36.40
N SER C 124 46.32 13.69 -36.91
CA SER C 124 44.87 13.96 -36.97
C SER C 124 44.19 13.73 -35.62
N ASN C 125 42.97 14.26 -35.49
CA ASN C 125 42.15 13.97 -34.33
C ASN C 125 41.41 12.65 -34.49
N VAL C 126 41.96 11.59 -33.93
CA VAL C 126 41.42 10.23 -34.14
C VAL C 126 40.02 9.99 -33.54
N HIS C 127 39.70 10.70 -32.46
CA HIS C 127 38.36 10.63 -31.87
C HIS C 127 37.26 11.27 -32.72
N ALA C 128 37.61 11.77 -33.91
CA ALA C 128 36.65 12.40 -34.83
C ALA C 128 36.57 11.58 -36.10
N ARG C 129 37.10 10.36 -36.03
CA ARG C 129 37.23 9.53 -37.21
C ARG C 129 36.31 8.31 -37.10
N GLU C 130 36.59 7.29 -37.90
CA GLU C 130 35.93 6.00 -37.75
C GLU C 130 36.01 5.53 -36.28
N GLU C 131 35.01 4.75 -35.87
CA GLU C 131 34.95 4.30 -34.48
C GLU C 131 36.13 3.41 -34.08
N PHE C 132 36.74 2.70 -35.03
CA PHE C 132 37.88 1.84 -34.69
C PHE C 132 39.21 2.57 -34.37
N ARG C 133 39.30 3.85 -34.68
CA ARG C 133 40.46 4.61 -34.24
C ARG C 133 40.21 5.29 -32.91
N ARG C 134 38.98 5.20 -32.42
CA ARG C 134 38.62 5.72 -31.09
C ARG C 134 39.15 4.90 -29.86
N HIS C 135 39.64 3.69 -30.08
CA HIS C 135 40.30 2.86 -29.03
C HIS C 135 41.77 2.70 -29.39
N SER C 136 42.65 2.85 -28.39
CA SER C 136 44.10 2.65 -28.58
C SER C 136 44.66 1.65 -27.56
N TYR C 137 45.34 0.61 -28.04
CA TYR C 137 46.04 -0.31 -27.15
C TYR C 137 47.22 0.38 -26.44
N LEU C 138 47.67 1.51 -26.97
CA LEU C 138 48.86 2.15 -26.43
C LEU C 138 48.56 3.15 -25.35
N SER C 139 47.45 3.87 -25.50
CA SER C 139 47.12 4.96 -24.56
C SER C 139 47.15 4.58 -23.06
N PRO C 140 46.59 3.42 -22.69
CA PRO C 140 46.57 3.12 -21.26
C PRO C 140 47.92 2.80 -20.67
N ILE C 141 48.95 2.56 -21.48
CA ILE C 141 50.29 2.32 -20.89
C ILE C 141 51.25 3.44 -21.22
N ALA C 142 50.72 4.54 -21.71
CA ALA C 142 51.52 5.64 -22.17
C ALA C 142 51.51 6.64 -21.05
N THR C 143 52.50 7.53 -21.02
CA THR C 143 52.47 8.61 -20.03
C THR C 143 51.39 9.60 -20.41
N GLY C 144 51.37 9.96 -21.68
CA GLY C 144 50.38 10.88 -22.19
C GLY C 144 50.05 10.68 -23.64
N VAL C 145 48.99 11.35 -24.08
CA VAL C 145 48.54 11.26 -25.46
C VAL C 145 48.26 12.66 -26.05
N ILE C 146 48.72 12.87 -27.28
CA ILE C 146 48.50 14.15 -27.98
C ILE C 146 47.87 13.88 -29.33
N VAL C 147 46.68 14.38 -29.51
CA VAL C 147 45.91 14.05 -30.69
C VAL C 147 45.36 15.32 -31.35
N GLY C 148 45.39 15.33 -32.68
CA GLY C 148 44.74 16.36 -33.49
C GLY C 148 45.45 17.68 -33.65
N LEU C 149 46.73 17.76 -33.28
CA LEU C 149 47.46 19.04 -33.34
C LEU C 149 48.48 19.13 -34.49
N GLY C 150 48.39 18.20 -35.42
CA GLY C 150 49.29 18.19 -36.59
C GLY C 150 50.74 17.89 -36.27
N ILE C 151 51.58 18.03 -37.27
CA ILE C 151 53.01 17.86 -37.10
C ILE C 151 53.52 18.53 -35.82
N GLN C 152 52.86 19.61 -35.36
CA GLN C 152 53.29 20.29 -34.13
C GLN C 152 53.25 19.35 -32.89
N GLY C 153 52.46 18.30 -32.95
CA GLY C 153 52.31 17.39 -31.82
C GLY C 153 53.66 16.90 -31.32
N TYR C 154 54.51 16.53 -32.27
CA TYR C 154 55.83 15.99 -31.98
C TYR C 154 56.72 16.94 -31.22
N LEU C 155 56.59 18.21 -31.57
CA LEU C 155 57.42 19.26 -30.99
C LEU C 155 56.99 19.47 -29.55
N LEU C 156 55.66 19.42 -29.35
CA LEU C 156 55.04 19.52 -28.01
C LEU C 156 55.41 18.33 -27.12
N ALA C 157 55.44 17.12 -27.69
CA ALA C 157 55.95 15.97 -26.94
C ALA C 157 57.43 16.17 -26.60
N LEU C 158 58.23 16.58 -27.59
CA LEU C 158 59.65 16.93 -27.34
C LEU C 158 59.80 17.92 -26.18
N ARG C 159 58.98 18.96 -26.20
CA ARG C 159 58.98 19.93 -25.11
C ARG C 159 58.62 19.34 -23.75
N TYR C 160 57.59 18.49 -23.69
CA TYR C 160 57.20 17.89 -22.43
C TYR C 160 58.39 17.13 -21.86
N LEU C 161 59.11 16.42 -22.73
CA LEU C 161 60.30 15.64 -22.35
C LEU C 161 61.49 16.48 -21.78
N ALA C 162 61.80 17.59 -22.47
CA ALA C 162 62.72 18.60 -21.97
C ALA C 162 62.49 18.96 -20.49
N GLU C 163 61.23 19.05 -20.06
CA GLU C 163 60.90 19.25 -18.65
C GLU C 163 60.65 17.94 -17.85
N HIS C 164 59.84 17.04 -18.42
CA HIS C 164 59.35 15.77 -17.78
C HIS C 164 58.06 15.94 -16.97
N LEU D 24 -1.59 21.24 -55.18
CA LEU D 24 -0.80 21.07 -53.91
C LEU D 24 -1.41 19.92 -53.11
N ILE D 25 -1.00 18.71 -53.47
CA ILE D 25 -1.61 17.48 -52.99
C ILE D 25 -0.72 16.85 -51.93
N VAL D 26 -1.33 16.31 -50.89
CA VAL D 26 -0.59 15.63 -49.84
C VAL D 26 -1.07 14.20 -49.66
N ASN D 27 -0.14 13.26 -49.81
CA ASN D 27 -0.46 11.85 -49.57
C ASN D 27 -0.38 11.42 -48.13
N VAL D 28 -1.50 10.98 -47.59
CA VAL D 28 -1.51 10.38 -46.29
C VAL D 28 -1.66 8.87 -46.42
N ILE D 29 -0.59 8.17 -46.06
CA ILE D 29 -0.52 6.72 -46.16
C ILE D 29 -0.45 6.05 -44.77
N ASN D 30 -1.43 5.20 -44.49
CA ASN D 30 -1.42 4.36 -43.30
C ASN D 30 -1.09 2.89 -43.62
N GLY D 31 -0.41 2.22 -42.72
CA GLY D 31 0.16 0.93 -43.05
C GLY D 31 -0.61 -0.19 -42.40
N PRO D 32 0.02 -1.36 -42.29
CA PRO D 32 -0.66 -2.53 -41.78
C PRO D 32 -1.44 -2.27 -40.51
N ASN D 33 -2.64 -2.82 -40.46
CA ASN D 33 -3.46 -2.84 -39.26
C ASN D 33 -4.33 -1.63 -39.03
N LEU D 34 -3.86 -0.46 -39.45
CA LEU D 34 -4.60 0.79 -39.22
C LEU D 34 -5.95 0.85 -39.92
N GLY D 35 -6.24 -0.15 -40.73
CA GLY D 35 -7.59 -0.34 -41.24
C GLY D 35 -8.55 -0.61 -40.09
N ARG D 36 -8.03 -1.26 -39.04
CA ARG D 36 -8.83 -1.74 -37.91
C ARG D 36 -9.16 -0.64 -36.90
N LEU D 37 -8.94 0.60 -37.29
CA LEU D 37 -9.11 1.71 -36.37
C LEU D 37 -10.55 1.79 -35.86
N GLY D 38 -10.68 2.08 -34.56
CA GLY D 38 -11.98 2.35 -33.95
C GLY D 38 -12.68 1.13 -33.39
N ARG D 39 -12.23 -0.06 -33.80
CA ARG D 39 -12.78 -1.34 -33.29
C ARG D 39 -11.85 -2.14 -32.35
N ARG D 40 -10.97 -1.41 -31.64
CA ARG D 40 -10.22 -1.87 -30.43
C ARG D 40 -8.85 -1.18 -30.27
N TYR D 45 -7.16 6.00 -31.71
CA TYR D 45 -6.50 4.77 -31.31
C TYR D 45 -6.34 4.71 -29.76
N GLY D 46 -7.33 5.25 -29.03
CA GLY D 46 -8.46 6.07 -29.55
C GLY D 46 -9.79 5.43 -29.93
N GLY D 47 -10.76 6.30 -30.21
CA GLY D 47 -12.00 5.92 -30.91
C GLY D 47 -11.83 6.29 -32.36
N THR D 48 -12.93 6.66 -33.03
CA THR D 48 -12.91 7.09 -34.46
C THR D 48 -12.42 6.03 -35.43
N THR D 49 -13.21 5.74 -36.46
CA THR D 49 -12.88 4.76 -37.47
C THR D 49 -11.87 5.31 -38.45
N HIS D 50 -11.41 4.44 -39.36
CA HIS D 50 -10.63 4.90 -40.49
C HIS D 50 -11.45 5.84 -41.36
N ASP D 51 -12.70 5.46 -41.62
CA ASP D 51 -13.61 6.25 -42.46
C ASP D 51 -13.83 7.65 -41.90
N GLU D 52 -13.90 7.75 -40.58
CA GLU D 52 -13.97 9.03 -39.92
C GLU D 52 -12.66 9.79 -40.08
N LEU D 53 -11.55 9.06 -40.13
CA LEU D 53 -10.21 9.66 -40.23
C LEU D 53 -10.00 10.36 -41.57
N VAL D 54 -10.28 9.64 -42.65
CA VAL D 54 -10.11 10.17 -43.99
C VAL D 54 -10.91 11.45 -44.04
N ALA D 55 -12.15 11.36 -43.55
CA ALA D 55 -13.08 12.48 -43.59
C ALA D 55 -12.45 13.67 -42.89
N LEU D 56 -11.87 13.41 -41.72
CA LEU D 56 -11.34 14.44 -40.84
C LEU D 56 -10.12 15.12 -41.49
N ILE D 57 -9.28 14.32 -42.15
CA ILE D 57 -8.07 14.80 -42.82
C ILE D 57 -8.36 15.65 -44.07
N GLU D 58 -9.45 15.32 -44.76
CA GLU D 58 -9.84 16.08 -45.95
C GLU D 58 -10.32 17.46 -45.58
N ARG D 59 -11.29 17.53 -44.66
CA ARG D 59 -11.86 18.81 -44.24
C ARG D 59 -10.77 19.81 -43.84
N GLU D 60 -9.79 19.30 -43.09
CA GLU D 60 -8.64 20.12 -42.68
C GLU D 60 -7.78 20.57 -43.85
N ALA D 61 -7.38 19.61 -44.69
CA ALA D 61 -6.64 19.92 -45.91
C ALA D 61 -7.34 21.00 -46.75
N ALA D 62 -8.66 20.94 -46.81
CA ALA D 62 -9.39 21.95 -47.54
C ALA D 62 -9.34 23.28 -46.79
N GLU D 63 -9.56 23.23 -45.48
CA GLU D 63 -9.43 24.39 -44.58
C GLU D 63 -8.07 25.10 -44.69
N LEU D 64 -7.18 24.57 -45.52
CA LEU D 64 -5.81 25.03 -45.64
C LEU D 64 -5.34 25.20 -47.09
N GLY D 65 -6.22 24.95 -48.05
CA GLY D 65 -5.90 25.10 -49.47
C GLY D 65 -5.04 23.96 -50.01
N LEU D 66 -5.22 22.79 -49.40
CA LEU D 66 -4.54 21.56 -49.79
C LEU D 66 -5.53 20.47 -50.15
N LYS D 67 -5.12 19.60 -51.07
CA LYS D 67 -5.89 18.39 -51.37
C LYS D 67 -5.15 17.22 -50.73
N ALA D 68 -5.87 16.42 -49.94
CA ALA D 68 -5.22 15.29 -49.28
C ALA D 68 -5.82 14.00 -49.77
N VAL D 69 -4.94 13.11 -50.23
CA VAL D 69 -5.34 11.77 -50.61
C VAL D 69 -4.88 10.76 -49.55
N VAL D 70 -5.85 10.25 -48.82
CA VAL D 70 -5.57 9.39 -47.71
C VAL D 70 -5.87 7.95 -48.10
N ARG D 71 -4.85 7.10 -48.26
CA ARG D 71 -5.05 5.66 -48.45
C ARG D 71 -4.38 4.75 -47.39
N GLN D 72 -4.92 3.52 -47.25
CA GLN D 72 -4.44 2.52 -46.30
C GLN D 72 -4.34 1.13 -46.91
N SER D 73 -3.17 0.49 -46.80
CA SER D 73 -3.05 -0.90 -47.19
C SER D 73 -2.50 -1.78 -46.05
N ASP D 74 -2.49 -3.10 -46.26
CA ASP D 74 -1.74 -4.03 -45.42
C ASP D 74 -0.54 -4.59 -46.17
N SER D 75 -0.46 -4.29 -47.46
CA SER D 75 0.59 -4.82 -48.30
C SER D 75 1.77 -3.88 -48.45
N GLU D 76 2.94 -4.38 -48.07
CA GLU D 76 4.19 -3.70 -48.36
C GLU D 76 4.25 -3.23 -49.83
N ALA D 77 3.83 -4.11 -50.75
CA ALA D 77 3.87 -3.85 -52.19
C ALA D 77 3.07 -2.59 -52.52
N GLN D 78 1.83 -2.57 -52.03
CA GLN D 78 0.89 -1.49 -52.26
C GLN D 78 1.47 -0.20 -51.73
N LEU D 79 2.08 -0.22 -50.56
CA LEU D 79 2.73 0.98 -50.00
C LEU D 79 3.92 1.46 -50.84
N LEU D 80 4.82 0.52 -51.14
CA LEU D 80 6.03 0.86 -51.88
C LEU D 80 5.56 1.56 -53.14
N ASP D 81 4.48 1.06 -53.70
CA ASP D 81 4.00 1.64 -54.93
C ASP D 81 3.53 3.06 -54.74
N TRP D 82 2.63 3.30 -53.79
CA TRP D 82 2.24 4.69 -53.46
C TRP D 82 3.45 5.62 -53.20
N ILE D 83 4.46 5.14 -52.45
CA ILE D 83 5.67 5.96 -52.27
C ILE D 83 6.31 6.31 -53.63
N HIS D 84 6.41 5.33 -54.54
CA HIS D 84 6.99 5.57 -55.86
C HIS D 84 6.27 6.66 -56.59
N GLN D 85 4.95 6.66 -56.48
CA GLN D 85 4.11 7.65 -57.13
C GLN D 85 4.28 9.06 -56.56
N ALA D 86 4.56 9.16 -55.27
CA ALA D 86 4.70 10.47 -54.64
C ALA D 86 6.03 11.06 -55.04
N ALA D 87 7.04 10.18 -55.07
CA ALA D 87 8.37 10.46 -55.59
C ALA D 87 8.34 11.07 -57.01
N ASP D 88 7.75 10.34 -57.97
CA ASP D 88 7.61 10.78 -59.34
C ASP D 88 6.86 12.12 -59.42
N ALA D 89 5.78 12.25 -58.63
CA ALA D 89 4.94 13.47 -58.63
C ALA D 89 5.43 14.59 -57.71
N ALA D 90 6.58 14.39 -57.06
CA ALA D 90 7.10 15.33 -56.04
C ALA D 90 6.05 15.80 -55.03
N GLU D 91 5.13 14.91 -54.66
CA GLU D 91 4.21 15.20 -53.58
C GLU D 91 4.83 14.87 -52.22
N PRO D 92 4.32 15.51 -51.15
CA PRO D 92 4.78 15.19 -49.81
C PRO D 92 4.00 14.01 -49.28
N VAL D 93 4.53 13.35 -48.23
CA VAL D 93 3.90 12.19 -47.63
C VAL D 93 3.83 12.40 -46.12
N ILE D 94 2.63 12.23 -45.57
CA ILE D 94 2.48 11.90 -44.16
C ILE D 94 2.35 10.37 -44.06
N LEU D 95 3.30 9.69 -43.42
CA LEU D 95 3.30 8.22 -43.40
C LEU D 95 3.12 7.72 -41.99
N ASN D 96 2.15 6.82 -41.79
CA ASN D 96 2.13 6.00 -40.55
C ASN D 96 2.21 4.55 -40.93
N ALA D 97 3.44 4.03 -41.02
CA ALA D 97 3.69 2.70 -41.61
C ALA D 97 3.34 1.48 -40.72
N GLY D 98 2.73 1.70 -39.56
CA GLY D 98 2.51 0.60 -38.61
C GLY D 98 3.80 -0.10 -38.23
N GLY D 99 3.71 -1.40 -37.94
CA GLY D 99 4.88 -2.19 -37.58
C GLY D 99 6.02 -2.09 -38.58
N LEU D 100 5.72 -1.78 -39.85
CA LEU D 100 6.76 -1.77 -40.90
C LEU D 100 7.79 -0.69 -40.63
N THR D 101 7.44 0.21 -39.74
CA THR D 101 8.36 1.28 -39.37
C THR D 101 9.69 0.69 -38.92
N HIS D 102 9.59 -0.42 -38.18
CA HIS D 102 10.71 -1.00 -37.45
C HIS D 102 11.30 -2.23 -38.14
N THR D 103 10.71 -2.66 -39.25
CA THR D 103 11.17 -3.89 -39.92
C THR D 103 11.67 -3.70 -41.35
N SER D 104 11.07 -2.78 -42.10
CA SER D 104 11.24 -2.74 -43.56
C SER D 104 12.21 -1.70 -44.06
N VAL D 105 13.36 -2.17 -44.52
CA VAL D 105 14.37 -1.36 -45.20
C VAL D 105 13.85 -0.98 -46.57
N ALA D 106 12.97 -1.81 -47.10
CA ALA D 106 12.40 -1.56 -48.40
C ALA D 106 11.61 -0.25 -48.37
N LEU D 107 10.71 -0.12 -47.41
CA LEU D 107 9.92 1.11 -47.25
C LEU D 107 10.81 2.36 -47.08
N ARG D 108 11.89 2.24 -46.32
CA ARG D 108 12.83 3.35 -46.14
C ARG D 108 13.49 3.86 -47.44
N ASP D 109 13.91 2.94 -48.31
CA ASP D 109 14.64 3.29 -49.56
C ASP D 109 13.79 4.03 -50.56
N ALA D 110 12.52 3.65 -50.59
CA ALA D 110 11.51 4.27 -51.42
C ALA D 110 11.22 5.68 -50.92
N CYS D 111 11.19 5.82 -49.59
CA CYS D 111 10.92 7.10 -48.94
C CYS D 111 12.05 8.05 -49.12
N ALA D 112 13.27 7.51 -49.22
CA ALA D 112 14.48 8.31 -49.40
C ALA D 112 14.55 8.96 -50.76
N GLU D 113 13.80 8.40 -51.70
CA GLU D 113 13.74 8.90 -53.05
C GLU D 113 13.00 10.24 -53.03
N LEU D 114 12.01 10.38 -52.14
CA LEU D 114 11.16 11.56 -52.12
C LEU D 114 11.98 12.84 -52.10
N SER D 115 11.57 13.82 -52.89
CA SER D 115 12.24 15.11 -52.88
C SER D 115 11.48 16.13 -52.04
N ALA D 116 10.17 15.90 -51.89
CA ALA D 116 9.30 16.73 -51.06
C ALA D 116 9.33 16.23 -49.61
N PRO D 117 8.83 17.03 -48.65
CA PRO D 117 8.85 16.59 -47.26
C PRO D 117 8.23 15.20 -47.01
N LEU D 118 8.72 14.53 -45.96
CA LEU D 118 8.17 13.28 -45.48
C LEU D 118 8.02 13.39 -43.97
N ILE D 119 6.80 13.19 -43.49
CA ILE D 119 6.49 13.39 -42.08
C ILE D 119 5.98 12.10 -41.46
N GLU D 120 6.73 11.54 -40.54
CA GLU D 120 6.33 10.27 -39.97
C GLU D 120 5.32 10.59 -38.89
N VAL D 121 4.26 9.80 -38.79
CA VAL D 121 3.27 10.02 -37.74
C VAL D 121 2.91 8.72 -36.99
N HIS D 122 2.79 8.85 -35.66
CA HIS D 122 2.19 7.77 -34.90
C HIS D 122 1.14 8.29 -33.93
N ILE D 123 0.07 7.50 -33.80
CA ILE D 123 -1.06 7.84 -32.94
C ILE D 123 -0.66 7.71 -31.47
N SER D 124 -0.01 6.60 -31.15
CA SER D 124 0.38 6.30 -29.80
C SER D 124 1.82 6.78 -29.61
N ASN D 125 2.28 6.83 -28.35
CA ASN D 125 3.67 7.17 -28.08
C ASN D 125 4.52 5.90 -28.13
N VAL D 126 5.21 5.74 -29.25
CA VAL D 126 6.02 4.57 -29.53
C VAL D 126 7.23 4.46 -28.59
N HIS D 127 7.48 5.50 -27.79
CA HIS D 127 8.60 5.47 -26.85
C HIS D 127 8.18 5.05 -25.47
N ALA D 128 6.89 4.82 -25.27
CA ALA D 128 6.37 4.31 -23.97
C ALA D 128 6.03 2.84 -24.08
N ARG D 129 6.35 2.23 -25.21
CA ARG D 129 5.96 0.85 -25.44
C ARG D 129 7.19 -0.03 -25.61
N GLU D 130 6.99 -1.22 -26.15
CA GLU D 130 8.06 -2.20 -26.22
C GLU D 130 9.28 -1.64 -26.95
N GLU D 131 10.43 -2.14 -26.52
CA GLU D 131 11.75 -1.69 -26.97
C GLU D 131 11.90 -1.72 -28.47
N PHE D 132 11.48 -2.82 -29.08
CA PHE D 132 11.61 -2.95 -30.51
C PHE D 132 10.93 -1.81 -31.31
N ARG D 133 9.94 -1.15 -30.69
CA ARG D 133 9.18 -0.05 -31.34
C ARG D 133 9.85 1.34 -31.19
N ARG D 134 11.03 1.36 -30.58
CA ARG D 134 11.71 2.59 -30.22
C ARG D 134 12.88 2.92 -31.17
N HIS D 135 13.06 2.09 -32.19
CA HIS D 135 13.97 2.36 -33.30
C HIS D 135 13.09 2.30 -34.53
N SER D 136 13.34 3.20 -35.47
CA SER D 136 12.53 3.36 -36.66
C SER D 136 13.42 3.49 -37.89
N TYR D 137 13.27 2.57 -38.85
CA TYR D 137 14.05 2.66 -40.08
C TYR D 137 13.79 3.97 -40.89
N LEU D 138 12.64 4.60 -40.68
CA LEU D 138 12.27 5.81 -41.42
C LEU D 138 12.77 7.10 -40.81
N SER D 139 12.73 7.21 -39.49
CA SER D 139 13.02 8.52 -38.86
C SER D 139 14.30 9.21 -39.39
N PRO D 140 15.46 8.49 -39.51
CA PRO D 140 16.68 9.19 -39.99
C PRO D 140 16.54 9.87 -41.36
N ILE D 141 15.65 9.38 -42.22
CA ILE D 141 15.47 9.97 -43.53
C ILE D 141 14.21 10.81 -43.68
N ALA D 142 13.32 10.80 -42.69
CA ALA D 142 12.18 11.72 -42.69
C ALA D 142 12.59 13.15 -42.33
N THR D 143 11.72 14.13 -42.63
CA THR D 143 11.88 15.54 -42.21
C THR D 143 11.69 15.69 -40.70
N GLY D 144 10.66 15.01 -40.19
CA GLY D 144 10.22 15.16 -38.82
C GLY D 144 9.24 14.08 -38.40
N VAL D 145 9.02 13.96 -37.10
CA VAL D 145 8.17 12.90 -36.59
C VAL D 145 7.19 13.44 -35.57
N ILE D 146 5.99 12.87 -35.55
CA ILE D 146 4.97 13.22 -34.54
C ILE D 146 4.31 11.98 -33.90
N VAL D 147 4.48 11.83 -32.60
CA VAL D 147 4.11 10.63 -31.92
C VAL D 147 3.27 10.93 -30.68
N GLY D 148 2.31 10.06 -30.38
CA GLY D 148 1.54 10.16 -29.14
C GLY D 148 0.47 11.23 -29.02
N LEU D 149 0.34 12.09 -30.02
CA LEU D 149 -0.73 13.11 -30.04
C LEU D 149 -2.01 12.64 -30.76
N GLY D 150 -2.24 11.32 -30.74
CA GLY D 150 -3.39 10.70 -31.34
C GLY D 150 -3.63 11.12 -32.78
N ILE D 151 -4.90 11.05 -33.19
CA ILE D 151 -5.33 11.36 -34.55
C ILE D 151 -5.00 12.80 -35.01
N GLN D 152 -5.02 13.77 -34.08
CA GLN D 152 -4.63 15.16 -34.42
C GLN D 152 -3.19 15.17 -34.94
N GLY D 153 -2.45 14.09 -34.68
CA GLY D 153 -1.08 13.96 -35.14
C GLY D 153 -1.02 14.13 -36.63
N TYR D 154 -1.91 13.46 -37.36
CA TYR D 154 -2.06 13.70 -38.80
C TYR D 154 -2.44 15.16 -39.14
N LEU D 155 -3.29 15.77 -38.31
CA LEU D 155 -3.78 17.12 -38.61
C LEU D 155 -2.66 18.16 -38.54
N LEU D 156 -1.93 18.10 -37.45
CA LEU D 156 -0.78 18.94 -37.24
C LEU D 156 0.27 18.78 -38.36
N ALA D 157 0.37 17.58 -38.93
CA ALA D 157 1.38 17.31 -39.95
C ALA D 157 1.06 18.04 -41.25
N LEU D 158 -0.20 17.99 -41.67
CA LEU D 158 -0.67 18.70 -42.83
C LEU D 158 -0.37 20.19 -42.71
N ARG D 159 -0.58 20.70 -41.50
CA ARG D 159 -0.43 22.10 -41.19
C ARG D 159 1.02 22.53 -41.24
N TYR D 160 1.93 21.61 -40.95
CA TYR D 160 3.34 21.90 -41.17
C TYR D 160 3.65 22.00 -42.66
N LEU D 161 3.03 21.12 -43.44
CA LEU D 161 3.14 21.12 -44.90
C LEU D 161 2.56 22.41 -45.50
N ALA D 162 1.42 22.87 -44.96
CA ALA D 162 0.86 24.19 -45.31
C ALA D 162 1.87 25.33 -45.31
N GLU D 163 2.75 25.42 -44.33
CA GLU D 163 3.76 26.48 -44.32
C GLU D 163 5.09 26.02 -44.86
N HIS D 164 5.12 24.83 -45.45
CA HIS D 164 6.40 24.10 -45.65
C HIS D 164 7.54 24.39 -44.63
N LEU E 24 63.00 -37.73 -33.98
CA LEU E 24 61.52 -37.51 -33.76
C LEU E 24 61.19 -36.08 -33.25
N ILE E 25 60.79 -35.20 -34.18
CA ILE E 25 60.87 -33.73 -33.98
C ILE E 25 59.60 -33.01 -33.45
N VAL E 26 59.79 -32.23 -32.39
CA VAL E 26 58.77 -31.29 -31.93
C VAL E 26 59.20 -29.85 -32.22
N ASN E 27 58.28 -29.02 -32.72
CA ASN E 27 58.60 -27.61 -32.89
C ASN E 27 58.08 -26.74 -31.76
N VAL E 28 58.99 -25.98 -31.13
CA VAL E 28 58.62 -25.02 -30.07
C VAL E 28 58.86 -23.62 -30.60
N ILE E 29 57.78 -22.98 -31.04
CA ILE E 29 57.89 -21.66 -31.65
C ILE E 29 57.41 -20.57 -30.69
N ASN E 30 58.25 -19.55 -30.52
CA ASN E 30 57.98 -18.44 -29.61
C ASN E 30 57.75 -17.10 -30.33
N GLY E 31 56.66 -16.44 -29.94
CA GLY E 31 56.21 -15.23 -30.60
C GLY E 31 56.89 -13.94 -30.14
N PRO E 32 56.30 -12.80 -30.54
CA PRO E 32 56.85 -11.47 -30.28
C PRO E 32 57.15 -11.20 -28.80
N ASN E 33 58.28 -10.55 -28.55
CA ASN E 33 58.70 -10.14 -27.22
C ASN E 33 59.29 -11.25 -26.35
N LEU E 34 59.05 -12.51 -26.70
CA LEU E 34 59.54 -13.59 -25.87
C LEU E 34 61.06 -13.79 -25.95
N GLY E 35 61.68 -13.19 -26.96
CA GLY E 35 63.14 -13.13 -27.02
C GLY E 35 63.70 -12.26 -25.90
N ARG E 36 62.81 -11.57 -25.19
CA ARG E 36 63.19 -10.64 -24.14
C ARG E 36 63.24 -11.27 -22.74
N LEU E 37 62.97 -12.58 -22.64
CA LEU E 37 62.75 -13.24 -21.34
C LEU E 37 63.84 -13.10 -20.33
N GLY E 38 63.46 -13.10 -19.05
CA GLY E 38 64.42 -13.04 -17.93
C GLY E 38 64.92 -11.64 -17.63
N ARG E 39 64.66 -10.73 -18.57
CA ARG E 39 65.03 -9.33 -18.48
C ARG E 39 63.75 -8.55 -18.21
N ARG E 40 63.67 -8.03 -16.99
CA ARG E 40 62.49 -7.33 -16.47
C ARG E 40 61.15 -7.84 -17.05
N GLY E 46 60.10 -13.74 -13.60
CA GLY E 46 60.30 -14.63 -14.74
C GLY E 46 61.69 -15.24 -14.72
N GLY E 47 62.71 -14.38 -14.70
CA GLY E 47 64.08 -14.82 -14.41
C GLY E 47 64.85 -15.55 -15.50
N THR E 48 64.25 -16.60 -16.06
CA THR E 48 64.91 -17.47 -17.04
C THR E 48 64.96 -16.81 -18.42
N THR E 49 66.14 -16.82 -19.03
CA THR E 49 66.32 -16.19 -20.33
C THR E 49 65.92 -17.15 -21.42
N HIS E 50 65.77 -16.63 -22.63
CA HIS E 50 65.42 -17.47 -23.75
C HIS E 50 66.44 -18.56 -24.05
N ASP E 51 67.73 -18.23 -23.89
CA ASP E 51 68.80 -19.21 -24.08
C ASP E 51 68.79 -20.35 -23.03
N GLU E 52 68.40 -20.02 -21.81
CA GLU E 52 68.12 -21.01 -20.77
C GLU E 52 66.91 -21.85 -21.19
N LEU E 53 65.87 -21.18 -21.69
CA LEU E 53 64.65 -21.87 -22.07
C LEU E 53 64.94 -22.95 -23.09
N VAL E 54 65.61 -22.62 -24.19
CA VAL E 54 66.00 -23.63 -25.19
C VAL E 54 66.78 -24.77 -24.52
N ALA E 55 67.74 -24.40 -23.68
CA ALA E 55 68.56 -25.36 -22.93
C ALA E 55 67.68 -26.33 -22.15
N LEU E 56 66.73 -25.77 -21.41
CA LEU E 56 65.78 -26.56 -20.63
C LEU E 56 64.98 -27.45 -21.54
N ILE E 57 64.37 -26.87 -22.56
CA ILE E 57 63.45 -27.62 -23.41
C ILE E 57 64.17 -28.77 -24.13
N GLU E 58 65.35 -28.46 -24.68
CA GLU E 58 66.09 -29.45 -25.47
C GLU E 58 66.45 -30.69 -24.66
N ARG E 59 67.01 -30.46 -23.48
CA ARG E 59 67.40 -31.56 -22.61
C ARG E 59 66.22 -32.42 -22.23
N GLU E 60 65.20 -31.77 -21.65
CA GLU E 60 63.97 -32.46 -21.20
C GLU E 60 63.30 -33.26 -22.33
N ALA E 61 63.32 -32.71 -23.53
CA ALA E 61 62.78 -33.39 -24.70
C ALA E 61 63.65 -34.58 -25.11
N ALA E 62 64.95 -34.43 -24.91
CA ALA E 62 65.88 -35.52 -25.13
C ALA E 62 65.56 -36.62 -24.11
N GLU E 63 65.41 -36.23 -22.84
CA GLU E 63 65.04 -37.14 -21.75
C GLU E 63 63.73 -37.88 -21.99
N LEU E 64 62.97 -37.45 -22.99
CA LEU E 64 61.66 -38.03 -23.26
C LEU E 64 61.59 -38.92 -24.51
N GLY E 65 62.68 -38.98 -25.25
CA GLY E 65 62.70 -39.67 -26.53
C GLY E 65 62.38 -38.78 -27.71
N LEU E 66 62.39 -37.46 -27.52
CA LEU E 66 62.04 -36.54 -28.61
C LEU E 66 63.23 -35.65 -28.96
N LYS E 67 63.14 -34.99 -30.11
CA LYS E 67 64.07 -33.93 -30.51
C LYS E 67 63.30 -32.64 -30.75
N ALA E 68 63.69 -31.60 -30.02
CA ALA E 68 62.97 -30.32 -30.01
C ALA E 68 63.76 -29.18 -30.65
N VAL E 69 63.17 -28.60 -31.69
CA VAL E 69 63.66 -27.37 -32.29
C VAL E 69 62.90 -26.17 -31.74
N VAL E 70 63.57 -25.35 -30.93
CA VAL E 70 62.96 -24.18 -30.29
C VAL E 70 63.31 -22.87 -31.01
N ARG E 71 62.44 -22.39 -31.89
CA ARG E 71 62.70 -21.10 -32.54
C ARG E 71 61.90 -19.89 -31.94
N GLN E 72 62.41 -18.67 -32.10
CA GLN E 72 61.75 -17.43 -31.56
C GLN E 72 61.83 -16.24 -32.49
N SER E 73 60.68 -15.63 -32.79
CA SER E 73 60.65 -14.43 -33.65
C SER E 73 59.64 -13.32 -33.29
N ASP E 74 60.04 -12.06 -33.47
CA ASP E 74 59.12 -10.92 -33.34
C ASP E 74 58.38 -10.67 -34.65
N SER E 75 58.71 -11.47 -35.66
CA SER E 75 58.16 -11.28 -36.99
C SER E 75 57.03 -12.27 -37.35
N GLU E 76 55.83 -11.74 -37.59
CA GLU E 76 54.67 -12.57 -37.90
C GLU E 76 54.88 -13.46 -39.12
N ALA E 77 55.50 -12.90 -40.15
CA ALA E 77 55.77 -13.62 -41.39
C ALA E 77 56.72 -14.82 -41.17
N GLN E 78 57.62 -14.72 -40.21
CA GLN E 78 58.55 -15.79 -39.95
C GLN E 78 57.85 -16.95 -39.22
N LEU E 79 57.06 -16.62 -38.21
CA LEU E 79 56.24 -17.61 -37.54
C LEU E 79 55.42 -18.41 -38.57
N LEU E 80 54.86 -17.71 -39.54
CA LEU E 80 54.08 -18.36 -40.59
C LEU E 80 54.94 -19.37 -41.31
N ASP E 81 56.17 -18.98 -41.62
CA ASP E 81 57.07 -19.85 -42.35
C ASP E 81 57.39 -21.11 -41.51
N TRP E 82 57.64 -20.91 -40.20
CA TRP E 82 57.90 -22.00 -39.28
C TRP E 82 56.68 -22.92 -39.11
N ILE E 83 55.48 -22.36 -39.05
CA ILE E 83 54.27 -23.17 -39.01
C ILE E 83 54.04 -23.92 -40.35
N HIS E 84 54.27 -23.23 -41.47
CA HIS E 84 54.18 -23.89 -42.78
C HIS E 84 55.07 -25.14 -42.83
N GLN E 85 56.32 -24.97 -42.43
CA GLN E 85 57.30 -26.03 -42.56
C GLN E 85 56.84 -27.24 -41.76
N ALA E 86 56.28 -26.97 -40.58
CA ALA E 86 55.77 -27.99 -39.69
C ALA E 86 54.51 -28.71 -40.20
N ALA E 87 53.63 -27.96 -40.86
CA ALA E 87 52.43 -28.55 -41.47
C ALA E 87 52.87 -29.52 -42.56
N ASP E 88 53.82 -29.09 -43.38
CA ASP E 88 54.46 -29.90 -44.42
C ASP E 88 55.13 -31.16 -43.87
N ALA E 89 55.91 -31.00 -42.80
CA ALA E 89 56.68 -32.09 -42.24
C ALA E 89 55.86 -32.98 -41.30
N ALA E 90 54.58 -32.65 -41.12
CA ALA E 90 53.72 -33.27 -40.10
C ALA E 90 54.37 -33.42 -38.72
N GLU E 91 55.01 -32.36 -38.24
CA GLU E 91 55.62 -32.34 -36.92
C GLU E 91 54.71 -31.55 -35.96
N PRO E 92 54.56 -32.02 -34.72
CA PRO E 92 53.78 -31.26 -33.74
C PRO E 92 54.41 -29.92 -33.41
N VAL E 93 53.62 -29.04 -32.82
CA VAL E 93 54.06 -27.68 -32.54
C VAL E 93 53.63 -27.29 -31.13
N ILE E 94 54.53 -26.68 -30.39
CA ILE E 94 54.17 -25.93 -29.19
C ILE E 94 54.31 -24.41 -29.41
N LEU E 95 53.25 -23.66 -29.08
CA LEU E 95 53.15 -22.24 -29.50
C LEU E 95 52.81 -21.24 -28.41
N ASN E 96 53.77 -20.39 -28.08
CA ASN E 96 53.48 -19.16 -27.32
C ASN E 96 53.58 -17.98 -28.28
N ALA E 97 52.51 -17.71 -29.00
CA ALA E 97 52.57 -16.75 -30.08
C ALA E 97 52.70 -15.32 -29.58
N GLY E 98 52.81 -15.13 -28.26
CA GLY E 98 52.75 -13.81 -27.64
C GLY E 98 51.44 -13.07 -27.95
N GLY E 99 51.48 -11.75 -28.10
CA GLY E 99 50.30 -10.98 -28.45
C GLY E 99 49.58 -11.50 -29.68
N LEU E 100 50.31 -12.15 -30.59
CA LEU E 100 49.72 -12.59 -31.85
C LEU E 100 48.51 -13.51 -31.66
N THR E 101 48.35 -13.99 -30.43
CA THR E 101 47.27 -14.90 -30.00
C THR E 101 45.90 -14.27 -30.19
N HIS E 102 45.82 -12.95 -29.99
CA HIS E 102 44.57 -12.17 -29.91
C HIS E 102 44.33 -11.28 -31.15
N THR E 103 45.28 -11.26 -32.08
CA THR E 103 45.14 -10.37 -33.25
C THR E 103 45.23 -11.10 -34.60
N SER E 104 46.06 -12.15 -34.67
CA SER E 104 46.42 -12.76 -35.95
C SER E 104 45.46 -13.85 -36.43
N VAL E 105 44.60 -13.50 -37.38
CA VAL E 105 43.77 -14.47 -38.07
C VAL E 105 44.66 -15.30 -38.99
N ALA E 106 45.67 -14.65 -39.56
CA ALA E 106 46.65 -15.32 -40.44
C ALA E 106 47.30 -16.50 -39.74
N LEU E 107 48.07 -16.21 -38.69
CA LEU E 107 48.67 -17.23 -37.86
C LEU E 107 47.71 -18.39 -37.56
N ARG E 108 46.50 -18.06 -37.10
CA ARG E 108 45.52 -19.09 -36.82
C ARG E 108 45.26 -19.99 -38.01
N ASP E 109 45.02 -19.39 -39.19
CA ASP E 109 44.74 -20.17 -40.39
C ASP E 109 45.92 -21.07 -40.70
N ALA E 110 47.12 -20.53 -40.54
CA ALA E 110 48.33 -21.31 -40.75
C ALA E 110 48.31 -22.55 -39.84
N CYS E 111 48.01 -22.35 -38.56
CA CYS E 111 47.92 -23.46 -37.60
C CYS E 111 46.73 -24.40 -37.85
N ALA E 112 45.68 -23.91 -38.48
CA ALA E 112 44.56 -24.78 -38.79
C ALA E 112 45.05 -25.96 -39.64
N GLU E 113 46.12 -25.73 -40.39
CA GLU E 113 46.66 -26.68 -41.34
C GLU E 113 47.38 -27.82 -40.70
N LEU E 114 47.88 -27.59 -39.49
CA LEU E 114 48.68 -28.59 -38.78
C LEU E 114 47.89 -29.86 -38.54
N SER E 115 48.50 -31.00 -38.89
CA SER E 115 47.86 -32.33 -38.77
C SER E 115 48.22 -33.04 -37.46
N ALA E 116 49.46 -32.85 -37.02
CA ALA E 116 49.88 -33.32 -35.72
C ALA E 116 49.42 -32.33 -34.63
N PRO E 117 49.61 -32.68 -33.35
CA PRO E 117 49.05 -31.87 -32.28
C PRO E 117 49.65 -30.47 -32.22
N LEU E 118 48.81 -29.50 -31.83
CA LEU E 118 49.19 -28.09 -31.60
C LEU E 118 48.85 -27.67 -30.19
N ILE E 119 49.86 -27.47 -29.36
CA ILE E 119 49.59 -27.07 -27.99
C ILE E 119 49.91 -25.61 -27.79
N GLU E 120 48.95 -24.86 -27.25
CA GLU E 120 49.13 -23.46 -26.93
C GLU E 120 49.69 -23.34 -25.52
N VAL E 121 50.80 -22.63 -25.35
CA VAL E 121 51.31 -22.34 -24.03
C VAL E 121 51.44 -20.83 -23.78
N HIS E 122 50.90 -20.38 -22.66
CA HIS E 122 51.25 -19.09 -22.14
C HIS E 122 51.89 -19.24 -20.77
N ILE E 123 52.99 -18.52 -20.55
CA ILE E 123 53.73 -18.52 -19.29
C ILE E 123 52.88 -17.93 -18.14
N SER E 124 52.15 -16.85 -18.39
CA SER E 124 51.33 -16.22 -17.36
C SER E 124 49.88 -16.64 -17.50
N ASN E 125 49.08 -16.41 -16.46
CA ASN E 125 47.65 -16.67 -16.51
C ASN E 125 46.90 -15.55 -17.22
N VAL E 126 46.75 -15.71 -18.53
CA VAL E 126 46.18 -14.67 -19.40
C VAL E 126 44.73 -14.28 -19.04
N HIS E 127 44.07 -15.15 -18.26
CA HIS E 127 42.72 -14.91 -17.76
C HIS E 127 42.56 -14.01 -16.53
N ALA E 128 43.65 -13.73 -15.83
CA ALA E 128 43.61 -12.85 -14.67
C ALA E 128 44.18 -11.51 -15.11
N ARG E 129 44.26 -11.31 -16.42
CA ARG E 129 44.91 -10.13 -16.93
C ARG E 129 43.89 -9.19 -17.59
N GLU E 130 44.29 -8.48 -18.65
CA GLU E 130 43.37 -7.58 -19.34
C GLU E 130 42.32 -8.37 -20.10
N GLU E 131 41.18 -7.71 -20.36
CA GLU E 131 40.08 -8.32 -21.11
C GLU E 131 40.45 -8.91 -22.48
N PHE E 132 41.23 -8.16 -23.26
CA PHE E 132 41.60 -8.64 -24.59
C PHE E 132 42.52 -9.86 -24.58
N ARG E 133 43.09 -10.19 -23.42
CA ARG E 133 43.91 -11.40 -23.31
C ARG E 133 43.10 -12.67 -22.98
N ARG E 134 41.83 -12.49 -22.63
CA ARG E 134 40.93 -13.59 -22.33
C ARG E 134 40.21 -14.15 -23.59
N HIS E 135 40.73 -13.86 -24.79
CA HIS E 135 40.22 -14.42 -26.05
C HIS E 135 41.40 -14.75 -26.95
N SER E 136 41.38 -15.94 -27.53
CA SER E 136 42.43 -16.40 -28.43
C SER E 136 41.83 -16.83 -29.77
N TYR E 137 42.44 -16.36 -30.85
CA TYR E 137 42.11 -16.91 -32.15
C TYR E 137 42.59 -18.36 -32.28
N LEU E 138 43.62 -18.72 -31.51
CA LEU E 138 44.30 -20.01 -31.65
C LEU E 138 43.56 -21.13 -30.93
N SER E 139 43.40 -21.02 -29.62
CA SER E 139 42.71 -22.05 -28.78
C SER E 139 41.60 -22.82 -29.47
N PRO E 140 40.64 -22.13 -30.10
CA PRO E 140 39.60 -22.93 -30.72
C PRO E 140 40.08 -24.00 -31.70
N ILE E 141 41.33 -23.90 -32.17
CA ILE E 141 41.88 -24.88 -33.14
C ILE E 141 43.16 -25.63 -32.67
N ALA E 142 43.57 -25.41 -31.43
CA ALA E 142 44.68 -26.18 -30.87
C ALA E 142 44.15 -27.45 -30.27
N THR E 143 45.03 -28.43 -30.07
CA THR E 143 44.65 -29.68 -29.43
C THR E 143 44.26 -29.29 -28.03
N GLY E 144 45.13 -28.56 -27.36
CA GLY E 144 44.78 -27.91 -26.10
C GLY E 144 45.67 -26.75 -25.70
N VAL E 145 45.34 -26.10 -24.59
CA VAL E 145 46.11 -24.96 -24.11
C VAL E 145 46.61 -25.18 -22.69
N ILE E 146 47.82 -24.68 -22.41
CA ILE E 146 48.36 -24.61 -21.05
C ILE E 146 48.69 -23.15 -20.68
N VAL E 147 48.15 -22.67 -19.56
CA VAL E 147 48.27 -21.25 -19.17
C VAL E 147 48.66 -21.04 -17.71
N GLY E 148 49.54 -20.07 -17.47
CA GLY E 148 49.81 -19.66 -16.11
C GLY E 148 50.64 -20.59 -15.26
N LEU E 149 51.33 -21.54 -15.87
CA LEU E 149 52.16 -22.44 -15.10
C LEU E 149 53.62 -22.21 -15.36
N GLY E 150 53.96 -20.94 -15.56
CA GLY E 150 55.32 -20.54 -15.94
C GLY E 150 56.01 -21.40 -16.98
N ILE E 151 57.32 -21.38 -16.93
CA ILE E 151 58.21 -22.04 -17.87
C ILE E 151 57.91 -23.54 -18.00
N GLN E 152 57.41 -24.15 -16.93
CA GLN E 152 57.17 -25.59 -16.93
C GLN E 152 56.07 -26.03 -17.95
N GLY E 153 55.14 -25.11 -18.25
CA GLY E 153 54.20 -25.27 -19.35
C GLY E 153 54.83 -25.93 -20.56
N TYR E 154 55.93 -25.36 -21.06
CA TYR E 154 56.63 -25.94 -22.20
C TYR E 154 56.96 -27.41 -21.97
N LEU E 155 57.69 -27.71 -20.89
CA LEU E 155 58.02 -29.10 -20.52
C LEU E 155 56.76 -29.96 -20.38
N LEU E 156 55.74 -29.43 -19.69
CA LEU E 156 54.48 -30.13 -19.50
C LEU E 156 53.86 -30.52 -20.85
N ALA E 157 53.92 -29.58 -21.79
CA ALA E 157 53.41 -29.82 -23.15
C ALA E 157 54.29 -30.81 -23.94
N LEU E 158 55.60 -30.79 -23.69
CA LEU E 158 56.47 -31.85 -24.24
C LEU E 158 56.05 -33.23 -23.73
N ARG E 159 55.66 -33.30 -22.46
CA ARG E 159 55.17 -34.54 -21.91
C ARG E 159 53.83 -35.02 -22.45
N TYR E 160 52.95 -34.12 -22.88
CA TYR E 160 51.72 -34.57 -23.57
C TYR E 160 52.08 -35.17 -24.93
N LEU E 161 53.10 -34.60 -25.57
CA LEU E 161 53.56 -35.13 -26.87
C LEU E 161 54.31 -36.49 -26.83
N ALA E 162 55.03 -36.78 -25.74
CA ALA E 162 55.69 -38.08 -25.61
C ALA E 162 54.62 -39.16 -25.68
N GLU E 163 53.61 -39.04 -24.83
CA GLU E 163 52.47 -39.97 -24.76
C GLU E 163 51.52 -39.93 -25.96
N HIS E 164 51.38 -38.74 -26.57
CA HIS E 164 50.37 -38.39 -27.62
C HIS E 164 48.97 -38.15 -27.05
N LEU F 24 20.35 -24.30 -70.78
CA LEU F 24 20.33 -23.86 -69.35
C LEU F 24 19.77 -22.45 -69.12
N ILE F 25 18.71 -22.40 -68.32
CA ILE F 25 18.00 -21.17 -68.04
C ILE F 25 18.38 -20.55 -66.70
N VAL F 26 19.27 -19.56 -66.70
CA VAL F 26 19.61 -18.79 -65.47
C VAL F 26 18.52 -17.78 -65.10
N ASN F 27 18.10 -17.79 -63.84
CA ASN F 27 17.13 -16.81 -63.37
C ASN F 27 17.79 -15.56 -62.77
N VAL F 28 17.41 -14.38 -63.25
CA VAL F 28 17.84 -13.15 -62.59
C VAL F 28 16.63 -12.51 -61.91
N ILE F 29 16.66 -12.51 -60.57
CA ILE F 29 15.57 -11.94 -59.78
C ILE F 29 16.01 -10.63 -59.12
N ASN F 30 15.11 -9.64 -59.14
CA ASN F 30 15.38 -8.31 -58.62
C ASN F 30 14.29 -7.87 -57.65
N GLY F 31 14.72 -7.35 -56.51
CA GLY F 31 13.83 -7.06 -55.37
C GLY F 31 13.17 -5.71 -55.43
N PRO F 32 12.46 -5.31 -54.35
CA PRO F 32 11.65 -4.09 -54.34
C PRO F 32 12.50 -2.86 -54.60
N ASN F 33 11.92 -1.86 -55.27
CA ASN F 33 12.64 -0.62 -55.56
C ASN F 33 13.59 -0.70 -56.77
N LEU F 34 13.93 -1.91 -57.22
CA LEU F 34 14.86 -2.06 -58.34
C LEU F 34 14.26 -1.80 -59.73
N GLY F 35 12.92 -1.85 -59.81
CA GLY F 35 12.20 -1.33 -60.98
C GLY F 35 12.39 0.18 -61.15
N ARG F 36 12.94 0.82 -60.12
CA ARG F 36 13.15 2.26 -60.10
C ARG F 36 14.53 2.61 -60.65
N LEU F 37 15.31 1.59 -60.99
CA LEU F 37 16.63 1.82 -61.58
C LEU F 37 16.73 3.04 -62.51
N GLY F 38 17.85 3.76 -62.40
CA GLY F 38 18.13 4.94 -63.23
C GLY F 38 17.71 6.29 -62.69
N ARG F 39 17.14 6.31 -61.48
CA ARG F 39 16.60 7.53 -60.84
C ARG F 39 17.15 7.80 -59.43
N ARG F 40 17.12 9.07 -59.03
CA ARG F 40 17.59 9.49 -57.68
C ARG F 40 16.53 9.28 -56.59
N GLY F 46 24.54 5.56 -62.98
CA GLY F 46 23.90 4.61 -63.89
C GLY F 46 22.46 5.03 -64.14
N GLY F 47 22.22 5.64 -65.29
CA GLY F 47 20.85 5.98 -65.74
C GLY F 47 20.17 4.79 -66.41
N THR F 48 20.70 3.59 -66.18
CA THR F 48 20.17 2.36 -66.77
C THR F 48 18.86 2.01 -66.09
N THR F 49 17.76 2.08 -66.84
CA THR F 49 16.49 1.67 -66.28
C THR F 49 16.55 0.19 -66.15
N HIS F 50 15.62 -0.38 -65.39
CA HIS F 50 15.48 -1.80 -65.30
C HIS F 50 15.43 -2.41 -66.68
N ASP F 51 14.47 -1.93 -67.50
CA ASP F 51 14.21 -2.39 -68.89
C ASP F 51 15.45 -2.47 -69.79
N GLU F 52 16.39 -1.55 -69.59
CA GLU F 52 17.64 -1.54 -70.34
C GLU F 52 18.58 -2.64 -69.88
N LEU F 53 18.64 -2.87 -68.56
CA LEU F 53 19.47 -3.93 -67.95
C LEU F 53 19.06 -5.34 -68.42
N VAL F 54 17.75 -5.58 -68.50
CA VAL F 54 17.17 -6.78 -69.11
C VAL F 54 17.74 -7.06 -70.51
N ALA F 55 17.93 -6.00 -71.30
CA ALA F 55 18.54 -6.11 -72.64
C ALA F 55 20.06 -6.32 -72.59
N LEU F 56 20.75 -5.67 -71.67
CA LEU F 56 22.19 -5.88 -71.55
C LEU F 56 22.54 -7.32 -71.06
N ILE F 57 21.68 -7.86 -70.18
CA ILE F 57 21.82 -9.22 -69.68
C ILE F 57 21.53 -10.22 -70.80
N GLU F 58 20.38 -10.06 -71.45
CA GLU F 58 19.94 -11.04 -72.44
C GLU F 58 20.89 -11.18 -73.61
N ARG F 59 21.51 -10.08 -74.00
CA ARG F 59 22.56 -10.09 -75.00
C ARG F 59 23.72 -10.97 -74.55
N GLU F 60 24.36 -10.61 -73.44
CA GLU F 60 25.49 -11.34 -72.87
C GLU F 60 25.18 -12.82 -72.57
N ALA F 61 23.95 -13.08 -72.16
CA ALA F 61 23.52 -14.43 -71.89
C ALA F 61 23.82 -15.32 -73.09
N ALA F 62 23.24 -14.93 -74.23
CA ALA F 62 23.35 -15.64 -75.50
C ALA F 62 24.74 -15.49 -76.10
N GLU F 63 25.37 -14.33 -75.91
CA GLU F 63 26.77 -14.13 -76.30
C GLU F 63 27.68 -15.10 -75.53
N LEU F 64 27.06 -16.16 -75.00
CA LEU F 64 27.66 -17.16 -74.12
C LEU F 64 26.85 -18.43 -74.15
N GLY F 65 25.74 -18.38 -74.89
CA GLY F 65 24.87 -19.54 -75.07
C GLY F 65 24.01 -19.89 -73.88
N LEU F 66 23.43 -18.90 -73.22
CA LEU F 66 22.48 -19.16 -72.13
C LEU F 66 21.22 -18.36 -72.30
N LYS F 67 20.12 -18.86 -71.73
CA LYS F 67 18.87 -18.10 -71.63
C LYS F 67 18.71 -17.51 -70.22
N ALA F 68 18.69 -16.17 -70.13
CA ALA F 68 18.50 -15.46 -68.87
C ALA F 68 17.08 -14.95 -68.70
N VAL F 69 16.36 -15.43 -67.69
CA VAL F 69 15.02 -14.93 -67.36
C VAL F 69 15.10 -13.92 -66.21
N VAL F 70 15.02 -12.63 -66.57
CA VAL F 70 15.17 -11.49 -65.65
C VAL F 70 13.81 -10.99 -65.18
N ARG F 71 13.59 -10.91 -63.88
CA ARG F 71 12.28 -10.54 -63.35
C ARG F 71 12.46 -9.52 -62.23
N GLN F 72 11.41 -8.77 -61.90
CA GLN F 72 11.44 -7.87 -60.73
C GLN F 72 10.11 -7.87 -60.02
N SER F 73 10.15 -7.70 -58.70
CA SER F 73 8.93 -7.49 -57.90
C SER F 73 9.13 -6.75 -56.59
N ASP F 74 8.05 -6.11 -56.18
CA ASP F 74 7.98 -5.33 -54.95
C ASP F 74 7.29 -6.22 -53.91
N SER F 75 6.92 -7.42 -54.32
CA SER F 75 6.27 -8.34 -53.42
C SER F 75 7.17 -9.51 -53.01
N GLU F 76 7.39 -9.59 -51.70
CA GLU F 76 8.09 -10.72 -51.10
C GLU F 76 7.43 -12.04 -51.55
N ALA F 77 6.12 -12.15 -51.39
CA ALA F 77 5.39 -13.33 -51.83
C ALA F 77 5.79 -13.77 -53.25
N GLN F 78 5.74 -12.81 -54.21
CA GLN F 78 6.11 -13.03 -55.61
C GLN F 78 7.52 -13.58 -55.75
N LEU F 79 8.52 -12.88 -55.21
CA LEU F 79 9.89 -13.35 -55.27
C LEU F 79 10.03 -14.76 -54.68
N LEU F 80 9.22 -15.09 -53.69
CA LEU F 80 9.35 -16.37 -53.03
C LEU F 80 8.90 -17.50 -53.96
N ASP F 81 7.90 -17.18 -54.77
CA ASP F 81 7.35 -18.13 -55.73
C ASP F 81 8.32 -18.30 -56.87
N TRP F 82 9.02 -17.24 -57.23
CA TRP F 82 9.99 -17.29 -58.28
C TRP F 82 11.14 -18.22 -57.86
N ILE F 83 11.57 -18.09 -56.60
CA ILE F 83 12.66 -18.91 -56.06
C ILE F 83 12.19 -20.35 -55.88
N HIS F 84 10.91 -20.52 -55.56
CA HIS F 84 10.32 -21.86 -55.50
C HIS F 84 10.57 -22.52 -56.84
N GLN F 85 10.21 -21.80 -57.91
CA GLN F 85 10.20 -22.38 -59.25
C GLN F 85 11.61 -22.79 -59.69
N ALA F 86 12.59 -21.95 -59.38
CA ALA F 86 13.99 -22.27 -59.60
C ALA F 86 14.43 -23.46 -58.77
N ALA F 87 13.87 -23.59 -57.57
CA ALA F 87 14.21 -24.70 -56.70
C ALA F 87 13.79 -25.99 -57.36
N ASP F 88 12.55 -25.99 -57.85
CA ASP F 88 11.89 -27.15 -58.43
C ASP F 88 12.43 -27.56 -59.80
N ALA F 89 13.34 -26.74 -60.34
CA ALA F 89 13.84 -26.90 -61.70
C ALA F 89 15.37 -26.77 -61.80
N ALA F 90 16.06 -27.01 -60.68
CA ALA F 90 17.52 -26.94 -60.63
C ALA F 90 18.16 -25.79 -61.44
N GLU F 91 17.53 -24.63 -61.50
CA GLU F 91 18.12 -23.52 -62.27
C GLU F 91 18.90 -22.57 -61.38
N PRO F 92 20.06 -22.09 -61.85
CA PRO F 92 20.84 -21.06 -61.16
C PRO F 92 20.07 -19.75 -60.94
N VAL F 93 20.29 -19.12 -59.80
CA VAL F 93 19.69 -17.83 -59.50
C VAL F 93 20.79 -16.82 -59.23
N ILE F 94 20.61 -15.63 -59.81
CA ILE F 94 21.34 -14.42 -59.48
C ILE F 94 20.36 -13.46 -58.80
N LEU F 95 20.63 -13.17 -57.52
CA LEU F 95 19.70 -12.41 -56.71
C LEU F 95 20.28 -11.10 -56.15
N ASN F 96 19.63 -10.00 -56.55
CA ASN F 96 19.70 -8.73 -55.84
C ASN F 96 18.34 -8.46 -55.23
N ALA F 97 18.25 -8.69 -53.92
CA ALA F 97 16.98 -8.65 -53.21
C ALA F 97 16.65 -7.28 -52.64
N GLY F 98 17.56 -6.32 -52.77
CA GLY F 98 17.36 -4.99 -52.18
C GLY F 98 17.22 -5.04 -50.67
N GLY F 99 16.30 -4.24 -50.15
CA GLY F 99 16.07 -4.21 -48.70
C GLY F 99 15.93 -5.57 -48.05
N LEU F 100 15.17 -6.46 -48.66
CA LEU F 100 14.82 -7.74 -48.07
C LEU F 100 16.05 -8.56 -47.76
N THR F 101 17.14 -8.24 -48.46
CA THR F 101 18.47 -8.82 -48.20
C THR F 101 18.87 -8.77 -46.74
N HIS F 102 18.34 -7.77 -46.03
CA HIS F 102 18.72 -7.51 -44.63
C HIS F 102 17.62 -7.84 -43.64
N THR F 103 16.42 -8.08 -44.16
CA THR F 103 15.23 -8.30 -43.33
C THR F 103 14.60 -9.70 -43.38
N SER F 104 14.68 -10.40 -44.50
CA SER F 104 13.76 -11.51 -44.75
C SER F 104 14.30 -12.94 -44.54
N VAL F 105 13.87 -13.57 -43.45
CA VAL F 105 14.22 -14.96 -43.16
C VAL F 105 13.49 -15.88 -44.17
N ALA F 106 12.21 -15.57 -44.42
CA ALA F 106 11.40 -16.29 -45.42
C ALA F 106 12.12 -16.35 -46.77
N LEU F 107 12.74 -15.24 -47.18
CA LEU F 107 13.58 -15.28 -48.35
C LEU F 107 14.84 -16.12 -48.16
N ARG F 108 15.54 -15.98 -47.03
CA ARG F 108 16.69 -16.86 -46.78
C ARG F 108 16.30 -18.33 -46.90
N ASP F 109 15.16 -18.70 -46.33
CA ASP F 109 14.76 -20.08 -46.27
C ASP F 109 14.62 -20.64 -47.68
N ALA F 110 13.84 -19.93 -48.51
CA ALA F 110 13.52 -20.36 -49.88
C ALA F 110 14.76 -20.54 -50.73
N CYS F 111 15.65 -19.55 -50.71
CA CYS F 111 16.96 -19.68 -51.37
C CYS F 111 17.85 -20.82 -50.85
N ALA F 112 17.53 -21.34 -49.67
CA ALA F 112 18.30 -22.43 -49.08
C ALA F 112 18.11 -23.71 -49.92
N GLU F 113 16.87 -23.94 -50.35
CA GLU F 113 16.43 -25.05 -51.22
C GLU F 113 17.05 -25.11 -52.61
N LEU F 114 17.53 -23.98 -53.10
CA LEU F 114 18.17 -24.02 -54.40
C LEU F 114 19.38 -24.96 -54.36
N SER F 115 19.31 -25.99 -55.19
CA SER F 115 20.38 -26.96 -55.38
C SER F 115 21.47 -26.43 -56.28
N ALA F 116 21.07 -25.72 -57.34
CA ALA F 116 21.98 -25.07 -58.29
C ALA F 116 22.60 -23.83 -57.66
N PRO F 117 23.75 -23.36 -58.17
CA PRO F 117 24.40 -22.18 -57.63
C PRO F 117 23.46 -20.96 -57.41
N LEU F 118 23.67 -20.23 -56.31
CA LEU F 118 23.01 -18.95 -56.07
C LEU F 118 24.08 -17.91 -55.93
N ILE F 119 23.96 -16.83 -56.70
CA ILE F 119 24.90 -15.72 -56.62
C ILE F 119 24.18 -14.43 -56.26
N GLU F 120 24.41 -13.96 -55.04
CA GLU F 120 23.84 -12.69 -54.59
C GLU F 120 24.66 -11.55 -55.17
N VAL F 121 23.95 -10.55 -55.69
CA VAL F 121 24.53 -9.38 -56.42
C VAL F 121 23.93 -8.08 -55.87
N HIS F 122 24.72 -7.03 -55.76
CA HIS F 122 24.18 -5.71 -55.35
C HIS F 122 24.93 -4.68 -56.13
N ILE F 123 24.22 -3.75 -56.77
CA ILE F 123 24.87 -2.78 -57.64
C ILE F 123 25.85 -1.87 -56.89
N SER F 124 25.42 -1.33 -55.75
CA SER F 124 26.25 -0.44 -54.93
C SER F 124 27.07 -1.23 -53.91
N ASN F 125 28.18 -0.65 -53.44
CA ASN F 125 28.99 -1.31 -52.41
C ASN F 125 28.31 -1.18 -51.05
N VAL F 126 27.64 -2.24 -50.64
CA VAL F 126 26.82 -2.19 -49.43
C VAL F 126 27.68 -1.98 -48.18
N HIS F 127 28.95 -2.34 -48.25
CA HIS F 127 29.81 -2.18 -47.09
C HIS F 127 30.19 -0.73 -46.84
N ALA F 128 30.14 0.09 -47.89
CA ALA F 128 30.44 1.54 -47.79
C ALA F 128 29.28 2.33 -47.17
N ARG F 129 28.22 1.63 -46.79
CA ARG F 129 26.98 2.31 -46.44
C ARG F 129 26.61 2.03 -44.99
N GLU F 130 25.33 2.24 -44.64
CA GLU F 130 24.85 2.11 -43.26
C GLU F 130 25.17 0.72 -42.72
N GLU F 131 25.39 0.67 -41.40
CA GLU F 131 25.73 -0.58 -40.77
C GLU F 131 24.69 -1.65 -41.09
N PHE F 132 23.40 -1.35 -41.02
CA PHE F 132 22.38 -2.40 -41.25
C PHE F 132 22.48 -3.08 -42.62
N ARG F 133 23.08 -2.38 -43.58
CA ARG F 133 23.29 -2.95 -44.92
C ARG F 133 24.49 -3.90 -44.95
N ARG F 134 25.28 -3.92 -43.89
CA ARG F 134 26.47 -4.77 -43.81
C ARG F 134 26.16 -6.22 -43.46
N HIS F 135 25.04 -6.48 -42.78
CA HIS F 135 24.58 -7.84 -42.57
C HIS F 135 23.63 -8.27 -43.71
N SER F 136 23.87 -9.45 -44.27
CA SER F 136 22.93 -10.07 -45.20
C SER F 136 22.49 -11.45 -44.74
N TYR F 137 21.18 -11.70 -44.79
CA TYR F 137 20.64 -13.00 -44.48
C TYR F 137 20.99 -13.98 -45.58
N LEU F 138 21.13 -13.46 -46.79
CA LEU F 138 21.32 -14.29 -47.96
C LEU F 138 22.73 -14.83 -48.10
N SER F 139 23.72 -13.94 -47.98
CA SER F 139 25.14 -14.25 -48.12
C SER F 139 25.62 -15.61 -47.57
N PRO F 140 25.19 -15.99 -46.33
CA PRO F 140 25.78 -17.23 -45.80
C PRO F 140 25.36 -18.54 -46.52
N ILE F 141 24.13 -18.60 -47.02
CA ILE F 141 23.65 -19.78 -47.78
C ILE F 141 23.81 -19.68 -49.30
N ALA F 142 24.42 -18.59 -49.77
CA ALA F 142 24.68 -18.37 -51.19
C ALA F 142 26.01 -18.98 -51.60
N THR F 143 26.16 -19.26 -52.88
CA THR F 143 27.41 -19.79 -53.41
C THR F 143 28.46 -18.71 -53.34
N GLY F 144 28.16 -17.59 -54.00
CA GLY F 144 29.05 -16.42 -54.06
C GLY F 144 28.33 -15.07 -53.97
N VAL F 145 29.09 -13.99 -53.72
CA VAL F 145 28.54 -12.63 -53.64
C VAL F 145 29.33 -11.62 -54.47
N ILE F 146 28.59 -10.83 -55.27
CA ILE F 146 29.18 -9.65 -55.94
C ILE F 146 28.53 -8.32 -55.55
N VAL F 147 29.40 -7.39 -55.20
CA VAL F 147 28.95 -6.17 -54.58
C VAL F 147 29.65 -4.92 -55.13
N GLY F 148 28.84 -3.91 -55.40
CA GLY F 148 29.35 -2.59 -55.74
C GLY F 148 30.18 -2.53 -57.00
N LEU F 149 29.97 -3.47 -57.91
CA LEU F 149 30.64 -3.41 -59.21
C LEU F 149 29.67 -2.88 -60.24
N GLY F 150 28.76 -2.06 -59.77
CA GLY F 150 27.68 -1.52 -60.58
C GLY F 150 26.88 -2.62 -61.20
N ILE F 151 26.45 -2.38 -62.43
CA ILE F 151 25.49 -3.24 -63.05
C ILE F 151 26.18 -4.39 -63.79
N GLN F 152 27.47 -4.21 -64.12
CA GLN F 152 28.25 -5.26 -64.80
C GLN F 152 28.40 -6.50 -63.90
N GLY F 153 28.14 -6.32 -62.59
CA GLY F 153 28.15 -7.41 -61.61
C GLY F 153 27.13 -8.48 -61.91
N TYR F 154 25.94 -8.09 -62.34
CA TYR F 154 24.97 -9.07 -62.83
C TYR F 154 25.61 -9.88 -63.95
N LEU F 155 26.37 -9.21 -64.81
CA LEU F 155 26.90 -9.85 -66.03
C LEU F 155 28.00 -10.84 -65.69
N LEU F 156 28.82 -10.44 -64.72
CA LEU F 156 29.90 -11.26 -64.21
C LEU F 156 29.35 -12.50 -63.53
N ALA F 157 28.24 -12.35 -62.81
CA ALA F 157 27.59 -13.50 -62.22
C ALA F 157 27.37 -14.59 -63.27
N LEU F 158 26.95 -14.17 -64.47
CA LEU F 158 26.72 -15.07 -65.60
C LEU F 158 27.98 -15.76 -66.08
N ARG F 159 29.05 -14.99 -66.20
CA ARG F 159 30.30 -15.56 -66.69
C ARG F 159 30.75 -16.71 -65.79
N TYR F 160 30.52 -16.55 -64.49
CA TYR F 160 30.83 -17.59 -63.50
C TYR F 160 29.96 -18.79 -63.74
N LEU F 161 28.67 -18.55 -63.91
CA LEU F 161 27.76 -19.63 -64.23
C LEU F 161 28.23 -20.25 -65.53
N ALA F 162 28.66 -19.41 -66.48
CA ALA F 162 29.18 -19.90 -67.77
C ALA F 162 30.20 -21.03 -67.57
N GLU F 163 31.15 -20.86 -66.64
CA GLU F 163 31.98 -22.00 -66.19
C GLU F 163 31.31 -23.10 -65.29
N HIS F 164 30.02 -22.95 -64.97
CA HIS F 164 29.28 -23.86 -64.04
C HIS F 164 29.74 -23.79 -62.57
N LEU G 24 -17.29 -25.16 -32.28
CA LEU G 24 -16.14 -24.21 -32.18
C LEU G 24 -15.25 -24.33 -33.41
N ILE G 25 -15.21 -23.27 -34.22
CA ILE G 25 -14.28 -23.20 -35.33
C ILE G 25 -12.89 -22.73 -34.87
N VAL G 26 -11.88 -23.49 -35.27
CA VAL G 26 -10.50 -23.18 -34.98
C VAL G 26 -9.72 -22.96 -36.25
N ASN G 27 -8.81 -21.99 -36.17
CA ASN G 27 -8.01 -21.61 -37.31
C ASN G 27 -6.58 -22.06 -37.30
N VAL G 28 -6.19 -22.75 -38.35
CA VAL G 28 -4.80 -23.14 -38.52
C VAL G 28 -4.20 -22.38 -39.70
N ILE G 29 -3.26 -21.50 -39.40
CA ILE G 29 -2.65 -20.68 -40.43
C ILE G 29 -1.17 -21.00 -40.49
N ASN G 30 -0.65 -21.11 -41.71
CA ASN G 30 0.76 -21.42 -41.93
C ASN G 30 1.34 -20.35 -42.79
N GLY G 31 2.52 -19.88 -42.44
CA GLY G 31 3.18 -18.85 -43.22
C GLY G 31 3.94 -19.39 -44.42
N PRO G 32 4.77 -18.53 -45.02
CA PRO G 32 5.65 -18.69 -46.18
C PRO G 32 6.43 -19.99 -46.20
N ASN G 33 6.72 -20.49 -47.39
CA ASN G 33 7.40 -21.79 -47.61
C ASN G 33 6.67 -23.05 -47.10
N LEU G 34 5.58 -22.87 -46.35
CA LEU G 34 4.92 -24.02 -45.73
C LEU G 34 4.04 -24.86 -46.68
N GLY G 35 3.78 -24.32 -47.87
CA GLY G 35 3.18 -25.09 -48.95
C GLY G 35 4.13 -26.15 -49.47
N ARG G 36 5.43 -25.96 -49.23
CA ARG G 36 6.45 -26.90 -49.66
C ARG G 36 6.66 -28.10 -48.73
N LEU G 37 5.69 -28.45 -47.88
CA LEU G 37 5.82 -29.64 -47.02
C LEU G 37 5.70 -30.94 -47.82
N GLY G 38 6.69 -31.84 -47.67
CA GLY G 38 6.85 -32.99 -48.57
C GLY G 38 8.29 -33.01 -49.07
N ARG G 39 8.64 -31.99 -49.84
CA ARG G 39 9.97 -31.40 -49.77
C ARG G 39 9.94 -30.56 -48.44
N ARG G 40 11.06 -30.15 -47.83
CA ARG G 40 12.43 -30.43 -48.21
C ARG G 40 13.11 -31.25 -47.12
N GLU G 41 14.35 -31.63 -47.40
CA GLU G 41 15.23 -32.32 -46.44
C GLU G 41 14.77 -33.74 -46.09
N PRO G 42 13.47 -34.04 -46.31
CA PRO G 42 12.66 -34.85 -45.41
C PRO G 42 13.25 -35.03 -44.00
N ALA G 43 14.21 -34.17 -43.64
CA ALA G 43 14.97 -34.32 -42.42
C ALA G 43 14.52 -33.38 -41.32
N VAL G 44 13.59 -32.48 -41.63
CA VAL G 44 13.45 -31.31 -40.78
C VAL G 44 12.29 -31.09 -39.76
N TYR G 45 10.99 -30.92 -40.07
CA TYR G 45 10.13 -31.07 -41.29
C TYR G 45 9.37 -32.41 -41.46
N GLY G 46 10.05 -33.48 -41.84
CA GLY G 46 9.38 -34.78 -41.93
C GLY G 46 8.79 -35.08 -43.29
N GLY G 47 7.85 -36.02 -43.32
CA GLY G 47 7.38 -36.57 -44.58
C GLY G 47 6.12 -35.97 -45.14
N THR G 48 5.18 -35.64 -44.26
CA THR G 48 3.81 -35.22 -44.62
C THR G 48 3.73 -33.95 -45.52
N THR G 49 2.95 -34.01 -46.60
CA THR G 49 2.75 -32.80 -47.43
C THR G 49 1.71 -31.96 -46.74
N HIS G 50 1.65 -30.69 -47.16
CA HIS G 50 0.71 -29.76 -46.61
C HIS G 50 -0.71 -30.32 -46.67
N ASP G 51 -1.04 -30.88 -47.83
CA ASP G 51 -2.33 -31.51 -48.05
C ASP G 51 -2.65 -32.53 -47.00
N GLU G 52 -1.73 -33.48 -46.79
CA GLU G 52 -1.99 -34.54 -45.81
C GLU G 52 -2.16 -33.91 -44.42
N LEU G 53 -1.34 -32.90 -44.12
CA LEU G 53 -1.42 -32.23 -42.82
C LEU G 53 -2.79 -31.61 -42.62
N VAL G 54 -3.19 -30.86 -43.64
CA VAL G 54 -4.54 -30.32 -43.68
C VAL G 54 -5.55 -31.44 -43.39
N ALA G 55 -5.36 -32.59 -44.05
CA ALA G 55 -6.28 -33.73 -43.91
C ALA G 55 -6.20 -34.36 -42.54
N LEU G 56 -4.98 -34.42 -41.98
CA LEU G 56 -4.75 -34.92 -40.63
C LEU G 56 -5.38 -34.07 -39.54
N ILE G 57 -5.24 -32.76 -39.70
CA ILE G 57 -5.81 -31.82 -38.74
C ILE G 57 -7.34 -31.94 -38.69
N GLU G 58 -7.99 -31.88 -39.86
CA GLU G 58 -9.45 -32.04 -39.96
C GLU G 58 -9.93 -33.35 -39.33
N ARG G 59 -9.24 -34.44 -39.63
CA ARG G 59 -9.55 -35.72 -39.01
C ARG G 59 -9.54 -35.59 -37.48
N GLU G 60 -8.43 -35.11 -36.91
CA GLU G 60 -8.28 -34.96 -35.46
C GLU G 60 -9.25 -33.97 -34.83
N ALA G 61 -9.57 -32.91 -35.57
CA ALA G 61 -10.46 -31.87 -35.07
C ALA G 61 -11.88 -32.42 -34.92
N ALA G 62 -12.38 -33.07 -35.97
CA ALA G 62 -13.69 -33.76 -35.88
C ALA G 62 -13.64 -34.77 -34.76
N GLU G 63 -12.69 -35.70 -34.82
CA GLU G 63 -12.45 -36.66 -33.73
C GLU G 63 -12.50 -36.02 -32.31
N LEU G 64 -12.09 -34.77 -32.21
CA LEU G 64 -12.09 -34.03 -30.95
C LEU G 64 -13.33 -33.17 -30.76
N GLY G 65 -14.18 -33.18 -31.79
CA GLY G 65 -15.40 -32.39 -31.79
C GLY G 65 -15.23 -30.89 -32.06
N LEU G 66 -14.48 -30.53 -33.11
CA LEU G 66 -14.32 -29.14 -33.55
C LEU G 66 -14.04 -29.10 -35.03
N LYS G 67 -14.40 -27.96 -35.65
CA LYS G 67 -14.19 -27.73 -37.07
C LYS G 67 -12.93 -26.89 -37.26
N ALA G 68 -12.07 -27.32 -38.19
CA ALA G 68 -10.78 -26.70 -38.41
C ALA G 68 -10.60 -26.19 -39.82
N VAL G 69 -10.02 -25.00 -39.94
CA VAL G 69 -9.81 -24.40 -41.24
C VAL G 69 -8.33 -24.17 -41.40
N VAL G 70 -7.68 -24.99 -42.22
CA VAL G 70 -6.26 -24.82 -42.43
C VAL G 70 -5.88 -24.12 -43.74
N ARG G 71 -5.25 -22.96 -43.60
CA ARG G 71 -4.85 -22.16 -44.73
C ARG G 71 -3.37 -21.85 -44.62
N GLN G 72 -2.73 -21.77 -45.77
CA GLN G 72 -1.34 -21.40 -45.87
C GLN G 72 -1.24 -20.28 -46.91
N SER G 73 -0.30 -19.36 -46.69
CA SER G 73 0.06 -18.38 -47.70
C SER G 73 1.51 -17.94 -47.50
N ASP G 74 2.15 -17.54 -48.59
CA ASP G 74 3.49 -16.94 -48.52
C ASP G 74 3.38 -15.44 -48.39
N SER G 75 2.17 -14.91 -48.21
CA SER G 75 1.92 -13.47 -48.23
C SER G 75 1.51 -12.92 -46.88
N GLU G 76 2.27 -11.93 -46.42
CA GLU G 76 2.01 -11.32 -45.13
C GLU G 76 0.61 -10.72 -45.06
N ALA G 77 0.24 -9.90 -46.05
CA ALA G 77 -1.06 -9.24 -46.03
C ALA G 77 -2.17 -10.30 -46.00
N GLN G 78 -2.02 -11.33 -46.85
CA GLN G 78 -2.92 -12.48 -46.79
C GLN G 78 -3.03 -13.06 -45.37
N LEU G 79 -1.91 -13.25 -44.68
CA LEU G 79 -1.97 -13.78 -43.30
C LEU G 79 -2.61 -12.81 -42.32
N LEU G 80 -2.34 -11.52 -42.51
CA LEU G 80 -2.95 -10.47 -41.68
C LEU G 80 -4.49 -10.44 -41.75
N ASP G 81 -5.04 -10.71 -42.93
CA ASP G 81 -6.47 -10.71 -43.12
C ASP G 81 -7.12 -11.89 -42.44
N TRP G 82 -6.52 -13.07 -42.66
CA TRP G 82 -6.96 -14.28 -41.97
C TRP G 82 -6.99 -14.10 -40.47
N ILE G 83 -6.09 -13.26 -39.94
CA ILE G 83 -6.03 -13.02 -38.49
C ILE G 83 -7.14 -12.05 -38.08
N HIS G 84 -7.30 -10.98 -38.86
CA HIS G 84 -8.35 -9.99 -38.59
C HIS G 84 -9.71 -10.68 -38.47
N GLN G 85 -10.00 -11.56 -39.42
CA GLN G 85 -11.27 -12.26 -39.44
C GLN G 85 -11.39 -13.10 -38.18
N ALA G 86 -10.31 -13.74 -37.74
CA ALA G 86 -10.37 -14.49 -36.49
C ALA G 86 -10.58 -13.59 -35.27
N ALA G 87 -9.99 -12.40 -35.28
CA ALA G 87 -10.31 -11.43 -34.23
C ALA G 87 -11.79 -11.06 -34.25
N ASP G 88 -12.30 -10.63 -35.40
CA ASP G 88 -13.74 -10.32 -35.61
C ASP G 88 -14.68 -11.43 -35.12
N ALA G 89 -14.28 -12.68 -35.38
CA ALA G 89 -15.10 -13.85 -35.06
C ALA G 89 -14.79 -14.50 -33.69
N ALA G 90 -13.79 -14.01 -32.95
CA ALA G 90 -13.42 -14.60 -31.65
C ALA G 90 -13.04 -16.09 -31.76
N GLU G 91 -12.24 -16.39 -32.77
CA GLU G 91 -11.79 -17.73 -33.05
C GLU G 91 -10.35 -17.88 -32.57
N PRO G 92 -10.03 -19.04 -31.97
CA PRO G 92 -8.63 -19.28 -31.62
C PRO G 92 -7.79 -19.47 -32.89
N VAL G 93 -6.48 -19.29 -32.78
CA VAL G 93 -5.60 -19.50 -33.92
C VAL G 93 -4.48 -20.38 -33.43
N ILE G 94 -4.09 -21.32 -34.28
CA ILE G 94 -2.84 -22.06 -34.11
C ILE G 94 -2.01 -21.53 -35.23
N LEU G 95 -0.85 -20.96 -34.91
CA LEU G 95 -0.10 -20.25 -35.95
C LEU G 95 1.33 -20.72 -36.09
N ASN G 96 1.70 -21.10 -37.30
CA ASN G 96 3.09 -21.29 -37.65
C ASN G 96 3.42 -20.31 -38.75
N ALA G 97 4.11 -19.22 -38.42
CA ALA G 97 4.32 -18.16 -39.40
C ALA G 97 5.60 -18.30 -40.24
N GLY G 98 6.27 -19.44 -40.16
CA GLY G 98 7.60 -19.54 -40.76
C GLY G 98 8.52 -18.44 -40.25
N GLY G 99 9.39 -17.97 -41.14
CA GLY G 99 10.28 -16.86 -40.81
C GLY G 99 9.54 -15.72 -40.11
N LEU G 100 8.33 -15.38 -40.58
CA LEU G 100 7.62 -14.17 -40.11
C LEU G 100 7.58 -14.03 -38.55
N THR G 101 7.69 -15.18 -37.89
CA THR G 101 7.76 -15.26 -36.45
C THR G 101 8.79 -14.27 -35.95
N HIS G 102 9.95 -14.28 -36.60
CA HIS G 102 11.14 -13.54 -36.22
C HIS G 102 11.36 -12.19 -36.88
N THR G 103 10.33 -11.59 -37.47
CA THR G 103 10.55 -10.44 -38.35
C THR G 103 9.40 -9.47 -38.48
N SER G 104 8.17 -9.93 -38.24
CA SER G 104 7.02 -9.08 -38.52
C SER G 104 6.31 -8.47 -37.29
N VAL G 105 6.40 -7.15 -37.13
CA VAL G 105 5.64 -6.49 -36.07
C VAL G 105 4.15 -6.45 -36.43
N ALA G 106 3.87 -6.31 -37.73
CA ALA G 106 2.52 -6.30 -38.28
C ALA G 106 1.70 -7.50 -37.81
N LEU G 107 2.30 -8.67 -37.96
CA LEU G 107 1.66 -9.93 -37.61
C LEU G 107 1.41 -10.05 -36.11
N ARG G 108 2.45 -9.76 -35.33
CA ARG G 108 2.30 -9.70 -33.90
C ARG G 108 1.20 -8.72 -33.51
N ASP G 109 1.28 -7.49 -34.01
CA ASP G 109 0.25 -6.51 -33.71
C ASP G 109 -1.11 -7.13 -33.99
N ALA G 110 -1.31 -7.61 -35.22
CA ALA G 110 -2.55 -8.27 -35.61
C ALA G 110 -2.99 -9.40 -34.66
N CYS G 111 -2.10 -10.34 -34.34
CA CYS G 111 -2.45 -11.41 -33.37
C CYS G 111 -2.84 -10.90 -31.97
N ALA G 112 -2.20 -9.83 -31.52
CA ALA G 112 -2.53 -9.21 -30.22
C ALA G 112 -4.00 -8.76 -30.12
N GLU G 113 -4.68 -8.56 -31.24
CA GLU G 113 -6.11 -8.30 -31.19
C GLU G 113 -6.98 -9.57 -30.90
N LEU G 114 -6.45 -10.78 -31.11
CA LEU G 114 -7.21 -12.04 -30.84
C LEU G 114 -7.64 -12.17 -29.39
N SER G 115 -8.96 -12.16 -29.18
CA SER G 115 -9.50 -12.31 -27.84
C SER G 115 -9.39 -13.75 -27.43
N ALA G 116 -9.55 -14.69 -28.37
CA ALA G 116 -9.47 -16.14 -28.04
C ALA G 116 -8.01 -16.58 -27.84
N PRO G 117 -7.76 -17.88 -27.55
CA PRO G 117 -6.35 -18.28 -27.38
C PRO G 117 -5.56 -18.32 -28.70
N LEU G 118 -4.26 -18.06 -28.59
CA LEU G 118 -3.40 -18.15 -29.73
C LEU G 118 -2.29 -19.09 -29.35
N ILE G 119 -2.05 -20.10 -30.19
CA ILE G 119 -0.98 -21.04 -29.96
C ILE G 119 0.00 -21.04 -31.10
N GLU G 120 1.22 -20.63 -30.82
CA GLU G 120 2.29 -20.68 -31.81
C GLU G 120 2.82 -22.10 -31.92
N VAL G 121 2.93 -22.59 -33.15
CA VAL G 121 3.48 -23.94 -33.33
C VAL G 121 4.64 -23.88 -34.29
N HIS G 122 5.75 -24.51 -33.95
CA HIS G 122 6.76 -24.78 -34.99
C HIS G 122 7.09 -26.27 -35.11
N ILE G 123 7.30 -26.72 -36.34
CA ILE G 123 7.55 -28.14 -36.61
C ILE G 123 8.92 -28.57 -36.08
N SER G 124 9.93 -27.73 -36.30
CA SER G 124 11.33 -28.01 -35.95
C SER G 124 11.74 -27.35 -34.63
N ASN G 125 12.93 -27.66 -34.11
CA ASN G 125 13.33 -27.11 -32.83
C ASN G 125 14.14 -25.87 -33.08
N VAL G 126 13.45 -24.74 -32.99
CA VAL G 126 14.00 -23.43 -33.31
C VAL G 126 15.06 -22.94 -32.33
N HIS G 127 15.30 -23.71 -31.28
CA HIS G 127 16.22 -23.27 -30.24
C HIS G 127 17.56 -23.97 -30.44
N ALA G 128 17.55 -24.96 -31.32
CA ALA G 128 18.72 -25.72 -31.75
C ALA G 128 19.20 -25.25 -33.13
N ARG G 129 18.47 -24.30 -33.72
CA ARG G 129 18.83 -23.77 -35.04
C ARG G 129 19.50 -22.40 -34.92
N GLU G 130 19.55 -21.63 -36.01
CA GLU G 130 20.30 -20.37 -36.04
C GLU G 130 19.87 -19.40 -34.98
N GLU G 131 20.84 -18.78 -34.30
CA GLU G 131 20.53 -17.80 -33.27
C GLU G 131 19.34 -16.88 -33.66
N PHE G 132 19.24 -16.49 -34.94
CA PHE G 132 18.16 -15.57 -35.32
C PHE G 132 16.74 -16.15 -35.19
N ARG G 133 16.66 -17.47 -35.05
CA ARG G 133 15.36 -18.13 -34.89
C ARG G 133 14.95 -18.29 -33.44
N ARG G 134 15.86 -17.98 -32.51
CA ARG G 134 15.55 -18.16 -31.08
C ARG G 134 14.68 -17.05 -30.46
N HIS G 135 14.37 -16.03 -31.28
N HIS G 135 14.33 -16.05 -31.26
CA HIS G 135 13.55 -14.88 -30.90
CA HIS G 135 13.48 -14.99 -30.77
C HIS G 135 12.27 -14.86 -31.74
C HIS G 135 12.30 -14.76 -31.68
N SER G 136 11.13 -14.77 -31.06
CA SER G 136 9.86 -14.67 -31.73
C SER G 136 9.16 -13.39 -31.26
N TYR G 137 8.52 -12.69 -32.18
CA TYR G 137 7.72 -11.51 -31.89
C TYR G 137 6.36 -11.88 -31.39
N LEU G 138 6.00 -13.15 -31.60
CA LEU G 138 4.68 -13.70 -31.31
C LEU G 138 4.66 -14.37 -29.94
N SER G 139 5.70 -15.14 -29.65
CA SER G 139 5.81 -15.85 -28.38
C SER G 139 5.30 -15.04 -27.20
N PRO G 140 5.81 -13.81 -26.99
CA PRO G 140 5.35 -13.10 -25.79
C PRO G 140 3.86 -12.76 -25.75
N ILE G 141 3.18 -12.68 -26.89
CA ILE G 141 1.72 -12.41 -26.85
C ILE G 141 0.81 -13.63 -27.10
N ALA G 142 1.43 -14.76 -27.43
CA ALA G 142 0.74 -16.03 -27.59
C ALA G 142 0.23 -16.53 -26.24
N THR G 143 -0.67 -17.50 -26.24
CA THR G 143 -1.11 -18.19 -25.00
C THR G 143 -0.04 -19.21 -24.63
N GLY G 144 0.37 -19.97 -25.63
CA GLY G 144 1.36 -21.02 -25.47
C GLY G 144 2.15 -21.25 -26.73
N VAL G 145 3.11 -22.14 -26.63
CA VAL G 145 4.01 -22.41 -27.74
C VAL G 145 4.47 -23.85 -27.63
N ILE G 146 4.48 -24.53 -28.78
CA ILE G 146 4.98 -25.90 -28.97
C ILE G 146 5.93 -25.91 -30.14
N VAL G 147 7.08 -26.51 -29.94
CA VAL G 147 8.18 -26.39 -30.89
C VAL G 147 8.89 -27.73 -31.05
N GLY G 148 9.43 -27.99 -32.23
CA GLY G 148 10.22 -29.21 -32.46
C GLY G 148 9.49 -30.53 -32.29
N LEU G 149 8.17 -30.52 -32.19
CA LEU G 149 7.46 -31.77 -31.98
C LEU G 149 6.85 -32.33 -33.28
N GLY G 150 7.38 -31.84 -34.40
CA GLY G 150 6.86 -32.17 -35.71
C GLY G 150 5.41 -31.77 -35.92
N ILE G 151 4.91 -32.16 -37.06
CA ILE G 151 3.50 -32.16 -37.41
C ILE G 151 2.59 -32.49 -36.19
N GLN G 152 2.97 -33.44 -35.33
CA GLN G 152 2.20 -33.74 -34.11
C GLN G 152 1.82 -32.50 -33.29
N GLY G 153 2.67 -31.48 -33.34
CA GLY G 153 2.43 -30.23 -32.64
C GLY G 153 1.08 -29.57 -32.86
N TYR G 154 0.66 -29.50 -34.13
CA TYR G 154 -0.67 -28.97 -34.47
C TYR G 154 -1.76 -29.76 -33.76
N LEU G 155 -1.58 -31.07 -33.63
CA LEU G 155 -2.65 -31.90 -33.09
C LEU G 155 -2.68 -31.84 -31.56
N LEU G 156 -1.53 -31.49 -30.96
CA LEU G 156 -1.45 -31.24 -29.53
C LEU G 156 -2.03 -29.88 -29.19
N ALA G 157 -1.82 -28.93 -30.11
CA ALA G 157 -2.40 -27.58 -30.01
C ALA G 157 -3.91 -27.73 -30.02
N LEU G 158 -4.40 -28.34 -31.10
CA LEU G 158 -5.79 -28.77 -31.22
C LEU G 158 -6.35 -29.29 -29.90
N ARG G 159 -5.71 -30.32 -29.33
CA ARG G 159 -6.15 -30.89 -28.04
C ARG G 159 -6.18 -29.85 -26.92
N TYR G 160 -5.20 -28.95 -26.90
CA TYR G 160 -5.21 -27.93 -25.87
C TYR G 160 -6.50 -27.12 -26.02
N LEU G 161 -6.76 -26.66 -27.24
CA LEU G 161 -7.95 -25.84 -27.52
C LEU G 161 -9.26 -26.47 -27.09
N ALA G 162 -9.38 -27.79 -27.31
CA ALA G 162 -10.61 -28.52 -26.99
C ALA G 162 -10.91 -28.61 -25.51
N GLU G 163 -9.87 -28.64 -24.67
CA GLU G 163 -10.04 -28.50 -23.22
C GLU G 163 -9.94 -27.06 -22.71
N HIS G 164 -9.39 -26.17 -23.56
CA HIS G 164 -9.15 -24.73 -23.26
C HIS G 164 -7.84 -24.41 -22.50
N LEU H 24 45.47 38.49 -29.31
CA LEU H 24 44.41 37.43 -29.24
C LEU H 24 44.28 36.89 -27.82
N ILE H 25 43.02 36.85 -27.35
CA ILE H 25 42.61 36.31 -26.06
C ILE H 25 42.37 34.82 -26.24
N VAL H 26 42.72 34.03 -25.24
CA VAL H 26 42.54 32.59 -25.28
C VAL H 26 41.96 32.15 -23.95
N ASN H 27 40.73 31.62 -23.95
CA ASN H 27 40.05 31.20 -22.72
C ASN H 27 40.48 29.79 -22.29
N VAL H 28 40.97 29.66 -21.06
CA VAL H 28 41.14 28.36 -20.40
C VAL H 28 40.09 28.15 -19.32
N ILE H 29 39.25 27.13 -19.51
CA ILE H 29 38.08 26.88 -18.68
C ILE H 29 38.12 25.49 -18.02
N ASN H 30 38.10 25.49 -16.69
CA ASN H 30 38.18 24.29 -15.87
C ASN H 30 36.89 24.01 -15.11
N GLY H 31 36.50 22.74 -15.15
CA GLY H 31 35.19 22.30 -14.70
C GLY H 31 35.24 21.76 -13.30
N PRO H 32 34.18 21.03 -12.92
CA PRO H 32 33.94 20.53 -11.58
C PRO H 32 35.18 20.05 -10.82
N ASN H 33 35.26 20.34 -9.53
CA ASN H 33 36.34 19.84 -8.67
C ASN H 33 37.77 20.41 -8.95
N LEU H 34 37.93 21.17 -10.07
CA LEU H 34 39.29 21.59 -10.50
C LEU H 34 39.86 22.77 -9.70
N GLY H 35 38.98 23.39 -8.91
CA GLY H 35 39.36 24.47 -8.04
C GLY H 35 39.98 23.93 -6.77
N ARG H 36 40.13 22.61 -6.70
CA ARG H 36 40.70 21.96 -5.53
C ARG H 36 42.00 21.27 -5.89
N LEU H 37 42.51 21.61 -7.08
CA LEU H 37 43.80 21.20 -7.57
C LEU H 37 44.96 21.54 -6.62
N GLY H 38 45.89 20.59 -6.48
CA GLY H 38 47.04 20.71 -5.58
C GLY H 38 46.77 20.31 -4.13
N ARG H 39 45.75 20.91 -3.50
CA ARG H 39 45.33 20.56 -2.15
C ARG H 39 44.79 19.13 -2.05
N ARG H 40 44.34 18.60 -3.19
CA ARG H 40 43.80 17.26 -3.27
C ARG H 40 44.45 16.50 -4.38
N GLU H 41 44.59 15.19 -4.18
CA GLU H 41 44.99 14.29 -5.26
C GLU H 41 46.31 14.71 -5.95
N PRO H 42 47.35 15.08 -5.16
CA PRO H 42 48.62 15.58 -5.76
C PRO H 42 49.35 14.51 -6.59
N ALA H 43 49.16 13.25 -6.19
CA ALA H 43 49.74 12.10 -6.86
C ALA H 43 48.99 11.82 -8.15
N VAL H 44 47.77 12.34 -8.27
CA VAL H 44 47.05 12.15 -9.51
C VAL H 44 47.14 13.40 -10.40
N TYR H 45 47.01 14.59 -9.82
CA TYR H 45 46.95 15.79 -10.65
C TYR H 45 48.10 16.79 -10.47
N GLY H 46 49.15 16.38 -9.79
CA GLY H 46 50.28 17.25 -9.55
C GLY H 46 50.05 18.13 -8.34
N GLY H 47 51.12 18.78 -7.88
CA GLY H 47 51.00 19.68 -6.72
C GLY H 47 50.74 21.17 -6.98
N THR H 48 50.69 21.60 -8.24
CA THR H 48 50.41 23.00 -8.56
C THR H 48 48.95 23.31 -8.29
N THR H 49 48.69 24.39 -7.57
CA THR H 49 47.30 24.73 -7.22
C THR H 49 46.65 25.47 -8.35
N HIS H 50 45.35 25.69 -8.21
CA HIS H 50 44.63 26.28 -9.32
C HIS H 50 44.87 27.77 -9.35
N ASP H 51 44.90 28.41 -8.17
CA ASP H 51 45.29 29.83 -8.07
C ASP H 51 46.61 29.92 -8.81
N GLU H 52 47.45 28.91 -8.62
CA GLU H 52 48.81 28.88 -9.18
C GLU H 52 48.84 28.55 -10.66
N LEU H 53 47.86 27.75 -11.08
CA LEU H 53 47.67 27.42 -12.49
C LEU H 53 47.40 28.64 -13.35
N VAL H 54 46.38 29.40 -12.96
CA VAL H 54 46.09 30.71 -13.54
C VAL H 54 47.37 31.52 -13.77
N ALA H 55 48.13 31.80 -12.72
CA ALA H 55 49.31 32.65 -12.85
C ALA H 55 50.32 32.12 -13.87
N LEU H 56 50.61 30.83 -13.74
CA LEU H 56 51.51 30.09 -14.61
C LEU H 56 51.07 30.16 -16.09
N ILE H 57 49.77 30.15 -16.32
CA ILE H 57 49.29 30.18 -17.70
C ILE H 57 49.26 31.63 -18.17
N GLU H 58 48.77 32.53 -17.32
CA GLU H 58 48.81 33.97 -17.63
C GLU H 58 50.24 34.37 -18.05
N ARG H 59 51.22 34.02 -17.23
CA ARG H 59 52.64 34.34 -17.48
C ARG H 59 53.09 33.83 -18.84
N GLU H 60 52.62 32.63 -19.21
CA GLU H 60 53.11 31.96 -20.41
C GLU H 60 52.41 32.41 -21.68
N ALA H 61 51.14 32.81 -21.57
CA ALA H 61 50.48 33.39 -22.73
C ALA H 61 51.18 34.70 -23.03
N ALA H 62 51.35 35.53 -22.00
CA ALA H 62 52.07 36.80 -22.17
C ALA H 62 53.34 36.59 -22.98
N GLU H 63 54.16 35.62 -22.55
CA GLU H 63 55.48 35.35 -23.16
C GLU H 63 55.31 34.90 -24.58
N LEU H 64 54.13 34.38 -24.88
CA LEU H 64 53.87 33.88 -26.23
C LEU H 64 53.20 34.95 -27.09
N GLY H 65 52.90 36.11 -26.51
CA GLY H 65 52.20 37.20 -27.23
C GLY H 65 50.70 37.00 -27.25
N LEU H 66 50.22 36.12 -26.36
CA LEU H 66 48.80 35.85 -26.20
C LEU H 66 48.35 36.44 -24.89
N LYS H 67 47.05 36.62 -24.71
CA LYS H 67 46.51 36.91 -23.39
C LYS H 67 45.52 35.84 -22.97
N ALA H 68 45.64 35.27 -21.77
CA ALA H 68 44.74 34.18 -21.35
C ALA H 68 43.79 34.49 -20.19
N VAL H 69 42.51 34.20 -20.38
CA VAL H 69 41.49 34.28 -19.32
C VAL H 69 41.25 32.83 -18.83
N VAL H 70 41.78 32.53 -17.63
CA VAL H 70 41.69 31.22 -17.00
C VAL H 70 40.61 31.28 -15.92
N ARG H 71 39.60 30.41 -16.02
CA ARG H 71 38.49 30.48 -15.07
C ARG H 71 38.08 29.05 -14.69
N GLN H 72 37.41 28.90 -13.57
CA GLN H 72 37.02 27.56 -13.12
C GLN H 72 35.63 27.57 -12.46
N SER H 73 34.82 26.55 -12.69
CA SER H 73 33.53 26.47 -12.03
C SER H 73 33.11 25.04 -11.82
N ASP H 74 32.31 24.87 -10.76
CA ASP H 74 31.66 23.62 -10.36
C ASP H 74 30.24 23.55 -10.96
N SER H 75 29.76 24.70 -11.44
CA SER H 75 28.45 24.82 -12.11
C SER H 75 28.52 24.72 -13.65
N GLU H 76 27.82 23.74 -14.21
CA GLU H 76 27.69 23.54 -15.66
C GLU H 76 27.14 24.82 -16.36
N ALA H 77 26.11 25.43 -15.78
CA ALA H 77 25.51 26.65 -16.31
C ALA H 77 26.55 27.76 -16.48
N GLN H 78 27.41 27.94 -15.48
CA GLN H 78 28.50 28.89 -15.63
C GLN H 78 29.39 28.52 -16.80
N LEU H 79 29.71 27.24 -16.95
CA LEU H 79 30.65 26.81 -17.99
C LEU H 79 30.12 27.12 -19.38
N LEU H 80 28.84 26.83 -19.56
CA LEU H 80 28.14 27.16 -20.79
C LEU H 80 28.14 28.66 -21.11
N ASP H 81 27.98 29.48 -20.07
CA ASP H 81 27.99 30.92 -20.26
C ASP H 81 29.32 31.40 -20.75
N TRP H 82 30.41 30.88 -20.19
CA TRP H 82 31.76 31.25 -20.60
C TRP H 82 32.03 30.74 -22.00
N ILE H 83 31.52 29.57 -22.31
CA ILE H 83 31.65 29.06 -23.66
C ILE H 83 30.87 29.94 -24.68
N HIS H 84 29.60 30.27 -24.41
CA HIS H 84 28.94 31.25 -25.29
C HIS H 84 29.79 32.53 -25.47
N GLN H 85 30.31 33.07 -24.37
CA GLN H 85 31.14 34.28 -24.44
C GLN H 85 32.31 34.13 -25.42
N ALA H 86 33.00 32.99 -25.36
CA ALA H 86 34.09 32.75 -26.28
C ALA H 86 33.61 32.55 -27.70
N ALA H 87 32.54 31.77 -27.88
CA ALA H 87 31.98 31.56 -29.20
C ALA H 87 31.63 32.89 -29.85
N ASP H 88 31.14 33.83 -29.03
CA ASP H 88 30.76 35.18 -29.46
C ASP H 88 31.93 36.12 -29.75
N ALA H 89 33.07 35.85 -29.15
CA ALA H 89 34.20 36.71 -29.37
C ALA H 89 35.11 36.18 -30.46
N ALA H 90 34.74 35.04 -31.05
CA ALA H 90 35.68 34.27 -31.85
C ALA H 90 36.96 33.90 -31.11
N GLU H 91 36.86 33.54 -29.83
CA GLU H 91 38.09 33.24 -29.08
C GLU H 91 38.35 31.73 -29.01
N PRO H 92 39.62 31.30 -29.09
CA PRO H 92 39.89 29.88 -28.88
C PRO H 92 39.60 29.52 -27.43
N VAL H 93 39.63 28.22 -27.13
CA VAL H 93 39.30 27.72 -25.83
C VAL H 93 40.06 26.42 -25.51
N ILE H 94 40.82 26.46 -24.42
CA ILE H 94 41.41 25.28 -23.84
C ILE H 94 40.48 24.80 -22.74
N LEU H 95 39.81 23.66 -22.92
CA LEU H 95 38.83 23.22 -21.93
C LEU H 95 39.19 21.93 -21.20
N ASN H 96 39.08 21.96 -19.88
CA ASN H 96 39.18 20.72 -19.07
C ASN H 96 37.93 20.67 -18.23
N ALA H 97 36.95 19.94 -18.76
CA ALA H 97 35.63 19.84 -18.16
C ALA H 97 35.58 18.90 -16.96
N GLY H 98 36.72 18.37 -16.52
CA GLY H 98 36.68 17.35 -15.48
C GLY H 98 35.76 16.21 -15.91
N GLY H 99 34.78 15.88 -15.07
CA GLY H 99 33.95 14.73 -15.35
C GLY H 99 32.85 14.95 -16.35
N LEU H 100 32.52 16.22 -16.56
CA LEU H 100 31.48 16.60 -17.52
C LEU H 100 31.77 16.14 -18.95
N THR H 101 33.06 16.07 -19.27
CA THR H 101 33.55 15.58 -20.54
C THR H 101 32.75 14.37 -21.02
N HIS H 102 32.52 13.42 -20.11
CA HIS H 102 31.83 12.19 -20.46
C HIS H 102 30.37 12.14 -20.09
N THR H 103 29.77 13.29 -19.76
CA THR H 103 28.35 13.27 -19.37
C THR H 103 27.49 14.35 -19.96
N SER H 104 28.05 15.50 -20.26
CA SER H 104 27.22 16.61 -20.68
C SER H 104 27.08 16.73 -22.18
N VAL H 105 25.93 16.35 -22.72
CA VAL H 105 25.68 16.67 -24.09
C VAL H 105 25.61 18.18 -24.22
N ALA H 106 25.10 18.82 -23.16
CA ALA H 106 24.87 20.28 -23.11
C ALA H 106 26.16 21.06 -23.36
N LEU H 107 27.25 20.53 -22.81
CA LEU H 107 28.56 21.12 -22.93
C LEU H 107 29.05 21.01 -24.33
N ARG H 108 28.91 19.82 -24.90
CA ARG H 108 29.42 19.59 -26.23
C ARG H 108 28.70 20.48 -27.27
N ASP H 109 27.39 20.57 -27.15
CA ASP H 109 26.63 21.46 -28.00
C ASP H 109 27.13 22.89 -27.93
N ALA H 110 27.60 23.32 -26.75
CA ALA H 110 28.04 24.69 -26.61
C ALA H 110 29.36 24.94 -27.33
N CYS H 111 30.25 23.97 -27.27
CA CYS H 111 31.59 24.08 -27.85
C CYS H 111 31.58 23.92 -29.34
N ALA H 112 30.53 23.27 -29.85
CA ALA H 112 30.31 23.13 -31.30
C ALA H 112 30.14 24.46 -32.06
N GLU H 113 29.62 25.50 -31.40
CA GLU H 113 29.64 26.87 -31.95
C GLU H 113 31.05 27.45 -32.21
N LEU H 114 32.10 26.89 -31.63
CA LEU H 114 33.36 27.64 -31.60
C LEU H 114 34.05 27.68 -32.95
N SER H 115 34.17 28.87 -33.51
CA SER H 115 34.87 29.05 -34.78
C SER H 115 36.35 28.85 -34.57
N ALA H 116 36.92 29.60 -33.65
CA ALA H 116 38.31 29.42 -33.29
C ALA H 116 38.57 27.99 -32.75
N PRO H 117 39.83 27.54 -32.79
CA PRO H 117 40.12 26.16 -32.36
C PRO H 117 39.69 25.83 -30.91
N LEU H 118 39.52 24.54 -30.61
CA LEU H 118 39.15 24.04 -29.29
C LEU H 118 40.09 22.91 -28.88
N ILE H 119 40.78 23.06 -27.75
CA ILE H 119 41.68 22.03 -27.30
C ILE H 119 41.24 21.51 -25.93
N GLU H 120 40.89 20.24 -25.90
CA GLU H 120 40.56 19.55 -24.68
C GLU H 120 41.88 19.21 -23.99
N VAL H 121 41.96 19.48 -22.70
CA VAL H 121 43.10 19.09 -21.90
C VAL H 121 42.66 18.32 -20.68
N HIS H 122 43.43 17.30 -20.32
CA HIS H 122 43.25 16.62 -19.03
C HIS H 122 44.62 16.35 -18.44
N ILE H 123 44.82 16.80 -17.22
CA ILE H 123 46.07 16.57 -16.53
C ILE H 123 46.42 15.10 -16.44
N SER H 124 45.44 14.26 -16.10
CA SER H 124 45.70 12.82 -15.95
C SER H 124 45.49 12.11 -17.25
N ASN H 125 46.02 10.89 -17.32
CA ASN H 125 45.91 10.05 -18.50
C ASN H 125 44.59 9.28 -18.47
N VAL H 126 43.52 9.96 -18.86
CA VAL H 126 42.17 9.42 -18.81
C VAL H 126 42.12 7.94 -19.26
N HIS H 127 43.03 7.54 -20.16
CA HIS H 127 42.98 6.20 -20.76
C HIS H 127 43.60 5.08 -19.93
N ALA H 128 44.29 5.44 -18.87
CA ALA H 128 44.86 4.46 -17.97
C ALA H 128 44.01 4.39 -16.71
N ARG H 129 42.82 4.97 -16.77
CA ARG H 129 41.95 5.14 -15.61
C ARG H 129 40.64 4.39 -15.82
N GLU H 130 39.59 4.67 -15.05
CA GLU H 130 38.36 3.87 -15.19
C GLU H 130 37.92 3.76 -16.64
N GLU H 131 37.07 2.80 -16.87
CA GLU H 131 36.53 2.59 -18.18
C GLU H 131 35.80 3.81 -18.73
N PHE H 132 34.88 4.35 -17.93
CA PHE H 132 34.02 5.47 -18.33
C PHE H 132 34.76 6.79 -18.59
N ARG H 133 36.04 6.88 -18.25
CA ARG H 133 36.79 8.08 -18.57
C ARG H 133 37.39 8.01 -19.98
N ARG H 134 37.01 6.98 -20.75
CA ARG H 134 37.69 6.72 -22.00
C ARG H 134 36.84 7.19 -23.19
N HIS H 135 35.63 7.66 -22.89
CA HIS H 135 34.66 8.12 -23.89
C HIS H 135 34.34 9.57 -23.61
N SER H 136 34.39 10.40 -24.64
CA SER H 136 34.33 11.84 -24.49
C SER H 136 33.38 12.38 -25.53
N TYR H 137 32.36 13.09 -25.07
CA TYR H 137 31.37 13.73 -25.93
C TYR H 137 31.99 14.93 -26.60
N LEU H 138 33.19 15.33 -26.15
CA LEU H 138 33.87 16.55 -26.65
C LEU H 138 34.96 16.27 -27.66
N SER H 139 35.70 15.19 -27.45
CA SER H 139 36.78 14.80 -28.35
C SER H 139 36.41 14.81 -29.85
N PRO H 140 35.23 14.28 -30.23
CA PRO H 140 34.96 14.25 -31.66
C PRO H 140 34.76 15.63 -32.28
N ILE H 141 34.46 16.65 -31.48
CA ILE H 141 34.27 18.00 -32.06
C ILE H 141 35.39 19.01 -31.77
N ALA H 142 36.52 18.50 -31.32
CA ALA H 142 37.62 19.33 -30.87
C ALA H 142 38.68 19.37 -31.96
N THR H 143 39.49 20.41 -31.95
CA THR H 143 40.62 20.46 -32.86
C THR H 143 41.59 19.37 -32.43
N GLY H 144 41.90 19.36 -31.15
CA GLY H 144 42.75 18.33 -30.65
C GLY H 144 42.63 18.16 -29.16
N VAL H 145 43.36 17.16 -28.67
CA VAL H 145 43.27 16.74 -27.28
C VAL H 145 44.67 16.43 -26.78
N ILE H 146 44.90 16.74 -25.52
CA ILE H 146 46.15 16.43 -24.85
C ILE H 146 45.78 15.82 -23.54
N VAL H 147 46.38 14.68 -23.23
CA VAL H 147 46.04 13.97 -22.02
C VAL H 147 47.27 13.37 -21.38
N GLY H 148 47.30 13.40 -20.05
CA GLY H 148 48.38 12.79 -19.24
C GLY H 148 49.74 13.47 -19.24
N LEU H 149 49.79 14.77 -19.54
CA LEU H 149 51.08 15.47 -19.59
C LEU H 149 51.15 16.50 -18.51
N GLY H 150 50.43 16.21 -17.43
CA GLY H 150 50.34 17.10 -16.31
C GLY H 150 49.86 18.48 -16.67
N ILE H 151 50.17 19.38 -15.77
CA ILE H 151 49.85 20.79 -15.86
C ILE H 151 50.47 21.39 -17.13
N GLN H 152 51.52 20.75 -17.65
CA GLN H 152 52.22 21.25 -18.83
C GLN H 152 51.36 21.09 -20.07
N GLY H 153 50.23 20.41 -19.92
CA GLY H 153 49.27 20.22 -21.00
C GLY H 153 48.58 21.52 -21.38
N TYR H 154 48.29 22.36 -20.40
CA TYR H 154 47.78 23.69 -20.70
C TYR H 154 48.78 24.53 -21.51
N LEU H 155 50.01 24.61 -21.04
CA LEU H 155 51.03 25.39 -21.75
C LEU H 155 51.29 24.89 -23.17
N LEU H 156 51.38 23.59 -23.35
CA LEU H 156 51.56 23.07 -24.68
C LEU H 156 50.35 23.44 -25.57
N ALA H 157 49.16 23.55 -24.96
CA ALA H 157 47.96 23.93 -25.71
C ALA H 157 48.08 25.39 -26.21
N LEU H 158 48.55 26.29 -25.31
CA LEU H 158 48.80 27.68 -25.66
C LEU H 158 49.76 27.74 -26.81
N ARG H 159 50.84 26.98 -26.72
CA ARG H 159 51.82 26.91 -27.80
C ARG H 159 51.26 26.56 -29.16
N TYR H 160 50.33 25.62 -29.22
CA TYR H 160 49.73 25.24 -30.49
C TYR H 160 48.92 26.41 -31.04
N LEU H 161 48.15 27.03 -30.15
CA LEU H 161 47.35 28.17 -30.52
C LEU H 161 48.23 29.33 -30.99
N ALA H 162 49.28 29.67 -30.22
CA ALA H 162 50.21 30.72 -30.63
C ALA H 162 50.82 30.53 -32.03
N GLU H 163 50.78 29.29 -32.53
CA GLU H 163 51.25 28.94 -33.87
C GLU H 163 50.08 28.66 -34.85
N HIS H 164 48.89 28.41 -34.31
CA HIS H 164 47.65 28.11 -35.08
C HIS H 164 47.53 26.70 -35.74
N LEU I 24 -6.49 29.46 -19.41
CA LEU I 24 -5.61 28.24 -19.32
C LEU I 24 -4.13 28.58 -19.56
N ILE I 25 -3.30 28.38 -18.55
CA ILE I 25 -1.86 28.64 -18.68
C ILE I 25 -1.05 27.41 -19.14
N VAL I 26 -0.30 27.59 -20.23
CA VAL I 26 0.63 26.59 -20.75
C VAL I 26 2.07 27.05 -20.60
N ASN I 27 2.93 26.18 -20.07
CA ASN I 27 4.32 26.50 -19.90
C ASN I 27 5.17 25.95 -21.01
N VAL I 28 5.89 26.83 -21.69
CA VAL I 28 6.81 26.40 -22.73
C VAL I 28 8.20 26.57 -22.19
N ILE I 29 8.91 25.46 -22.04
CA ILE I 29 10.19 25.47 -21.32
C ILE I 29 11.32 25.05 -22.25
N ASN I 30 12.32 25.91 -22.36
CA ASN I 30 13.49 25.64 -23.18
C ASN I 30 14.76 25.48 -22.34
N GLY I 31 15.56 24.50 -22.74
CA GLY I 31 16.68 24.05 -21.96
C GLY I 31 17.94 24.76 -22.37
N PRO I 32 19.08 24.19 -21.95
CA PRO I 32 20.40 24.69 -22.26
C PRO I 32 20.60 24.96 -23.75
N ASN I 33 21.16 26.13 -24.04
CA ASN I 33 21.67 26.51 -25.37
C ASN I 33 20.60 27.05 -26.30
N LEU I 34 19.35 26.91 -25.86
CA LEU I 34 18.21 27.41 -26.62
C LEU I 34 18.05 28.95 -26.53
N GLY I 35 18.86 29.57 -25.69
CA GLY I 35 18.95 31.04 -25.67
C GLY I 35 19.66 31.51 -26.92
N ARG I 36 20.57 30.69 -27.45
CA ARG I 36 21.30 31.01 -28.69
C ARG I 36 20.45 30.84 -29.95
N LEU I 37 19.17 30.48 -29.80
CA LEU I 37 18.33 30.15 -30.94
C LEU I 37 18.40 31.21 -32.01
N GLY I 38 18.79 30.82 -33.23
CA GLY I 38 18.83 31.77 -34.35
C GLY I 38 20.20 32.33 -34.67
N ARG I 39 20.97 32.65 -33.63
CA ARG I 39 22.35 33.12 -33.74
C ARG I 39 23.34 32.03 -34.19
N ARG I 40 22.98 30.76 -34.01
CA ARG I 40 23.88 29.61 -34.27
C ARG I 40 23.33 28.74 -35.37
N GLU I 41 24.24 28.00 -36.01
CA GLU I 41 23.94 27.15 -37.19
C GLU I 41 22.46 27.04 -37.64
N PRO I 42 22.08 27.80 -38.69
CA PRO I 42 20.67 27.92 -39.11
C PRO I 42 20.07 26.81 -39.99
N ALA I 43 20.89 25.99 -40.65
CA ALA I 43 20.37 24.87 -41.49
C ALA I 43 19.20 24.13 -40.80
N VAL I 44 19.45 23.74 -39.56
CA VAL I 44 18.45 23.47 -38.54
C VAL I 44 19.27 23.95 -37.36
N TYR I 45 18.90 25.05 -36.68
CA TYR I 45 17.58 25.39 -36.16
C TYR I 45 16.77 26.54 -36.75
N GLY I 46 17.15 27.08 -37.90
CA GLY I 46 16.49 28.26 -38.47
C GLY I 46 17.11 29.61 -38.09
N GLY I 47 16.51 30.69 -38.57
CA GLY I 47 17.04 32.02 -38.33
C GLY I 47 16.23 32.85 -37.36
N THR I 48 15.27 32.25 -36.67
CA THR I 48 14.45 32.95 -35.65
C THR I 48 15.13 32.93 -34.29
N THR I 49 15.39 34.12 -33.73
CA THR I 49 15.98 34.27 -32.38
C THR I 49 14.96 33.82 -31.34
N HIS I 50 15.45 33.61 -30.12
CA HIS I 50 14.57 33.24 -29.01
C HIS I 50 13.53 34.29 -28.70
N ASP I 51 13.92 35.56 -28.67
CA ASP I 51 12.95 36.63 -28.41
C ASP I 51 11.74 36.52 -29.32
N GLU I 52 12.01 36.36 -30.61
CA GLU I 52 10.95 36.34 -31.60
C GLU I 52 9.96 35.20 -31.39
N LEU I 53 10.50 34.04 -30.98
CA LEU I 53 9.74 32.81 -30.78
C LEU I 53 8.70 33.00 -29.69
N VAL I 54 9.12 33.65 -28.61
CA VAL I 54 8.26 34.00 -27.49
C VAL I 54 7.09 34.84 -28.02
N ALA I 55 7.41 35.79 -28.90
CA ALA I 55 6.44 36.63 -29.55
C ALA I 55 5.54 35.74 -30.38
N LEU I 56 6.17 34.88 -31.17
CA LEU I 56 5.42 34.01 -32.07
C LEU I 56 4.53 33.04 -31.29
N ILE I 57 5.07 32.45 -30.24
CA ILE I 57 4.29 31.56 -29.41
C ILE I 57 3.19 32.38 -28.75
N GLU I 58 3.55 33.50 -28.11
CA GLU I 58 2.56 34.33 -27.42
C GLU I 58 1.38 34.75 -28.28
N ARG I 59 1.64 35.12 -29.55
CA ARG I 59 0.59 35.46 -30.53
C ARG I 59 -0.32 34.24 -30.83
N GLU I 60 0.29 33.09 -31.10
CA GLU I 60 -0.47 31.87 -31.39
C GLU I 60 -1.41 31.49 -30.26
N ALA I 61 -0.95 31.66 -29.02
CA ALA I 61 -1.79 31.37 -27.86
C ALA I 61 -3.01 32.27 -27.78
N ALA I 62 -2.81 33.56 -28.09
CA ALA I 62 -3.90 34.50 -28.13
C ALA I 62 -4.93 33.97 -29.11
N GLU I 63 -4.47 33.65 -30.30
CA GLU I 63 -5.37 33.12 -31.33
C GLU I 63 -6.22 31.95 -30.81
N LEU I 64 -5.63 31.08 -30.00
CA LEU I 64 -6.33 29.87 -29.50
C LEU I 64 -7.01 30.02 -28.14
N GLY I 65 -6.92 31.19 -27.52
CA GLY I 65 -7.52 31.40 -26.22
C GLY I 65 -6.71 30.71 -25.16
N LEU I 66 -5.41 30.98 -25.16
CA LEU I 66 -4.46 30.35 -24.26
C LEU I 66 -3.50 31.40 -23.75
N LYS I 67 -2.84 31.12 -22.64
CA LYS I 67 -1.79 31.97 -22.18
C LYS I 67 -0.50 31.15 -22.15
N ALA I 68 0.45 31.51 -23.02
CA ALA I 68 1.69 30.79 -23.10
C ALA I 68 2.87 31.46 -22.37
N VAL I 69 3.28 30.91 -21.23
CA VAL I 69 4.47 31.40 -20.55
C VAL I 69 5.67 30.71 -21.20
N VAL I 70 6.56 31.49 -21.81
CA VAL I 70 7.72 30.93 -22.48
C VAL I 70 9.00 31.33 -21.76
N ARG I 71 9.81 30.35 -21.36
CA ARG I 71 11.02 30.59 -20.54
C ARG I 71 12.23 29.74 -20.98
N GLN I 72 13.44 30.17 -20.62
CA GLN I 72 14.66 29.46 -21.03
C GLN I 72 15.78 29.53 -20.00
N SER I 73 16.40 28.40 -19.70
CA SER I 73 17.53 28.45 -18.79
C SER I 73 18.61 27.44 -19.14
N ASP I 74 19.84 27.80 -18.80
CA ASP I 74 20.97 26.90 -18.95
C ASP I 74 21.13 26.10 -17.67
N SER I 75 20.32 26.44 -16.66
CA SER I 75 20.44 25.87 -15.32
C SER I 75 19.47 24.72 -15.08
N GLU I 76 20.00 23.50 -15.02
CA GLU I 76 19.20 22.32 -14.74
C GLU I 76 18.34 22.56 -13.49
N ALA I 77 18.91 23.15 -12.45
CA ALA I 77 18.14 23.45 -11.26
C ALA I 77 17.03 24.48 -11.51
N GLN I 78 17.27 25.45 -12.37
CA GLN I 78 16.20 26.36 -12.77
C GLN I 78 15.04 25.62 -13.55
N LEU I 79 15.40 24.70 -14.43
CA LEU I 79 14.40 23.91 -15.12
C LEU I 79 13.62 23.07 -14.10
N LEU I 80 14.34 22.42 -13.18
CA LEU I 80 13.66 21.61 -12.19
C LEU I 80 12.61 22.43 -11.47
N ASP I 81 13.01 23.60 -10.97
CA ASP I 81 12.07 24.45 -10.26
C ASP I 81 10.84 24.80 -11.10
N TRP I 82 11.03 25.20 -12.34
CA TRP I 82 9.88 25.53 -13.18
C TRP I 82 8.94 24.34 -13.35
N ILE I 83 9.50 23.13 -13.52
CA ILE I 83 8.66 21.94 -13.71
C ILE I 83 7.95 21.55 -12.41
N HIS I 84 8.63 21.72 -11.26
CA HIS I 84 7.95 21.59 -9.96
C HIS I 84 6.68 22.46 -9.93
N GLN I 85 6.83 23.72 -10.29
CA GLN I 85 5.71 24.67 -10.25
C GLN I 85 4.56 24.29 -11.16
N ALA I 86 4.89 23.77 -12.34
CA ALA I 86 3.85 23.46 -13.32
C ALA I 86 2.98 22.32 -12.79
N ALA I 87 3.60 21.40 -12.04
CA ALA I 87 2.92 20.30 -11.42
C ALA I 87 1.87 20.75 -10.40
N ASP I 88 2.27 21.56 -9.42
CA ASP I 88 1.35 21.99 -8.35
C ASP I 88 0.18 22.79 -8.92
N ALA I 89 0.46 23.55 -9.96
CA ALA I 89 -0.59 24.30 -10.65
C ALA I 89 -1.40 23.45 -11.64
N ALA I 90 -0.92 22.24 -11.94
CA ALA I 90 -1.51 21.40 -12.99
C ALA I 90 -1.59 22.06 -14.38
N GLU I 91 -0.57 22.86 -14.71
CA GLU I 91 -0.41 23.46 -16.02
C GLU I 91 0.35 22.57 -17.03
N PRO I 92 -0.11 22.50 -18.30
CA PRO I 92 0.64 21.78 -19.37
C PRO I 92 2.06 22.27 -19.62
N VAL I 93 2.91 21.40 -20.18
CA VAL I 93 4.31 21.75 -20.38
C VAL I 93 4.77 21.36 -21.77
N ILE I 94 5.29 22.32 -22.51
CA ILE I 94 5.98 21.99 -23.74
C ILE I 94 7.47 22.20 -23.49
N LEU I 95 8.23 21.14 -23.71
CA LEU I 95 9.59 21.09 -23.23
C LEU I 95 10.60 20.70 -24.26
N ASN I 96 11.57 21.58 -24.44
CA ASN I 96 12.74 21.27 -25.23
C ASN I 96 13.98 21.37 -24.35
N ALA I 97 14.37 20.23 -23.81
CA ALA I 97 15.32 20.23 -22.75
C ALA I 97 16.74 20.28 -23.30
N GLY I 98 16.86 20.45 -24.61
CA GLY I 98 18.19 20.43 -25.25
C GLY I 98 18.90 19.10 -25.00
N GLY I 99 20.16 19.18 -24.58
CA GLY I 99 20.95 18.01 -24.26
C GLY I 99 20.42 17.16 -23.11
N LEU I 100 19.93 17.82 -22.07
CA LEU I 100 19.43 17.18 -20.85
C LEU I 100 18.50 16.00 -21.09
N THR I 101 17.83 16.06 -22.22
CA THR I 101 16.99 15.01 -22.73
C THR I 101 17.67 13.66 -22.58
N HIS I 102 18.99 13.63 -22.80
CA HIS I 102 19.74 12.38 -22.96
C HIS I 102 20.64 12.09 -21.78
N THR I 103 20.66 12.98 -20.80
CA THR I 103 21.66 12.85 -19.76
C THR I 103 21.10 13.04 -18.37
N SER I 104 19.86 13.49 -18.27
CA SER I 104 19.37 13.92 -16.98
C SER I 104 18.19 13.09 -16.47
N VAL I 105 18.43 12.46 -15.32
CA VAL I 105 17.44 11.60 -14.70
C VAL I 105 16.59 12.47 -13.79
N ALA I 106 17.24 13.37 -13.07
CA ALA I 106 16.54 14.36 -12.25
C ALA I 106 15.38 15.02 -13.03
N LEU I 107 15.67 15.44 -14.26
CA LEU I 107 14.67 16.05 -15.12
C LEU I 107 13.49 15.13 -15.42
N ARG I 108 13.81 13.93 -15.88
CA ARG I 108 12.82 12.90 -16.12
C ARG I 108 11.88 12.75 -14.92
N ASP I 109 12.46 12.68 -13.71
CA ASP I 109 11.66 12.39 -12.52
C ASP I 109 10.65 13.47 -12.19
N ALA I 110 11.11 14.72 -12.19
CA ALA I 110 10.25 15.86 -12.06
C ALA I 110 9.14 15.87 -13.11
N CYS I 111 9.47 15.45 -14.33
CA CYS I 111 8.50 15.49 -15.43
C CYS I 111 7.42 14.44 -15.28
N ALA I 112 7.83 13.24 -14.88
CA ALA I 112 6.91 12.12 -14.61
C ALA I 112 5.85 12.59 -13.63
N GLU I 113 6.23 13.60 -12.88
CA GLU I 113 5.43 14.05 -11.78
C GLU I 113 4.32 14.99 -12.22
N LEU I 114 4.21 15.25 -13.51
CA LEU I 114 3.18 16.15 -14.03
C LEU I 114 1.88 15.40 -14.31
N SER I 115 0.76 16.08 -14.11
CA SER I 115 -0.58 15.49 -14.32
C SER I 115 -1.25 16.07 -15.54
N ALA I 116 -0.78 17.24 -15.99
CA ALA I 116 -1.20 17.80 -17.28
C ALA I 116 -0.28 17.25 -18.38
N PRO I 117 -0.66 17.40 -19.66
CA PRO I 117 0.14 16.70 -20.66
C PRO I 117 1.47 17.37 -20.87
N LEU I 118 2.44 16.60 -21.35
CA LEU I 118 3.80 17.05 -21.54
C LEU I 118 4.20 16.68 -22.94
N ILE I 119 4.41 17.70 -23.79
CA ILE I 119 4.87 17.47 -25.16
C ILE I 119 6.34 17.85 -25.25
N GLU I 120 7.15 16.84 -25.48
CA GLU I 120 8.55 17.02 -25.75
C GLU I 120 8.72 17.50 -27.18
N VAL I 121 9.34 18.66 -27.36
CA VAL I 121 9.57 19.21 -28.69
C VAL I 121 11.06 19.40 -28.97
N HIS I 122 11.50 19.00 -30.17
CA HIS I 122 12.86 19.27 -30.62
C HIS I 122 12.83 19.89 -32.01
N ILE I 123 13.59 20.97 -32.18
CA ILE I 123 13.56 21.75 -33.42
C ILE I 123 14.03 20.91 -34.61
N SER I 124 15.15 20.20 -34.41
CA SER I 124 15.80 19.41 -35.44
C SER I 124 15.33 17.97 -35.38
N ASN I 125 15.63 17.22 -36.44
CA ASN I 125 15.37 15.76 -36.42
C ASN I 125 16.44 15.01 -35.64
N VAL I 126 16.21 14.86 -34.34
CA VAL I 126 17.13 14.14 -33.43
C VAL I 126 17.52 12.77 -33.95
N HIS I 127 16.55 12.11 -34.61
CA HIS I 127 16.71 10.76 -35.10
C HIS I 127 17.59 10.67 -36.34
N ALA I 128 18.14 11.80 -36.80
CA ALA I 128 18.90 11.82 -38.06
C ALA I 128 20.33 12.35 -37.87
N ARG I 129 20.79 12.39 -36.62
CA ARG I 129 22.06 13.05 -36.28
C ARG I 129 23.08 12.05 -35.69
N GLU I 130 23.48 12.20 -34.43
CA GLU I 130 24.41 11.23 -33.80
C GLU I 130 23.61 10.26 -32.95
N GLU I 131 24.09 9.03 -32.81
CA GLU I 131 23.32 8.00 -32.12
C GLU I 131 22.84 8.37 -30.70
N PHE I 132 23.67 9.07 -29.94
CA PHE I 132 23.35 9.46 -28.54
C PHE I 132 22.19 10.46 -28.41
N ARG I 133 21.90 11.20 -29.48
CA ARG I 133 20.66 11.98 -29.60
C ARG I 133 19.44 11.13 -29.95
N ARG I 134 19.65 9.87 -30.30
CA ARG I 134 18.57 8.96 -30.68
C ARG I 134 17.83 8.24 -29.49
N HIS I 135 18.40 8.27 -28.28
CA HIS I 135 17.70 7.81 -27.06
C HIS I 135 17.34 9.01 -26.21
N SER I 136 16.15 8.97 -25.60
CA SER I 136 15.64 10.05 -24.70
C SER I 136 15.10 9.55 -23.34
N TYR I 137 15.31 10.35 -22.31
CA TYR I 137 14.72 10.06 -21.01
C TYR I 137 13.29 10.53 -20.89
N LEU I 138 12.93 11.59 -21.60
CA LEU I 138 11.64 12.17 -21.35
C LEU I 138 10.54 11.45 -22.12
N SER I 139 10.87 10.97 -23.31
CA SER I 139 9.85 10.43 -24.23
C SER I 139 8.97 9.35 -23.62
N PRO I 140 9.56 8.43 -22.82
CA PRO I 140 8.69 7.34 -22.37
C PRO I 140 7.70 7.80 -21.34
N ILE I 141 7.87 9.02 -20.82
CA ILE I 141 6.90 9.59 -19.88
C ILE I 141 6.13 10.80 -20.43
N ALA I 142 6.45 11.19 -21.67
CA ALA I 142 5.68 12.21 -22.40
C ALA I 142 4.36 11.65 -23.01
N THR I 143 3.33 12.49 -23.01
CA THR I 143 2.09 12.28 -23.74
C THR I 143 2.46 11.96 -25.18
N GLY I 144 3.19 12.89 -25.80
CA GLY I 144 3.76 12.69 -27.13
C GLY I 144 4.97 13.56 -27.39
N VAL I 145 5.49 13.48 -28.62
CA VAL I 145 6.81 14.05 -29.01
C VAL I 145 6.79 14.54 -30.46
N ILE I 146 7.35 15.73 -30.70
CA ILE I 146 7.43 16.34 -32.01
C ILE I 146 8.87 16.69 -32.33
N VAL I 147 9.35 16.26 -33.49
CA VAL I 147 10.77 16.38 -33.83
C VAL I 147 10.96 16.81 -35.31
N GLY I 148 11.94 17.66 -35.58
CA GLY I 148 12.34 17.97 -36.97
C GLY I 148 11.40 18.89 -37.76
N LEU I 149 10.40 19.45 -37.10
CA LEU I 149 9.47 20.32 -37.77
C LEU I 149 9.80 21.78 -37.50
N GLY I 150 11.04 22.04 -37.09
CA GLY I 150 11.51 23.38 -36.78
C GLY I 150 10.71 24.04 -35.66
N ILE I 151 10.70 25.37 -35.69
CA ILE I 151 10.17 26.18 -34.60
C ILE I 151 8.65 26.00 -34.46
N GLN I 152 8.03 25.61 -35.57
CA GLN I 152 6.60 25.32 -35.65
C GLN I 152 6.12 24.17 -34.76
N GLY I 153 6.97 23.18 -34.50
CA GLY I 153 6.67 22.19 -33.45
C GLY I 153 6.01 22.80 -32.21
N TYR I 154 6.54 23.91 -31.75
CA TYR I 154 6.02 24.54 -30.56
C TYR I 154 4.59 25.06 -30.78
N LEU I 155 4.35 25.71 -31.92
CA LEU I 155 2.99 26.11 -32.33
C LEU I 155 2.09 24.88 -32.47
N LEU I 156 2.66 23.83 -33.09
CA LEU I 156 1.97 22.56 -33.29
C LEU I 156 1.55 21.94 -31.96
N ALA I 157 2.48 21.89 -30.98
CA ALA I 157 2.21 21.35 -29.65
C ALA I 157 1.15 22.15 -28.90
N LEU I 158 1.13 23.48 -29.13
CA LEU I 158 0.10 24.33 -28.56
C LEU I 158 -1.27 23.92 -29.07
N ARG I 159 -1.39 23.72 -30.40
CA ARG I 159 -2.66 23.29 -30.99
C ARG I 159 -3.20 22.01 -30.38
N TYR I 160 -2.33 21.01 -30.26
CA TYR I 160 -2.74 19.78 -29.61
C TYR I 160 -3.35 20.21 -28.27
N LEU I 161 -2.60 20.93 -27.44
CA LEU I 161 -3.08 21.37 -26.14
C LEU I 161 -4.39 22.14 -26.16
N ALA I 162 -4.62 22.92 -27.22
CA ALA I 162 -5.84 23.71 -27.28
C ALA I 162 -7.09 22.82 -27.38
N GLU I 163 -6.99 21.78 -28.21
CA GLU I 163 -8.07 20.78 -28.35
C GLU I 163 -7.88 19.58 -27.40
N HIS I 164 -6.96 18.66 -27.74
CA HIS I 164 -6.48 17.57 -26.84
C HIS I 164 -6.34 16.20 -27.53
N LEU J 24 30.59 15.70 17.28
CA LEU J 24 30.53 14.73 16.13
C LEU J 24 29.46 14.97 15.06
N ILE J 25 29.89 15.59 13.97
CA ILE J 25 28.96 16.08 12.97
C ILE J 25 28.71 14.99 11.91
N VAL J 26 27.45 14.82 11.54
CA VAL J 26 27.12 13.94 10.43
C VAL J 26 26.33 14.72 9.40
N ASN J 27 26.83 14.73 8.17
CA ASN J 27 26.11 15.38 7.07
C ASN J 27 25.16 14.45 6.34
N VAL J 28 23.87 14.75 6.42
CA VAL J 28 22.92 14.06 5.61
C VAL J 28 22.60 15.02 4.46
N ILE J 29 22.89 14.60 3.23
CA ILE J 29 22.69 15.47 2.05
C ILE J 29 21.74 14.82 1.02
N ASN J 30 20.66 15.52 0.68
CA ASN J 30 19.65 15.03 -0.27
C ASN J 30 19.69 15.74 -1.61
N GLY J 31 19.65 14.97 -2.68
CA GLY J 31 19.69 15.52 -4.04
C GLY J 31 18.40 16.12 -4.59
N PRO J 32 18.35 16.31 -5.92
CA PRO J 32 17.28 16.94 -6.70
C PRO J 32 15.95 16.26 -6.47
N ASN J 33 14.87 17.04 -6.43
CA ASN J 33 13.50 16.51 -6.25
C ASN J 33 13.13 16.10 -4.81
N LEU J 34 14.15 15.78 -4.01
CA LEU J 34 13.94 15.38 -2.62
C LEU J 34 13.32 16.42 -1.68
N GLY J 35 13.38 17.69 -2.09
CA GLY J 35 12.67 18.75 -1.41
C GLY J 35 11.19 18.45 -1.31
N ARG J 36 10.60 17.88 -2.37
CA ARG J 36 9.15 17.65 -2.36
C ARG J 36 8.78 16.31 -1.75
N LEU J 37 9.55 15.85 -0.76
CA LEU J 37 9.23 14.59 -0.12
C LEU J 37 7.90 14.76 0.57
N GLY J 38 7.10 13.69 0.61
CA GLY J 38 5.75 13.73 1.19
C GLY J 38 4.73 14.04 0.12
N ARG J 39 4.73 15.30 -0.32
CA ARG J 39 3.94 15.77 -1.46
C ARG J 39 4.19 14.86 -2.66
N ARG J 40 3.24 14.76 -3.56
CA ARG J 40 3.11 13.62 -4.51
C ARG J 40 4.12 12.49 -4.33
N GLU J 41 3.66 11.30 -4.70
CA GLU J 41 4.14 10.03 -4.18
C GLU J 41 3.43 9.80 -2.85
N PRO J 42 4.11 9.19 -1.90
CA PRO J 42 3.43 8.63 -0.75
C PRO J 42 3.06 7.23 -1.22
N ALA J 43 3.89 6.70 -2.12
CA ALA J 43 3.76 5.36 -2.63
C ALA J 43 5.17 4.81 -2.87
N VAL J 44 5.80 5.27 -3.95
CA VAL J 44 7.23 5.18 -4.14
C VAL J 44 7.75 6.30 -3.26
N TYR J 45 8.62 5.98 -2.30
CA TYR J 45 9.17 6.99 -1.34
C TYR J 45 8.20 8.06 -0.88
N GLY J 46 7.51 7.88 0.25
CA GLY J 46 6.63 8.97 0.66
C GLY J 46 5.75 8.94 1.87
N GLY J 47 5.01 10.03 2.06
CA GLY J 47 4.23 10.27 3.28
C GLY J 47 4.87 11.33 4.18
N THR J 48 6.10 11.06 4.59
CA THR J 48 6.87 12.01 5.39
C THR J 48 7.40 13.17 4.52
N THR J 49 7.11 14.42 4.90
CA THR J 49 7.65 15.58 4.21
C THR J 49 9.14 15.74 4.51
N HIS J 50 9.83 16.54 3.71
CA HIS J 50 11.25 16.84 3.98
C HIS J 50 11.52 17.46 5.37
N ASP J 51 10.59 18.26 5.90
CA ASP J 51 10.79 18.93 7.19
C ASP J 51 10.70 17.90 8.26
N GLU J 52 9.63 17.12 8.19
CA GLU J 52 9.41 16.02 9.11
C GLU J 52 10.65 15.13 9.10
N LEU J 53 11.21 14.89 7.90
CA LEU J 53 12.44 14.13 7.78
C LEU J 53 13.59 14.77 8.55
N VAL J 54 13.80 16.07 8.34
CA VAL J 54 14.87 16.77 9.03
C VAL J 54 14.71 16.59 10.55
N ALA J 55 13.47 16.58 11.03
CA ALA J 55 13.22 16.50 12.48
C ALA J 55 13.58 15.13 13.04
N LEU J 56 13.06 14.06 12.41
CA LEU J 56 13.36 12.69 12.81
C LEU J 56 14.85 12.37 12.87
N ILE J 57 15.56 12.71 11.79
CA ILE J 57 17.01 12.53 11.72
C ILE J 57 17.73 13.26 12.88
N GLU J 58 17.33 14.51 13.16
CA GLU J 58 17.90 15.29 14.26
C GLU J 58 17.58 14.69 15.64
N ARG J 59 16.29 14.45 15.90
CA ARG J 59 15.85 13.78 17.12
C ARG J 59 16.66 12.49 17.33
N GLU J 60 16.84 11.73 16.26
CA GLU J 60 17.57 10.47 16.32
C GLU J 60 19.09 10.62 16.43
N ALA J 61 19.66 11.63 15.77
CA ALA J 61 21.13 11.80 15.78
C ALA J 61 21.67 12.11 17.18
N ALA J 62 20.87 12.90 17.91
CA ALA J 62 21.11 13.31 19.29
C ALA J 62 21.11 12.12 20.22
N GLU J 63 20.05 11.31 20.15
CA GLU J 63 19.92 10.11 20.97
C GLU J 63 21.10 9.16 20.80
N LEU J 64 21.80 9.29 19.69
CA LEU J 64 23.03 8.52 19.46
C LEU J 64 24.30 9.22 19.93
N GLY J 65 24.20 10.51 20.22
CA GLY J 65 25.39 11.28 20.59
C GLY J 65 26.12 11.82 19.36
N LEU J 66 25.34 12.22 18.36
CA LEU J 66 25.84 12.83 17.14
C LEU J 66 25.07 14.10 16.88
N LYS J 67 25.59 14.92 15.96
CA LYS J 67 24.80 16.02 15.41
C LYS J 67 24.74 15.89 13.91
N ALA J 68 23.51 15.86 13.39
CA ALA J 68 23.25 15.71 11.96
C ALA J 68 23.00 17.08 11.29
N VAL J 69 23.71 17.35 10.21
CA VAL J 69 23.33 18.50 9.38
C VAL J 69 22.62 18.05 8.10
N VAL J 70 21.33 18.30 8.05
CA VAL J 70 20.50 17.81 6.95
C VAL J 70 20.18 18.90 5.96
N ARG J 71 20.78 18.82 4.76
CA ARG J 71 20.51 19.80 3.71
C ARG J 71 20.07 19.13 2.40
N GLN J 72 19.17 19.77 1.66
CA GLN J 72 18.66 19.29 0.37
C GLN J 72 18.96 20.34 -0.70
N SER J 73 19.23 19.91 -1.93
CA SER J 73 19.36 20.88 -3.06
C SER J 73 19.17 20.28 -4.45
N ASP J 74 18.64 21.09 -5.35
CA ASP J 74 18.38 20.68 -6.74
C ASP J 74 19.58 20.95 -7.63
N SER J 75 20.59 21.61 -7.05
CA SER J 75 21.75 22.08 -7.76
C SER J 75 22.97 21.18 -7.59
N GLU J 76 23.48 20.58 -8.67
CA GLU J 76 24.68 19.74 -8.60
C GLU J 76 25.94 20.44 -8.00
N ALA J 77 26.14 21.71 -8.39
CA ALA J 77 27.20 22.59 -7.86
C ALA J 77 27.18 22.72 -6.33
N GLN J 78 25.97 22.91 -5.81
CA GLN J 78 25.79 23.12 -4.41
C GLN J 78 26.13 21.80 -3.74
N LEU J 79 25.64 20.71 -4.33
CA LEU J 79 25.87 19.40 -3.77
C LEU J 79 27.34 19.17 -3.71
N LEU J 80 28.05 19.49 -4.79
CA LEU J 80 29.51 19.31 -4.78
C LEU J 80 30.20 20.15 -3.72
N ASP J 81 29.58 21.28 -3.38
CA ASP J 81 30.13 22.24 -2.43
C ASP J 81 30.09 21.69 -1.00
N TRP J 82 28.91 21.22 -0.61
CA TRP J 82 28.76 20.51 0.64
C TRP J 82 29.65 19.25 0.76
N ILE J 83 29.98 18.57 -0.34
CA ILE J 83 30.86 17.36 -0.24
C ILE J 83 32.30 17.79 0.00
N HIS J 84 32.70 18.87 -0.68
CA HIS J 84 33.97 19.53 -0.44
C HIS J 84 34.14 19.86 1.06
N GLN J 85 33.14 20.51 1.67
CA GLN J 85 33.13 20.83 3.11
C GLN J 85 33.27 19.61 4.03
N ALA J 86 32.40 18.61 3.87
CA ALA J 86 32.54 17.32 4.57
C ALA J 86 33.90 16.80 4.29
N ALA J 87 34.28 16.73 3.03
CA ALA J 87 35.61 16.24 2.71
C ALA J 87 36.72 16.98 3.50
N ASP J 88 36.65 18.31 3.57
CA ASP J 88 37.72 19.06 4.20
C ASP J 88 37.71 18.93 5.73
N ALA J 89 36.50 18.86 6.29
CA ALA J 89 36.28 18.68 7.73
C ALA J 89 36.50 17.24 8.23
N ALA J 90 36.81 16.31 7.33
CA ALA J 90 36.68 14.89 7.68
C ALA J 90 35.40 14.53 8.44
N GLU J 91 34.24 14.94 7.94
CA GLU J 91 33.01 14.40 8.49
C GLU J 91 32.41 13.27 7.58
N PRO J 92 31.70 12.30 8.18
CA PRO J 92 31.03 11.30 7.34
C PRO J 92 29.78 11.89 6.68
N VAL J 93 29.28 11.19 5.66
CA VAL J 93 28.18 11.68 4.82
C VAL J 93 27.22 10.56 4.56
N ILE J 94 25.93 10.78 4.84
CA ILE J 94 24.85 9.96 4.34
C ILE J 94 24.23 10.71 3.14
N LEU J 95 24.39 10.14 1.93
CA LEU J 95 24.01 10.82 0.65
C LEU J 95 22.95 10.08 -0.14
N ASN J 96 21.82 10.74 -0.37
CA ASN J 96 20.87 10.33 -1.39
C ASN J 96 20.88 11.38 -2.50
N ALA J 97 21.69 11.15 -3.52
CA ALA J 97 21.84 12.12 -4.58
C ALA J 97 20.64 12.11 -5.53
N GLY J 98 19.75 11.15 -5.37
CA GLY J 98 18.63 11.03 -6.32
C GLY J 98 19.06 10.58 -7.70
N GLY J 99 18.68 11.36 -8.72
CA GLY J 99 19.06 11.04 -10.11
C GLY J 99 20.58 11.00 -10.35
N LEU J 100 21.30 11.98 -9.79
CA LEU J 100 22.74 12.14 -10.05
C LEU J 100 23.57 10.93 -9.64
N THR J 101 22.97 10.07 -8.85
CA THR J 101 23.51 8.76 -8.53
C THR J 101 24.05 8.08 -9.79
N HIS J 102 23.33 8.28 -10.90
CA HIS J 102 23.52 7.53 -12.13
C HIS J 102 24.17 8.33 -13.22
N THR J 103 24.18 9.65 -13.06
CA THR J 103 24.58 10.52 -14.15
C THR J 103 25.87 11.28 -13.90
N SER J 104 26.32 11.37 -12.66
CA SER J 104 27.29 12.42 -12.33
C SER J 104 28.66 11.88 -11.97
N VAL J 105 29.61 12.12 -12.87
CA VAL J 105 31.01 11.79 -12.58
C VAL J 105 31.52 12.76 -11.50
N ALA J 106 31.24 14.05 -11.68
CA ALA J 106 31.82 15.07 -10.81
C ALA J 106 31.45 14.86 -9.35
N LEU J 107 30.26 14.29 -9.12
CA LEU J 107 29.82 14.02 -7.78
C LEU J 107 30.59 12.82 -7.20
N ARG J 108 30.83 11.81 -8.04
CA ARG J 108 31.66 10.67 -7.67
C ARG J 108 33.09 11.12 -7.33
N ASP J 109 33.67 11.94 -8.18
CA ASP J 109 35.01 12.42 -7.90
C ASP J 109 35.04 13.20 -6.58
N ALA J 110 33.99 14.01 -6.33
CA ALA J 110 33.89 14.78 -5.09
C ALA J 110 33.75 13.85 -3.89
N CYS J 111 32.87 12.85 -4.00
CA CYS J 111 32.71 11.82 -2.97
C CYS J 111 33.95 10.99 -2.70
N ALA J 112 34.73 10.70 -3.74
CA ALA J 112 35.97 9.93 -3.60
C ALA J 112 37.00 10.55 -2.65
N GLU J 113 36.90 11.84 -2.38
CA GLU J 113 37.90 12.50 -1.55
C GLU J 113 37.62 12.38 -0.06
N LEU J 114 36.43 11.91 0.32
CA LEU J 114 36.04 11.73 1.73
C LEU J 114 36.88 10.66 2.41
N SER J 115 37.27 10.92 3.64
CA SER J 115 38.10 10.00 4.39
C SER J 115 37.24 9.30 5.42
N ALA J 116 36.18 9.98 5.86
CA ALA J 116 35.19 9.37 6.74
C ALA J 116 34.22 8.52 5.91
N PRO J 117 33.55 7.54 6.55
CA PRO J 117 32.60 6.69 5.79
C PRO J 117 31.63 7.52 4.96
N LEU J 118 31.32 7.05 3.77
CA LEU J 118 30.21 7.60 3.00
C LEU J 118 29.20 6.48 2.86
N ILE J 119 27.94 6.76 3.17
CA ILE J 119 26.87 5.80 3.01
C ILE J 119 25.79 6.36 2.07
N GLU J 120 25.52 5.59 1.02
CA GLU J 120 24.45 5.88 0.11
C GLU J 120 23.11 5.37 0.62
N VAL J 121 22.07 6.20 0.55
CA VAL J 121 20.70 5.82 0.93
C VAL J 121 19.70 6.11 -0.22
N HIS J 122 18.72 5.25 -0.45
CA HIS J 122 17.58 5.60 -1.31
C HIS J 122 16.31 5.15 -0.65
N ILE J 123 15.28 5.97 -0.72
CA ILE J 123 14.06 5.62 -0.06
C ILE J 123 13.43 4.40 -0.76
N SER J 124 13.33 4.42 -2.08
CA SER J 124 12.76 3.31 -2.83
C SER J 124 13.79 2.23 -3.07
N ASN J 125 13.34 1.09 -3.60
CA ASN J 125 14.24 0.00 -3.92
C ASN J 125 14.66 0.14 -5.36
N VAL J 126 15.86 0.65 -5.56
CA VAL J 126 16.28 1.09 -6.91
C VAL J 126 16.42 -0.07 -7.89
N HIS J 127 16.51 -1.28 -7.36
CA HIS J 127 16.61 -2.50 -8.19
C HIS J 127 15.26 -3.08 -8.65
N ALA J 128 14.16 -2.56 -8.12
CA ALA J 128 12.82 -2.94 -8.57
C ALA J 128 12.32 -2.01 -9.66
N ARG J 129 13.18 -1.08 -10.07
CA ARG J 129 12.77 -0.01 -10.98
C ARG J 129 13.47 -0.09 -12.33
N GLU J 130 13.61 1.04 -13.01
CA GLU J 130 14.14 1.06 -14.37
C GLU J 130 15.61 0.72 -14.42
N GLU J 131 16.08 0.22 -15.56
CA GLU J 131 17.45 -0.28 -15.68
C GLU J 131 18.51 0.81 -15.46
N PHE J 132 18.25 1.99 -16.00
CA PHE J 132 19.12 3.12 -15.75
C PHE J 132 19.34 3.38 -14.25
N ARG J 133 18.40 2.98 -13.40
CA ARG J 133 18.57 3.15 -11.96
C ARG J 133 19.35 2.03 -11.30
N ARG J 134 19.68 0.98 -12.03
CA ARG J 134 20.32 -0.20 -11.43
C ARG J 134 21.85 -0.08 -11.45
N HIS J 135 22.34 1.04 -11.96
CA HIS J 135 23.77 1.35 -11.93
C HIS J 135 23.97 2.69 -11.25
N SER J 136 24.91 2.70 -10.31
CA SER J 136 25.27 3.90 -9.57
C SER J 136 26.76 4.19 -9.68
N TYR J 137 27.12 5.46 -9.91
CA TYR J 137 28.53 5.88 -9.88
C TYR J 137 29.13 5.93 -8.47
N LEU J 138 28.31 5.99 -7.42
CA LEU J 138 28.86 6.20 -6.07
C LEU J 138 28.95 4.95 -5.23
N SER J 139 28.04 4.01 -5.47
CA SER J 139 28.14 2.72 -4.76
C SER J 139 29.58 2.17 -4.70
N PRO J 140 30.34 2.22 -5.82
CA PRO J 140 31.67 1.57 -5.81
C PRO J 140 32.70 2.33 -5.00
N ILE J 141 32.37 3.57 -4.67
CA ILE J 141 33.25 4.39 -3.85
C ILE J 141 32.63 4.69 -2.47
N ALA J 142 31.38 4.30 -2.26
CA ALA J 142 30.77 4.40 -0.94
C ALA J 142 31.31 3.33 0.02
N THR J 143 31.05 3.50 1.33
CA THR J 143 31.34 2.47 2.31
C THR J 143 30.31 1.37 2.17
N GLY J 144 29.04 1.81 2.10
CA GLY J 144 27.91 0.92 1.93
C GLY J 144 26.68 1.64 1.38
N VAL J 145 25.63 0.87 1.10
CA VAL J 145 24.39 1.43 0.58
C VAL J 145 23.18 0.80 1.32
N ILE J 146 22.17 1.62 1.62
CA ILE J 146 20.90 1.09 2.09
C ILE J 146 19.87 1.53 1.08
N VAL J 147 19.01 0.61 0.65
CA VAL J 147 18.10 0.88 -0.45
C VAL J 147 16.74 0.25 -0.08
N GLY J 148 15.63 0.94 -0.35
CA GLY J 148 14.31 0.33 -0.23
C GLY J 148 13.64 0.29 1.14
N LEU J 149 14.38 0.65 2.17
CA LEU J 149 13.80 0.68 3.51
C LEU J 149 13.17 2.03 3.85
N GLY J 150 12.89 2.80 2.81
CA GLY J 150 12.39 4.15 2.96
C GLY J 150 13.22 5.06 3.87
N ILE J 151 12.48 5.95 4.51
CA ILE J 151 13.00 6.91 5.45
C ILE J 151 13.92 6.30 6.50
N GLN J 152 13.53 5.14 7.01
CA GLN J 152 14.31 4.51 8.05
C GLN J 152 15.77 4.30 7.60
N GLY J 153 15.98 4.11 6.31
CA GLY J 153 17.33 4.03 5.79
C GLY J 153 18.24 5.06 6.44
N TYR J 154 17.81 6.33 6.42
CA TYR J 154 18.60 7.43 6.96
C TYR J 154 18.96 7.18 8.39
N LEU J 155 17.97 6.71 9.15
CA LEU J 155 18.08 6.52 10.59
C LEU J 155 18.90 5.31 10.90
N LEU J 156 18.82 4.33 10.02
CA LEU J 156 19.67 3.14 10.13
C LEU J 156 21.12 3.41 9.70
N ALA J 157 21.29 4.39 8.80
CA ALA J 157 22.60 4.92 8.43
C ALA J 157 23.33 5.73 9.55
N LEU J 158 22.59 6.53 10.32
CA LEU J 158 23.18 7.26 11.45
C LEU J 158 23.73 6.31 12.46
N ARG J 159 22.90 5.30 12.73
CA ARG J 159 23.17 4.23 13.66
C ARG J 159 24.48 3.51 13.35
N TYR J 160 24.74 3.31 12.06
CA TYR J 160 26.00 2.68 11.66
C TYR J 160 27.12 3.62 12.01
N LEU J 161 26.94 4.90 11.68
CA LEU J 161 27.98 5.89 11.93
C LEU J 161 28.31 5.98 13.42
N ALA J 162 27.29 5.98 14.26
CA ALA J 162 27.50 5.98 15.70
C ALA J 162 28.44 4.85 16.15
N GLU J 163 28.31 3.65 15.55
CA GLU J 163 29.23 2.54 15.86
C GLU J 163 30.64 2.67 15.27
N HIS J 164 30.85 3.65 14.39
CA HIS J 164 32.05 3.68 13.53
C HIS J 164 31.88 2.72 12.33
N LEU K 24 53.15 -34.45 1.42
CA LEU K 24 52.33 -33.31 0.87
C LEU K 24 51.14 -33.85 0.10
N ILE K 25 49.95 -33.39 0.47
CA ILE K 25 48.70 -33.87 -0.04
C ILE K 25 48.12 -32.95 -1.09
N VAL K 26 47.65 -33.54 -2.17
CA VAL K 26 47.03 -32.79 -3.25
C VAL K 26 45.56 -33.20 -3.39
N ASN K 27 44.69 -32.20 -3.56
CA ASN K 27 43.26 -32.42 -3.73
C ASN K 27 42.82 -32.36 -5.20
N VAL K 28 42.45 -33.53 -5.74
CA VAL K 28 41.87 -33.57 -7.06
C VAL K 28 40.34 -33.69 -6.91
N ILE K 29 39.65 -32.60 -7.28
CA ILE K 29 38.20 -32.48 -7.16
C ILE K 29 37.60 -32.35 -8.55
N ASN K 30 36.65 -33.24 -8.83
CA ASN K 30 35.93 -33.32 -10.08
C ASN K 30 34.46 -32.95 -9.83
N GLY K 31 33.91 -32.01 -10.63
CA GLY K 31 32.50 -31.62 -10.56
C GLY K 31 31.47 -32.57 -11.21
N PRO K 32 30.21 -32.11 -11.35
CA PRO K 32 29.07 -32.83 -11.93
C PRO K 32 29.40 -33.63 -13.19
N ASN K 33 28.73 -34.77 -13.35
CA ASN K 33 28.84 -35.63 -14.54
C ASN K 33 30.18 -36.37 -14.71
N LEU K 34 31.23 -35.88 -14.05
CA LEU K 34 32.52 -36.54 -14.19
C LEU K 34 32.58 -37.98 -13.63
N GLY K 35 31.65 -38.36 -12.77
CA GLY K 35 31.53 -39.78 -12.38
C GLY K 35 31.31 -40.73 -13.57
N ARG K 36 30.74 -40.19 -14.63
CA ARG K 36 30.32 -40.95 -15.79
C ARG K 36 31.38 -40.94 -16.89
N LEU K 37 32.58 -40.48 -16.54
CA LEU K 37 33.75 -40.59 -17.42
C LEU K 37 33.85 -42.01 -17.94
N GLY K 38 34.45 -42.19 -19.12
CA GLY K 38 34.63 -43.53 -19.67
C GLY K 38 33.36 -44.20 -20.18
N ARG K 39 32.20 -43.79 -19.68
CA ARG K 39 30.94 -44.11 -20.30
C ARG K 39 30.65 -42.95 -21.28
N ARG K 40 29.40 -42.63 -21.56
CA ARG K 40 29.09 -41.83 -22.78
C ARG K 40 30.05 -40.69 -23.18
N GLU K 41 30.20 -40.56 -24.50
CA GLU K 41 31.08 -39.60 -25.16
C GLU K 41 32.57 -39.98 -25.06
N PRO K 42 32.95 -41.19 -25.55
CA PRO K 42 34.37 -41.59 -25.57
C PRO K 42 35.22 -40.64 -26.42
N ALA K 43 34.68 -40.21 -27.56
CA ALA K 43 35.23 -39.04 -28.28
C ALA K 43 34.94 -37.86 -27.35
N VAL K 44 35.69 -36.79 -27.46
CA VAL K 44 35.57 -35.68 -26.49
C VAL K 44 36.24 -35.96 -25.14
N TYR K 45 35.73 -36.91 -24.34
CA TYR K 45 36.27 -37.13 -22.97
C TYR K 45 37.30 -38.26 -22.80
N GLY K 46 37.38 -39.17 -23.77
CA GLY K 46 38.33 -40.28 -23.73
C GLY K 46 37.75 -41.64 -23.36
N GLY K 47 38.59 -42.68 -23.40
CA GLY K 47 38.20 -44.04 -23.01
C GLY K 47 38.48 -44.37 -21.54
N THR K 48 39.28 -43.56 -20.86
CA THR K 48 39.57 -43.72 -19.43
C THR K 48 38.35 -43.46 -18.52
N THR K 49 38.11 -44.38 -17.57
CA THR K 49 37.00 -44.28 -16.62
C THR K 49 37.45 -43.51 -15.40
N HIS K 50 36.50 -43.08 -14.58
CA HIS K 50 36.83 -42.37 -13.35
C HIS K 50 37.65 -43.23 -12.39
N ASP K 51 37.26 -44.50 -12.23
CA ASP K 51 38.08 -45.40 -11.42
C ASP K 51 39.51 -45.58 -11.94
N GLU K 52 39.66 -45.61 -13.26
CA GLU K 52 40.99 -45.72 -13.83
C GLU K 52 41.77 -44.42 -13.60
N LEU K 53 41.00 -43.33 -13.55
CA LEU K 53 41.54 -42.02 -13.34
C LEU K 53 42.04 -41.89 -11.92
N VAL K 54 41.20 -42.24 -10.95
CA VAL K 54 41.58 -42.15 -9.55
C VAL K 54 42.85 -42.94 -9.29
N ALA K 55 42.99 -44.09 -9.95
CA ALA K 55 44.17 -44.95 -9.80
C ALA K 55 45.46 -44.37 -10.42
N LEU K 56 45.37 -43.98 -11.69
CA LEU K 56 46.44 -43.32 -12.41
C LEU K 56 47.03 -42.12 -11.65
N ILE K 57 46.16 -41.17 -11.30
CA ILE K 57 46.53 -40.05 -10.49
C ILE K 57 47.22 -40.51 -9.19
N GLU K 58 46.73 -41.59 -8.58
CA GLU K 58 47.37 -42.05 -7.35
C GLU K 58 48.78 -42.59 -7.56
N ARG K 59 48.96 -43.42 -8.57
CA ARG K 59 50.27 -43.98 -8.88
C ARG K 59 51.24 -42.84 -9.19
N GLU K 60 50.74 -41.85 -9.94
CA GLU K 60 51.53 -40.71 -10.34
C GLU K 60 52.04 -39.93 -9.15
N ALA K 61 51.17 -39.74 -8.17
CA ALA K 61 51.50 -39.00 -6.98
C ALA K 61 52.65 -39.66 -6.25
N ALA K 62 52.56 -40.98 -6.10
CA ALA K 62 53.60 -41.76 -5.43
C ALA K 62 54.93 -41.49 -6.11
N GLU K 63 54.99 -41.73 -7.42
CA GLU K 63 56.22 -41.56 -8.17
C GLU K 63 56.86 -40.20 -7.91
N LEU K 64 56.05 -39.21 -7.51
CA LEU K 64 56.53 -37.81 -7.35
C LEU K 64 56.79 -37.37 -5.91
N GLY K 65 56.29 -38.15 -4.95
CA GLY K 65 56.45 -37.83 -3.53
C GLY K 65 55.25 -37.16 -2.90
N LEU K 66 54.08 -37.30 -3.53
CA LEU K 66 52.87 -36.63 -3.08
C LEU K 66 51.81 -37.67 -2.78
N LYS K 67 50.75 -37.24 -2.14
CA LYS K 67 49.64 -38.11 -1.84
C LYS K 67 48.41 -37.44 -2.43
N ALA K 68 47.77 -38.09 -3.39
CA ALA K 68 46.64 -37.46 -4.05
C ALA K 68 45.37 -37.95 -3.41
N VAL K 69 44.50 -37.01 -3.02
CA VAL K 69 43.14 -37.33 -2.59
C VAL K 69 42.14 -36.90 -3.68
N VAL K 70 41.58 -37.89 -4.36
CA VAL K 70 40.68 -37.67 -5.50
C VAL K 70 39.23 -37.90 -5.10
N ARG K 71 38.38 -36.91 -5.34
CA ARG K 71 36.94 -37.03 -5.05
C ARG K 71 36.12 -36.49 -6.22
N GLN K 72 34.89 -36.98 -6.38
CA GLN K 72 33.97 -36.44 -7.36
C GLN K 72 32.59 -36.32 -6.74
N SER K 73 31.82 -35.30 -7.14
CA SER K 73 30.43 -35.15 -6.74
C SER K 73 29.57 -34.33 -7.71
N ASP K 74 28.28 -34.68 -7.85
CA ASP K 74 27.37 -33.87 -8.64
C ASP K 74 26.77 -32.75 -7.78
N SER K 75 27.19 -32.70 -6.52
CA SER K 75 26.66 -31.74 -5.59
C SER K 75 27.58 -30.53 -5.37
N GLU K 76 27.10 -29.34 -5.75
CA GLU K 76 27.86 -28.12 -5.51
C GLU K 76 28.20 -27.91 -4.00
N ALA K 77 27.27 -28.18 -3.10
CA ALA K 77 27.53 -27.99 -1.67
C ALA K 77 28.71 -28.85 -1.21
N GLN K 78 28.84 -30.03 -1.81
CA GLN K 78 29.94 -30.97 -1.52
C GLN K 78 31.27 -30.49 -2.03
N LEU K 79 31.34 -30.10 -3.29
CA LEU K 79 32.56 -29.52 -3.76
C LEU K 79 32.93 -28.32 -2.84
N LEU K 80 32.01 -27.42 -2.52
CA LEU K 80 32.30 -26.35 -1.59
C LEU K 80 32.95 -26.91 -0.35
N ASP K 81 32.34 -27.96 0.21
CA ASP K 81 32.86 -28.54 1.45
C ASP K 81 34.31 -28.91 1.28
N TRP K 82 34.61 -29.53 0.15
CA TRP K 82 35.95 -30.05 -0.14
C TRP K 82 36.95 -28.90 -0.27
N ILE K 83 36.57 -27.85 -0.97
CA ILE K 83 37.48 -26.71 -1.14
C ILE K 83 37.73 -26.05 0.22
N HIS K 84 36.68 -25.94 1.04
CA HIS K 84 36.80 -25.40 2.38
C HIS K 84 37.84 -26.21 3.10
N GLN K 85 37.74 -27.54 2.97
CA GLN K 85 38.66 -28.41 3.69
C GLN K 85 40.13 -28.23 3.23
N ALA K 86 40.34 -28.10 1.91
CA ALA K 86 41.67 -27.83 1.35
C ALA K 86 42.24 -26.49 1.87
N ALA K 87 41.37 -25.48 2.00
CA ALA K 87 41.75 -24.18 2.48
C ALA K 87 42.24 -24.23 3.94
N ASP K 88 41.55 -25.01 4.78
CA ASP K 88 41.87 -25.17 6.20
C ASP K 88 43.21 -25.88 6.37
N ALA K 89 43.49 -26.80 5.46
CA ALA K 89 44.71 -27.57 5.54
C ALA K 89 45.78 -26.91 4.72
N ALA K 90 45.46 -25.78 4.11
CA ALA K 90 46.40 -25.11 3.20
C ALA K 90 46.99 -26.10 2.19
N GLU K 91 46.13 -26.95 1.64
CA GLU K 91 46.48 -27.92 0.58
C GLU K 91 46.19 -27.39 -0.84
N PRO K 92 47.02 -27.81 -1.81
CA PRO K 92 46.84 -27.44 -3.20
C PRO K 92 45.68 -28.17 -3.85
N VAL K 93 44.96 -27.49 -4.73
CA VAL K 93 43.79 -28.08 -5.39
C VAL K 93 43.92 -28.10 -6.93
N ILE K 94 43.68 -29.29 -7.49
CA ILE K 94 43.46 -29.47 -8.92
C ILE K 94 41.97 -29.74 -9.10
N LEU K 95 41.25 -28.80 -9.73
CA LEU K 95 39.80 -28.82 -9.82
C LEU K 95 39.35 -28.83 -11.26
N ASN K 96 38.56 -29.84 -11.63
CA ASN K 96 37.75 -29.79 -12.85
C ASN K 96 36.29 -29.68 -12.45
N ALA K 97 35.75 -28.48 -12.52
CA ALA K 97 34.45 -28.20 -11.94
C ALA K 97 33.26 -28.58 -12.82
N GLY K 98 33.52 -29.19 -13.96
CA GLY K 98 32.45 -29.44 -14.92
C GLY K 98 31.71 -28.16 -15.27
N GLY K 99 30.39 -28.21 -15.35
CA GLY K 99 29.67 -27.02 -15.79
C GLY K 99 29.84 -25.80 -14.89
N LEU K 100 30.03 -26.04 -13.61
CA LEU K 100 29.93 -25.02 -12.59
C LEU K 100 30.99 -23.91 -12.76
N THR K 101 32.04 -24.26 -13.49
CA THR K 101 33.02 -23.33 -14.02
C THR K 101 32.36 -22.03 -14.53
N HIS K 102 31.23 -22.20 -15.22
CA HIS K 102 30.63 -21.10 -15.97
C HIS K 102 29.47 -20.47 -15.24
N THR K 103 29.13 -21.01 -14.07
CA THR K 103 27.84 -20.70 -13.46
C THR K 103 27.92 -20.37 -11.97
N SER K 104 28.88 -20.97 -11.28
CA SER K 104 28.90 -20.92 -9.84
C SER K 104 29.88 -19.89 -9.23
N VAL K 105 29.37 -18.71 -8.92
CA VAL K 105 30.10 -17.68 -8.17
C VAL K 105 30.50 -18.21 -6.78
N ALA K 106 29.61 -19.00 -6.18
CA ALA K 106 29.86 -19.61 -4.87
C ALA K 106 31.12 -20.51 -4.87
N LEU K 107 31.33 -21.23 -5.97
CA LEU K 107 32.55 -22.00 -6.19
C LEU K 107 33.82 -21.16 -6.24
N ARG K 108 33.83 -20.15 -7.12
CA ARG K 108 34.91 -19.17 -7.16
C ARG K 108 35.23 -18.65 -5.75
N ASP K 109 34.22 -18.16 -5.02
CA ASP K 109 34.43 -17.62 -3.69
C ASP K 109 35.21 -18.56 -2.76
N ALA K 110 34.84 -19.84 -2.79
CA ALA K 110 35.48 -20.83 -1.95
C ALA K 110 36.91 -21.02 -2.39
N CYS K 111 37.14 -21.03 -3.71
CA CYS K 111 38.49 -21.20 -4.26
C CYS K 111 39.48 -20.05 -4.00
N ALA K 112 38.94 -18.84 -3.87
CA ALA K 112 39.78 -17.64 -3.77
C ALA K 112 40.42 -17.66 -2.40
N GLU K 113 39.82 -18.44 -1.51
CA GLU K 113 40.31 -18.63 -0.16
C GLU K 113 41.57 -19.54 -0.08
N LEU K 114 41.86 -20.31 -1.14
CA LEU K 114 43.05 -21.21 -1.11
C LEU K 114 44.43 -20.49 -1.12
N SER K 115 45.23 -20.76 -0.10
CA SER K 115 46.61 -20.29 -0.02
C SER K 115 47.53 -21.03 -1.00
N ALA K 116 47.31 -22.33 -1.09
CA ALA K 116 48.07 -23.18 -2.00
C ALA K 116 47.63 -22.90 -3.47
N PRO K 117 48.43 -23.34 -4.46
CA PRO K 117 48.07 -23.18 -5.86
C PRO K 117 46.79 -23.94 -6.23
N LEU K 118 46.09 -23.41 -7.23
CA LEU K 118 44.86 -23.94 -7.70
C LEU K 118 45.02 -24.02 -9.22
N ILE K 119 45.00 -25.25 -9.73
CA ILE K 119 45.15 -25.49 -11.16
C ILE K 119 43.84 -26.08 -11.67
N GLU K 120 43.16 -25.27 -12.49
CA GLU K 120 41.94 -25.66 -13.13
C GLU K 120 42.27 -26.65 -14.26
N VAL K 121 41.50 -27.73 -14.39
CA VAL K 121 41.73 -28.68 -15.49
C VAL K 121 40.43 -29.06 -16.21
N HIS K 122 40.46 -29.04 -17.52
CA HIS K 122 39.35 -29.59 -18.29
C HIS K 122 39.90 -30.62 -19.26
N ILE K 123 39.29 -31.80 -19.28
CA ILE K 123 39.67 -32.90 -20.16
C ILE K 123 39.61 -32.44 -21.64
N SER K 124 38.47 -31.86 -22.03
CA SER K 124 38.20 -31.40 -23.40
C SER K 124 38.70 -29.96 -23.65
N ASN K 125 38.94 -29.61 -24.90
CA ASN K 125 39.24 -28.20 -25.24
C ASN K 125 37.96 -27.35 -25.26
N VAL K 126 37.56 -26.90 -24.09
CA VAL K 126 36.46 -25.96 -23.95
C VAL K 126 36.45 -24.80 -24.97
N HIS K 127 37.62 -24.32 -25.42
CA HIS K 127 37.65 -23.21 -26.41
C HIS K 127 37.29 -23.64 -27.86
N ALA K 128 36.94 -24.91 -28.05
CA ALA K 128 36.47 -25.38 -29.35
C ALA K 128 35.01 -25.83 -29.28
N ARG K 129 34.33 -25.44 -28.20
CA ARG K 129 32.98 -25.86 -27.93
C ARG K 129 32.12 -24.61 -27.68
N GLU K 130 30.83 -24.78 -27.42
CA GLU K 130 29.88 -23.68 -27.17
C GLU K 130 30.47 -22.41 -26.53
N GLU K 131 30.06 -21.25 -27.00
CA GLU K 131 30.64 -20.04 -26.45
C GLU K 131 30.58 -19.98 -24.94
N PHE K 132 29.48 -20.44 -24.33
CA PHE K 132 29.33 -20.35 -22.88
C PHE K 132 30.40 -21.07 -22.02
N ARG K 133 31.12 -22.02 -22.62
CA ARG K 133 32.25 -22.66 -21.95
C ARG K 133 33.57 -21.88 -22.14
N ARG K 134 33.60 -21.03 -23.15
CA ARG K 134 34.77 -20.20 -23.43
C ARG K 134 35.17 -19.21 -22.28
N HIS K 135 34.24 -18.94 -21.35
CA HIS K 135 34.47 -18.04 -20.20
C HIS K 135 34.27 -18.74 -18.82
N SER K 136 35.26 -18.58 -17.92
CA SER K 136 35.27 -19.29 -16.63
C SER K 136 35.36 -18.31 -15.47
N TYR K 137 34.63 -18.56 -14.37
CA TYR K 137 34.72 -17.75 -13.14
C TYR K 137 35.98 -18.05 -12.34
N LEU K 138 36.49 -19.27 -12.51
CA LEU K 138 37.65 -19.73 -11.75
C LEU K 138 38.98 -19.29 -12.37
N SER K 139 39.12 -19.47 -13.68
CA SER K 139 40.36 -19.07 -14.39
C SER K 139 41.05 -17.79 -13.88
N PRO K 140 40.30 -16.67 -13.75
CA PRO K 140 40.86 -15.44 -13.21
C PRO K 140 41.46 -15.53 -11.82
N ILE K 141 41.21 -16.61 -11.09
CA ILE K 141 41.83 -16.69 -9.76
C ILE K 141 42.55 -18.00 -9.55
N ALA K 142 42.99 -18.61 -10.64
CA ALA K 142 43.65 -19.90 -10.59
C ALA K 142 45.11 -19.59 -10.78
N THR K 143 45.99 -20.44 -10.26
CA THR K 143 47.40 -20.28 -10.60
C THR K 143 47.52 -20.47 -12.12
N GLY K 144 46.95 -21.57 -12.62
CA GLY K 144 46.91 -21.87 -14.03
C GLY K 144 45.76 -22.78 -14.47
N VAL K 145 45.68 -23.00 -15.77
CA VAL K 145 44.58 -23.73 -16.40
C VAL K 145 45.24 -24.59 -17.44
N ILE K 146 44.84 -25.86 -17.50
CA ILE K 146 45.28 -26.82 -18.55
C ILE K 146 44.06 -27.45 -19.16
N VAL K 147 43.92 -27.32 -20.45
CA VAL K 147 42.68 -27.64 -21.11
C VAL K 147 43.00 -28.44 -22.37
N GLY K 148 42.17 -29.41 -22.71
CA GLY K 148 42.23 -30.08 -24.03
C GLY K 148 43.27 -31.17 -24.25
N LEU K 149 43.91 -31.59 -23.16
CA LEU K 149 44.99 -32.56 -23.22
C LEU K 149 44.52 -33.93 -22.69
N GLY K 150 43.20 -34.10 -22.62
CA GLY K 150 42.63 -35.26 -22.05
C GLY K 150 43.14 -35.52 -20.64
N ILE K 151 43.04 -36.78 -20.27
CA ILE K 151 43.24 -37.20 -18.91
C ILE K 151 44.66 -36.90 -18.40
N GLN K 152 45.64 -36.85 -19.31
CA GLN K 152 47.02 -36.52 -18.95
C GLN K 152 47.12 -35.16 -18.25
N GLY K 153 46.16 -34.29 -18.55
CA GLY K 153 46.10 -32.95 -17.96
C GLY K 153 46.06 -32.97 -16.45
N TYR K 154 45.51 -34.04 -15.89
CA TYR K 154 45.50 -34.14 -14.44
C TYR K 154 46.90 -34.49 -13.94
N LEU K 155 47.61 -35.32 -14.69
CA LEU K 155 48.95 -35.74 -14.28
C LEU K 155 49.95 -34.62 -14.50
N LEU K 156 49.74 -33.82 -15.55
CA LEU K 156 50.63 -32.70 -15.81
C LEU K 156 50.50 -31.67 -14.70
N ALA K 157 49.27 -31.48 -14.20
CA ALA K 157 49.00 -30.51 -13.10
C ALA K 157 49.71 -30.96 -11.84
N LEU K 158 49.47 -32.21 -11.46
CA LEU K 158 50.24 -32.87 -10.43
C LEU K 158 51.75 -32.55 -10.51
N ARG K 159 52.28 -32.66 -11.71
CA ARG K 159 53.70 -32.56 -11.94
C ARG K 159 54.20 -31.11 -11.80
N TYR K 160 53.37 -30.13 -12.14
CA TYR K 160 53.66 -28.74 -11.81
C TYR K 160 53.73 -28.55 -10.30
N LEU K 161 52.76 -29.11 -9.57
CA LEU K 161 52.73 -29.01 -8.10
C LEU K 161 53.92 -29.71 -7.43
N ALA K 162 54.47 -30.72 -8.10
CA ALA K 162 55.68 -31.42 -7.64
C ALA K 162 56.97 -30.56 -7.74
N GLU K 163 57.01 -29.58 -8.63
CA GLU K 163 58.10 -28.61 -8.62
C GLU K 163 57.77 -27.31 -7.92
N HIS K 164 56.48 -27.00 -7.76
CA HIS K 164 55.93 -25.65 -7.39
C HIS K 164 56.18 -24.52 -8.41
N LEU L 24 7.60 -12.95 18.09
CA LEU L 24 7.76 -12.56 16.65
C LEU L 24 9.02 -13.12 15.98
N ILE L 25 8.83 -14.09 15.10
CA ILE L 25 9.94 -14.82 14.48
C ILE L 25 10.52 -14.12 13.25
N VAL L 26 11.83 -13.98 13.24
CA VAL L 26 12.56 -13.47 12.08
C VAL L 26 13.60 -14.48 11.62
N ASN L 27 13.59 -14.77 10.33
CA ASN L 27 14.55 -15.70 9.78
C ASN L 27 15.77 -15.01 9.23
N VAL L 28 16.93 -15.35 9.76
CA VAL L 28 18.17 -14.91 9.21
C VAL L 28 18.82 -16.11 8.53
N ILE L 29 18.89 -16.06 7.21
CA ILE L 29 19.41 -17.17 6.45
C ILE L 29 20.71 -16.78 5.76
N ASN L 30 21.77 -17.52 6.04
CA ASN L 30 23.07 -17.32 5.38
C ASN L 30 23.38 -18.40 4.34
N GLY L 31 23.76 -17.94 3.15
CA GLY L 31 24.02 -18.79 2.01
C GLY L 31 25.43 -19.33 1.99
N PRO L 32 25.83 -19.98 0.88
CA PRO L 32 27.13 -20.62 0.70
C PRO L 32 28.28 -19.79 1.23
N ASN L 33 29.31 -20.49 1.73
CA ASN L 33 30.59 -19.89 2.15
C ASN L 33 30.52 -19.08 3.43
N LEU L 34 29.32 -18.68 3.86
CA LEU L 34 29.15 -17.86 5.07
C LEU L 34 29.36 -18.59 6.41
N GLY L 35 29.46 -19.92 6.35
CA GLY L 35 29.85 -20.69 7.52
C GLY L 35 31.30 -20.39 7.87
N ARG L 36 31.95 -19.60 7.03
CA ARG L 36 33.38 -19.39 7.15
C ARG L 36 33.83 -17.98 7.56
N LEU L 37 32.89 -17.19 8.10
CA LEU L 37 33.19 -15.86 8.64
C LEU L 37 34.15 -15.97 9.81
N GLY L 38 35.13 -15.09 9.86
CA GLY L 38 36.11 -15.09 10.94
C GLY L 38 37.42 -15.76 10.54
N ARG L 39 37.31 -16.74 9.65
CA ARG L 39 38.46 -17.29 8.94
C ARG L 39 38.42 -16.58 7.61
N ARG L 40 37.80 -15.39 7.64
CA ARG L 40 37.59 -14.48 6.50
C ARG L 40 38.88 -13.97 5.85
N GLU L 41 38.81 -12.81 5.21
CA GLU L 41 39.88 -12.41 4.31
C GLU L 41 40.47 -11.05 4.67
N TYR L 45 32.57 -10.53 5.28
CA TYR L 45 33.96 -10.69 5.70
C TYR L 45 34.40 -9.61 6.71
N GLY L 46 34.45 -9.99 7.99
CA GLY L 46 34.99 -9.14 9.05
C GLY L 46 36.11 -9.83 9.82
N GLY L 47 35.85 -10.12 11.11
CA GLY L 47 36.76 -10.88 12.01
C GLY L 47 36.00 -11.79 12.99
N THR L 48 34.74 -11.46 13.20
CA THR L 48 33.73 -12.25 13.92
C THR L 48 33.39 -13.58 13.22
N THR L 49 33.02 -14.60 13.99
CA THR L 49 32.66 -15.91 13.40
C THR L 49 31.16 -16.11 13.22
N HIS L 50 30.78 -17.16 12.49
CA HIS L 50 29.36 -17.50 12.34
C HIS L 50 28.70 -17.81 13.68
N ASP L 51 29.31 -18.72 14.45
CA ASP L 51 28.86 -18.96 15.82
C ASP L 51 28.66 -17.64 16.57
N GLU L 52 29.66 -16.75 16.48
CA GLU L 52 29.53 -15.50 17.20
C GLU L 52 28.41 -14.63 16.67
N LEU L 53 28.37 -14.47 15.35
CA LEU L 53 27.27 -13.72 14.71
C LEU L 53 25.89 -14.22 15.09
N VAL L 54 25.71 -15.54 15.22
CA VAL L 54 24.43 -16.11 15.68
C VAL L 54 24.02 -15.52 17.05
N ALA L 55 25.01 -15.35 17.93
CA ALA L 55 24.79 -14.84 19.28
C ALA L 55 24.52 -13.32 19.28
N LEU L 56 25.29 -12.57 18.50
CA LEU L 56 25.01 -11.14 18.26
C LEU L 56 23.54 -10.94 17.89
N ILE L 57 23.15 -11.59 16.79
CA ILE L 57 21.86 -11.40 16.19
C ILE L 57 20.78 -11.72 17.20
N GLU L 58 20.89 -12.89 17.84
CA GLU L 58 19.88 -13.36 18.78
C GLU L 58 19.60 -12.36 19.92
N ARG L 59 20.69 -11.85 20.51
CA ARG L 59 20.62 -10.87 21.60
C ARG L 59 19.99 -9.53 21.16
N GLU L 60 20.43 -9.02 20.02
CA GLU L 60 19.85 -7.80 19.47
C GLU L 60 18.36 -7.98 19.14
N ALA L 61 18.01 -9.06 18.45
CA ALA L 61 16.61 -9.36 18.20
C ALA L 61 15.80 -9.35 19.49
N ALA L 62 16.27 -10.06 20.50
CA ALA L 62 15.57 -10.10 21.77
C ALA L 62 15.52 -8.72 22.41
N GLU L 63 16.65 -7.99 22.39
CA GLU L 63 16.64 -6.60 22.84
C GLU L 63 15.58 -5.77 22.13
N LEU L 64 15.23 -6.17 20.90
CA LEU L 64 14.30 -5.45 20.04
C LEU L 64 12.87 -6.00 20.10
N GLY L 65 12.65 -6.95 21.02
CA GLY L 65 11.37 -7.62 21.19
C GLY L 65 11.10 -8.72 20.17
N LEU L 66 12.18 -9.26 19.58
CA LEU L 66 12.07 -10.27 18.52
C LEU L 66 12.82 -11.56 18.85
N LYS L 67 12.50 -12.62 18.09
CA LYS L 67 13.28 -13.87 18.08
C LYS L 67 13.87 -14.12 16.70
N ALA L 68 15.17 -14.32 16.63
CA ALA L 68 15.81 -14.57 15.36
C ALA L 68 16.28 -16.00 15.29
N VAL L 69 15.79 -16.75 14.30
CA VAL L 69 16.41 -18.04 13.99
C VAL L 69 17.45 -17.78 12.91
N VAL L 70 18.71 -18.07 13.24
CA VAL L 70 19.82 -17.90 12.30
C VAL L 70 20.35 -19.25 11.81
N ARG L 71 20.29 -19.47 10.48
CA ARG L 71 20.82 -20.69 9.89
C ARG L 71 21.73 -20.37 8.69
N GLN L 72 22.74 -21.20 8.50
CA GLN L 72 23.60 -21.17 7.32
C GLN L 72 23.67 -22.56 6.65
N SER L 73 23.69 -22.58 5.32
CA SER L 73 23.88 -23.79 4.53
C SER L 73 24.63 -23.51 3.21
N ASP L 74 25.36 -24.51 2.72
CA ASP L 74 26.04 -24.38 1.45
C ASP L 74 25.15 -24.95 0.35
N SER L 75 23.95 -25.39 0.73
CA SER L 75 23.08 -26.15 -0.16
C SER L 75 21.90 -25.32 -0.55
N GLU L 76 21.83 -24.99 -1.82
CA GLU L 76 20.71 -24.27 -2.38
C GLU L 76 19.38 -24.95 -2.04
N ALA L 77 19.32 -26.28 -2.15
CA ALA L 77 18.11 -27.04 -1.85
C ALA L 77 17.70 -26.81 -0.41
N GLN L 78 18.68 -26.75 0.49
CA GLN L 78 18.40 -26.46 1.87
C GLN L 78 17.83 -25.05 1.95
N LEU L 79 18.48 -24.08 1.33
CA LEU L 79 17.95 -22.70 1.36
C LEU L 79 16.50 -22.61 0.95
N LEU L 80 16.14 -23.30 -0.14
CA LEU L 80 14.76 -23.27 -0.62
C LEU L 80 13.76 -23.73 0.43
N ASP L 81 14.15 -24.78 1.15
CA ASP L 81 13.31 -25.33 2.19
C ASP L 81 12.96 -24.32 3.28
N TRP L 82 13.99 -23.63 3.80
CA TRP L 82 13.80 -22.64 4.85
C TRP L 82 12.94 -21.49 4.31
N ILE L 83 13.27 -21.05 3.11
CA ILE L 83 12.47 -20.02 2.46
C ILE L 83 11.03 -20.52 2.27
N HIS L 84 10.86 -21.77 1.84
CA HIS L 84 9.51 -22.33 1.80
C HIS L 84 8.88 -22.20 3.19
N GLN L 85 9.63 -22.56 4.24
CA GLN L 85 8.99 -22.59 5.54
C GLN L 85 8.59 -21.21 6.00
N ALA L 86 9.50 -20.26 5.87
CA ALA L 86 9.19 -18.90 6.29
C ALA L 86 8.06 -18.27 5.45
N ALA L 87 7.91 -18.74 4.21
CA ALA L 87 6.78 -18.36 3.38
C ALA L 87 5.46 -18.89 3.97
N ASP L 88 5.46 -20.17 4.35
CA ASP L 88 4.27 -20.84 4.90
C ASP L 88 3.89 -20.31 6.25
N ALA L 89 4.90 -19.89 7.01
CA ALA L 89 4.73 -19.25 8.32
C ALA L 89 4.43 -17.75 8.24
N ALA L 90 4.50 -17.17 7.02
CA ALA L 90 4.50 -15.70 6.85
C ALA L 90 5.48 -14.99 7.80
N GLU L 91 6.66 -15.60 8.03
CA GLU L 91 7.78 -15.00 8.76
C GLU L 91 8.63 -14.15 7.82
N PRO L 92 9.06 -12.96 8.28
CA PRO L 92 10.00 -12.14 7.50
C PRO L 92 11.37 -12.80 7.32
N VAL L 93 12.13 -12.34 6.33
CA VAL L 93 13.45 -12.90 6.05
C VAL L 93 14.56 -11.83 5.85
N ILE L 94 15.67 -12.05 6.54
CA ILE L 94 16.93 -11.36 6.27
C ILE L 94 17.77 -12.43 5.60
N LEU L 95 18.12 -12.21 4.34
CA LEU L 95 18.86 -13.23 3.62
C LEU L 95 20.14 -12.68 3.06
N ASN L 96 21.24 -13.37 3.31
CA ASN L 96 22.49 -13.07 2.65
C ASN L 96 22.87 -14.33 1.91
N ALA L 97 22.62 -14.36 0.61
CA ALA L 97 22.56 -15.59 -0.16
C ALA L 97 23.91 -15.99 -0.73
N GLY L 98 24.92 -15.17 -0.45
CA GLY L 98 26.27 -15.37 -0.98
C GLY L 98 26.32 -15.15 -2.48
N GLY L 99 26.99 -16.08 -3.16
CA GLY L 99 27.14 -16.04 -4.62
C GLY L 99 25.83 -16.31 -5.32
N LEU L 100 24.88 -16.92 -4.63
CA LEU L 100 23.66 -17.39 -5.27
C LEU L 100 22.78 -16.24 -5.63
N THR L 101 22.96 -15.14 -4.91
CA THR L 101 22.37 -13.84 -5.28
C THR L 101 22.45 -13.59 -6.79
N HIS L 102 23.56 -13.97 -7.38
CA HIS L 102 23.81 -13.61 -8.77
C HIS L 102 23.47 -14.73 -9.74
N THR L 103 23.08 -15.89 -9.23
CA THR L 103 23.07 -17.07 -10.08
C THR L 103 21.82 -17.93 -9.96
N SER L 104 20.95 -17.67 -9.00
CA SER L 104 19.85 -18.59 -8.77
C SER L 104 18.49 -17.97 -8.97
N VAL L 105 17.81 -18.46 -9.99
CA VAL L 105 16.46 -18.07 -10.31
C VAL L 105 15.56 -18.82 -9.37
N ALA L 106 15.95 -20.06 -9.08
CA ALA L 106 15.21 -20.88 -8.13
C ALA L 106 15.08 -20.12 -6.81
N LEU L 107 16.17 -19.52 -6.35
CA LEU L 107 16.11 -18.66 -5.18
C LEU L 107 15.13 -17.50 -5.42
N ARG L 108 15.38 -16.71 -6.45
CA ARG L 108 14.49 -15.59 -6.72
C ARG L 108 13.06 -16.07 -6.57
N ASP L 109 12.73 -17.16 -7.27
CA ASP L 109 11.37 -17.71 -7.28
C ASP L 109 10.89 -18.09 -5.90
N ALA L 110 11.72 -18.79 -5.13
CA ALA L 110 11.33 -19.21 -3.80
C ALA L 110 10.99 -17.97 -2.99
N CYS L 111 11.86 -16.95 -3.07
CA CYS L 111 11.69 -15.72 -2.29
C CYS L 111 10.47 -14.85 -2.63
N ALA L 112 10.06 -14.88 -3.91
CA ALA L 112 8.94 -14.07 -4.38
C ALA L 112 7.65 -14.42 -3.65
N GLU L 113 7.61 -15.63 -3.11
CA GLU L 113 6.44 -16.17 -2.44
C GLU L 113 6.19 -15.55 -1.06
N LEU L 114 7.25 -15.09 -0.40
CA LEU L 114 7.15 -14.48 0.93
C LEU L 114 6.22 -13.29 0.90
N SER L 115 5.42 -13.14 1.94
CA SER L 115 4.46 -12.05 1.99
C SER L 115 4.90 -11.01 3.03
N ALA L 116 5.75 -11.45 3.98
CA ALA L 116 6.38 -10.55 4.95
C ALA L 116 7.68 -9.98 4.37
N PRO L 117 8.19 -8.87 4.93
CA PRO L 117 9.35 -8.29 4.26
C PRO L 117 10.53 -9.24 4.08
N LEU L 118 11.22 -9.03 2.97
CA LEU L 118 12.51 -9.66 2.70
C LEU L 118 13.58 -8.57 2.62
N ILE L 119 14.62 -8.67 3.45
CA ILE L 119 15.80 -7.77 3.39
C ILE L 119 17.05 -8.54 2.92
N GLU L 120 17.66 -8.09 1.83
CA GLU L 120 18.91 -8.72 1.35
C GLU L 120 20.06 -7.98 1.96
N VAL L 121 20.95 -8.72 2.59
CA VAL L 121 22.07 -8.11 3.29
C VAL L 121 23.39 -8.62 2.69
N HIS L 122 24.41 -7.80 2.65
CA HIS L 122 25.73 -8.30 2.35
C HIS L 122 26.72 -7.56 3.24
N ILE L 123 27.80 -8.22 3.63
CA ILE L 123 28.71 -7.70 4.63
C ILE L 123 29.63 -6.65 4.01
N SER L 124 29.95 -6.87 2.74
CA SER L 124 30.95 -6.12 2.00
C SER L 124 30.28 -5.32 0.92
N ASN L 125 30.94 -4.27 0.45
CA ASN L 125 30.37 -3.49 -0.65
C ASN L 125 30.59 -4.21 -1.97
N VAL L 126 29.50 -4.84 -2.41
CA VAL L 126 29.40 -5.63 -3.65
C VAL L 126 29.51 -4.75 -4.89
N HIS L 127 29.16 -3.47 -4.77
CA HIS L 127 29.20 -2.58 -5.93
C HIS L 127 30.64 -2.12 -6.20
N ALA L 128 31.54 -2.49 -5.30
CA ALA L 128 32.93 -2.03 -5.40
C ALA L 128 33.86 -3.14 -5.83
N ARG L 129 33.28 -4.27 -6.21
CA ARG L 129 34.09 -5.42 -6.58
C ARG L 129 33.91 -5.77 -8.06
N GLU L 130 33.76 -7.06 -8.37
CA GLU L 130 33.68 -7.54 -9.75
C GLU L 130 32.39 -7.11 -10.42
N GLU L 131 32.37 -7.10 -11.74
CA GLU L 131 31.16 -6.78 -12.46
C GLU L 131 30.05 -7.80 -12.18
N PHE L 132 30.38 -9.08 -12.13
CA PHE L 132 29.35 -10.11 -11.89
C PHE L 132 28.62 -9.97 -10.55
N ARG L 133 29.23 -9.24 -9.61
CA ARG L 133 28.63 -9.03 -8.28
C ARG L 133 27.63 -7.87 -8.25
N ARG L 134 27.40 -7.22 -9.38
CA ARG L 134 26.62 -5.99 -9.37
C ARG L 134 25.20 -6.19 -9.85
N HIS L 135 24.85 -7.43 -10.22
CA HIS L 135 23.49 -7.78 -10.56
C HIS L 135 22.98 -8.80 -9.53
N SER L 136 21.68 -8.74 -9.23
CA SER L 136 21.10 -9.69 -8.31
C SER L 136 19.73 -10.15 -8.77
N TYR L 137 19.46 -11.44 -8.57
CA TYR L 137 18.15 -11.96 -8.88
C TYR L 137 17.19 -11.59 -7.77
N LEU L 138 17.72 -11.28 -6.59
CA LEU L 138 16.86 -11.08 -5.44
C LEU L 138 16.48 -9.64 -5.25
N SER L 139 17.45 -8.75 -5.43
CA SER L 139 17.20 -7.35 -5.13
C SER L 139 15.88 -6.88 -5.72
N PRO L 140 15.60 -7.21 -7.00
CA PRO L 140 14.32 -6.76 -7.59
C PRO L 140 13.06 -7.15 -6.83
N ILE L 141 13.10 -8.21 -6.05
CA ILE L 141 11.88 -8.58 -5.33
C ILE L 141 12.05 -8.54 -3.82
N ALA L 142 13.20 -8.06 -3.36
CA ALA L 142 13.37 -7.75 -1.93
C ALA L 142 12.59 -6.46 -1.62
N THR L 143 12.20 -6.30 -0.34
CA THR L 143 11.70 -5.00 0.13
C THR L 143 12.84 -4.00 0.01
N GLY L 144 14.02 -4.38 0.55
CA GLY L 144 15.17 -3.50 0.61
C GLY L 144 16.44 -4.28 0.70
N VAL L 145 17.58 -3.59 0.56
CA VAL L 145 18.91 -4.21 0.52
C VAL L 145 19.89 -3.37 1.34
N ILE L 146 20.79 -4.05 2.05
CA ILE L 146 21.84 -3.42 2.86
C ILE L 146 23.20 -4.09 2.56
N VAL L 147 24.17 -3.27 2.23
CA VAL L 147 25.37 -3.73 1.59
C VAL L 147 26.51 -2.88 2.15
N GLY L 148 27.68 -3.47 2.33
CA GLY L 148 28.85 -2.74 2.80
C GLY L 148 29.01 -2.41 4.28
N LEU L 149 27.95 -2.57 5.09
CA LEU L 149 27.98 -2.10 6.50
C LEU L 149 28.38 -3.15 7.50
N GLY L 150 29.12 -4.14 7.04
CA GLY L 150 29.52 -5.24 7.90
C GLY L 150 28.40 -6.06 8.48
N ILE L 151 28.80 -7.00 9.32
CA ILE L 151 27.94 -7.70 10.24
C ILE L 151 26.85 -6.76 10.84
N GLN L 152 27.15 -5.47 11.03
CA GLN L 152 26.11 -4.51 11.50
C GLN L 152 24.89 -4.46 10.56
N GLY L 153 25.08 -4.73 9.28
CA GLY L 153 23.94 -4.77 8.36
C GLY L 153 22.81 -5.67 8.82
N TYR L 154 23.18 -6.73 9.53
CA TYR L 154 22.18 -7.65 10.02
C TYR L 154 21.38 -7.06 11.14
N LEU L 155 22.07 -6.31 11.99
CA LEU L 155 21.44 -5.65 13.13
C LEU L 155 20.49 -4.57 12.67
N LEU L 156 20.86 -3.79 11.67
CA LEU L 156 19.93 -2.75 11.18
C LEU L 156 18.73 -3.37 10.49
N ALA L 157 18.97 -4.42 9.71
CA ALA L 157 17.85 -5.12 9.03
C ALA L 157 16.77 -5.49 10.03
N LEU L 158 17.20 -6.01 11.19
CA LEU L 158 16.30 -6.41 12.26
C LEU L 158 15.52 -5.23 12.77
N ARG L 159 16.16 -4.07 12.72
CA ARG L 159 15.62 -2.89 13.33
C ARG L 159 14.53 -2.36 12.44
N TYR L 160 14.68 -2.60 11.14
CA TYR L 160 13.62 -2.21 10.22
C TYR L 160 12.43 -3.11 10.45
N LEU L 161 12.66 -4.42 10.55
CA LEU L 161 11.55 -5.36 10.76
C LEU L 161 10.83 -5.09 12.09
N ALA L 162 11.61 -4.75 13.11
CA ALA L 162 11.06 -4.30 14.38
C ALA L 162 10.05 -3.16 14.21
N GLU L 163 10.33 -2.18 13.36
CA GLU L 163 9.37 -1.08 13.12
C GLU L 163 8.40 -1.29 11.93
N HIS L 164 8.92 -1.77 10.79
CA HIS L 164 8.15 -2.06 9.52
C HIS L 164 8.13 -0.95 8.45
N LEU M 24 11.47 34.58 18.08
CA LEU M 24 10.27 33.73 17.81
C LEU M 24 8.96 34.52 17.92
N ILE M 25 8.04 34.20 17.02
CA ILE M 25 6.72 34.77 17.06
C ILE M 25 5.79 33.77 17.72
N VAL M 26 4.92 34.28 18.59
CA VAL M 26 3.86 33.49 19.20
C VAL M 26 2.51 34.11 18.86
N ASN M 27 1.57 33.29 18.41
CA ASN M 27 0.21 33.75 18.18
C ASN M 27 -0.72 33.64 19.37
N VAL M 28 -1.65 34.58 19.47
CA VAL M 28 -2.77 34.46 20.36
C VAL M 28 -4.07 34.60 19.54
N ILE M 29 -4.78 33.50 19.34
CA ILE M 29 -6.00 33.58 18.57
C ILE M 29 -7.26 33.44 19.43
N ASN M 30 -8.12 34.44 19.32
CA ASN M 30 -9.35 34.48 20.07
C ASN M 30 -10.63 34.32 19.26
N GLY M 31 -11.45 33.36 19.68
CA GLY M 31 -12.66 33.00 18.97
C GLY M 31 -13.78 34.01 19.21
N PRO M 32 -15.01 33.65 18.77
CA PRO M 32 -16.18 34.53 18.81
C PRO M 32 -16.56 34.98 20.23
N ASN M 33 -17.11 36.19 20.34
CA ASN M 33 -17.52 36.80 21.61
C ASN M 33 -16.39 37.36 22.48
N LEU M 34 -15.17 36.84 22.29
CA LEU M 34 -14.03 37.27 23.09
C LEU M 34 -13.62 38.76 22.96
N GLY M 35 -13.94 39.37 21.82
CA GLY M 35 -13.68 40.80 21.60
C GLY M 35 -14.51 41.72 22.48
N ARG M 36 -15.58 41.19 23.07
CA ARG M 36 -16.48 41.96 23.90
C ARG M 36 -15.95 41.94 25.32
N LEU M 37 -14.84 41.23 25.51
CA LEU M 37 -14.36 40.86 26.82
C LEU M 37 -14.77 41.83 27.93
N GLY M 38 -14.32 43.08 27.83
CA GLY M 38 -14.68 44.12 28.79
C GLY M 38 -14.55 43.60 30.22
N ARG M 39 -15.53 43.81 31.10
CA ARG M 39 -16.78 44.58 30.90
C ARG M 39 -17.62 44.34 29.63
N ARG M 40 -18.92 44.55 29.78
CA ARG M 40 -19.97 43.97 28.91
C ARG M 40 -20.22 42.48 29.27
N GLU M 41 -19.84 42.09 30.50
CA GLU M 41 -20.26 40.86 31.21
C GLU M 41 -19.19 40.34 32.19
N PRO M 42 -18.97 41.09 33.30
CA PRO M 42 -17.85 40.80 34.20
C PRO M 42 -18.21 39.60 35.06
N ALA M 43 -17.70 39.56 36.30
CA ALA M 43 -18.07 38.53 37.28
C ALA M 43 -17.91 37.07 36.81
N VAL M 44 -17.68 36.91 35.49
CA VAL M 44 -17.57 35.61 34.84
C VAL M 44 -16.29 35.68 34.02
N TYR M 45 -16.01 36.90 33.60
CA TYR M 45 -14.85 37.26 32.81
C TYR M 45 -14.25 38.50 33.44
N GLY M 46 -12.92 38.52 33.53
CA GLY M 46 -12.22 39.64 34.16
C GLY M 46 -12.75 41.00 33.74
N GLY M 47 -12.51 42.00 34.57
CA GLY M 47 -12.89 43.36 34.23
C GLY M 47 -11.87 44.06 33.34
N THR M 48 -10.97 43.29 32.75
CA THR M 48 -9.97 43.80 31.80
C THR M 48 -10.49 43.62 30.37
N THR M 49 -10.40 44.66 29.54
CA THR M 49 -10.95 44.60 28.18
C THR M 49 -10.05 43.85 27.22
N HIS M 50 -10.56 43.62 26.01
CA HIS M 50 -9.77 42.90 25.03
C HIS M 50 -8.53 43.69 24.65
N ASP M 51 -8.63 45.02 24.62
CA ASP M 51 -7.48 45.92 24.37
C ASP M 51 -6.40 45.79 25.42
N GLU M 52 -6.81 45.92 26.68
CA GLU M 52 -5.90 45.78 27.82
C GLU M 52 -5.18 44.42 27.77
N LEU M 53 -5.92 43.36 27.45
CA LEU M 53 -5.37 42.01 27.37
C LEU M 53 -4.31 41.84 26.27
N VAL M 54 -4.52 42.51 25.14
CA VAL M 54 -3.55 42.50 24.07
C VAL M 54 -2.23 43.14 24.60
N ALA M 55 -2.37 44.32 25.20
CA ALA M 55 -1.24 45.08 25.73
C ALA M 55 -0.51 44.27 26.78
N LEU M 56 -1.27 43.59 27.64
CA LEU M 56 -0.69 42.80 28.71
C LEU M 56 0.16 41.67 28.17
N ILE M 57 -0.24 41.12 27.03
CA ILE M 57 0.45 39.96 26.45
C ILE M 57 1.81 40.39 25.90
N GLU M 58 1.79 41.32 24.95
CA GLU M 58 2.97 41.85 24.23
C GLU M 58 4.04 42.38 25.17
N ARG M 59 3.60 42.96 26.28
CA ARG M 59 4.50 43.43 27.33
C ARG M 59 5.17 42.22 28.00
N GLU M 60 4.36 41.37 28.63
CA GLU M 60 4.84 40.15 29.23
C GLU M 60 5.64 39.30 28.23
N ALA M 61 5.27 39.38 26.95
CA ALA M 61 5.99 38.65 25.89
C ALA M 61 7.40 39.20 25.71
N ALA M 62 7.50 40.53 25.67
CA ALA M 62 8.77 41.23 25.51
C ALA M 62 9.79 40.77 26.56
N GLU M 63 9.37 40.80 27.83
CA GLU M 63 10.24 40.40 28.96
C GLU M 63 10.71 38.94 28.85
N LEU M 64 10.15 38.19 27.91
CA LEU M 64 10.51 36.79 27.75
C LEU M 64 11.30 36.51 26.48
N GLY M 65 11.55 37.55 25.69
CA GLY M 65 12.20 37.39 24.39
C GLY M 65 11.26 36.82 23.33
N LEU M 66 9.96 36.96 23.57
CA LEU M 66 8.96 36.56 22.59
C LEU M 66 8.28 37.78 21.96
N LYS M 67 7.83 37.62 20.72
CA LYS M 67 7.04 38.62 20.00
C LYS M 67 5.65 38.02 19.78
N ALA M 68 4.63 38.60 20.40
CA ALA M 68 3.27 38.03 20.31
C ALA M 68 2.37 38.73 19.29
N VAL M 69 1.49 37.96 18.68
CA VAL M 69 0.53 38.49 17.72
C VAL M 69 -0.88 38.10 18.16
N VAL M 70 -1.50 39.01 18.91
CA VAL M 70 -2.89 38.86 19.36
C VAL M 70 -3.93 39.32 18.33
N ARG M 71 -4.84 38.42 17.94
CA ARG M 71 -5.92 38.70 16.99
C ARG M 71 -7.22 38.00 17.45
N GLN M 72 -8.38 38.61 17.21
CA GLN M 72 -9.70 38.04 17.59
C GLN M 72 -10.72 38.16 16.45
N SER M 73 -11.54 37.13 16.28
CA SER M 73 -12.54 37.12 15.21
C SER M 73 -13.74 36.25 15.54
N ASP M 74 -14.91 36.69 15.06
CA ASP M 74 -16.19 36.00 15.18
C ASP M 74 -16.38 35.08 13.98
N SER M 75 -15.51 35.22 13.00
CA SER M 75 -15.57 34.38 11.81
C SER M 75 -14.72 33.11 11.93
N GLU M 76 -15.35 31.97 11.74
CA GLU M 76 -14.65 30.71 11.87
C GLU M 76 -13.59 30.47 10.79
N ALA M 77 -13.80 31.04 9.60
CA ALA M 77 -12.87 30.87 8.47
C ALA M 77 -11.66 31.80 8.59
N GLN M 78 -11.89 33.01 9.08
CA GLN M 78 -10.81 33.89 9.52
C GLN M 78 -9.89 33.19 10.52
N LEU M 79 -10.48 32.46 11.48
CA LEU M 79 -9.73 31.68 12.44
C LEU M 79 -8.99 30.55 11.73
N LEU M 80 -9.68 29.84 10.84
CA LEU M 80 -8.99 28.82 10.02
C LEU M 80 -7.75 29.38 9.34
N ASP M 81 -7.85 30.60 8.85
CA ASP M 81 -6.78 31.16 8.08
C ASP M 81 -5.61 31.63 8.94
N TRP M 82 -5.92 32.20 10.11
CA TRP M 82 -4.89 32.55 11.08
C TRP M 82 -4.10 31.34 11.56
N ILE M 83 -4.75 30.18 11.63
CA ILE M 83 -4.08 28.93 12.00
C ILE M 83 -3.39 28.33 10.79
N HIS M 84 -4.02 28.46 9.62
CA HIS M 84 -3.45 27.96 8.37
C HIS M 84 -2.02 28.50 8.15
N GLN M 85 -1.86 29.81 8.36
CA GLN M 85 -0.59 30.52 8.19
C GLN M 85 0.45 30.08 9.21
N ALA M 86 0.06 30.09 10.49
CA ALA M 86 0.89 29.59 11.59
C ALA M 86 1.46 28.19 11.33
N ALA M 87 0.71 27.34 10.62
CA ALA M 87 1.22 26.02 10.27
C ALA M 87 2.39 26.15 9.30
N ASP M 88 2.20 27.01 8.29
CA ASP M 88 3.17 27.21 7.21
C ASP M 88 4.49 27.82 7.66
N ALA M 89 4.41 28.73 8.64
CA ALA M 89 5.58 29.38 9.19
C ALA M 89 6.07 28.74 10.51
N ALA M 90 5.51 27.56 10.84
CA ALA M 90 5.85 26.80 12.07
C ALA M 90 5.97 27.63 13.38
N GLU M 91 4.95 28.44 13.69
CA GLU M 91 4.96 29.27 14.90
C GLU M 91 3.93 28.76 15.93
N PRO M 92 4.22 28.92 17.23
CA PRO M 92 3.32 28.41 18.26
C PRO M 92 1.99 29.14 18.30
N VAL M 93 0.99 28.49 18.87
CA VAL M 93 -0.35 29.05 18.97
C VAL M 93 -0.92 28.88 20.37
N ILE M 94 -1.40 29.99 20.94
CA ILE M 94 -2.23 30.00 22.14
C ILE M 94 -3.67 30.27 21.69
N LEU M 95 -4.60 29.36 22.00
CA LEU M 95 -5.95 29.47 21.42
C LEU M 95 -7.09 29.47 22.43
N ASN M 96 -7.91 30.52 22.37
CA ASN M 96 -9.21 30.49 23.00
C ASN M 96 -10.31 30.60 21.92
N ALA M 97 -10.77 29.44 21.47
CA ALA M 97 -11.69 29.39 20.36
C ALA M 97 -13.11 29.67 20.80
N GLY M 98 -13.31 29.97 22.09
CA GLY M 98 -14.65 30.14 22.66
C GLY M 98 -15.55 28.91 22.47
N GLY M 99 -16.83 29.13 22.19
CA GLY M 99 -17.72 28.03 21.88
C GLY M 99 -17.17 27.06 20.84
N LEU M 100 -16.40 27.56 19.87
CA LEU M 100 -16.05 26.72 18.74
C LEU M 100 -15.29 25.43 19.12
N THR M 101 -14.61 25.46 20.26
CA THR M 101 -13.84 24.33 20.80
C THR M 101 -14.68 23.05 20.90
N HIS M 102 -16.01 23.24 20.97
CA HIS M 102 -16.93 22.12 21.17
C HIS M 102 -17.63 21.75 19.86
N THR M 103 -17.47 22.59 18.84
CA THR M 103 -18.29 22.52 17.64
C THR M 103 -17.51 22.32 16.33
N SER M 104 -16.23 22.70 16.30
CA SER M 104 -15.52 22.71 15.03
C SER M 104 -14.56 21.53 14.78
N VAL M 105 -14.89 20.67 13.83
CA VAL M 105 -13.93 19.67 13.38
C VAL M 105 -12.93 20.38 12.45
N ALA M 106 -13.44 21.38 11.74
CA ALA M 106 -12.66 22.28 10.89
C ALA M 106 -11.48 22.87 11.63
N LEU M 107 -11.77 23.54 12.74
CA LEU M 107 -10.75 24.16 13.54
C LEU M 107 -9.82 23.08 14.06
N ARG M 108 -10.38 21.96 14.51
CA ARG M 108 -9.57 20.85 14.97
C ARG M 108 -8.68 20.36 13.84
N ASP M 109 -9.23 20.17 12.66
CA ASP M 109 -8.38 19.68 11.58
C ASP M 109 -7.27 20.68 11.28
N ALA M 110 -7.61 21.97 11.34
CA ALA M 110 -6.63 23.00 11.10
C ALA M 110 -5.50 22.96 12.13
N CYS M 111 -5.87 22.81 13.41
CA CYS M 111 -4.89 22.86 14.51
C CYS M 111 -4.03 21.61 14.57
N ALA M 112 -4.53 20.52 14.00
CA ALA M 112 -3.78 19.28 13.89
C ALA M 112 -2.67 19.39 12.82
N GLU M 113 -2.73 20.44 12.00
CA GLU M 113 -1.67 20.73 11.02
C GLU M 113 -0.47 21.35 11.71
N LEU M 114 -0.69 22.04 12.82
CA LEU M 114 0.41 22.71 13.53
C LEU M 114 1.49 21.69 13.90
N SER M 115 2.70 22.19 14.15
CA SER M 115 3.80 21.32 14.55
C SER M 115 4.67 21.98 15.61
N ALA M 116 4.49 23.29 15.79
CA ALA M 116 4.99 23.93 16.99
C ALA M 116 3.84 23.76 18.00
N PRO M 117 4.12 23.95 19.31
CA PRO M 117 3.08 23.84 20.33
C PRO M 117 1.75 24.53 20.04
N LEU M 118 0.67 23.82 20.28
CA LEU M 118 -0.63 24.44 20.43
C LEU M 118 -0.93 24.45 21.91
N ILE M 119 -1.22 25.62 22.46
CA ILE M 119 -1.76 25.70 23.81
C ILE M 119 -3.18 26.23 23.76
N GLU M 120 -4.14 25.38 24.11
CA GLU M 120 -5.53 25.81 24.28
C GLU M 120 -5.67 26.47 25.66
N VAL M 121 -6.30 27.64 25.70
CA VAL M 121 -6.54 28.40 26.95
C VAL M 121 -8.01 28.83 27.04
N HIS M 122 -8.56 28.81 28.26
CA HIS M 122 -9.90 29.33 28.54
C HIS M 122 -9.84 30.19 29.81
N ILE M 123 -10.63 31.26 29.85
CA ILE M 123 -10.60 32.20 30.98
C ILE M 123 -11.29 31.59 32.20
N SER M 124 -12.47 30.99 31.97
CA SER M 124 -13.34 30.45 33.01
C SER M 124 -13.10 28.96 33.19
N ASN M 125 -13.59 28.39 34.29
CA ASN M 125 -13.43 26.96 34.50
C ASN M 125 -14.52 26.19 33.80
N VAL M 126 -14.25 25.79 32.57
CA VAL M 126 -15.26 25.18 31.69
C VAL M 126 -15.85 23.87 32.25
N HIS M 127 -15.18 23.25 33.22
CA HIS M 127 -15.67 22.03 33.88
C HIS M 127 -16.64 22.32 35.03
N ALA M 128 -16.69 23.58 35.45
CA ALA M 128 -17.60 24.00 36.50
C ALA M 128 -18.90 24.44 35.86
N ARG M 129 -18.96 24.37 34.55
CA ARG M 129 -20.10 24.83 33.80
C ARG M 129 -20.83 23.68 33.09
N GLU M 130 -21.63 24.08 32.11
CA GLU M 130 -22.44 23.22 31.25
C GLU M 130 -21.70 22.04 30.61
N GLU M 131 -22.32 20.86 30.64
CA GLU M 131 -21.71 19.65 30.08
C GLU M 131 -21.28 19.80 28.63
N PHE M 132 -21.92 20.69 27.87
CA PHE M 132 -21.53 20.84 26.47
C PHE M 132 -20.11 21.39 26.36
N ARG M 133 -19.66 22.04 27.45
CA ARG M 133 -18.31 22.62 27.55
C ARG M 133 -17.21 21.70 28.07
N ARG M 134 -17.58 20.46 28.41
CA ARG M 134 -16.64 19.50 29.03
C ARG M 134 -15.87 18.59 28.03
N HIS M 135 -16.42 18.42 26.82
CA HIS M 135 -15.67 17.83 25.70
C HIS M 135 -15.10 18.96 24.84
N SER M 136 -13.80 18.90 24.56
CA SER M 136 -13.20 19.83 23.63
C SER M 136 -12.59 19.06 22.48
N TYR M 137 -12.94 19.42 21.24
CA TYR M 137 -12.31 18.84 20.05
C TYR M 137 -10.79 19.00 20.00
N LEU M 138 -10.29 20.08 20.62
CA LEU M 138 -8.90 20.55 20.49
C LEU M 138 -7.90 19.90 21.43
N SER M 139 -8.29 19.77 22.70
CA SER M 139 -7.44 19.22 23.75
C SER M 139 -6.77 17.86 23.44
N PRO M 140 -7.45 16.96 22.72
CA PRO M 140 -6.74 15.70 22.46
C PRO M 140 -5.55 15.87 21.50
N ILE M 141 -5.52 17.00 20.80
CA ILE M 141 -4.48 17.28 19.79
C ILE M 141 -3.56 18.45 20.21
N ALA M 142 -3.95 19.14 21.27
CA ALA M 142 -3.18 20.25 21.83
C ALA M 142 -2.00 19.78 22.67
N THR M 143 -1.03 20.65 22.85
CA THR M 143 0.13 20.33 23.65
C THR M 143 -0.33 20.30 25.10
N GLY M 144 -1.02 21.36 25.55
CA GLY M 144 -1.59 21.39 26.90
C GLY M 144 -2.73 22.37 26.99
N VAL M 145 -3.30 22.49 28.18
CA VAL M 145 -4.57 23.24 28.35
C VAL M 145 -4.62 23.88 29.73
N ILE M 146 -4.94 25.18 29.77
CA ILE M 146 -5.13 25.94 30.99
C ILE M 146 -6.52 26.56 31.00
N VAL M 147 -7.19 26.47 32.15
CA VAL M 147 -8.61 26.77 32.24
C VAL M 147 -8.92 27.36 33.62
N GLY M 148 -9.89 28.28 33.68
CA GLY M 148 -10.33 28.84 34.96
C GLY M 148 -9.34 29.74 35.68
N LEU M 149 -8.09 29.73 35.24
CA LEU M 149 -7.06 30.60 35.80
C LEU M 149 -7.21 32.04 35.32
N GLY M 150 -8.39 32.40 34.84
CA GLY M 150 -8.71 33.78 34.49
C GLY M 150 -7.83 34.30 33.38
N ILE M 151 -7.73 35.62 33.29
CA ILE M 151 -6.89 36.23 32.26
C ILE M 151 -5.40 35.82 32.28
N GLN M 152 -4.85 35.51 33.46
CA GLN M 152 -3.42 35.12 33.62
C GLN M 152 -3.01 33.84 32.87
N GLY M 153 -3.98 32.98 32.56
CA GLY M 153 -3.67 31.73 31.91
C GLY M 153 -2.97 32.01 30.60
N TYR M 154 -3.33 33.14 30.02
CA TYR M 154 -2.71 33.61 28.81
C TYR M 154 -1.21 33.73 29.03
N LEU M 155 -0.81 34.54 30.01
CA LEU M 155 0.63 34.81 30.26
C LEU M 155 1.36 33.55 30.71
N LEU M 156 0.68 32.71 31.49
CA LEU M 156 1.27 31.44 31.93
C LEU M 156 1.57 30.53 30.72
N ALA M 157 0.74 30.64 29.68
CA ALA M 157 0.99 29.96 28.39
C ALA M 157 2.21 30.54 27.63
N LEU M 158 2.39 31.86 27.70
CA LEU M 158 3.61 32.49 27.20
C LEU M 158 4.84 31.83 27.83
N ARG M 159 4.89 31.83 29.16
CA ARG M 159 6.04 31.29 29.90
C ARG M 159 6.34 29.87 29.46
N TYR M 160 5.31 29.05 29.26
CA TYR M 160 5.57 27.68 28.80
C TYR M 160 6.39 27.68 27.51
N LEU M 161 5.95 28.45 26.51
CA LEU M 161 6.60 28.46 25.20
C LEU M 161 7.99 29.09 25.32
N ALA M 162 8.04 30.33 25.82
CA ALA M 162 9.30 31.03 26.14
C ALA M 162 10.39 30.06 26.51
N GLU M 163 10.03 29.14 27.41
CA GLU M 163 10.96 28.26 28.07
C GLU M 163 10.70 26.82 27.65
N HIS M 164 10.36 26.61 26.37
CA HIS M 164 9.90 25.29 25.85
C HIS M 164 9.32 24.31 26.89
N LEU N 24 -12.01 -40.53 30.61
CA LEU N 24 -12.89 -39.36 30.27
C LEU N 24 -12.44 -38.58 29.01
N ILE N 25 -13.39 -38.34 28.12
CA ILE N 25 -13.16 -37.67 26.85
C ILE N 25 -13.43 -36.18 26.96
N VAL N 26 -12.50 -35.37 26.45
CA VAL N 26 -12.62 -33.89 26.38
C VAL N 26 -12.72 -33.34 24.91
N ASN N 27 -13.76 -32.53 24.66
CA ASN N 27 -13.95 -31.88 23.34
C ASN N 27 -13.33 -30.51 23.22
N VAL N 28 -12.33 -30.35 22.35
CA VAL N 28 -11.75 -29.03 22.13
C VAL N 28 -12.22 -28.54 20.77
N ILE N 29 -13.02 -27.47 20.77
CA ILE N 29 -13.76 -26.97 19.59
C ILE N 29 -13.36 -25.54 19.26
N ASN N 30 -12.98 -25.32 18.00
CA ASN N 30 -12.51 -24.04 17.52
C ASN N 30 -13.34 -23.52 16.35
N GLY N 31 -13.62 -22.22 16.39
CA GLY N 31 -14.54 -21.62 15.44
C GLY N 31 -13.87 -20.98 14.24
N PRO N 32 -14.60 -20.08 13.55
CA PRO N 32 -14.14 -19.50 12.31
C PRO N 32 -12.70 -18.99 12.38
N ASN N 33 -11.92 -19.33 11.35
CA ASN N 33 -10.59 -18.76 11.12
C ASN N 33 -9.45 -19.48 11.81
N LEU N 34 -9.73 -20.15 12.91
CA LEU N 34 -8.68 -20.78 13.68
C LEU N 34 -8.05 -21.94 12.92
N GLY N 35 -8.70 -22.35 11.82
CA GLY N 35 -8.10 -23.26 10.84
C GLY N 35 -6.84 -22.69 10.22
N ARG N 36 -6.68 -21.37 10.27
CA ARG N 36 -5.52 -20.71 9.64
C ARG N 36 -4.36 -20.38 10.61
N LEU N 37 -4.49 -20.78 11.87
CA LEU N 37 -3.44 -20.62 12.89
C LEU N 37 -2.01 -20.89 12.43
N GLY N 38 -1.10 -19.99 12.82
CA GLY N 38 0.32 -20.21 12.58
C GLY N 38 0.75 -19.89 11.16
N ARG N 39 -0.20 -19.97 10.24
CA ARG N 39 -0.12 -19.26 8.98
C ARG N 39 -0.86 -17.96 9.34
N ARG N 40 -0.50 -16.83 8.75
CA ARG N 40 -1.24 -15.57 8.99
C ARG N 40 -1.17 -15.05 10.44
N GLU N 41 -0.93 -13.75 10.60
CA GLU N 41 -0.91 -13.07 11.92
C GLU N 41 -0.19 -13.75 13.12
N PRO N 42 1.06 -14.23 12.92
CA PRO N 42 1.80 -14.75 14.07
C PRO N 42 2.05 -13.59 15.03
N ALA N 43 1.57 -13.72 16.27
CA ALA N 43 1.28 -12.57 17.17
C ALA N 43 0.72 -11.42 16.34
N VAL N 44 -0.58 -11.16 16.40
CA VAL N 44 -1.55 -11.58 17.44
C VAL N 44 -1.64 -13.06 17.86
N TYR N 45 -1.73 -14.00 16.91
CA TYR N 45 -1.81 -15.43 17.25
C TYR N 45 -0.42 -16.07 17.09
N GLY N 46 -0.17 -17.24 17.66
CA GLY N 46 1.23 -17.73 17.68
C GLY N 46 1.86 -18.16 16.36
N GLY N 47 2.97 -18.90 16.43
CA GLY N 47 3.56 -19.55 15.26
C GLY N 47 3.09 -21.00 15.02
N THR N 48 2.33 -21.54 15.98
CA THR N 48 1.88 -22.93 15.95
C THR N 48 0.73 -23.15 14.98
N THR N 49 0.87 -24.15 14.11
CA THR N 49 -0.19 -24.51 13.19
C THR N 49 -1.33 -25.18 13.93
N HIS N 50 -2.50 -25.22 13.31
CA HIS N 50 -3.63 -25.91 13.90
C HIS N 50 -3.32 -27.39 14.05
N ASP N 51 -2.46 -27.90 13.19
CA ASP N 51 -2.11 -29.31 13.19
C ASP N 51 -1.23 -29.66 14.39
N GLU N 52 -0.17 -28.88 14.57
CA GLU N 52 0.72 -29.02 15.71
C GLU N 52 -0.03 -28.76 17.00
N LEU N 53 -0.89 -27.74 17.00
CA LEU N 53 -1.79 -27.48 18.12
C LEU N 53 -2.53 -28.74 18.52
N VAL N 54 -3.19 -29.37 17.54
CA VAL N 54 -3.91 -30.63 17.74
C VAL N 54 -3.00 -31.68 18.39
N ALA N 55 -1.82 -31.90 17.82
CA ALA N 55 -0.88 -32.83 18.43
C ALA N 55 -0.58 -32.49 19.89
N LEU N 56 -0.22 -31.23 20.16
CA LEU N 56 0.09 -30.72 21.52
C LEU N 56 -0.98 -31.04 22.57
N ILE N 57 -2.22 -30.64 22.27
CA ILE N 57 -3.36 -30.90 23.15
C ILE N 57 -3.47 -32.41 23.42
N GLU N 58 -3.49 -33.20 22.34
CA GLU N 58 -3.51 -34.65 22.44
C GLU N 58 -2.43 -35.27 23.34
N ARG N 59 -1.18 -34.76 23.27
CA ARG N 59 -0.07 -35.27 24.10
C ARG N 59 -0.21 -34.87 25.57
N GLU N 60 -0.80 -33.69 25.80
CA GLU N 60 -1.00 -33.19 27.15
C GLU N 60 -2.17 -33.92 27.80
N ALA N 61 -3.17 -34.25 26.99
CA ALA N 61 -4.38 -34.91 27.45
C ALA N 61 -4.07 -36.32 27.92
N ALA N 62 -3.17 -36.98 27.21
CA ALA N 62 -2.74 -38.33 27.54
C ALA N 62 -2.01 -38.30 28.87
N GLU N 63 -1.04 -37.40 28.98
CA GLU N 63 -0.27 -37.22 30.22
C GLU N 63 -1.17 -37.02 31.43
N LEU N 64 -2.35 -36.45 31.19
CA LEU N 64 -3.31 -36.19 32.26
C LEU N 64 -4.32 -37.32 32.42
N GLY N 65 -4.27 -38.29 31.51
CA GLY N 65 -5.23 -39.38 31.52
C GLY N 65 -6.58 -38.92 31.00
N LEU N 66 -6.56 -38.16 29.93
CA LEU N 66 -7.77 -37.76 29.28
C LEU N 66 -7.65 -38.14 27.82
N LYS N 67 -8.78 -38.10 27.10
CA LYS N 67 -8.76 -38.29 25.66
C LYS N 67 -9.38 -37.06 25.01
N ALA N 68 -8.54 -36.28 24.32
CA ALA N 68 -8.97 -35.04 23.73
C ALA N 68 -9.30 -35.23 22.27
N VAL N 69 -10.52 -34.85 21.89
CA VAL N 69 -10.93 -34.82 20.49
C VAL N 69 -10.94 -33.35 20.08
N VAL N 70 -10.20 -33.03 19.02
CA VAL N 70 -9.98 -31.65 18.62
C VAL N 70 -10.33 -31.47 17.15
N ARG N 71 -11.23 -30.52 16.88
CA ARG N 71 -11.79 -30.30 15.57
C ARG N 71 -11.95 -28.80 15.40
N GLN N 72 -12.04 -28.33 14.15
CA GLN N 72 -12.26 -26.90 13.83
C GLN N 72 -13.17 -26.78 12.61
N SER N 73 -13.96 -25.69 12.55
CA SER N 73 -14.86 -25.44 11.43
C SER N 73 -15.18 -23.97 11.32
N ASP N 74 -15.49 -23.54 10.11
CA ASP N 74 -15.98 -22.18 9.87
C ASP N 74 -17.51 -22.11 9.92
N SER N 75 -18.15 -23.28 9.96
CA SER N 75 -19.61 -23.36 9.97
C SER N 75 -20.17 -23.39 11.39
N GLU N 76 -20.97 -22.37 11.71
CA GLU N 76 -21.68 -22.31 12.99
C GLU N 76 -22.54 -23.57 13.20
N ALA N 77 -23.31 -23.95 12.18
CA ALA N 77 -24.18 -25.11 12.33
C ALA N 77 -23.34 -26.35 12.60
N GLN N 78 -22.10 -26.35 12.11
CA GLN N 78 -21.23 -27.48 12.40
C GLN N 78 -20.73 -27.44 13.86
N LEU N 79 -20.41 -26.26 14.37
CA LEU N 79 -20.13 -26.15 15.78
C LEU N 79 -21.37 -26.50 16.60
N LEU N 80 -22.52 -25.99 16.19
CA LEU N 80 -23.77 -26.23 16.93
C LEU N 80 -24.05 -27.73 17.09
N ASP N 81 -23.76 -28.47 16.03
CA ASP N 81 -23.90 -29.91 16.05
C ASP N 81 -22.96 -30.49 17.09
N TRP N 82 -21.72 -30.04 17.09
CA TRP N 82 -20.67 -30.60 17.95
C TRP N 82 -20.96 -30.38 19.44
N ILE N 83 -21.43 -29.17 19.78
CA ILE N 83 -21.92 -28.86 21.14
C ILE N 83 -23.16 -29.70 21.48
N HIS N 84 -23.96 -30.08 20.47
CA HIS N 84 -25.15 -30.91 20.72
C HIS N 84 -24.73 -32.24 21.25
N GLN N 85 -23.63 -32.77 20.70
CA GLN N 85 -23.20 -34.11 21.04
C GLN N 85 -22.57 -34.18 22.43
N ALA N 86 -21.71 -33.20 22.75
CA ALA N 86 -21.07 -33.16 24.06
C ALA N 86 -22.13 -33.02 25.12
N ALA N 87 -23.27 -32.44 24.74
CA ALA N 87 -24.43 -32.34 25.61
C ALA N 87 -25.06 -33.72 25.86
N ASP N 88 -25.27 -34.47 24.79
CA ASP N 88 -25.85 -35.80 24.88
C ASP N 88 -24.86 -36.76 25.58
N ALA N 89 -23.57 -36.54 25.37
CA ALA N 89 -22.51 -37.43 25.86
C ALA N 89 -21.99 -37.08 27.25
N ALA N 90 -22.57 -36.03 27.83
CA ALA N 90 -22.11 -35.48 29.12
C ALA N 90 -20.62 -35.13 29.15
N GLU N 91 -20.10 -34.67 28.00
CA GLU N 91 -18.66 -34.38 27.85
C GLU N 91 -18.30 -32.90 28.05
N PRO N 92 -17.18 -32.65 28.77
CA PRO N 92 -16.57 -31.32 28.91
C PRO N 92 -16.20 -30.67 27.55
N VAL N 93 -16.21 -29.34 27.47
CA VAL N 93 -15.89 -28.62 26.21
C VAL N 93 -14.98 -27.41 26.45
N ILE N 94 -13.88 -27.36 25.72
CA ILE N 94 -13.06 -26.16 25.64
C ILE N 94 -13.29 -25.49 24.28
N LEU N 95 -13.77 -24.26 24.30
CA LEU N 95 -14.28 -23.60 23.11
C LEU N 95 -13.66 -22.23 22.86
N ASN N 96 -12.97 -22.11 21.73
CA ASN N 96 -12.54 -20.82 21.19
C ASN N 96 -13.35 -20.52 19.95
N ALA N 97 -14.37 -19.69 20.10
CA ALA N 97 -15.38 -19.59 19.05
C ALA N 97 -14.99 -18.62 17.96
N GLY N 98 -13.75 -18.14 17.99
CA GLY N 98 -13.36 -17.05 17.11
C GLY N 98 -14.40 -15.95 17.27
N GLY N 99 -14.96 -15.51 16.16
CA GLY N 99 -15.88 -14.39 16.22
C GLY N 99 -17.21 -14.66 16.92
N LEU N 100 -17.70 -15.90 16.82
CA LEU N 100 -19.09 -16.19 17.17
C LEU N 100 -19.41 -15.89 18.63
N THR N 101 -18.38 -15.81 19.43
CA THR N 101 -18.49 -15.49 20.84
C THR N 101 -19.26 -14.16 21.11
N HIS N 102 -19.17 -13.21 20.18
CA HIS N 102 -19.78 -11.89 20.39
C HIS N 102 -21.07 -11.69 19.59
N THR N 103 -21.37 -12.63 18.70
CA THR N 103 -22.44 -12.44 17.73
C THR N 103 -23.55 -13.50 17.77
N SER N 104 -23.32 -14.60 18.47
CA SER N 104 -24.27 -15.71 18.40
C SER N 104 -25.00 -15.98 19.70
N VAL N 105 -26.33 -15.83 19.70
CA VAL N 105 -27.21 -16.34 20.74
C VAL N 105 -27.43 -17.86 20.52
N ALA N 106 -27.47 -18.30 19.26
CA ALA N 106 -27.58 -19.71 18.93
C ALA N 106 -26.51 -20.53 19.66
N LEU N 107 -25.26 -20.09 19.55
CA LEU N 107 -24.12 -20.81 20.12
C LEU N 107 -24.16 -20.92 21.65
N ARG N 108 -24.72 -19.89 22.29
CA ARG N 108 -24.88 -19.86 23.73
C ARG N 108 -26.04 -20.74 24.17
N ASP N 109 -27.18 -20.66 23.49
CA ASP N 109 -28.33 -21.47 23.87
C ASP N 109 -27.95 -22.93 23.90
N ALA N 110 -27.21 -23.36 22.89
CA ALA N 110 -26.65 -24.71 22.85
C ALA N 110 -25.71 -25.00 24.04
N CYS N 111 -24.69 -24.15 24.24
CA CYS N 111 -23.71 -24.36 25.32
C CYS N 111 -24.29 -24.38 26.75
N ALA N 112 -25.48 -23.79 26.90
CA ALA N 112 -26.21 -23.72 28.17
C ALA N 112 -26.86 -25.05 28.57
N GLU N 113 -26.77 -26.06 27.71
CA GLU N 113 -27.30 -27.40 27.99
C GLU N 113 -26.21 -28.29 28.55
N LEU N 114 -24.97 -28.05 28.12
CA LEU N 114 -23.81 -28.77 28.60
C LEU N 114 -23.87 -28.95 30.11
N SER N 115 -23.80 -30.18 30.58
CA SER N 115 -23.80 -30.44 32.02
C SER N 115 -22.41 -30.66 32.59
N ALA N 116 -21.45 -30.96 31.73
CA ALA N 116 -20.04 -30.98 32.14
C ALA N 116 -19.39 -29.58 31.99
N PRO N 117 -18.15 -29.39 32.48
CA PRO N 117 -17.58 -28.03 32.39
C PRO N 117 -17.32 -27.48 30.99
N LEU N 118 -17.62 -26.20 30.79
CA LEU N 118 -17.30 -25.47 29.56
C LEU N 118 -16.35 -24.34 29.91
N ILE N 119 -15.11 -24.45 29.42
CA ILE N 119 -14.11 -23.41 29.62
C ILE N 119 -13.90 -22.71 28.29
N GLU N 120 -13.96 -21.37 28.30
CA GLU N 120 -13.75 -20.53 27.12
C GLU N 120 -12.25 -20.18 26.98
N VAL N 121 -11.66 -20.46 25.82
CA VAL N 121 -10.25 -20.09 25.57
C VAL N 121 -10.08 -19.09 24.42
N HIS N 122 -9.20 -18.13 24.59
CA HIS N 122 -8.85 -17.20 23.54
C HIS N 122 -7.37 -16.99 23.66
N ILE N 123 -6.69 -17.23 22.55
CA ILE N 123 -5.26 -17.11 22.45
C ILE N 123 -4.82 -15.67 22.78
N SER N 124 -5.51 -14.72 22.16
CA SER N 124 -5.21 -13.31 22.30
C SER N 124 -5.94 -12.69 23.49
N ASN N 125 -5.43 -11.59 24.00
CA ASN N 125 -6.15 -10.85 25.02
C ASN N 125 -7.24 -9.93 24.45
N VAL N 126 -8.45 -10.48 24.38
CA VAL N 126 -9.63 -9.81 23.79
C VAL N 126 -9.98 -8.48 24.48
N HIS N 127 -9.63 -8.36 25.75
CA HIS N 127 -9.87 -7.13 26.52
C HIS N 127 -8.91 -6.02 26.16
N ALA N 128 -7.92 -6.31 25.32
CA ALA N 128 -6.92 -5.30 24.91
C ALA N 128 -7.11 -4.92 23.44
N ARG N 129 -8.14 -5.52 22.83
CA ARG N 129 -8.41 -5.36 21.41
C ARG N 129 -9.68 -4.50 21.28
N GLU N 130 -10.36 -4.54 20.13
CA GLU N 130 -11.52 -3.66 19.85
C GLU N 130 -12.69 -3.88 20.82
N GLU N 131 -13.49 -2.85 21.03
CA GLU N 131 -14.57 -2.91 22.02
C GLU N 131 -15.57 -4.03 21.85
N PHE N 132 -15.99 -4.28 20.61
CA PHE N 132 -17.03 -5.29 20.33
C PHE N 132 -16.55 -6.67 20.77
N ARG N 133 -15.26 -6.75 21.04
CA ARG N 133 -14.55 -8.01 21.32
C ARG N 133 -14.45 -8.23 22.85
N ARG N 134 -14.99 -7.28 23.61
CA ARG N 134 -14.88 -7.27 25.06
C ARG N 134 -16.14 -7.83 25.75
N HIS N 135 -17.14 -8.23 24.96
CA HIS N 135 -18.36 -8.82 25.49
C HIS N 135 -18.55 -10.16 24.83
N SER N 136 -19.01 -11.11 25.62
CA SER N 136 -19.26 -12.46 25.18
C SER N 136 -20.70 -12.80 25.53
N TYR N 137 -21.38 -13.47 24.62
CA TYR N 137 -22.63 -14.12 25.00
C TYR N 137 -22.31 -15.39 25.76
N LEU N 138 -21.08 -15.91 25.60
CA LEU N 138 -20.67 -17.17 26.24
C LEU N 138 -20.20 -17.08 27.69
N SER N 139 -19.31 -16.14 27.97
CA SER N 139 -18.69 -16.05 29.29
C SER N 139 -19.69 -16.15 30.47
N PRO N 140 -20.84 -15.45 30.39
CA PRO N 140 -21.83 -15.59 31.45
C PRO N 140 -22.28 -17.02 31.75
N ILE N 141 -22.27 -17.93 30.76
CA ILE N 141 -22.78 -19.30 31.00
C ILE N 141 -21.67 -20.35 31.15
N ALA N 142 -20.41 -19.94 30.96
CA ALA N 142 -19.24 -20.84 31.11
C ALA N 142 -18.86 -21.06 32.57
N THR N 143 -17.94 -21.97 32.80
CA THR N 143 -17.41 -22.22 34.13
C THR N 143 -16.32 -21.19 34.38
N GLY N 144 -15.44 -21.05 33.38
CA GLY N 144 -14.33 -20.14 33.46
C GLY N 144 -13.97 -19.63 32.10
N VAL N 145 -13.01 -18.72 32.07
CA VAL N 145 -12.48 -18.17 30.84
C VAL N 145 -10.96 -17.96 31.03
N ILE N 146 -10.18 -18.47 30.08
CA ILE N 146 -8.76 -18.11 29.96
C ILE N 146 -8.63 -17.31 28.68
N VAL N 147 -7.83 -16.26 28.72
CA VAL N 147 -7.70 -15.32 27.61
C VAL N 147 -6.29 -14.73 27.60
N GLY N 148 -5.66 -14.64 26.43
CA GLY N 148 -4.36 -13.95 26.29
C GLY N 148 -3.10 -14.73 26.64
N LEU N 149 -3.23 -16.03 26.89
CA LEU N 149 -2.05 -16.83 27.22
C LEU N 149 -1.53 -17.62 26.03
N GLY N 150 -1.97 -17.23 24.85
CA GLY N 150 -1.58 -17.93 23.63
C GLY N 150 -2.13 -19.34 23.60
N ILE N 151 -1.34 -20.24 23.03
CA ILE N 151 -1.75 -21.62 22.96
C ILE N 151 -1.65 -22.37 24.28
N GLN N 152 -0.73 -21.96 25.18
CA GLN N 152 -0.63 -22.64 26.49
C GLN N 152 -2.03 -22.64 27.16
N GLY N 153 -2.77 -21.56 26.92
CA GLY N 153 -4.14 -21.37 27.40
C GLY N 153 -5.01 -22.58 27.22
N TYR N 154 -4.86 -23.27 26.09
CA TYR N 154 -5.64 -24.47 25.81
C TYR N 154 -5.24 -25.54 26.80
N LEU N 155 -3.92 -25.71 26.94
CA LEU N 155 -3.30 -26.73 27.80
C LEU N 155 -3.60 -26.56 29.28
N LEU N 156 -3.77 -25.32 29.71
CA LEU N 156 -4.14 -25.05 31.09
C LEU N 156 -5.58 -25.49 31.36
N ALA N 157 -6.49 -25.15 30.45
CA ALA N 157 -7.89 -25.61 30.52
C ALA N 157 -8.04 -27.15 30.57
N LEU N 158 -7.09 -27.88 30.00
CA LEU N 158 -7.08 -29.34 30.20
C LEU N 158 -6.76 -29.68 31.65
N ARG N 159 -5.73 -29.02 32.20
CA ARG N 159 -5.25 -29.35 33.53
C ARG N 159 -6.32 -29.09 34.58
N TYR N 160 -7.09 -28.02 34.39
CA TYR N 160 -8.25 -27.77 35.23
C TYR N 160 -9.25 -28.93 35.09
N LEU N 161 -9.51 -29.30 33.83
CA LEU N 161 -10.47 -30.34 33.51
C LEU N 161 -10.04 -31.70 34.05
N ALA N 162 -8.72 -31.88 34.17
CA ALA N 162 -8.15 -33.08 34.73
C ALA N 162 -8.43 -33.21 36.23
N GLU N 163 -8.89 -32.13 36.87
CA GLU N 163 -9.21 -32.14 38.31
C GLU N 163 -10.70 -31.95 38.62
N HIS N 164 -11.50 -31.64 37.58
CA HIS N 164 -12.94 -31.33 37.70
C HIS N 164 -13.20 -29.86 38.09
N LEU O 24 -54.66 -23.98 1.66
CA LEU O 24 -53.38 -23.23 1.49
C LEU O 24 -52.19 -23.89 2.20
N ILE O 25 -51.03 -23.69 1.62
CA ILE O 25 -49.75 -24.15 2.16
C ILE O 25 -49.26 -23.16 3.21
N VAL O 26 -48.99 -23.67 4.41
CA VAL O 26 -48.43 -22.87 5.49
C VAL O 26 -47.01 -23.34 5.84
N ASN O 27 -46.05 -22.42 5.82
CA ASN O 27 -44.65 -22.77 6.06
C ASN O 27 -44.15 -22.51 7.49
N VAL O 28 -44.12 -23.56 8.29
CA VAL O 28 -43.61 -23.52 9.70
C VAL O 28 -42.11 -23.82 9.76
N ILE O 29 -41.32 -22.80 10.01
CA ILE O 29 -39.85 -22.92 10.06
C ILE O 29 -39.24 -22.63 11.45
N ASN O 30 -38.73 -23.68 12.09
CA ASN O 30 -38.03 -23.57 13.36
C ASN O 30 -36.54 -23.41 13.15
N GLY O 31 -35.98 -22.39 13.80
CA GLY O 31 -34.56 -22.11 13.74
C GLY O 31 -33.76 -23.09 14.59
N PRO O 32 -32.50 -22.71 14.94
CA PRO O 32 -31.48 -23.58 15.52
C PRO O 32 -31.79 -24.02 16.94
N ASN O 33 -31.38 -25.24 17.26
CA ASN O 33 -31.61 -25.86 18.57
C ASN O 33 -33.03 -26.42 18.74
N LEU O 34 -34.00 -25.87 18.03
CA LEU O 34 -35.38 -26.39 18.18
C LEU O 34 -35.53 -27.88 17.77
N GLY O 35 -34.48 -28.47 17.19
CA GLY O 35 -34.46 -29.91 16.91
C GLY O 35 -34.40 -30.77 18.17
N ARG O 36 -33.86 -30.18 19.24
CA ARG O 36 -33.63 -30.87 20.51
C ARG O 36 -34.85 -30.69 21.42
N LEU O 37 -35.94 -30.19 20.83
CA LEU O 37 -37.15 -29.89 21.58
C LEU O 37 -37.65 -31.08 22.36
N GLY O 38 -38.00 -30.86 23.62
CA GLY O 38 -38.59 -31.87 24.47
C GLY O 38 -37.58 -32.87 25.00
N ARG O 39 -36.32 -32.69 24.61
CA ARG O 39 -35.23 -33.54 25.08
C ARG O 39 -34.21 -32.61 25.74
N ARG O 40 -34.19 -32.64 27.08
CA ARG O 40 -33.61 -31.58 27.92
C ARG O 40 -34.12 -30.20 27.50
N GLU O 41 -34.86 -29.56 28.40
CA GLU O 41 -35.53 -28.29 28.14
C GLU O 41 -36.93 -28.20 28.75
N PRO O 42 -37.66 -29.34 28.88
CA PRO O 42 -39.03 -29.28 29.44
C PRO O 42 -39.11 -28.42 30.69
N ALA O 43 -40.29 -27.84 30.93
CA ALA O 43 -40.49 -26.76 31.92
C ALA O 43 -40.18 -25.41 31.29
N VAL O 44 -39.09 -25.31 30.52
CA VAL O 44 -38.86 -24.13 29.69
C VAL O 44 -39.67 -24.22 28.37
N TYR O 45 -39.59 -25.35 27.67
CA TYR O 45 -40.28 -25.53 26.37
C TYR O 45 -41.35 -26.66 26.31
N GLY O 46 -41.28 -27.63 27.21
CA GLY O 46 -42.22 -28.75 27.15
C GLY O 46 -41.58 -30.07 26.75
N GLY O 47 -42.31 -31.16 27.00
CA GLY O 47 -41.85 -32.54 26.72
C GLY O 47 -42.30 -33.12 25.39
N THR O 48 -42.91 -32.27 24.55
CA THR O 48 -43.19 -32.58 23.16
C THR O 48 -41.88 -32.51 22.39
N THR O 49 -41.60 -33.56 21.63
CA THR O 49 -40.42 -33.60 20.79
C THR O 49 -40.72 -32.82 19.53
N HIS O 50 -39.70 -32.56 18.72
CA HIS O 50 -39.91 -31.88 17.46
C HIS O 50 -40.98 -32.62 16.64
N ASP O 51 -40.73 -33.91 16.40
CA ASP O 51 -41.62 -34.78 15.64
C ASP O 51 -43.06 -34.75 16.12
N GLU O 52 -43.22 -34.79 17.43
CA GLU O 52 -44.51 -34.90 18.06
C GLU O 52 -45.32 -33.64 17.73
N LEU O 53 -44.60 -32.54 17.48
CA LEU O 53 -45.18 -31.23 17.18
C LEU O 53 -45.41 -31.06 15.68
N VAL O 54 -44.40 -31.40 14.89
CA VAL O 54 -44.55 -31.58 13.47
C VAL O 54 -45.95 -32.13 13.16
N ALA O 55 -46.29 -33.25 13.79
CA ALA O 55 -47.58 -33.94 13.60
C ALA O 55 -48.75 -33.20 14.24
N LEU O 56 -48.52 -32.63 15.43
CA LEU O 56 -49.52 -31.74 16.02
C LEU O 56 -49.85 -30.58 15.10
N ILE O 57 -48.82 -29.98 14.49
CA ILE O 57 -49.03 -28.88 13.56
C ILE O 57 -49.73 -29.35 12.29
N GLU O 58 -49.31 -30.52 11.81
CA GLU O 58 -49.90 -31.10 10.60
C GLU O 58 -51.36 -31.46 10.78
N ARG O 59 -51.67 -32.21 11.84
CA ARG O 59 -53.06 -32.54 12.17
C ARG O 59 -53.90 -31.26 12.15
N GLU O 60 -53.53 -30.33 13.03
CA GLU O 60 -54.27 -29.07 13.21
C GLU O 60 -54.47 -28.30 11.94
N ALA O 61 -53.41 -28.22 11.14
CA ALA O 61 -53.48 -27.55 9.83
C ALA O 61 -54.61 -28.16 8.98
N ALA O 62 -54.53 -29.46 8.75
CA ALA O 62 -55.58 -30.21 8.06
C ALA O 62 -56.98 -29.81 8.53
N GLU O 63 -57.19 -29.79 9.85
CA GLU O 63 -58.49 -29.40 10.42
C GLU O 63 -58.97 -28.02 9.99
N LEU O 64 -58.05 -27.06 9.90
CA LEU O 64 -58.43 -25.70 9.56
C LEU O 64 -58.57 -25.48 8.06
N GLY O 65 -58.54 -26.58 7.30
CA GLY O 65 -58.64 -26.54 5.85
C GLY O 65 -57.32 -26.14 5.21
N LEU O 66 -56.23 -26.32 5.97
CA LEU O 66 -54.90 -25.91 5.53
C LEU O 66 -53.96 -27.09 5.46
N LYS O 67 -52.81 -26.88 4.81
CA LYS O 67 -51.75 -27.90 4.68
C LYS O 67 -50.41 -27.31 5.14
N ALA O 68 -49.82 -27.89 6.20
CA ALA O 68 -48.63 -27.32 6.82
C ALA O 68 -47.32 -28.04 6.53
N VAL O 69 -46.27 -27.26 6.27
CA VAL O 69 -44.93 -27.77 5.97
C VAL O 69 -43.95 -27.38 7.08
N VAL O 70 -43.49 -28.36 7.83
CA VAL O 70 -42.76 -28.07 9.04
C VAL O 70 -41.32 -28.54 8.94
N ARG O 71 -40.41 -27.57 9.00
CA ARG O 71 -38.97 -27.79 8.85
C ARG O 71 -38.16 -27.10 9.95
N GLN O 72 -36.91 -27.53 10.14
CA GLN O 72 -36.09 -27.01 11.22
C GLN O 72 -34.64 -27.22 10.86
N SER O 73 -33.83 -26.21 11.09
CA SER O 73 -32.42 -26.31 10.74
C SER O 73 -31.54 -25.46 11.68
N ASP O 74 -30.33 -25.96 11.97
CA ASP O 74 -29.35 -25.20 12.73
C ASP O 74 -28.66 -24.19 11.82
N SER O 75 -28.83 -24.40 10.51
CA SER O 75 -28.20 -23.59 9.47
C SER O 75 -29.00 -22.33 9.11
N GLU O 76 -28.37 -21.17 9.26
CA GLU O 76 -28.94 -19.91 8.78
C GLU O 76 -29.19 -19.98 7.26
N ALA O 77 -28.18 -20.45 6.53
CA ALA O 77 -28.23 -20.60 5.07
C ALA O 77 -29.48 -21.35 4.59
N GLN O 78 -29.76 -22.49 5.22
CA GLN O 78 -30.97 -23.27 4.98
C GLN O 78 -32.24 -22.47 5.33
N LEU O 79 -32.30 -21.88 6.53
CA LEU O 79 -33.46 -21.08 6.92
C LEU O 79 -33.78 -19.96 5.92
N LEU O 80 -32.75 -19.39 5.27
CA LEU O 80 -32.94 -18.38 4.24
C LEU O 80 -33.54 -19.02 2.98
N ASP O 81 -33.08 -20.22 2.70
CA ASP O 81 -33.44 -20.97 1.53
C ASP O 81 -34.92 -21.32 1.58
N TRP O 82 -35.43 -21.59 2.78
CA TRP O 82 -36.83 -21.94 2.95
C TRP O 82 -37.68 -20.70 2.89
N ILE O 83 -37.09 -19.57 3.30
CA ILE O 83 -37.81 -18.31 3.30
C ILE O 83 -37.94 -17.76 1.88
N HIS O 84 -36.85 -17.84 1.11
CA HIS O 84 -36.88 -17.57 -0.33
C HIS O 84 -38.03 -18.34 -1.04
N GLN O 85 -38.17 -19.61 -0.70
CA GLN O 85 -39.18 -20.46 -1.31
C GLN O 85 -40.61 -20.07 -0.94
N ALA O 86 -40.81 -19.59 0.29
CA ALA O 86 -42.12 -19.10 0.66
C ALA O 86 -42.39 -17.79 -0.04
N ALA O 87 -41.37 -16.95 -0.22
CA ALA O 87 -41.56 -15.70 -0.94
C ALA O 87 -41.91 -15.95 -2.41
N ASP O 88 -41.20 -16.88 -3.07
CA ASP O 88 -41.41 -17.22 -4.47
C ASP O 88 -42.78 -17.81 -4.73
N ALA O 89 -43.18 -18.74 -3.86
CA ALA O 89 -44.48 -19.37 -3.99
C ALA O 89 -45.53 -18.55 -3.25
N ALA O 90 -45.15 -17.34 -2.81
CA ALA O 90 -46.07 -16.41 -2.12
C ALA O 90 -46.91 -17.16 -1.09
N GLU O 91 -46.23 -17.68 -0.06
CA GLU O 91 -46.82 -18.55 0.95
C GLU O 91 -46.60 -18.02 2.37
N PRO O 92 -47.60 -18.15 3.25
CA PRO O 92 -47.40 -17.65 4.60
C PRO O 92 -46.35 -18.41 5.41
N VAL O 93 -45.88 -17.79 6.47
CA VAL O 93 -44.83 -18.33 7.29
C VAL O 93 -45.14 -18.16 8.79
N ILE O 94 -45.01 -19.24 9.54
CA ILE O 94 -44.96 -19.15 10.98
C ILE O 94 -43.50 -19.47 11.31
N LEU O 95 -42.78 -18.54 11.92
CA LEU O 95 -41.34 -18.67 12.11
C LEU O 95 -40.96 -18.53 13.55
N ASN O 96 -40.28 -19.54 14.07
CA ASN O 96 -39.57 -19.48 15.35
C ASN O 96 -38.08 -19.64 15.05
N ALA O 97 -37.38 -18.53 14.97
CA ALA O 97 -36.00 -18.54 14.44
C ALA O 97 -34.91 -18.83 15.48
N GLY O 98 -35.30 -19.26 16.69
CA GLY O 98 -34.32 -19.52 17.75
C GLY O 98 -33.69 -18.21 18.19
N GLY O 99 -32.36 -18.18 18.26
CA GLY O 99 -31.68 -16.99 18.73
C GLY O 99 -31.35 -16.03 17.61
N LEU O 100 -31.87 -16.35 16.41
CA LEU O 100 -31.50 -15.58 15.23
C LEU O 100 -32.37 -14.35 15.20
N THR O 101 -33.50 -14.48 15.86
CA THR O 101 -34.41 -13.39 16.09
C THR O 101 -33.69 -12.11 16.55
N HIS O 102 -32.73 -12.26 17.46
CA HIS O 102 -32.02 -11.13 18.08
C HIS O 102 -30.72 -10.73 17.39
N THR O 103 -30.28 -11.57 16.44
CA THR O 103 -28.97 -11.37 15.81
C THR O 103 -28.91 -11.26 14.28
N SER O 104 -29.86 -11.83 13.52
CA SER O 104 -29.70 -11.87 12.05
C SER O 104 -30.44 -10.82 11.23
N VAL O 105 -29.69 -9.88 10.67
CA VAL O 105 -30.20 -8.91 9.69
C VAL O 105 -30.63 -9.63 8.40
N ALA O 106 -29.75 -10.54 7.97
CA ALA O 106 -29.93 -11.43 6.83
C ALA O 106 -31.34 -12.03 6.76
N LEU O 107 -31.75 -12.62 7.87
CA LEU O 107 -33.07 -13.23 8.00
C LEU O 107 -34.20 -12.19 7.91
N ARG O 108 -34.04 -11.05 8.60
CA ARG O 108 -35.01 -9.95 8.50
C ARG O 108 -35.17 -9.53 7.04
N ASP O 109 -34.06 -9.40 6.37
CA ASP O 109 -34.04 -9.02 4.99
C ASP O 109 -34.74 -10.05 4.11
N ALA O 110 -34.45 -11.33 4.34
CA ALA O 110 -35.15 -12.40 3.62
C ALA O 110 -36.65 -12.42 3.92
N CYS O 111 -37.02 -12.33 5.20
CA CYS O 111 -38.43 -12.31 5.60
C CYS O 111 -39.18 -11.09 5.01
N ALA O 112 -38.54 -9.92 4.99
CA ALA O 112 -39.19 -8.68 4.50
C ALA O 112 -39.85 -8.82 3.12
N GLU O 113 -39.26 -9.60 2.23
CA GLU O 113 -39.79 -9.71 0.88
C GLU O 113 -40.98 -10.68 0.75
N LEU O 114 -41.51 -11.19 1.88
CA LEU O 114 -42.73 -11.98 1.88
C LEU O 114 -43.92 -11.06 1.75
N SER O 115 -44.93 -11.53 1.02
CA SER O 115 -46.16 -10.77 0.78
C SER O 115 -47.33 -11.47 1.46
N ALA O 116 -47.23 -12.78 1.60
CA ALA O 116 -48.10 -13.53 2.47
C ALA O 116 -47.74 -13.12 3.89
N PRO O 117 -48.70 -13.19 4.81
CA PRO O 117 -48.44 -13.04 6.24
C PRO O 117 -47.20 -13.81 6.78
N LEU O 118 -46.41 -13.14 7.63
CA LEU O 118 -45.36 -13.77 8.41
C LEU O 118 -45.72 -13.57 9.87
N ILE O 119 -45.88 -14.66 10.60
CA ILE O 119 -46.14 -14.62 12.05
C ILE O 119 -44.94 -15.18 12.80
N GLU O 120 -44.41 -14.37 13.72
CA GLU O 120 -43.28 -14.77 14.54
C GLU O 120 -43.82 -15.54 15.73
N VAL O 121 -43.31 -16.75 15.93
CA VAL O 121 -43.65 -17.49 17.15
C VAL O 121 -42.44 -17.77 18.03
N HIS O 122 -42.64 -17.71 19.34
CA HIS O 122 -41.62 -18.17 20.28
C HIS O 122 -42.37 -18.92 21.34
N ILE O 123 -41.83 -20.07 21.72
CA ILE O 123 -42.45 -20.97 22.71
C ILE O 123 -42.51 -20.39 24.10
N SER O 124 -41.38 -19.86 24.57
CA SER O 124 -41.28 -19.27 25.91
C SER O 124 -41.49 -17.76 25.85
N ASN O 125 -41.77 -17.12 26.97
CA ASN O 125 -42.00 -15.67 26.99
C ASN O 125 -40.67 -14.92 26.94
N VAL O 126 -40.35 -14.36 25.77
CA VAL O 126 -39.05 -13.75 25.53
C VAL O 126 -38.78 -12.54 26.43
N HIS O 127 -39.83 -11.88 26.90
CA HIS O 127 -39.66 -10.61 27.62
C HIS O 127 -39.50 -10.81 29.10
N ALA O 128 -39.44 -12.06 29.52
CA ALA O 128 -39.24 -12.43 30.92
C ALA O 128 -37.90 -13.11 31.02
N ARG O 129 -37.05 -12.89 30.03
CA ARG O 129 -35.74 -13.51 30.01
C ARG O 129 -34.66 -12.44 29.88
N GLU O 130 -33.42 -12.89 29.65
CA GLU O 130 -32.25 -12.01 29.44
C GLU O 130 -32.63 -10.87 28.53
N GLU O 131 -31.89 -9.78 28.65
CA GLU O 131 -32.27 -8.51 28.03
C GLU O 131 -32.12 -8.54 26.51
N PHE O 132 -31.12 -9.28 26.03
CA PHE O 132 -30.86 -9.45 24.59
C PHE O 132 -31.99 -10.17 23.83
N ARG O 133 -32.83 -10.92 24.54
CA ARG O 133 -33.98 -11.63 23.94
C ARG O 133 -35.21 -10.76 23.82
N ARG O 134 -35.14 -9.55 24.36
CA ARG O 134 -36.28 -8.65 24.39
C ARG O 134 -36.34 -7.71 23.16
N HIS O 135 -35.32 -7.80 22.29
CA HIS O 135 -35.27 -7.09 21.00
C HIS O 135 -35.30 -8.11 19.87
N SER O 136 -36.17 -7.89 18.89
CA SER O 136 -36.23 -8.78 17.73
C SER O 136 -36.15 -7.97 16.43
N TYR O 137 -35.27 -8.42 15.53
CA TYR O 137 -35.14 -7.90 14.16
C TYR O 137 -36.32 -8.25 13.23
N LEU O 138 -37.04 -9.32 13.53
CA LEU O 138 -38.17 -9.75 12.70
C LEU O 138 -39.49 -9.08 13.08
N SER O 139 -39.79 -9.01 14.38
CA SER O 139 -41.04 -8.42 14.87
C SER O 139 -41.57 -7.19 14.08
N PRO O 140 -40.73 -6.14 13.84
CA PRO O 140 -41.22 -4.97 13.10
C PRO O 140 -41.43 -5.15 11.59
N ILE O 141 -41.01 -6.27 11.00
CA ILE O 141 -41.34 -6.55 9.58
C ILE O 141 -42.21 -7.81 9.43
N ALA O 142 -43.01 -8.12 10.46
CA ALA O 142 -43.90 -9.28 10.45
C ALA O 142 -45.32 -8.82 10.74
N THR O 143 -46.29 -9.68 10.46
CA THR O 143 -47.70 -9.33 10.63
C THR O 143 -48.04 -9.17 12.11
N GLY O 144 -47.82 -10.25 12.86
CA GLY O 144 -48.11 -10.29 14.28
C GLY O 144 -47.13 -11.21 14.99
N VAL O 145 -47.17 -11.28 16.30
CA VAL O 145 -46.12 -11.96 17.05
C VAL O 145 -46.80 -12.67 18.19
N ILE O 146 -46.53 -13.96 18.37
CA ILE O 146 -47.03 -14.67 19.54
C ILE O 146 -45.88 -15.15 20.41
N VAL O 147 -45.96 -14.87 21.71
CA VAL O 147 -44.88 -15.29 22.62
C VAL O 147 -45.34 -15.92 23.92
N GLY O 148 -44.64 -16.97 24.32
CA GLY O 148 -44.80 -17.57 25.66
C GLY O 148 -46.10 -18.28 25.94
N LEU O 149 -46.72 -18.80 24.89
CA LEU O 149 -47.93 -19.62 25.02
C LEU O 149 -47.56 -21.05 24.64
N GLY O 150 -46.25 -21.32 24.65
CA GLY O 150 -45.71 -22.62 24.31
C GLY O 150 -46.10 -23.07 22.91
N ILE O 151 -46.09 -24.39 22.75
CA ILE O 151 -46.49 -25.12 21.57
C ILE O 151 -47.84 -24.67 20.95
N GLN O 152 -48.89 -24.41 21.76
CA GLN O 152 -50.19 -23.95 21.15
C GLN O 152 -50.00 -22.61 20.35
N GLY O 153 -48.93 -21.89 20.67
CA GLY O 153 -48.52 -20.68 19.92
C GLY O 153 -48.51 -20.86 18.40
N TYR O 154 -48.11 -22.05 17.96
CA TYR O 154 -48.20 -22.39 16.54
C TYR O 154 -49.66 -22.58 16.13
N LEU O 155 -50.40 -23.37 16.91
CA LEU O 155 -51.78 -23.69 16.55
C LEU O 155 -52.59 -22.42 16.47
N LEU O 156 -52.26 -21.47 17.31
CA LEU O 156 -52.99 -20.21 17.27
C LEU O 156 -52.65 -19.43 16.00
N ALA O 157 -51.40 -19.53 15.59
CA ALA O 157 -50.93 -18.81 14.43
C ALA O 157 -51.56 -19.38 13.14
N LEU O 158 -51.80 -20.69 13.14
CA LEU O 158 -52.47 -21.35 12.04
C LEU O 158 -53.89 -20.82 12.01
N ARG O 159 -54.47 -20.78 13.20
CA ARG O 159 -55.85 -20.31 13.38
C ARG O 159 -56.01 -18.94 12.75
N TYR O 160 -54.99 -18.10 12.92
CA TYR O 160 -54.98 -16.77 12.34
C TYR O 160 -54.88 -16.82 10.81
N LEU O 161 -54.03 -17.70 10.30
CA LEU O 161 -53.83 -17.78 8.88
C LEU O 161 -55.13 -18.28 8.23
N ALA O 162 -55.81 -19.22 8.91
CA ALA O 162 -57.10 -19.78 8.45
C ALA O 162 -58.11 -18.69 8.20
N GLU O 163 -58.10 -17.63 9.02
CA GLU O 163 -59.08 -16.53 8.86
C GLU O 163 -58.56 -15.33 8.03
N HIS O 164 -57.33 -15.41 7.52
CA HIS O 164 -56.65 -14.33 6.75
C HIS O 164 -56.47 -12.99 7.54
N LEU P 24 -26.14 -6.73 73.45
CA LEU P 24 -26.70 -6.59 72.05
C LEU P 24 -26.06 -5.39 71.27
N ILE P 25 -25.09 -5.71 70.41
CA ILE P 25 -24.24 -4.67 69.86
C ILE P 25 -24.51 -4.22 68.41
N VAL P 26 -24.65 -2.91 68.23
CA VAL P 26 -24.79 -2.34 66.91
C VAL P 26 -23.58 -1.46 66.60
N ASN P 27 -22.77 -1.87 65.62
CA ASN P 27 -21.67 -1.05 65.08
C ASN P 27 -22.18 0.07 64.15
N VAL P 28 -21.77 1.32 64.42
CA VAL P 28 -22.13 2.47 63.61
C VAL P 28 -20.86 3.08 63.00
N ILE P 29 -20.61 2.85 61.72
CA ILE P 29 -19.32 3.17 61.08
C ILE P 29 -19.43 4.32 60.08
N ASN P 30 -18.56 5.32 60.25
CA ASN P 30 -18.56 6.54 59.43
C ASN P 30 -17.34 6.64 58.52
N GLY P 31 -17.57 6.75 57.21
CA GLY P 31 -16.48 6.82 56.24
C GLY P 31 -15.78 8.16 56.21
N PRO P 32 -14.98 8.40 55.16
CA PRO P 32 -14.09 9.55 55.01
C PRO P 32 -14.82 10.89 55.17
N ASN P 33 -14.03 11.91 55.56
CA ASN P 33 -14.47 13.29 55.81
C ASN P 33 -15.52 13.48 56.90
N LEU P 34 -15.93 12.40 57.57
CA LEU P 34 -16.97 12.51 58.57
C LEU P 34 -16.48 12.80 60.00
N GLY P 35 -15.17 12.69 60.24
CA GLY P 35 -14.57 13.21 61.49
C GLY P 35 -14.80 14.71 61.58
N ARG P 36 -14.90 15.35 60.41
CA ARG P 36 -15.02 16.80 60.26
C ARG P 36 -16.44 17.33 60.48
N LEU P 37 -17.30 16.51 61.07
CA LEU P 37 -18.72 16.85 61.26
C LEU P 37 -18.94 18.15 62.04
N GLY P 38 -19.87 18.97 61.55
CA GLY P 38 -20.14 20.28 62.14
C GLY P 38 -18.89 21.16 62.23
N ARG P 39 -18.02 21.04 61.23
CA ARG P 39 -16.86 21.91 61.11
C ARG P 39 -16.96 22.60 59.78
N ARG P 40 -16.90 23.95 59.85
CA ARG P 40 -17.18 24.90 58.76
C ARG P 40 -17.67 24.32 57.41
N GLU P 41 -18.80 23.62 57.50
CA GLU P 41 -19.68 23.29 56.36
C GLU P 41 -21.02 22.77 56.89
N PRO P 42 -21.69 23.56 57.79
CA PRO P 42 -22.93 23.10 58.40
C PRO P 42 -24.10 23.37 57.45
N ALA P 43 -25.34 23.29 57.95
CA ALA P 43 -26.54 23.53 57.14
C ALA P 43 -26.63 22.66 55.87
N VAL P 44 -25.67 21.75 55.72
CA VAL P 44 -25.78 20.60 54.83
C VAL P 44 -25.80 19.39 55.73
N TYR P 45 -24.83 19.35 56.66
CA TYR P 45 -24.67 18.22 57.54
C TYR P 45 -24.97 18.54 59.02
N GLY P 46 -25.69 19.66 59.23
CA GLY P 46 -26.22 20.05 60.55
C GLY P 46 -25.22 20.14 61.69
N GLY P 47 -24.87 21.38 62.04
CA GLY P 47 -23.87 21.70 63.05
C GLY P 47 -23.93 20.93 64.35
N THR P 48 -23.15 19.87 64.39
CA THR P 48 -23.01 18.96 65.52
C THR P 48 -21.74 18.22 65.17
N THR P 49 -20.80 18.15 66.12
CA THR P 49 -19.49 17.56 65.88
C THR P 49 -19.56 16.03 65.97
N HIS P 50 -18.60 15.35 65.34
CA HIS P 50 -18.56 13.90 65.42
C HIS P 50 -18.61 13.37 66.86
N ASP P 51 -17.83 13.96 67.76
CA ASP P 51 -17.87 13.57 69.19
C ASP P 51 -19.26 13.71 69.86
N GLU P 52 -19.87 14.87 69.67
CA GLU P 52 -21.26 15.15 70.05
C GLU P 52 -22.21 14.05 69.59
N LEU P 53 -22.15 13.74 68.29
CA LEU P 53 -22.94 12.68 67.67
C LEU P 53 -22.71 11.33 68.35
N VAL P 54 -21.46 10.95 68.55
CA VAL P 54 -21.14 9.70 69.25
C VAL P 54 -21.98 9.57 70.52
N ALA P 55 -21.97 10.61 71.35
CA ALA P 55 -22.77 10.64 72.58
C ALA P 55 -24.25 10.35 72.33
N LEU P 56 -24.87 11.13 71.46
CA LEU P 56 -26.31 11.02 71.16
C LEU P 56 -26.67 9.57 70.86
N ILE P 57 -26.02 9.03 69.86
CA ILE P 57 -26.19 7.63 69.45
C ILE P 57 -26.09 6.67 70.63
N GLU P 58 -25.08 6.86 71.47
CA GLU P 58 -24.85 6.00 72.62
C GLU P 58 -25.99 5.99 73.64
N ARG P 59 -26.46 7.17 74.07
CA ARG P 59 -27.60 7.27 74.99
C ARG P 59 -28.80 6.57 74.37
N GLU P 60 -29.11 6.98 73.15
CA GLU P 60 -30.22 6.47 72.38
C GLU P 60 -30.16 4.94 72.29
N ALA P 61 -28.96 4.41 72.11
CA ALA P 61 -28.72 2.97 72.12
C ALA P 61 -29.05 2.33 73.48
N ALA P 62 -28.50 2.90 74.56
CA ALA P 62 -28.76 2.43 75.92
C ALA P 62 -30.24 2.52 76.23
N GLU P 63 -30.87 3.63 75.81
CA GLU P 63 -32.30 3.84 76.01
C GLU P 63 -33.18 2.86 75.23
N LEU P 64 -32.56 2.10 74.33
CA LEU P 64 -33.23 1.02 73.63
C LEU P 64 -32.65 -0.33 74.06
N GLY P 65 -31.70 -0.27 75.00
CA GLY P 65 -31.04 -1.48 75.49
C GLY P 65 -30.20 -2.13 74.40
N LEU P 66 -29.38 -1.31 73.76
CA LEU P 66 -28.39 -1.80 72.83
C LEU P 66 -27.14 -1.06 73.21
N LYS P 67 -25.98 -1.59 72.83
CA LYS P 67 -24.81 -0.73 72.88
C LYS P 67 -24.17 -0.48 71.53
N ALA P 68 -23.88 0.79 71.29
CA ALA P 68 -23.39 1.25 70.02
C ALA P 68 -21.90 1.54 70.10
N VAL P 69 -21.18 1.07 69.10
CA VAL P 69 -19.74 1.33 68.98
C VAL P 69 -19.54 2.26 67.78
N VAL P 70 -19.48 3.55 68.07
CA VAL P 70 -19.41 4.56 67.03
C VAL P 70 -17.96 4.77 66.61
N ARG P 71 -17.70 4.67 65.32
CA ARG P 71 -16.34 4.73 64.84
C ARG P 71 -16.29 5.32 63.43
N GLN P 72 -15.26 6.12 63.20
CA GLN P 72 -15.14 6.90 61.98
C GLN P 72 -13.70 6.80 61.52
N SER P 73 -13.53 6.59 60.22
CA SER P 73 -12.20 6.63 59.62
C SER P 73 -12.25 7.14 58.16
N ASP P 74 -11.13 7.73 57.74
CA ASP P 74 -10.92 8.24 56.38
C ASP P 74 -10.25 7.18 55.52
N SER P 75 -9.94 6.02 56.10
CA SER P 75 -9.20 4.98 55.40
C SER P 75 -10.09 3.78 55.07
N GLU P 76 -10.23 3.49 53.78
CA GLU P 76 -11.02 2.33 53.34
C GLU P 76 -10.57 1.05 54.05
N ALA P 77 -9.27 0.77 54.09
CA ALA P 77 -8.75 -0.44 54.74
C ALA P 77 -9.27 -0.56 56.16
N GLN P 78 -9.17 0.54 56.91
CA GLN P 78 -9.74 0.55 58.27
C GLN P 78 -11.19 0.09 58.24
N LEU P 79 -12.01 0.78 57.46
CA LEU P 79 -13.44 0.44 57.30
C LEU P 79 -13.71 -1.05 57.03
N LEU P 80 -12.86 -1.66 56.19
CA LEU P 80 -12.95 -3.09 55.88
C LEU P 80 -12.75 -3.95 57.13
N ASP P 81 -11.69 -3.61 57.87
CA ASP P 81 -11.39 -4.23 59.14
C ASP P 81 -12.62 -4.26 60.02
N TRP P 82 -13.22 -3.08 60.28
CA TRP P 82 -14.38 -3.00 61.17
C TRP P 82 -15.56 -3.84 60.65
N ILE P 83 -15.78 -3.85 59.33
CA ILE P 83 -16.86 -4.63 58.72
C ILE P 83 -16.56 -6.15 58.83
N HIS P 84 -15.30 -6.54 58.58
CA HIS P 84 -14.86 -7.90 58.83
C HIS P 84 -15.26 -8.33 60.24
N GLN P 85 -15.01 -7.45 61.20
CA GLN P 85 -15.26 -7.76 62.61
C GLN P 85 -16.74 -7.88 62.96
N ALA P 86 -17.59 -7.09 62.32
CA ALA P 86 -19.01 -7.23 62.60
C ALA P 86 -19.50 -8.52 61.97
N ALA P 87 -18.93 -8.86 60.81
CA ALA P 87 -19.28 -10.06 60.04
C ALA P 87 -19.03 -11.31 60.88
N ASP P 88 -17.86 -11.37 61.50
CA ASP P 88 -17.48 -12.51 62.33
C ASP P 88 -18.45 -12.65 63.47
N ALA P 89 -18.76 -11.51 64.11
CA ALA P 89 -19.56 -11.44 65.34
C ALA P 89 -21.08 -11.46 65.14
N ALA P 90 -21.55 -11.61 63.89
CA ALA P 90 -22.98 -11.53 63.56
C ALA P 90 -23.59 -10.21 64.07
N GLU P 91 -22.83 -9.13 63.95
CA GLU P 91 -23.31 -7.83 64.40
C GLU P 91 -23.94 -6.96 63.29
N PRO P 92 -25.05 -6.26 63.62
CA PRO P 92 -25.69 -5.27 62.76
C PRO P 92 -24.76 -4.11 62.51
N VAL P 93 -24.78 -3.60 61.27
CA VAL P 93 -23.96 -2.46 60.87
C VAL P 93 -24.81 -1.27 60.45
N ILE P 94 -24.48 -0.09 60.96
CA ILE P 94 -25.04 1.13 60.42
C ILE P 94 -23.91 1.91 59.77
N LEU P 95 -23.97 1.99 58.44
CA LEU P 95 -22.91 2.57 57.60
C LEU P 95 -23.30 3.87 56.92
N ASN P 96 -22.54 4.91 57.21
CA ASN P 96 -22.55 6.08 56.35
C ASN P 96 -21.12 6.18 55.80
N ALA P 97 -20.91 5.66 54.60
CA ALA P 97 -19.54 5.51 54.06
C ALA P 97 -18.97 6.74 53.35
N GLY P 98 -19.66 7.87 53.38
CA GLY P 98 -19.21 9.07 52.65
C GLY P 98 -19.10 8.78 51.16
N GLY P 99 -18.00 9.20 50.55
CA GLY P 99 -17.79 9.06 49.13
C GLY P 99 -17.69 7.64 48.57
N LEU P 100 -17.40 6.69 49.45
CA LEU P 100 -17.05 5.35 49.05
C LEU P 100 -18.29 4.60 48.69
N THR P 101 -19.42 5.08 49.18
CA THR P 101 -20.74 4.58 48.81
C THR P 101 -20.94 4.52 47.26
N HIS P 102 -20.15 5.31 46.54
CA HIS P 102 -20.31 5.46 45.09
C HIS P 102 -19.09 5.02 44.35
N THR P 103 -18.04 4.69 45.09
CA THR P 103 -16.77 4.34 44.48
C THR P 103 -16.28 2.91 44.75
N SER P 104 -16.63 2.35 45.91
CA SER P 104 -15.96 1.16 46.41
C SER P 104 -16.78 -0.10 46.21
N VAL P 105 -16.23 -0.99 45.40
CA VAL P 105 -16.76 -2.32 45.22
C VAL P 105 -16.26 -3.15 46.41
N ALA P 106 -15.01 -2.91 46.80
CA ALA P 106 -14.42 -3.47 48.03
C ALA P 106 -15.36 -3.41 49.25
N LEU P 107 -15.88 -2.22 49.54
CA LEU P 107 -16.73 -2.02 50.71
C LEU P 107 -18.05 -2.78 50.62
N ARG P 108 -18.66 -2.79 49.44
CA ARG P 108 -19.83 -3.64 49.17
C ARG P 108 -19.52 -5.11 49.42
N ASP P 109 -18.34 -5.54 48.98
CA ASP P 109 -18.01 -6.95 49.09
C ASP P 109 -17.96 -7.41 50.55
N ALA P 110 -17.26 -6.62 51.37
CA ALA P 110 -17.26 -6.79 52.81
C ALA P 110 -18.66 -6.76 53.40
N CYS P 111 -19.53 -5.89 52.93
CA CYS P 111 -20.84 -5.76 53.53
C CYS P 111 -21.77 -6.90 53.21
N ALA P 112 -21.61 -7.47 52.01
CA ALA P 112 -22.48 -8.57 51.57
C ALA P 112 -22.25 -9.80 52.43
N GLU P 113 -21.16 -9.74 53.19
CA GLU P 113 -20.75 -10.82 54.07
C GLU P 113 -21.48 -10.80 55.41
N LEU P 114 -22.11 -9.67 55.72
CA LEU P 114 -22.92 -9.50 56.93
C LEU P 114 -24.22 -10.31 56.94
N SER P 115 -24.39 -11.16 57.95
CA SER P 115 -25.60 -11.95 58.13
C SER P 115 -26.64 -11.19 58.98
N ALA P 116 -26.17 -10.20 59.72
CA ALA P 116 -27.04 -9.32 60.48
C ALA P 116 -27.46 -8.13 59.61
N PRO P 117 -28.54 -7.42 59.98
CA PRO P 117 -28.98 -6.29 59.14
C PRO P 117 -27.91 -5.23 58.84
N LEU P 118 -27.94 -4.73 57.60
CA LEU P 118 -27.14 -3.56 57.20
C LEU P 118 -28.10 -2.42 56.86
N ILE P 119 -27.83 -1.23 57.41
CA ILE P 119 -28.66 -0.04 57.18
C ILE P 119 -27.77 1.14 56.79
N GLU P 120 -27.87 1.53 55.54
CA GLU P 120 -27.09 2.60 54.97
C GLU P 120 -27.70 3.97 55.36
N VAL P 121 -26.87 4.89 55.85
CA VAL P 121 -27.38 6.15 56.38
C VAL P 121 -26.68 7.30 55.69
N HIS P 122 -27.44 8.35 55.39
CA HIS P 122 -26.88 9.60 54.87
C HIS P 122 -27.61 10.76 55.50
N ILE P 123 -26.81 11.73 55.93
CA ILE P 123 -27.31 12.92 56.59
C ILE P 123 -28.07 13.75 55.55
N SER P 124 -27.49 13.88 54.37
CA SER P 124 -28.08 14.75 53.39
C SER P 124 -28.89 13.92 52.42
N ASN P 125 -29.99 14.46 51.91
CA ASN P 125 -30.68 13.76 50.85
C ASN P 125 -29.75 13.72 49.65
N VAL P 126 -29.29 12.52 49.32
CA VAL P 126 -28.41 12.29 48.16
C VAL P 126 -29.10 12.48 46.79
N HIS P 127 -30.39 12.22 46.72
CA HIS P 127 -31.11 12.29 45.45
C HIS P 127 -31.39 13.71 45.04
N ALA P 128 -31.26 14.63 45.99
CA ALA P 128 -31.34 16.06 45.70
C ALA P 128 -30.00 16.61 45.22
N ARG P 129 -28.97 15.77 45.14
CA ARG P 129 -27.66 16.33 44.84
C ARG P 129 -27.10 15.87 43.51
N GLU P 130 -25.78 15.99 43.35
CA GLU P 130 -25.15 15.66 42.08
C GLU P 130 -25.49 14.22 41.68
N GLU P 131 -25.48 13.95 40.37
CA GLU P 131 -25.92 12.66 39.85
C GLU P 131 -25.14 11.45 40.29
N PHE P 132 -23.84 11.63 40.54
CA PHE P 132 -22.98 10.53 40.98
C PHE P 132 -23.24 10.18 42.45
N ARG P 133 -24.03 11.01 43.12
CA ARG P 133 -24.45 10.69 44.48
C ARG P 133 -25.79 9.95 44.48
N ARG P 134 -26.32 9.72 43.29
CA ARG P 134 -27.65 9.16 43.14
C ARG P 134 -27.64 7.63 43.01
N HIS P 135 -26.48 7.04 42.77
CA HIS P 135 -26.36 5.57 42.71
C HIS P 135 -25.39 5.10 43.80
N SER P 136 -25.75 4.04 44.50
CA SER P 136 -24.96 3.52 45.61
C SER P 136 -24.62 2.05 45.37
N TYR P 137 -23.35 1.70 45.56
CA TYR P 137 -22.93 0.30 45.49
C TYR P 137 -23.45 -0.50 46.70
N LEU P 138 -23.79 0.22 47.76
CA LEU P 138 -24.27 -0.42 48.98
C LEU P 138 -25.77 -0.75 49.05
N SER P 139 -26.62 0.20 48.65
CA SER P 139 -28.09 0.05 48.77
C SER P 139 -28.72 -1.24 48.26
N PRO P 140 -28.24 -1.77 47.10
CA PRO P 140 -28.90 -2.97 46.60
C PRO P 140 -28.70 -4.17 47.52
N ILE P 141 -27.70 -4.13 48.38
CA ILE P 141 -27.42 -5.24 49.32
C ILE P 141 -27.64 -4.87 50.79
N ALA P 142 -28.04 -3.62 51.04
CA ALA P 142 -28.45 -3.16 52.35
C ALA P 142 -29.80 -3.78 52.67
N THR P 143 -30.18 -3.79 53.95
CA THR P 143 -31.55 -4.15 54.32
C THR P 143 -32.45 -3.01 53.85
N GLY P 144 -32.03 -1.79 54.17
CA GLY P 144 -32.72 -0.57 53.84
C GLY P 144 -31.84 0.68 54.02
N VAL P 145 -32.36 1.82 53.59
CA VAL P 145 -31.61 3.07 53.52
C VAL P 145 -32.38 4.24 54.12
N ILE P 146 -31.68 5.06 54.90
CA ILE P 146 -32.23 6.32 55.38
C ILE P 146 -31.34 7.44 54.86
N VAL P 147 -31.97 8.39 54.19
CA VAL P 147 -31.27 9.47 53.49
C VAL P 147 -32.01 10.78 53.79
N GLY P 148 -31.26 11.85 54.03
CA GLY P 148 -31.81 13.19 54.14
C GLY P 148 -32.53 13.54 55.42
N LEU P 149 -32.42 12.70 56.45
CA LEU P 149 -33.11 13.02 57.69
C LEU P 149 -32.14 13.64 58.67
N GLY P 150 -30.94 13.90 58.19
CA GLY P 150 -29.86 14.38 59.04
C GLY P 150 -29.47 13.39 60.12
N ILE P 151 -28.80 13.93 61.12
CA ILE P 151 -28.23 13.16 62.21
C ILE P 151 -29.27 12.23 62.87
N GLN P 152 -30.55 12.60 62.86
CA GLN P 152 -31.62 11.78 63.48
C GLN P 152 -31.83 10.46 62.72
N GLY P 153 -31.32 10.39 61.50
CA GLY P 153 -31.33 9.15 60.73
C GLY P 153 -30.61 7.99 61.40
N TYR P 154 -29.55 8.27 62.14
CA TYR P 154 -28.82 7.20 62.84
C TYR P 154 -29.68 6.59 63.93
N LEU P 155 -30.37 7.45 64.67
CA LEU P 155 -31.18 7.08 65.83
C LEU P 155 -32.44 6.37 65.38
N LEU P 156 -32.80 6.61 64.14
CA LEU P 156 -33.95 5.98 63.57
C LEU P 156 -33.53 4.59 63.11
N ALA P 157 -32.32 4.50 62.56
CA ALA P 157 -31.77 3.23 62.15
C ALA P 157 -31.62 2.32 63.37
N LEU P 158 -30.98 2.82 64.43
CA LEU P 158 -30.90 2.10 65.70
C LEU P 158 -32.26 1.56 66.13
N ARG P 159 -33.23 2.46 66.15
CA ARG P 159 -34.58 2.10 66.54
C ARG P 159 -35.12 0.93 65.72
N TYR P 160 -34.76 0.86 64.44
CA TYR P 160 -35.17 -0.27 63.60
C TYR P 160 -34.52 -1.58 64.08
N LEU P 161 -33.21 -1.52 64.31
CA LEU P 161 -32.44 -2.67 64.71
C LEU P 161 -33.01 -3.25 66.01
N ALA P 162 -33.29 -2.36 66.97
CA ALA P 162 -33.97 -2.68 68.25
C ALA P 162 -35.27 -3.46 68.11
N GLU P 163 -36.05 -3.17 67.08
CA GLU P 163 -37.31 -3.88 66.84
C GLU P 163 -37.09 -5.12 65.96
N HIS P 164 -35.94 -5.19 65.29
CA HIS P 164 -35.60 -6.25 64.31
C HIS P 164 -36.39 -6.18 62.97
N LEU Q 24 -4.83 -7.81 -13.08
CA LEU Q 24 -4.84 -9.05 -12.25
C LEU Q 24 -6.26 -9.61 -12.12
N ILE Q 25 -6.38 -10.77 -11.44
CA ILE Q 25 -7.66 -11.26 -10.95
C ILE Q 25 -8.24 -10.39 -9.82
N VAL Q 26 -9.53 -10.13 -9.89
CA VAL Q 26 -10.22 -9.30 -8.91
C VAL Q 26 -11.44 -10.08 -8.45
N ASN Q 27 -11.54 -10.34 -7.15
CA ASN Q 27 -12.68 -11.08 -6.62
C ASN Q 27 -13.82 -10.16 -6.17
N VAL Q 28 -15.01 -10.46 -6.68
CA VAL Q 28 -16.23 -9.75 -6.32
C VAL Q 28 -17.12 -10.77 -5.60
N ILE Q 29 -17.39 -10.50 -4.33
CA ILE Q 29 -18.15 -11.41 -3.48
C ILE Q 29 -19.47 -10.78 -3.00
N ASN Q 30 -20.54 -11.55 -3.10
CA ASN Q 30 -21.87 -11.11 -2.69
C ASN Q 30 -22.44 -12.04 -1.64
N GLY Q 31 -22.83 -11.45 -0.51
CA GLY Q 31 -23.38 -12.19 0.60
C GLY Q 31 -24.85 -12.47 0.47
N PRO Q 32 -25.51 -12.72 1.61
CA PRO Q 32 -26.83 -13.33 1.60
C PRO Q 32 -27.93 -12.41 1.06
N ASN Q 33 -28.94 -13.04 0.42
CA ASN Q 33 -30.09 -12.40 -0.21
C ASN Q 33 -29.85 -11.76 -1.58
N LEU Q 34 -28.57 -11.66 -1.99
CA LEU Q 34 -28.20 -11.05 -3.27
C LEU Q 34 -28.56 -11.91 -4.48
N GLY Q 35 -28.63 -13.23 -4.29
CA GLY Q 35 -29.26 -14.10 -5.28
C GLY Q 35 -30.63 -13.59 -5.71
N ARG Q 36 -31.27 -12.79 -4.86
CA ARG Q 36 -32.66 -12.39 -5.06
C ARG Q 36 -32.81 -11.02 -5.73
N LEU Q 37 -31.74 -10.51 -6.34
CA LEU Q 37 -31.80 -9.24 -7.05
C LEU Q 37 -32.84 -9.29 -8.16
N GLY Q 38 -33.56 -8.19 -8.35
CA GLY Q 38 -34.57 -8.10 -9.38
C GLY Q 38 -35.95 -7.96 -8.79
N ARG Q 39 -36.15 -8.57 -7.63
CA ARG Q 39 -37.46 -8.60 -6.96
C ARG Q 39 -37.75 -7.44 -6.00
N ARG Q 40 -39.02 -7.34 -5.61
CA ARG Q 40 -39.56 -6.20 -4.86
C ARG Q 40 -39.82 -6.56 -3.39
N GLY Q 46 -33.23 -4.87 -8.65
CA GLY Q 46 -34.05 -3.76 -9.10
C GLY Q 46 -33.34 -2.84 -10.09
N GLY Q 47 -33.49 -3.12 -11.38
CA GLY Q 47 -34.21 -4.29 -11.86
C GLY Q 47 -33.25 -5.27 -12.50
N THR Q 48 -32.13 -5.52 -11.84
CA THR Q 48 -31.08 -6.33 -12.41
C THR Q 48 -30.87 -7.62 -11.63
N THR Q 49 -31.16 -8.75 -12.26
CA THR Q 49 -30.96 -10.05 -11.62
C THR Q 49 -29.49 -10.21 -11.32
N HIS Q 50 -29.15 -11.22 -10.54
CA HIS Q 50 -27.73 -11.45 -10.20
C HIS Q 50 -26.92 -11.92 -11.40
N ASP Q 51 -27.51 -12.80 -12.21
CA ASP Q 51 -26.93 -13.21 -13.52
C ASP Q 51 -26.58 -12.02 -14.44
N GLU Q 52 -27.52 -11.09 -14.58
CA GLU Q 52 -27.24 -9.85 -15.30
C GLU Q 52 -26.05 -9.11 -14.70
N LEU Q 53 -25.98 -9.04 -13.37
CA LEU Q 53 -24.89 -8.34 -12.66
C LEU Q 53 -23.52 -8.96 -12.92
N VAL Q 54 -23.44 -10.28 -12.82
CA VAL Q 54 -22.28 -11.08 -13.20
C VAL Q 54 -21.84 -10.74 -14.63
N ALA Q 55 -22.76 -10.89 -15.58
CA ALA Q 55 -22.51 -10.58 -16.98
C ALA Q 55 -21.93 -9.17 -17.13
N LEU Q 56 -22.69 -8.18 -16.66
CA LEU Q 56 -22.29 -6.78 -16.69
C LEU Q 56 -20.88 -6.60 -16.15
N ILE Q 57 -20.60 -7.21 -15.00
CA ILE Q 57 -19.31 -7.03 -14.33
C ILE Q 57 -18.16 -7.73 -15.09
N GLU Q 58 -18.34 -9.02 -15.38
CA GLU Q 58 -17.32 -9.80 -16.06
C GLU Q 58 -16.90 -9.05 -17.31
N ARG Q 59 -17.89 -8.36 -17.90
CA ARG Q 59 -17.71 -7.57 -19.10
C ARG Q 59 -16.83 -6.35 -18.82
N GLU Q 60 -17.27 -5.49 -17.90
CA GLU Q 60 -16.56 -4.24 -17.57
C GLU Q 60 -15.13 -4.50 -17.10
N ALA Q 61 -14.93 -5.70 -16.56
CA ALA Q 61 -13.63 -6.13 -16.07
C ALA Q 61 -12.63 -6.19 -17.20
N ALA Q 62 -13.06 -6.80 -18.30
CA ALA Q 62 -12.21 -7.06 -19.44
C ALA Q 62 -11.84 -5.76 -20.17
N GLU Q 63 -12.82 -4.87 -20.35
CA GLU Q 63 -12.58 -3.57 -20.99
C GLU Q 63 -11.46 -2.80 -20.29
N LEU Q 64 -11.36 -2.98 -18.97
CA LEU Q 64 -10.30 -2.36 -18.18
C LEU Q 64 -9.09 -3.28 -18.05
N GLY Q 65 -9.16 -4.44 -18.69
CA GLY Q 65 -8.04 -5.39 -18.73
C GLY Q 65 -7.81 -6.14 -17.43
N LEU Q 66 -8.91 -6.60 -16.82
CA LEU Q 66 -8.88 -7.35 -15.58
C LEU Q 66 -9.68 -8.64 -15.75
N LYS Q 67 -9.59 -9.52 -14.76
CA LYS Q 67 -10.39 -10.73 -14.74
C LYS Q 67 -11.19 -10.78 -13.45
N ALA Q 68 -12.49 -10.56 -13.57
CA ALA Q 68 -13.37 -10.48 -12.41
C ALA Q 68 -14.11 -11.79 -12.14
N VAL Q 69 -13.78 -12.40 -11.01
CA VAL Q 69 -14.48 -13.61 -10.56
C VAL Q 69 -15.60 -13.19 -9.60
N VAL Q 70 -16.85 -13.44 -10.01
CA VAL Q 70 -18.02 -12.93 -9.29
C VAL Q 70 -18.75 -14.07 -8.60
N ARG Q 71 -18.75 -14.05 -7.27
CA ARG Q 71 -19.28 -15.15 -6.45
C ARG Q 71 -20.38 -14.66 -5.52
N GLN Q 72 -21.42 -15.48 -5.32
CA GLN Q 72 -22.48 -15.17 -4.35
C GLN Q 72 -22.74 -16.36 -3.43
N SER Q 73 -22.87 -16.10 -2.13
CA SER Q 73 -23.34 -17.10 -1.18
C SER Q 73 -24.16 -16.53 -0.03
N ASP Q 74 -25.19 -17.27 0.33
CA ASP Q 74 -25.88 -17.09 1.60
C ASP Q 74 -25.09 -17.71 2.78
N SER Q 75 -24.12 -18.57 2.49
CA SER Q 75 -23.36 -19.25 3.54
C SER Q 75 -22.19 -18.40 4.02
N GLU Q 76 -22.16 -18.07 5.31
CA GLU Q 76 -21.04 -17.30 5.89
C GLU Q 76 -19.73 -18.05 5.66
N ALA Q 77 -19.81 -19.38 5.81
CA ALA Q 77 -18.64 -20.23 5.63
C ALA Q 77 -18.05 -20.14 4.22
N GLN Q 78 -18.90 -20.31 3.22
CA GLN Q 78 -18.44 -20.26 1.86
C GLN Q 78 -17.80 -18.88 1.68
N LEU Q 79 -18.50 -17.88 2.17
CA LEU Q 79 -18.02 -16.53 2.08
C LEU Q 79 -16.68 -16.39 2.75
N LEU Q 80 -16.46 -17.18 3.80
CA LEU Q 80 -15.18 -17.15 4.53
C LEU Q 80 -14.10 -17.85 3.71
N ASP Q 81 -14.50 -18.93 3.04
CA ASP Q 81 -13.60 -19.70 2.21
C ASP Q 81 -13.06 -18.89 1.01
N TRP Q 82 -13.95 -18.13 0.35
CA TRP Q 82 -13.52 -17.22 -0.73
C TRP Q 82 -12.59 -16.11 -0.23
N ILE Q 83 -12.89 -15.50 0.92
CA ILE Q 83 -11.96 -14.51 1.48
C ILE Q 83 -10.63 -15.20 1.75
N HIS Q 84 -10.67 -16.35 2.43
CA HIS Q 84 -9.44 -17.10 2.75
C HIS Q 84 -8.57 -17.24 1.50
N GLN Q 85 -9.19 -17.70 0.41
CA GLN Q 85 -8.53 -17.81 -0.90
C GLN Q 85 -7.96 -16.48 -1.42
N ALA Q 86 -8.67 -15.37 -1.16
CA ALA Q 86 -8.25 -14.07 -1.64
C ALA Q 86 -7.09 -13.52 -0.81
N ALA Q 87 -7.05 -13.88 0.47
CA ALA Q 87 -5.97 -13.45 1.36
C ALA Q 87 -4.70 -14.14 0.91
N ASP Q 88 -4.82 -15.46 0.76
CA ASP Q 88 -3.70 -16.34 0.38
C ASP Q 88 -3.13 -15.97 -0.98
N ALA Q 89 -3.97 -15.87 -2.01
CA ALA Q 89 -3.53 -15.57 -3.38
C ALA Q 89 -3.11 -14.10 -3.59
N ALA Q 90 -3.33 -13.26 -2.59
CA ALA Q 90 -3.03 -11.82 -2.65
C ALA Q 90 -3.85 -11.04 -3.71
N GLU Q 91 -5.01 -11.59 -4.06
CA GLU Q 91 -6.01 -10.93 -4.93
C GLU Q 91 -6.90 -9.91 -4.17
N PRO Q 92 -7.26 -8.79 -4.82
CA PRO Q 92 -8.13 -7.78 -4.20
C PRO Q 92 -9.59 -8.22 -4.12
N VAL Q 93 -10.37 -7.58 -3.25
CA VAL Q 93 -11.77 -7.97 -3.05
C VAL Q 93 -12.74 -6.78 -3.03
N ILE Q 94 -13.80 -6.92 -3.83
CA ILE Q 94 -14.97 -6.05 -3.77
C ILE Q 94 -16.03 -6.84 -3.01
N LEU Q 95 -16.51 -6.30 -1.89
CA LEU Q 95 -17.42 -7.10 -1.06
C LEU Q 95 -18.77 -6.46 -0.72
N ASN Q 96 -19.83 -7.21 -0.97
CA ASN Q 96 -21.14 -6.86 -0.45
C ASN Q 96 -21.66 -7.97 0.39
N ALA Q 97 -21.65 -7.77 1.70
CA ALA Q 97 -21.97 -8.84 2.63
C ALA Q 97 -23.41 -8.76 3.11
N GLY Q 98 -24.19 -7.85 2.53
CA GLY Q 98 -25.59 -7.71 2.93
C GLY Q 98 -25.73 -7.59 4.44
N GLY Q 99 -26.48 -8.51 5.05
CA GLY Q 99 -26.74 -8.45 6.49
C GLY Q 99 -25.49 -8.60 7.33
N LEU Q 100 -24.56 -9.40 6.84
CA LEU Q 100 -23.41 -9.84 7.59
C LEU Q 100 -22.42 -8.72 7.83
N THR Q 101 -22.62 -7.63 7.09
CA THR Q 101 -21.82 -6.42 7.22
C THR Q 101 -21.95 -5.85 8.64
N HIS Q 102 -23.11 -6.07 9.25
CA HIS Q 102 -23.39 -5.49 10.55
C HIS Q 102 -23.44 -6.58 11.61
N THR Q 103 -23.04 -7.80 11.27
CA THR Q 103 -23.19 -8.86 12.23
C THR Q 103 -22.05 -9.85 12.33
N SER Q 104 -21.23 -9.97 11.29
CA SER Q 104 -20.15 -10.97 11.32
C SER Q 104 -18.77 -10.45 11.66
N VAL Q 105 -18.35 -10.70 12.91
CA VAL Q 105 -16.98 -10.46 13.32
C VAL Q 105 -16.02 -11.38 12.56
N ALA Q 106 -16.47 -12.62 12.29
CA ALA Q 106 -15.69 -13.62 11.53
C ALA Q 106 -15.34 -13.13 10.14
N LEU Q 107 -16.37 -12.76 9.37
CA LEU Q 107 -16.19 -12.14 8.06
C LEU Q 107 -15.12 -11.07 8.11
N ARG Q 108 -15.37 -10.06 8.94
CA ARG Q 108 -14.42 -8.98 9.19
C ARG Q 108 -12.99 -9.43 9.55
N ASP Q 109 -12.90 -10.48 10.36
CA ASP Q 109 -11.59 -10.98 10.77
C ASP Q 109 -10.82 -11.49 9.57
N ALA Q 110 -11.46 -12.36 8.77
CA ALA Q 110 -10.88 -12.80 7.49
C ALA Q 110 -10.62 -11.63 6.52
N CYS Q 111 -11.49 -10.64 6.50
CA CYS Q 111 -11.24 -9.50 5.64
C CYS Q 111 -10.02 -8.71 6.11
N ALA Q 112 -9.71 -8.78 7.39
CA ALA Q 112 -8.57 -8.03 7.87
C ALA Q 112 -7.25 -8.60 7.31
N GLU Q 113 -7.29 -9.84 6.82
CA GLU Q 113 -6.09 -10.51 6.31
C GLU Q 113 -5.68 -10.19 4.86
N LEU Q 114 -6.59 -9.63 4.07
CA LEU Q 114 -6.30 -9.31 2.69
C LEU Q 114 -5.23 -8.24 2.66
N SER Q 115 -4.12 -8.51 1.98
CA SER Q 115 -3.04 -7.50 1.82
C SER Q 115 -3.30 -6.53 0.67
N ALA Q 116 -3.88 -7.05 -0.41
CA ALA Q 116 -4.38 -6.25 -1.52
C ALA Q 116 -5.69 -5.53 -1.14
N PRO Q 117 -6.05 -4.46 -1.87
CA PRO Q 117 -7.12 -3.58 -1.43
C PRO Q 117 -8.47 -4.29 -1.34
N LEU Q 118 -9.31 -3.82 -0.43
CA LEU Q 118 -10.65 -4.35 -0.22
C LEU Q 118 -11.65 -3.22 -0.37
N ILE Q 119 -12.67 -3.40 -1.20
CA ILE Q 119 -13.67 -2.34 -1.31
C ILE Q 119 -15.07 -2.86 -0.99
N GLU Q 120 -15.74 -2.16 -0.10
CA GLU Q 120 -17.06 -2.54 0.35
C GLU Q 120 -18.06 -1.77 -0.50
N VAL Q 121 -18.98 -2.49 -1.11
CA VAL Q 121 -20.00 -1.88 -1.96
C VAL Q 121 -21.38 -2.18 -1.38
N HIS Q 122 -22.20 -1.16 -1.24
CA HIS Q 122 -23.63 -1.42 -1.04
C HIS Q 122 -24.48 -0.76 -2.10
N ILE Q 123 -25.50 -1.49 -2.55
CA ILE Q 123 -26.34 -1.06 -3.67
C ILE Q 123 -27.14 0.18 -3.29
N SER Q 124 -27.62 0.21 -2.05
CA SER Q 124 -28.46 1.29 -1.58
C SER Q 124 -27.73 2.13 -0.57
N ASN Q 125 -28.26 3.33 -0.33
CA ASN Q 125 -27.70 4.21 0.67
C ASN Q 125 -28.14 3.82 2.08
N VAL Q 126 -27.39 2.86 2.64
CA VAL Q 126 -27.53 2.34 4.01
C VAL Q 126 -27.64 3.40 5.11
N HIS Q 127 -27.01 4.55 4.88
CA HIS Q 127 -26.97 5.62 5.87
C HIS Q 127 -28.30 6.37 5.99
N ALA Q 128 -29.22 6.08 5.07
CA ALA Q 128 -30.57 6.67 5.10
C ALA Q 128 -31.61 5.67 5.64
N ARG Q 129 -31.19 4.45 5.88
CA ARG Q 129 -32.11 3.39 6.29
C ARG Q 129 -32.06 3.21 7.84
N GLU Q 130 -32.56 2.09 8.37
CA GLU Q 130 -32.60 1.84 9.84
C GLU Q 130 -31.25 2.08 10.53
N GLU Q 131 -31.26 2.38 11.83
CA GLU Q 131 -30.01 2.70 12.52
C GLU Q 131 -28.98 1.58 12.49
N PHE Q 132 -29.42 0.34 12.51
CA PHE Q 132 -28.51 -0.80 12.54
C PHE Q 132 -27.71 -1.01 11.22
N ARG Q 133 -28.18 -0.41 10.12
CA ARG Q 133 -27.48 -0.49 8.85
C ARG Q 133 -26.44 0.61 8.75
N ARG Q 134 -26.61 1.63 9.60
CA ARG Q 134 -25.69 2.76 9.69
C ARG Q 134 -24.33 2.40 10.38
N HIS Q 135 -24.15 1.15 10.80
CA HIS Q 135 -22.88 0.70 11.41
C HIS Q 135 -22.36 -0.44 10.59
N SER Q 136 -21.08 -0.43 10.26
CA SER Q 136 -20.47 -1.56 9.53
C SER Q 136 -19.27 -2.08 10.29
N TYR Q 137 -19.04 -3.40 10.20
CA TYR Q 137 -17.87 -4.03 10.80
C TYR Q 137 -16.71 -4.01 9.82
N LEU Q 138 -17.06 -3.96 8.54
CA LEU Q 138 -16.09 -4.04 7.46
C LEU Q 138 -15.46 -2.71 7.14
N SER Q 139 -16.21 -1.64 7.38
CA SER Q 139 -15.82 -0.32 6.91
C SER Q 139 -14.54 0.19 7.56
N PRO Q 140 -14.31 -0.12 8.87
CA PRO Q 140 -13.02 0.29 9.45
C PRO Q 140 -11.81 -0.40 8.82
N ILE Q 141 -12.00 -1.62 8.32
CA ILE Q 141 -10.89 -2.36 7.74
C ILE Q 141 -10.81 -2.34 6.20
N ALA Q 142 -11.81 -1.79 5.52
CA ALA Q 142 -11.73 -1.64 4.05
C ALA Q 142 -10.87 -0.44 3.67
N THR Q 143 -10.20 -0.52 2.52
CA THR Q 143 -9.58 0.61 1.83
C THR Q 143 -10.63 1.68 1.57
N GLY Q 144 -11.79 1.25 1.08
CA GLY Q 144 -12.87 2.19 0.79
C GLY Q 144 -14.27 1.62 0.80
N VAL Q 145 -15.24 2.53 0.83
CA VAL Q 145 -16.67 2.20 0.76
C VAL Q 145 -17.36 3.00 -0.35
N ILE Q 146 -18.13 2.31 -1.19
CA ILE Q 146 -19.10 2.94 -2.09
C ILE Q 146 -20.51 2.55 -1.64
N VAL Q 147 -21.40 3.53 -1.54
CA VAL Q 147 -22.78 3.32 -1.05
C VAL Q 147 -23.84 4.14 -1.81
N GLY Q 148 -24.91 3.46 -2.23
CA GLY Q 148 -26.10 4.10 -2.77
C GLY Q 148 -26.02 4.59 -4.20
N LEU Q 149 -25.31 3.84 -5.05
CA LEU Q 149 -25.16 4.19 -6.46
C LEU Q 149 -25.46 2.94 -7.27
N GLY Q 150 -26.52 2.25 -6.83
CA GLY Q 150 -26.95 0.99 -7.39
C GLY Q 150 -25.85 0.06 -7.86
N ILE Q 151 -26.18 -0.68 -8.91
CA ILE Q 151 -25.29 -1.65 -9.57
C ILE Q 151 -23.93 -1.03 -10.02
N GLN Q 152 -23.89 0.27 -10.33
CA GLN Q 152 -22.64 0.85 -10.84
C GLN Q 152 -21.51 0.92 -9.79
N GLY Q 153 -21.84 0.83 -8.51
CA GLY Q 153 -20.84 0.79 -7.43
C GLY Q 153 -19.90 -0.38 -7.62
N TYR Q 154 -20.48 -1.56 -7.94
CA TYR Q 154 -19.67 -2.69 -8.34
C TYR Q 154 -18.68 -2.25 -9.41
N LEU Q 155 -19.16 -1.46 -10.38
CA LEU Q 155 -18.35 -1.12 -11.54
C LEU Q 155 -17.37 0.02 -11.25
N LEU Q 156 -17.77 0.93 -10.40
CA LEU Q 156 -16.86 1.98 -9.98
C LEU Q 156 -15.75 1.40 -9.09
N ALA Q 157 -16.09 0.37 -8.32
CA ALA Q 157 -15.09 -0.33 -7.52
C ALA Q 157 -13.94 -0.86 -8.39
N LEU Q 158 -14.30 -1.59 -9.47
CA LEU Q 158 -13.34 -2.15 -10.44
C LEU Q 158 -12.37 -1.12 -11.03
N ARG Q 159 -12.92 0.01 -11.44
CA ARG Q 159 -12.13 1.06 -12.08
C ARG Q 159 -11.12 1.62 -11.10
N TYR Q 160 -11.48 1.59 -9.81
CA TYR Q 160 -10.54 2.00 -8.77
C TYR Q 160 -9.39 1.00 -8.71
N LEU Q 161 -9.73 -0.28 -8.70
CA LEU Q 161 -8.73 -1.31 -8.64
C LEU Q 161 -7.78 -1.24 -9.83
N ALA Q 162 -8.35 -1.15 -11.03
CA ALA Q 162 -7.61 -1.00 -12.28
C ALA Q 162 -6.67 0.22 -12.33
N GLU Q 163 -7.10 1.33 -11.72
CA GLU Q 163 -6.21 2.46 -11.55
C GLU Q 163 -5.20 2.14 -10.45
N HIS Q 164 -5.72 1.70 -9.30
CA HIS Q 164 -5.01 1.62 -8.01
C HIS Q 164 -4.90 2.99 -7.33
N LEU R 24 14.46 -17.27 39.57
CA LEU R 24 13.31 -16.39 39.17
C LEU R 24 12.20 -16.34 40.22
N ILE R 25 12.00 -15.16 40.80
CA ILE R 25 10.88 -14.88 41.69
C ILE R 25 9.61 -14.53 40.89
N VAL R 26 8.47 -14.95 41.43
CA VAL R 26 7.16 -14.65 40.87
C VAL R 26 6.25 -14.04 41.95
N ASN R 27 5.79 -12.83 41.74
CA ASN R 27 4.93 -12.17 42.73
C ASN R 27 3.47 -12.56 42.54
N VAL R 28 2.83 -13.06 43.60
CA VAL R 28 1.38 -13.36 43.60
C VAL R 28 0.73 -12.49 44.67
N ILE R 29 -0.20 -11.63 44.22
CA ILE R 29 -0.74 -10.55 45.03
C ILE R 29 -2.26 -10.52 45.10
N ASN R 30 -2.81 -10.68 46.32
CA ASN R 30 -4.25 -10.64 46.58
C ASN R 30 -4.72 -9.35 47.25
N GLY R 31 -5.76 -8.72 46.69
CA GLY R 31 -6.27 -7.43 47.18
C GLY R 31 -7.37 -7.58 48.22
N PRO R 32 -8.12 -6.48 48.47
CA PRO R 32 -9.12 -6.40 49.55
C PRO R 32 -10.10 -7.58 49.65
N ASN R 33 -10.29 -8.06 50.87
CA ASN R 33 -11.20 -9.17 51.15
C ASN R 33 -10.64 -10.58 50.91
N LEU R 34 -9.52 -10.69 50.18
CA LEU R 34 -8.95 -12.02 49.92
C LEU R 34 -8.28 -12.69 51.13
N GLY R 35 -8.07 -11.93 52.20
CA GLY R 35 -7.72 -12.50 53.50
C GLY R 35 -8.82 -13.37 54.10
N ARG R 36 -10.08 -13.02 53.80
CA ARG R 36 -11.25 -13.73 54.35
C ARG R 36 -11.61 -15.03 53.62
N LEU R 37 -10.71 -15.52 52.77
CA LEU R 37 -11.00 -16.69 51.96
C LEU R 37 -11.18 -17.95 52.79
N GLY R 38 -12.14 -18.79 52.41
CA GLY R 38 -12.44 -20.04 53.12
C GLY R 38 -13.67 -19.95 54.01
N ARG R 39 -13.83 -18.79 54.66
CA ARG R 39 -15.01 -18.49 55.47
C ARG R 39 -16.10 -17.95 54.56
N ARG R 40 -17.22 -18.68 54.51
CA ARG R 40 -18.36 -18.48 53.56
C ARG R 40 -18.11 -18.78 52.04
N GLU R 41 -18.98 -19.59 51.45
CA GLU R 41 -18.87 -19.98 50.04
C GLU R 41 -19.64 -19.00 49.15
N TYR R 45 -16.36 -19.46 46.37
CA TYR R 45 -14.93 -19.31 46.12
C TYR R 45 -14.09 -20.55 46.46
N GLY R 46 -14.77 -21.61 46.90
CA GLY R 46 -14.13 -22.81 47.47
C GLY R 46 -13.98 -22.66 48.97
N GLY R 47 -13.25 -23.57 49.60
CA GLY R 47 -13.12 -23.61 51.06
C GLY R 47 -11.69 -23.53 51.57
N THR R 48 -10.73 -23.30 50.67
CA THR R 48 -9.33 -23.08 51.00
C THR R 48 -9.11 -21.70 51.63
N THR R 49 -8.46 -21.67 52.78
CA THR R 49 -8.16 -20.40 53.41
C THR R 49 -6.97 -19.73 52.72
N HIS R 50 -6.72 -18.49 53.09
CA HIS R 50 -5.61 -17.81 52.50
C HIS R 50 -4.33 -18.59 52.77
N ASP R 51 -4.10 -18.95 54.02
CA ASP R 51 -2.85 -19.62 54.42
C ASP R 51 -2.54 -20.85 53.58
N GLU R 52 -3.53 -21.74 53.44
CA GLU R 52 -3.32 -22.95 52.63
C GLU R 52 -3.14 -22.63 51.16
N LEU R 53 -3.72 -21.53 50.71
CA LEU R 53 -3.48 -21.07 49.35
C LEU R 53 -2.03 -20.65 49.17
N VAL R 54 -1.53 -19.88 50.13
CA VAL R 54 -0.12 -19.52 50.13
C VAL R 54 0.72 -20.79 50.12
N ALA R 55 0.35 -21.74 50.97
CA ALA R 55 0.97 -23.04 50.99
C ALA R 55 0.94 -23.66 49.59
N LEU R 56 -0.27 -23.80 49.03
CA LEU R 56 -0.48 -24.39 47.71
C LEU R 56 0.40 -23.81 46.61
N ILE R 57 0.42 -22.47 46.51
CA ILE R 57 1.20 -21.78 45.48
C ILE R 57 2.70 -22.01 45.66
N GLU R 58 3.20 -21.93 46.91
CA GLU R 58 4.63 -22.15 47.24
C GLU R 58 5.13 -23.56 46.88
N ARG R 59 4.36 -24.56 47.32
CA ARG R 59 4.52 -25.96 46.93
C ARG R 59 4.74 -26.04 45.41
N GLU R 60 3.67 -25.79 44.66
CA GLU R 60 3.64 -25.92 43.19
C GLU R 60 4.70 -25.09 42.51
N ALA R 61 4.90 -23.85 42.99
CA ALA R 61 5.94 -22.95 42.49
C ALA R 61 7.29 -23.62 42.51
N ALA R 62 7.62 -24.24 43.65
CA ALA R 62 8.85 -24.98 43.81
C ALA R 62 8.92 -26.12 42.80
N GLU R 63 7.81 -26.85 42.61
CA GLU R 63 7.74 -28.01 41.71
C GLU R 63 7.98 -27.66 40.24
N LEU R 64 7.71 -26.40 39.89
CA LEU R 64 7.93 -25.87 38.55
C LEU R 64 9.33 -25.23 38.46
N GLY R 65 9.88 -24.89 39.62
CA GLY R 65 11.24 -24.37 39.71
C GLY R 65 11.36 -22.88 39.96
N LEU R 66 10.41 -22.32 40.72
CA LEU R 66 10.47 -20.90 41.06
C LEU R 66 9.94 -20.55 42.46
N LYS R 67 10.36 -19.41 42.98
CA LYS R 67 9.83 -18.91 44.26
C LYS R 67 8.60 -18.00 44.04
N ALA R 68 7.55 -18.27 44.81
CA ALA R 68 6.33 -17.51 44.73
C ALA R 68 6.05 -16.80 46.05
N VAL R 69 6.11 -15.47 46.03
CA VAL R 69 5.68 -14.66 47.17
C VAL R 69 4.19 -14.34 47.09
N VAL R 70 3.43 -14.81 48.06
CA VAL R 70 2.00 -14.59 48.12
C VAL R 70 1.72 -13.59 49.24
N ARG R 71 1.24 -12.40 48.90
CA ARG R 71 0.92 -11.39 49.91
C ARG R 71 -0.50 -10.82 49.74
N GLN R 72 -1.25 -10.74 50.83
CA GLN R 72 -2.60 -10.19 50.81
C GLN R 72 -2.67 -8.88 51.61
N SER R 73 -3.40 -7.89 51.08
CA SER R 73 -3.63 -6.65 51.80
C SER R 73 -4.95 -6.02 51.43
N ASP R 74 -5.64 -5.49 52.43
CA ASP R 74 -6.86 -4.72 52.16
C ASP R 74 -6.59 -3.29 51.76
N SER R 75 -5.31 -2.92 51.68
CA SER R 75 -4.91 -1.52 51.53
C SER R 75 -4.37 -1.24 50.13
N GLU R 76 -4.95 -0.24 49.48
CA GLU R 76 -4.57 0.15 48.13
C GLU R 76 -3.11 0.60 48.07
N ALA R 77 -2.69 1.40 49.04
CA ALA R 77 -1.32 1.91 49.08
C ALA R 77 -0.30 0.79 49.14
N GLN R 78 -0.65 -0.29 49.84
CA GLN R 78 0.22 -1.47 50.03
C GLN R 78 0.39 -2.31 48.77
N LEU R 79 -0.70 -2.54 48.06
CA LEU R 79 -0.60 -3.23 46.78
C LEU R 79 0.22 -2.38 45.83
N LEU R 80 -0.02 -1.06 45.85
CA LEU R 80 0.74 -0.15 44.99
C LEU R 80 2.20 -0.32 45.22
N ASP R 81 2.59 -0.37 46.50
CA ASP R 81 3.99 -0.54 46.90
C ASP R 81 4.55 -1.86 46.41
N TRP R 82 3.77 -2.93 46.58
CA TRP R 82 4.18 -4.25 46.14
C TRP R 82 4.43 -4.33 44.63
N ILE R 83 3.58 -3.66 43.84
CA ILE R 83 3.71 -3.63 42.36
C ILE R 83 4.91 -2.77 41.95
N HIS R 84 5.11 -1.64 42.65
CA HIS R 84 6.31 -0.82 42.49
C HIS R 84 7.53 -1.72 42.56
N GLN R 85 7.70 -2.39 43.72
CA GLN R 85 8.80 -3.30 43.96
C GLN R 85 8.94 -4.30 42.83
N ALA R 86 7.83 -4.96 42.51
CA ALA R 86 7.79 -5.97 41.46
C ALA R 86 8.28 -5.41 40.12
N ALA R 87 8.05 -4.11 39.91
CA ALA R 87 8.49 -3.42 38.70
C ALA R 87 9.95 -3.01 38.83
N ASP R 88 10.34 -2.53 40.00
CA ASP R 88 11.74 -2.16 40.26
C ASP R 88 12.63 -3.37 40.09
N ALA R 89 12.03 -4.55 40.29
CA ALA R 89 12.78 -5.81 40.30
C ALA R 89 12.56 -6.68 39.06
N ALA R 90 11.79 -6.16 38.09
CA ALA R 90 11.47 -6.88 36.86
C ALA R 90 10.81 -8.26 37.05
N GLU R 91 10.09 -8.44 38.16
CA GLU R 91 9.40 -9.70 38.46
C GLU R 91 8.00 -9.80 37.88
N PRO R 92 7.59 -11.00 37.44
CA PRO R 92 6.24 -11.13 36.93
C PRO R 92 5.24 -11.04 38.06
N VAL R 93 4.05 -10.53 37.75
CA VAL R 93 3.00 -10.45 38.74
C VAL R 93 1.76 -11.25 38.36
N ILE R 94 1.21 -11.97 39.33
CA ILE R 94 -0.12 -12.56 39.27
C ILE R 94 -0.99 -11.84 40.29
N LEU R 95 -2.09 -11.27 39.83
CA LEU R 95 -2.87 -10.39 40.64
C LEU R 95 -4.34 -10.75 40.65
N ASN R 96 -4.87 -11.03 41.84
CA ASN R 96 -6.30 -10.95 42.03
C ASN R 96 -6.57 -9.74 42.88
N ALA R 97 -7.11 -8.71 42.25
CA ALA R 97 -7.15 -7.38 42.81
C ALA R 97 -8.44 -7.13 43.55
N GLY R 98 -9.27 -8.17 43.65
CA GLY R 98 -10.60 -8.07 44.28
C GLY R 98 -11.41 -6.98 43.60
N GLY R 99 -12.15 -6.22 44.40
CA GLY R 99 -13.00 -5.13 43.88
C GLY R 99 -12.21 -4.06 43.14
N LEU R 100 -10.94 -3.90 43.49
CA LEU R 100 -10.11 -2.83 42.89
C LEU R 100 -9.97 -2.92 41.36
N THR R 101 -10.09 -4.13 40.85
CA THR R 101 -10.11 -4.41 39.41
C THR R 101 -11.05 -3.48 38.66
N HIS R 102 -12.12 -3.04 39.32
CA HIS R 102 -13.19 -2.29 38.66
C HIS R 102 -13.24 -0.81 38.98
N THR R 103 -12.37 -0.38 39.89
CA THR R 103 -12.53 0.90 40.54
C THR R 103 -11.26 1.72 40.57
N SER R 104 -10.10 1.07 40.41
CA SER R 104 -8.81 1.69 40.71
C SER R 104 -7.96 2.03 39.50
N VAL R 105 -7.76 3.34 39.26
CA VAL R 105 -6.90 3.84 38.20
C VAL R 105 -5.45 3.85 38.66
N ALA R 106 -5.26 4.11 39.96
CA ALA R 106 -3.94 4.04 40.59
C ALA R 106 -3.34 2.65 40.39
N LEU R 107 -4.14 1.62 40.62
CA LEU R 107 -3.64 0.25 40.47
C LEU R 107 -3.23 -0.04 39.03
N ARG R 108 -4.06 0.39 38.07
CA ARG R 108 -3.79 0.14 36.65
C ARG R 108 -2.47 0.76 36.26
N ASP R 109 -2.33 2.06 36.56
CA ASP R 109 -1.13 2.82 36.24
C ASP R 109 0.14 2.17 36.78
N ALA R 110 0.05 1.62 37.98
CA ALA R 110 1.19 0.92 38.57
C ALA R 110 1.56 -0.34 37.79
N CYS R 111 0.57 -1.18 37.52
CA CYS R 111 0.85 -2.40 36.75
C CYS R 111 1.33 -2.11 35.32
N ALA R 112 0.97 -0.97 34.75
CA ALA R 112 1.50 -0.52 33.46
C ALA R 112 3.03 -0.60 33.42
N GLU R 113 3.69 -0.03 34.43
CA GLU R 113 5.16 0.01 34.51
C GLU R 113 5.80 -1.36 34.43
N LEU R 114 5.07 -2.38 34.86
CA LEU R 114 5.58 -3.74 34.90
C LEU R 114 6.17 -4.12 33.54
N SER R 115 7.41 -4.59 33.55
CA SER R 115 8.09 -5.02 32.31
C SER R 115 7.91 -6.52 32.08
N ALA R 116 7.70 -7.26 33.17
CA ALA R 116 7.51 -8.72 33.12
C ALA R 116 6.01 -9.06 33.06
N PRO R 117 5.64 -10.27 32.64
CA PRO R 117 4.22 -10.60 32.44
C PRO R 117 3.29 -10.26 33.60
N LEU R 118 2.09 -9.77 33.28
CA LEU R 118 1.03 -9.56 34.29
C LEU R 118 -0.10 -10.53 34.01
N ILE R 119 -0.50 -11.31 35.02
CA ILE R 119 -1.65 -12.21 34.84
C ILE R 119 -2.76 -11.90 35.83
N GLU R 120 -3.92 -11.51 35.30
CA GLU R 120 -5.10 -11.25 36.11
C GLU R 120 -5.82 -12.56 36.43
N VAL R 121 -6.16 -12.76 37.70
CA VAL R 121 -6.80 -13.98 38.17
C VAL R 121 -8.04 -13.69 39.00
N HIS R 122 -9.17 -14.26 38.64
CA HIS R 122 -10.33 -14.21 39.53
C HIS R 122 -10.81 -15.61 39.90
N ILE R 123 -11.16 -15.79 41.16
CA ILE R 123 -11.56 -17.10 41.62
C ILE R 123 -12.85 -17.44 40.92
N SER R 124 -13.85 -16.57 41.07
CA SER R 124 -15.21 -16.77 40.52
C SER R 124 -15.32 -16.28 39.08
N ASN R 125 -16.43 -16.61 38.43
CA ASN R 125 -16.66 -16.12 37.06
C ASN R 125 -17.29 -14.74 37.09
N VAL R 126 -16.46 -13.74 36.84
CA VAL R 126 -16.87 -12.35 36.88
C VAL R 126 -17.89 -11.99 35.78
N HIS R 127 -17.96 -12.81 34.74
CA HIS R 127 -18.86 -12.53 33.63
C HIS R 127 -20.24 -13.07 33.85
N ALA R 128 -20.39 -13.94 34.84
CA ALA R 128 -21.72 -14.42 35.25
C ALA R 128 -22.36 -13.47 36.28
N ARG R 129 -21.58 -12.54 36.82
CA ARG R 129 -22.04 -11.68 37.91
C ARG R 129 -22.57 -10.29 37.47
N GLU R 130 -22.86 -9.42 38.44
CA GLU R 130 -23.35 -8.04 38.17
C GLU R 130 -22.52 -7.32 37.10
N GLU R 131 -23.16 -6.44 36.31
CA GLU R 131 -22.49 -5.77 35.21
C GLU R 131 -21.18 -5.10 35.57
N PHE R 132 -21.11 -4.40 36.71
CA PHE R 132 -19.89 -3.64 37.07
C PHE R 132 -18.66 -4.51 37.29
N ARG R 133 -18.87 -5.81 37.48
CA ARG R 133 -17.74 -6.69 37.59
C ARG R 133 -17.27 -7.17 36.23
N ARG R 134 -18.00 -6.76 35.18
CA ARG R 134 -17.67 -7.21 33.83
C ARG R 134 -16.56 -6.41 33.15
N HIS R 135 -16.44 -5.12 33.47
CA HIS R 135 -15.34 -4.25 33.01
C HIS R 135 -14.21 -4.22 34.05
N SER R 136 -12.97 -4.33 33.57
CA SER R 136 -11.79 -4.30 34.41
C SER R 136 -10.82 -3.24 33.90
N TYR R 137 -10.29 -2.39 34.77
CA TYR R 137 -9.22 -1.45 34.36
C TYR R 137 -7.90 -2.15 34.10
N LEU R 138 -7.75 -3.37 34.62
CA LEU R 138 -6.47 -4.10 34.54
C LEU R 138 -6.29 -4.94 33.27
N SER R 139 -7.31 -5.70 32.90
CA SER R 139 -7.31 -6.57 31.70
C SER R 139 -6.69 -5.98 30.40
N PRO R 140 -6.96 -4.71 30.07
CA PRO R 140 -6.38 -4.20 28.82
C PRO R 140 -4.84 -4.10 28.82
N ILE R 141 -4.23 -4.07 30.01
CA ILE R 141 -2.77 -3.99 30.14
C ILE R 141 -2.16 -5.32 30.58
N ALA R 142 -3.01 -6.25 30.98
CA ALA R 142 -2.60 -7.59 31.39
C ALA R 142 -2.05 -8.38 30.20
N THR R 143 -1.21 -9.37 30.46
CA THR R 143 -0.87 -10.33 29.43
C THR R 143 -2.04 -11.28 29.23
N GLY R 144 -2.60 -11.77 30.33
CA GLY R 144 -3.80 -12.61 30.26
C GLY R 144 -4.69 -12.49 31.48
N VAL R 145 -5.85 -13.15 31.43
CA VAL R 145 -6.80 -13.11 32.51
C VAL R 145 -7.39 -14.51 32.62
N ILE R 146 -7.25 -15.15 33.79
CA ILE R 146 -7.91 -16.41 34.11
C ILE R 146 -9.02 -16.19 35.14
N VAL R 147 -10.22 -16.68 34.82
CA VAL R 147 -11.41 -16.36 35.57
C VAL R 147 -12.29 -17.62 35.75
N GLY R 148 -13.04 -17.68 36.84
CA GLY R 148 -13.99 -18.79 37.03
C GLY R 148 -13.44 -20.19 37.26
N LEU R 149 -12.11 -20.36 37.22
CA LEU R 149 -11.51 -21.69 37.41
C LEU R 149 -11.03 -21.92 38.86
N GLY R 150 -11.65 -21.21 39.79
CA GLY R 150 -11.36 -21.37 41.19
C GLY R 150 -9.91 -21.17 41.57
N ILE R 151 -9.59 -21.67 42.76
CA ILE R 151 -8.28 -21.48 43.39
C ILE R 151 -7.14 -21.91 42.42
N GLN R 152 -7.45 -22.88 41.55
CA GLN R 152 -6.53 -23.42 40.55
C GLN R 152 -6.03 -22.35 39.52
N GLY R 153 -6.84 -21.33 39.28
CA GLY R 153 -6.38 -20.18 38.50
C GLY R 153 -4.97 -19.69 38.87
N TYR R 154 -4.71 -19.47 40.15
CA TYR R 154 -3.36 -19.08 40.61
C TYR R 154 -2.30 -20.06 40.10
N LEU R 155 -2.62 -21.35 40.15
CA LEU R 155 -1.66 -22.37 39.75
C LEU R 155 -1.41 -22.37 38.25
N LEU R 156 -2.47 -22.53 37.46
CA LEU R 156 -2.35 -22.40 36.02
C LEU R 156 -1.55 -21.12 35.64
N ALA R 157 -1.81 -20.02 36.34
CA ALA R 157 -1.06 -18.80 36.10
C ALA R 157 0.45 -18.98 36.29
N LEU R 158 0.85 -19.74 37.32
CA LEU R 158 2.27 -20.06 37.51
C LEU R 158 2.84 -20.93 36.40
N ARG R 159 2.07 -21.91 35.94
CA ARG R 159 2.50 -22.74 34.82
C ARG R 159 2.83 -21.96 33.56
N TYR R 160 1.99 -21.00 33.23
CA TYR R 160 2.27 -20.17 32.08
C TYR R 160 3.58 -19.44 32.36
N LEU R 161 3.71 -18.87 33.55
CA LEU R 161 4.92 -18.10 33.91
C LEU R 161 6.15 -18.99 33.86
N ALA R 162 5.98 -20.26 34.23
CA ALA R 162 7.05 -21.27 34.14
C ALA R 162 7.36 -21.59 32.69
N GLU R 163 6.33 -21.90 31.92
CA GLU R 163 6.51 -22.34 30.56
C GLU R 163 6.71 -21.17 29.58
N HIS R 164 6.73 -19.94 30.10
CA HIS R 164 6.83 -18.69 29.30
C HIS R 164 5.84 -18.62 28.13
N LEU S 24 2.87 33.57 53.02
CA LEU S 24 1.72 32.63 52.91
C LEU S 24 2.16 31.27 52.35
N ILE S 25 1.65 30.18 52.94
CA ILE S 25 2.03 28.82 52.56
C ILE S 25 1.15 28.30 51.42
N VAL S 26 1.78 27.48 50.56
CA VAL S 26 1.12 26.80 49.44
C VAL S 26 1.43 25.33 49.49
N ASN S 27 0.40 24.51 49.33
CA ASN S 27 0.57 23.07 49.38
C ASN S 27 0.57 22.43 48.02
N VAL S 28 1.68 21.81 47.68
CA VAL S 28 1.80 21.03 46.45
C VAL S 28 1.76 19.55 46.81
N ILE S 29 0.79 18.85 46.23
CA ILE S 29 0.40 17.54 46.72
C ILE S 29 0.36 16.58 45.54
N ASN S 30 1.07 15.46 45.67
CA ASN S 30 1.14 14.47 44.61
C ASN S 30 0.53 13.17 45.06
N GLY S 31 -0.44 12.69 44.30
CA GLY S 31 -1.09 11.42 44.60
C GLY S 31 -0.22 10.24 44.24
N PRO S 32 -0.83 9.05 44.10
CA PRO S 32 -0.18 7.77 43.85
C PRO S 32 0.71 7.73 42.61
N ASN S 33 1.73 6.89 42.64
CA ASN S 33 2.71 6.73 41.56
C ASN S 33 3.54 7.98 41.24
N LEU S 34 3.19 9.13 41.81
CA LEU S 34 3.96 10.31 41.52
C LEU S 34 5.32 10.33 42.21
N GLY S 35 5.46 9.54 43.28
CA GLY S 35 6.77 9.26 43.91
C GLY S 35 7.76 8.65 42.92
N ARG S 36 7.21 7.96 41.93
CA ARG S 36 7.99 7.22 40.94
C ARG S 36 8.60 8.05 39.77
N LEU S 37 8.22 9.33 39.65
CA LEU S 37 8.74 10.23 38.59
C LEU S 37 10.23 10.06 38.27
N GLY S 38 10.57 9.91 37.00
CA GLY S 38 11.97 9.71 36.60
C GLY S 38 12.43 8.28 36.85
N ARG S 39 12.42 7.51 35.76
CA ARG S 39 12.51 6.05 35.74
C ARG S 39 11.11 5.62 35.39
N ARG S 40 10.16 6.38 35.96
CA ARG S 40 8.76 6.20 35.70
C ARG S 40 8.43 6.85 34.36
N GLU S 41 7.91 6.03 33.45
CA GLU S 41 7.64 6.40 32.06
C GLU S 41 8.67 7.43 31.57
N PRO S 42 9.94 6.99 31.40
CA PRO S 42 11.15 7.79 31.21
C PRO S 42 10.89 9.24 30.78
N ALA S 43 10.23 9.43 29.64
CA ALA S 43 9.77 10.75 29.22
C ALA S 43 8.31 10.64 28.79
N VAL S 44 7.39 10.87 29.72
CA VAL S 44 5.94 10.92 29.41
C VAL S 44 5.12 12.17 29.78
N TYR S 45 5.15 12.75 31.00
CA TYR S 45 5.95 12.48 32.24
C TYR S 45 7.35 13.09 32.41
N GLY S 46 8.29 12.86 31.49
CA GLY S 46 9.64 13.46 31.60
C GLY S 46 10.52 12.87 32.70
N GLY S 47 11.80 13.21 32.67
CA GLY S 47 12.79 12.61 33.59
C GLY S 47 13.36 13.48 34.69
N THR S 48 12.49 14.08 35.49
CA THR S 48 12.88 14.71 36.75
C THR S 48 12.36 13.84 37.91
N THR S 49 13.22 13.60 38.92
CA THR S 49 12.77 12.86 40.10
C THR S 49 11.88 13.74 40.94
N HIS S 50 11.08 13.10 41.80
CA HIS S 50 10.27 13.81 42.77
C HIS S 50 11.10 14.65 43.77
N ASP S 51 12.30 14.18 44.11
CA ASP S 51 13.22 14.97 44.96
C ASP S 51 13.70 16.20 44.22
N GLU S 52 14.16 16.01 42.99
CA GLU S 52 14.49 17.14 42.14
C GLU S 52 13.27 18.02 41.94
N LEU S 53 12.09 17.41 41.99
CA LEU S 53 10.84 18.16 41.84
C LEU S 53 10.65 19.15 42.98
N VAL S 54 10.51 18.62 44.19
CA VAL S 54 10.39 19.42 45.41
C VAL S 54 11.31 20.65 45.38
N ALA S 55 12.58 20.42 45.04
CA ALA S 55 13.59 21.47 45.01
C ALA S 55 13.17 22.65 44.12
N LEU S 56 13.01 22.35 42.82
CA LEU S 56 12.58 23.30 41.81
C LEU S 56 11.43 24.16 42.27
N ILE S 57 10.45 23.52 42.90
CA ILE S 57 9.25 24.20 43.39
C ILE S 57 9.63 25.14 44.54
N GLU S 58 10.37 24.61 45.52
CA GLU S 58 10.75 25.39 46.68
C GLU S 58 11.51 26.61 46.24
N ARG S 59 12.45 26.40 45.32
CA ARG S 59 13.17 27.48 44.63
C ARG S 59 12.24 28.53 44.00
N GLU S 60 11.38 28.10 43.08
CA GLU S 60 10.55 29.02 42.33
C GLU S 60 9.54 29.78 43.22
N ALA S 61 9.06 29.12 44.26
CA ALA S 61 8.06 29.73 45.15
C ALA S 61 8.67 30.73 46.13
N ALA S 62 9.98 30.63 46.35
CA ALA S 62 10.69 31.60 47.17
C ALA S 62 10.83 32.89 46.37
N GLU S 63 11.26 32.75 45.11
CA GLU S 63 11.36 33.86 44.20
C GLU S 63 10.08 34.69 44.33
N LEU S 64 8.92 34.03 44.40
CA LEU S 64 7.62 34.73 44.36
C LEU S 64 7.09 35.21 45.71
N GLY S 65 7.87 34.95 46.78
CA GLY S 65 7.50 35.37 48.12
C GLY S 65 6.43 34.50 48.76
N LEU S 66 6.49 33.20 48.48
CA LEU S 66 5.54 32.23 49.01
C LEU S 66 6.39 31.12 49.54
N LYS S 67 5.82 30.28 50.39
CA LYS S 67 6.54 29.13 50.92
C LYS S 67 5.86 27.84 50.44
N ALA S 68 6.60 27.01 49.72
CA ALA S 68 6.03 25.77 49.19
C ALA S 68 6.32 24.58 50.10
N VAL S 69 5.23 24.01 50.65
CA VAL S 69 5.26 22.69 51.30
C VAL S 69 4.76 21.65 50.29
N VAL S 70 5.65 20.79 49.83
CA VAL S 70 5.24 19.74 48.88
C VAL S 70 5.36 18.30 49.42
N ARG S 71 4.22 17.61 49.57
CA ARG S 71 4.22 16.22 50.04
C ARG S 71 3.63 15.24 49.01
N GLN S 72 3.92 13.95 49.16
CA GLN S 72 3.42 12.91 48.22
C GLN S 72 3.11 11.61 48.95
N SER S 73 1.92 11.05 48.72
CA SER S 73 1.52 9.75 49.25
C SER S 73 0.73 8.91 48.26
N ASP S 74 0.79 7.58 48.41
CA ASP S 74 -0.09 6.67 47.66
C ASP S 74 -1.32 6.36 48.51
N SER S 75 -1.46 7.06 49.63
CA SER S 75 -2.56 6.84 50.55
C SER S 75 -3.63 7.90 50.39
N GLU S 76 -4.86 7.48 50.15
CA GLU S 76 -5.99 8.41 50.06
C GLU S 76 -6.19 9.04 51.44
N ALA S 77 -6.10 8.18 52.45
CA ALA S 77 -6.27 8.58 53.84
C ALA S 77 -5.36 9.77 54.17
N GLN S 78 -4.11 9.64 53.75
CA GLN S 78 -3.11 10.67 53.98
C GLN S 78 -3.33 11.92 53.09
N LEU S 79 -3.78 11.74 51.85
CA LEU S 79 -4.06 12.89 51.00
C LEU S 79 -5.25 13.68 51.58
N LEU S 80 -6.26 12.98 52.10
CA LEU S 80 -7.41 13.69 52.71
C LEU S 80 -6.89 14.48 53.90
N ASP S 81 -6.15 13.79 54.77
CA ASP S 81 -5.59 14.41 55.96
C ASP S 81 -4.78 15.68 55.70
N TRP S 82 -3.95 15.66 54.66
CA TRP S 82 -3.28 16.89 54.17
C TRP S 82 -4.25 17.96 53.74
N ILE S 83 -5.28 17.55 52.97
CA ILE S 83 -6.33 18.48 52.52
C ILE S 83 -7.14 19.04 53.69
N HIS S 84 -7.37 18.23 54.72
CA HIS S 84 -8.00 18.69 55.96
C HIS S 84 -7.21 19.80 56.64
N GLN S 85 -5.89 19.67 56.67
CA GLN S 85 -5.02 20.67 57.33
C GLN S 85 -5.02 21.96 56.52
N ALA S 86 -4.80 21.82 55.21
CA ALA S 86 -4.82 22.92 54.23
C ALA S 86 -6.11 23.73 54.28
N ALA S 87 -7.23 23.03 54.43
CA ALA S 87 -8.53 23.65 54.60
C ALA S 87 -8.64 24.37 55.94
N ASP S 88 -8.29 23.68 57.02
CA ASP S 88 -8.40 24.26 58.36
C ASP S 88 -7.55 25.50 58.54
N ALA S 89 -6.47 25.60 57.76
CA ALA S 89 -5.53 26.73 57.84
C ALA S 89 -5.81 27.85 56.81
N ALA S 90 -6.83 27.64 55.97
CA ALA S 90 -7.18 28.57 54.89
C ALA S 90 -6.02 28.78 53.90
N GLU S 91 -5.22 27.72 53.69
CA GLU S 91 -4.09 27.72 52.76
C GLU S 91 -4.48 27.24 51.33
N PRO S 92 -3.85 27.84 50.28
CA PRO S 92 -4.07 27.41 48.90
C PRO S 92 -3.58 25.97 48.70
N VAL S 93 -4.05 25.33 47.61
CA VAL S 93 -3.63 23.97 47.24
C VAL S 93 -3.39 23.82 45.76
N ILE S 94 -2.28 23.13 45.41
CA ILE S 94 -1.99 22.67 44.06
C ILE S 94 -1.94 21.14 44.07
N LEU S 95 -2.91 20.51 43.41
CA LEU S 95 -3.13 19.08 43.50
C LEU S 95 -2.94 18.37 42.17
N ASN S 96 -2.17 17.29 42.21
CA ASN S 96 -2.12 16.32 41.12
C ASN S 96 -2.38 14.93 41.65
N ALA S 97 -3.65 14.64 41.87
CA ALA S 97 -4.10 13.43 42.53
C ALA S 97 -3.83 12.13 41.79
N GLY S 98 -3.35 12.24 40.56
CA GLY S 98 -3.08 11.02 39.81
C GLY S 98 -4.37 10.25 39.62
N GLY S 99 -4.26 8.94 39.47
CA GLY S 99 -5.44 8.08 39.36
C GLY S 99 -6.69 8.60 40.06
N LEU S 100 -6.53 9.10 41.29
CA LEU S 100 -7.66 9.46 42.15
C LEU S 100 -8.53 10.56 41.58
N THR S 101 -7.99 11.28 40.60
CA THR S 101 -8.70 12.39 39.97
C THR S 101 -10.01 11.92 39.36
N HIS S 102 -10.02 10.68 38.89
CA HIS S 102 -11.13 10.14 38.10
C HIS S 102 -12.04 9.18 38.86
N THR S 103 -11.74 8.97 40.14
CA THR S 103 -12.36 7.87 40.91
C THR S 103 -12.83 8.27 42.29
N SER S 104 -12.20 9.25 42.90
CA SER S 104 -12.46 9.53 44.31
C SER S 104 -13.45 10.67 44.60
N VAL S 105 -14.69 10.30 44.91
CA VAL S 105 -15.64 11.21 45.53
C VAL S 105 -15.13 11.75 46.87
N ALA S 106 -14.48 10.88 47.66
CA ALA S 106 -14.05 11.24 49.02
C ALA S 106 -13.08 12.41 49.01
N LEU S 107 -12.19 12.40 48.02
CA LEU S 107 -11.18 13.43 47.88
C LEU S 107 -11.79 14.73 47.37
N ARG S 108 -12.81 14.60 46.51
CA ARG S 108 -13.47 15.76 45.96
C ARG S 108 -14.05 16.55 47.13
N ASP S 109 -14.86 15.88 47.95
CA ASP S 109 -15.51 16.51 49.10
C ASP S 109 -14.52 17.20 50.02
N ALA S 110 -13.39 16.54 50.25
CA ALA S 110 -12.37 17.18 51.05
C ALA S 110 -11.99 18.49 50.37
N CYS S 111 -11.65 18.46 49.09
CA CYS S 111 -11.29 19.68 48.37
C CYS S 111 -12.34 20.79 48.31
N ALA S 112 -13.63 20.46 48.40
CA ALA S 112 -14.68 21.50 48.43
C ALA S 112 -14.72 22.29 49.74
N GLU S 113 -14.27 21.66 50.82
CA GLU S 113 -14.20 22.32 52.11
C GLU S 113 -13.29 23.57 52.06
N LEU S 114 -12.44 23.67 51.04
CA LEU S 114 -11.47 24.78 50.89
C LEU S 114 -12.17 26.11 50.68
N SER S 115 -11.51 27.18 51.06
CA SER S 115 -11.99 28.55 50.74
C SER S 115 -10.89 29.33 50.02
N ALA S 116 -9.64 28.92 50.26
CA ALA S 116 -8.50 29.36 49.45
C ALA S 116 -8.41 28.53 48.16
N PRO S 117 -8.15 29.20 47.02
CA PRO S 117 -7.93 28.62 45.69
C PRO S 117 -7.30 27.20 45.63
N LEU S 118 -7.99 26.31 44.91
CA LEU S 118 -7.45 24.99 44.56
C LEU S 118 -7.11 24.95 43.08
N ILE S 119 -5.92 24.44 42.76
CA ILE S 119 -5.49 24.31 41.37
C ILE S 119 -5.00 22.91 40.97
N GLU S 120 -5.71 22.33 39.99
CA GLU S 120 -5.45 21.01 39.51
C GLU S 120 -4.39 21.03 38.39
N VAL S 121 -3.34 20.23 38.60
CA VAL S 121 -2.25 20.16 37.66
C VAL S 121 -2.00 18.70 37.31
N HIS S 122 -1.95 18.38 36.01
CA HIS S 122 -1.46 17.08 35.56
C HIS S 122 -0.33 17.37 34.59
N ILE S 123 0.66 16.49 34.57
CA ILE S 123 1.89 16.68 33.77
C ILE S 123 1.72 16.36 32.30
N SER S 124 1.02 15.26 32.03
CA SER S 124 0.76 14.82 30.67
C SER S 124 -0.59 15.38 30.21
N ASN S 125 -0.86 15.29 28.92
CA ASN S 125 -2.13 15.79 28.39
C ASN S 125 -3.20 14.73 28.46
N VAL S 126 -3.98 14.76 29.55
CA VAL S 126 -5.03 13.75 29.84
C VAL S 126 -6.16 13.68 28.82
N HIS S 127 -6.40 14.77 28.10
CA HIS S 127 -7.43 14.78 27.09
C HIS S 127 -6.98 14.04 25.83
N ALA S 128 -5.69 13.74 25.74
CA ALA S 128 -5.18 12.99 24.59
C ALA S 128 -5.13 11.50 24.88
N ARG S 129 -5.51 11.12 26.09
CA ARG S 129 -5.29 9.76 26.61
C ARG S 129 -6.59 8.95 26.67
N GLU S 130 -6.57 7.81 27.37
CA GLU S 130 -7.75 6.94 27.46
C GLU S 130 -8.99 7.74 27.84
N GLU S 131 -10.17 7.21 27.48
CA GLU S 131 -11.44 7.87 27.76
C GLU S 131 -11.63 8.12 29.27
N PHE S 132 -11.21 7.17 30.09
CA PHE S 132 -11.44 7.33 31.52
C PHE S 132 -10.73 8.54 32.12
N ARG S 133 -9.73 9.03 31.42
CA ARG S 133 -8.95 10.17 31.90
C ARG S 133 -9.58 11.55 31.64
N ARG S 134 -10.62 11.58 30.82
CA ARG S 134 -11.27 12.82 30.42
C ARG S 134 -12.23 13.40 31.48
N HIS S 135 -12.95 12.56 32.23
CA HIS S 135 -13.75 13.08 33.34
C HIS S 135 -12.86 13.20 34.59
N SER S 136 -13.03 14.31 35.31
CA SER S 136 -12.36 14.55 36.59
C SER S 136 -13.40 14.94 37.61
N TYR S 137 -13.33 14.34 38.79
CA TYR S 137 -14.17 14.77 39.92
C TYR S 137 -13.73 16.11 40.49
N LEU S 138 -12.46 16.47 40.28
CA LEU S 138 -11.90 17.67 40.88
C LEU S 138 -12.21 18.94 40.13
N SER S 139 -12.26 18.83 38.80
CA SER S 139 -12.28 20.00 37.94
C SER S 139 -13.46 20.92 38.19
N PRO S 140 -14.66 20.34 38.43
CA PRO S 140 -15.84 21.19 38.61
C PRO S 140 -15.79 22.08 39.86
N ILE S 141 -14.93 21.71 40.81
CA ILE S 141 -14.88 22.48 42.04
C ILE S 141 -13.51 23.06 42.32
N ALA S 142 -12.61 22.98 41.33
CA ALA S 142 -11.32 23.68 41.39
C ALA S 142 -11.46 25.14 40.93
N THR S 143 -10.44 25.96 41.19
CA THR S 143 -10.37 27.32 40.62
C THR S 143 -10.08 27.19 39.12
N GLY S 144 -9.07 26.38 38.82
CA GLY S 144 -8.66 26.11 37.45
C GLY S 144 -7.82 24.84 37.35
N VAL S 145 -7.44 24.53 36.11
CA VAL S 145 -6.77 23.27 35.79
C VAL S 145 -5.69 23.52 34.74
N ILE S 146 -4.53 22.90 34.95
CA ILE S 146 -3.42 23.05 34.05
C ILE S 146 -2.99 21.67 33.67
N VAL S 147 -3.06 21.38 32.38
CA VAL S 147 -2.86 20.03 31.90
C VAL S 147 -1.82 19.96 30.79
N GLY S 148 -0.99 18.94 30.82
CA GLY S 148 -0.18 18.62 29.65
C GLY S 148 1.07 19.42 29.41
N LEU S 149 1.33 20.44 30.24
CA LEU S 149 2.53 21.27 30.13
C LEU S 149 3.66 20.77 31.02
N GLY S 150 3.62 19.49 31.38
CA GLY S 150 4.66 18.92 32.20
C GLY S 150 4.89 19.63 33.52
N ILE S 151 5.95 19.19 34.19
CA ILE S 151 6.51 19.77 35.42
C ILE S 151 6.31 21.28 35.53
N GLN S 152 6.62 21.98 34.44
CA GLN S 152 6.28 23.38 34.26
C GLN S 152 4.99 23.79 34.97
N GLY S 153 3.90 23.08 34.70
CA GLY S 153 2.57 23.38 35.24
C GLY S 153 2.47 23.76 36.71
N TYR S 154 3.11 22.99 37.58
CA TYR S 154 3.18 23.38 38.98
C TYR S 154 3.71 24.82 39.11
N LEU S 155 4.85 25.10 38.47
CA LEU S 155 5.48 26.44 38.53
C LEU S 155 4.50 27.51 38.10
N LEU S 156 3.81 27.24 37.00
CA LEU S 156 2.77 28.13 36.52
C LEU S 156 1.64 28.28 37.53
N ALA S 157 1.33 27.20 38.23
CA ALA S 157 0.32 27.26 39.27
C ALA S 157 0.76 28.13 40.46
N LEU S 158 2.05 28.07 40.78
CA LEU S 158 2.63 29.00 41.75
C LEU S 158 2.38 30.47 41.39
N ARG S 159 2.64 30.83 40.15
CA ARG S 159 2.57 32.24 39.76
C ARG S 159 1.16 32.76 39.85
N TYR S 160 0.19 31.90 39.52
CA TYR S 160 -1.22 32.23 39.66
C TYR S 160 -1.54 32.57 41.11
N LEU S 161 -1.15 31.70 42.04
CA LEU S 161 -1.38 31.94 43.47
C LEU S 161 -0.66 33.20 43.97
N ALA S 162 0.60 33.35 43.59
CA ALA S 162 1.34 34.58 43.95
C ALA S 162 0.56 35.86 43.62
N GLU S 163 -0.52 35.73 42.83
CA GLU S 163 -1.20 36.88 42.22
C GLU S 163 -2.73 36.91 42.34
N HIS S 164 -3.36 35.75 42.58
CA HIS S 164 -4.84 35.60 42.62
C HIS S 164 -5.56 35.87 41.29
N LEU T 24 -65.77 -21.58 34.48
CA LEU T 24 -64.55 -20.76 34.29
C LEU T 24 -64.85 -19.37 33.71
N ILE T 25 -64.62 -18.37 34.56
CA ILE T 25 -64.75 -16.97 34.20
C ILE T 25 -63.36 -16.49 33.78
N VAL T 26 -63.30 -15.82 32.62
CA VAL T 26 -62.09 -15.27 32.02
C VAL T 26 -62.39 -13.81 31.74
N ASN T 27 -61.52 -12.94 32.23
CA ASN T 27 -61.73 -11.47 32.14
C ASN T 27 -61.00 -10.81 30.98
N VAL T 28 -61.73 -10.24 30.04
CA VAL T 28 -61.08 -9.38 29.07
C VAL T 28 -61.19 -7.92 29.49
N ILE T 29 -60.03 -7.27 29.60
CA ILE T 29 -59.95 -5.90 30.08
C ILE T 29 -59.26 -5.02 29.03
N ASN T 30 -59.95 -3.94 28.68
CA ASN T 30 -59.46 -2.97 27.71
C ASN T 30 -59.20 -1.61 28.35
N GLY T 31 -58.01 -1.10 28.08
CA GLY T 31 -57.55 0.13 28.67
C GLY T 31 -57.99 1.34 27.88
N PRO T 32 -57.49 2.51 28.29
CA PRO T 32 -57.91 3.81 27.74
C PRO T 32 -58.14 3.82 26.22
N ASN T 33 -59.11 4.61 25.79
CA ASN T 33 -59.39 4.87 24.35
C ASN T 33 -60.10 3.75 23.61
N LEU T 34 -59.78 2.51 23.95
CA LEU T 34 -60.33 1.35 23.28
C LEU T 34 -61.85 1.32 23.24
N GLY T 35 -62.50 2.29 23.90
CA GLY T 35 -63.95 2.50 23.81
C GLY T 35 -64.31 2.98 22.40
N ARG T 36 -63.34 3.61 21.76
CA ARG T 36 -63.52 4.20 20.45
C ARG T 36 -63.13 3.28 19.29
N LEU T 37 -62.96 2.01 19.62
CA LEU T 37 -62.73 0.97 18.63
C LEU T 37 -63.94 0.93 17.67
N GLY T 38 -63.67 1.01 16.36
CA GLY T 38 -64.74 0.91 15.38
C GLY T 38 -65.10 2.20 14.67
N ARG T 39 -65.37 3.25 15.45
CA ARG T 39 -65.46 4.59 14.85
C ARG T 39 -64.14 5.29 15.11
N ARG T 40 -63.36 5.44 14.05
CA ARG T 40 -61.95 5.88 14.11
C ARG T 40 -60.97 4.73 14.02
N GLU T 41 -59.95 4.95 13.18
CA GLU T 41 -58.79 4.08 12.99
C GLU T 41 -59.14 2.66 12.52
N PRO T 42 -59.05 2.42 11.20
CA PRO T 42 -59.21 1.08 10.63
C PRO T 42 -57.85 0.40 10.36
N ALA T 43 -56.80 0.93 10.99
CA ALA T 43 -55.48 0.29 10.98
C ALA T 43 -54.82 0.32 12.38
N VAL T 44 -54.13 1.42 12.70
CA VAL T 44 -53.34 1.55 13.94
C VAL T 44 -54.18 1.38 15.21
N GLY T 46 -59.88 -2.08 14.31
CA GLY T 46 -60.29 -1.62 12.96
C GLY T 46 -61.79 -1.53 12.70
N GLY T 47 -62.32 -2.46 11.92
CA GLY T 47 -63.73 -2.46 11.50
C GLY T 47 -64.75 -2.74 12.60
N THR T 48 -64.49 -3.77 13.42
CA THR T 48 -65.32 -4.11 14.59
C THR T 48 -65.40 -2.94 15.58
N THR T 49 -66.58 -2.71 16.15
CA THR T 49 -66.71 -1.71 17.23
C THR T 49 -66.61 -2.41 18.58
N HIS T 50 -66.61 -1.63 19.66
CA HIS T 50 -66.44 -2.21 20.99
C HIS T 50 -67.58 -3.13 21.43
N ASP T 51 -68.84 -2.72 21.27
CA ASP T 51 -69.99 -3.61 21.51
C ASP T 51 -69.93 -4.86 20.62
N GLU T 52 -69.52 -4.64 19.37
CA GLU T 52 -69.36 -5.73 18.43
C GLU T 52 -68.32 -6.70 18.96
N LEU T 53 -67.28 -6.16 19.59
CA LEU T 53 -66.18 -6.97 20.12
C LEU T 53 -66.57 -7.75 21.36
N VAL T 54 -67.32 -7.11 22.26
CA VAL T 54 -67.85 -7.77 23.45
C VAL T 54 -68.60 -9.03 23.01
N ALA T 55 -69.67 -8.85 22.25
CA ALA T 55 -70.53 -9.90 21.73
C ALA T 55 -69.75 -11.03 21.03
N LEU T 56 -68.82 -10.62 20.14
CA LEU T 56 -67.81 -11.51 19.56
C LEU T 56 -67.17 -12.43 20.59
N ILE T 57 -66.53 -11.82 21.58
CA ILE T 57 -65.76 -12.56 22.59
C ILE T 57 -66.66 -13.50 23.38
N GLU T 58 -67.88 -13.06 23.65
CA GLU T 58 -68.87 -13.91 24.33
C GLU T 58 -69.20 -15.17 23.52
N ARG T 59 -69.39 -15.00 22.21
CA ARG T 59 -69.74 -16.10 21.32
C ARG T 59 -68.70 -17.22 21.41
N GLU T 60 -67.42 -16.87 21.25
CA GLU T 60 -66.36 -17.88 21.33
C GLU T 60 -66.22 -18.41 22.74
N ALA T 61 -66.49 -17.57 23.73
CA ALA T 61 -66.49 -17.97 25.14
C ALA T 61 -67.38 -19.17 25.32
N ALA T 62 -68.62 -19.06 24.84
CA ALA T 62 -69.58 -20.17 24.82
C ALA T 62 -68.98 -21.40 24.11
N GLU T 63 -68.75 -21.29 22.80
CA GLU T 63 -68.18 -22.39 22.02
C GLU T 63 -67.06 -23.13 22.77
N LEU T 64 -66.25 -22.38 23.53
CA LEU T 64 -65.12 -22.98 24.25
C LEU T 64 -65.49 -23.49 25.63
N GLY T 65 -66.76 -23.35 25.99
CA GLY T 65 -67.21 -23.74 27.32
C GLY T 65 -66.74 -22.82 28.43
N LEU T 66 -66.44 -21.58 28.05
CA LEU T 66 -66.03 -20.52 28.99
C LEU T 66 -67.14 -19.51 29.14
N LYS T 67 -66.99 -18.68 30.17
CA LYS T 67 -67.79 -17.47 30.33
C LYS T 67 -66.78 -16.31 30.20
N ALA T 68 -67.11 -15.30 29.42
CA ALA T 68 -66.22 -14.15 29.24
C ALA T 68 -66.82 -12.86 29.77
N VAL T 69 -65.98 -12.06 30.40
CA VAL T 69 -66.40 -10.79 30.95
C VAL T 69 -65.54 -9.68 30.37
N VAL T 70 -66.08 -8.98 29.37
CA VAL T 70 -65.42 -7.87 28.73
C VAL T 70 -65.88 -6.52 29.28
N ARG T 71 -64.94 -5.81 29.88
CA ARG T 71 -65.15 -4.45 30.37
C ARG T 71 -64.08 -3.53 29.75
N GLN T 72 -64.38 -2.24 29.62
CA GLN T 72 -63.41 -1.26 29.12
C GLN T 72 -63.43 -0.06 30.00
N SER T 73 -62.29 0.60 30.14
CA SER T 73 -62.22 1.82 30.91
C SER T 73 -61.03 2.68 30.50
N ASP T 74 -61.25 3.99 30.50
CA ASP T 74 -60.21 4.98 30.31
C ASP T 74 -59.50 5.30 31.65
N SER T 75 -60.04 4.77 32.74
CA SER T 75 -59.51 5.11 34.06
C SER T 75 -58.51 4.09 34.60
N GLU T 76 -57.29 4.54 34.91
CA GLU T 76 -56.28 3.66 35.55
C GLU T 76 -56.80 3.01 36.83
N ALA T 77 -57.48 3.78 37.68
CA ALA T 77 -58.00 3.25 38.96
C ALA T 77 -59.04 2.15 38.76
N GLN T 78 -59.92 2.36 37.79
CA GLN T 78 -61.02 1.48 37.50
C GLN T 78 -60.52 0.17 36.90
N LEU T 79 -59.33 0.20 36.29
CA LEU T 79 -58.68 -1.00 35.76
C LEU T 79 -58.00 -1.83 36.87
N LEU T 80 -57.21 -1.17 37.73
CA LEU T 80 -56.58 -1.81 38.90
C LEU T 80 -57.64 -2.47 39.76
N ASP T 81 -58.73 -1.76 39.98
CA ASP T 81 -59.95 -2.33 40.60
C ASP T 81 -60.33 -3.70 40.02
N TRP T 82 -60.59 -3.78 38.70
CA TRP T 82 -60.92 -5.04 38.02
C TRP T 82 -59.84 -6.11 38.13
N ILE T 83 -58.58 -5.69 38.08
CA ILE T 83 -57.47 -6.63 38.24
C ILE T 83 -57.48 -7.27 39.64
N HIS T 84 -57.67 -6.45 40.68
CA HIS T 84 -57.69 -6.95 42.08
C HIS T 84 -58.77 -8.01 42.29
N GLN T 85 -59.94 -7.76 41.70
CA GLN T 85 -61.08 -8.64 41.84
C GLN T 85 -60.76 -9.97 41.18
N ALA T 86 -60.07 -9.89 40.05
CA ALA T 86 -59.68 -11.04 39.25
C ALA T 86 -58.71 -11.96 39.96
N ALA T 87 -57.72 -11.36 40.64
CA ALA T 87 -56.75 -12.11 41.45
C ALA T 87 -57.36 -12.71 42.73
N ASP T 88 -58.24 -11.94 43.37
CA ASP T 88 -58.92 -12.37 44.57
C ASP T 88 -59.86 -13.53 44.26
N ALA T 89 -60.30 -13.59 43.01
CA ALA T 89 -61.19 -14.62 42.52
C ALA T 89 -60.40 -15.71 41.83
N ALA T 90 -59.06 -15.56 41.75
CA ALA T 90 -58.20 -16.47 40.95
C ALA T 90 -58.75 -16.73 39.53
N GLU T 91 -59.19 -15.65 38.87
CA GLU T 91 -59.64 -15.67 37.49
C GLU T 91 -58.54 -15.15 36.56
N PRO T 92 -58.41 -15.76 35.37
CA PRO T 92 -57.41 -15.33 34.37
C PRO T 92 -57.81 -14.07 33.61
N VAL T 93 -56.83 -13.34 33.09
CA VAL T 93 -57.06 -12.03 32.49
C VAL T 93 -56.41 -11.94 31.13
N ILE T 94 -57.16 -11.38 30.19
CA ILE T 94 -56.63 -11.00 28.89
C ILE T 94 -56.70 -9.48 28.90
N LEU T 95 -55.52 -8.86 28.91
CA LEU T 95 -55.43 -7.42 29.14
C LEU T 95 -54.85 -6.65 27.96
N ASN T 96 -55.65 -5.77 27.38
CA ASN T 96 -55.12 -4.77 26.45
C ASN T 96 -55.18 -3.43 27.16
N ALA T 97 -54.07 -3.04 27.75
CA ALA T 97 -54.03 -1.87 28.60
C ALA T 97 -53.82 -0.60 27.80
N GLY T 98 -53.92 -0.72 26.48
CA GLY T 98 -53.61 0.39 25.57
C GLY T 98 -52.19 0.89 25.82
N GLY T 99 -52.05 2.22 25.81
CA GLY T 99 -50.77 2.88 26.12
C GLY T 99 -50.20 2.62 27.51
N LEU T 100 -51.07 2.32 28.49
CA LEU T 100 -50.66 2.25 29.89
C LEU T 100 -49.65 1.15 30.04
N THR T 101 -49.62 0.25 29.07
CA THR T 101 -48.63 -0.81 28.98
C THR T 101 -47.20 -0.26 29.09
N HIS T 102 -46.95 0.87 28.45
CA HIS T 102 -45.59 1.39 28.32
C HIS T 102 -45.23 2.36 29.41
N THR T 103 -46.27 2.90 30.06
CA THR T 103 -46.12 3.95 31.07
C THR T 103 -46.39 3.51 32.51
N SER T 104 -47.23 2.50 32.74
CA SER T 104 -47.74 2.24 34.07
C SER T 104 -47.05 1.14 34.88
N VAL T 105 -46.45 1.57 35.98
CA VAL T 105 -45.89 0.65 36.97
C VAL T 105 -46.99 0.06 37.89
N ALA T 106 -47.97 0.89 38.27
CA ALA T 106 -49.05 0.45 39.15
C ALA T 106 -49.83 -0.69 38.55
N LEU T 107 -49.91 -0.71 37.22
CA LEU T 107 -50.61 -1.75 36.52
C LEU T 107 -49.87 -3.09 36.55
N ARG T 108 -48.59 -3.07 36.22
CA ARG T 108 -47.75 -4.26 36.25
C ARG T 108 -47.85 -4.92 37.63
N ASP T 109 -47.82 -4.11 38.68
CA ASP T 109 -47.96 -4.58 40.06
C ASP T 109 -49.33 -5.11 40.44
N ALA T 110 -50.38 -4.41 40.02
CA ALA T 110 -51.70 -4.92 40.27
C ALA T 110 -51.80 -6.30 39.64
N CYS T 111 -51.09 -6.50 38.53
CA CYS T 111 -51.19 -7.75 37.76
C CYS T 111 -50.26 -8.85 38.23
N ALA T 112 -49.30 -8.54 39.08
CA ALA T 112 -48.29 -9.53 39.46
C ALA T 112 -48.89 -10.41 40.52
N GLU T 113 -50.00 -9.93 41.06
CA GLU T 113 -50.73 -10.57 42.14
C GLU T 113 -51.62 -11.71 41.63
N LEU T 114 -51.74 -11.85 40.30
CA LEU T 114 -52.58 -12.89 39.63
C LEU T 114 -51.92 -14.28 39.62
N SER T 115 -52.68 -15.31 40.02
CA SER T 115 -52.15 -16.69 39.98
C SER T 115 -52.67 -17.45 38.77
N ALA T 116 -53.79 -17.00 38.24
CA ALA T 116 -54.26 -17.46 36.96
C ALA T 116 -53.41 -16.82 35.83
N PRO T 117 -53.47 -17.40 34.61
CA PRO T 117 -52.78 -16.86 33.45
C PRO T 117 -53.10 -15.41 33.20
N LEU T 118 -52.12 -14.70 32.64
CA LEU T 118 -52.32 -13.34 32.20
C LEU T 118 -51.80 -13.28 30.78
N ILE T 119 -52.67 -12.91 29.85
CA ILE T 119 -52.24 -12.74 28.47
C ILE T 119 -52.34 -11.27 27.99
N GLU T 120 -51.23 -10.76 27.48
CA GLU T 120 -51.19 -9.43 26.95
C GLU T 120 -51.65 -9.48 25.49
N VAL T 121 -52.62 -8.64 25.12
CA VAL T 121 -53.06 -8.59 23.74
C VAL T 121 -53.04 -7.18 23.15
N HIS T 122 -52.36 -7.02 22.01
CA HIS T 122 -52.48 -5.77 21.24
C HIS T 122 -52.96 -6.06 19.83
N ILE T 123 -54.07 -5.44 19.46
CA ILE T 123 -54.65 -5.54 18.11
C ILE T 123 -53.59 -5.22 17.02
N SER T 124 -52.91 -4.07 17.15
CA SER T 124 -51.88 -3.66 16.21
C SER T 124 -50.53 -4.26 16.59
N ASN T 125 -49.59 -4.26 15.64
CA ASN T 125 -48.26 -4.78 15.88
C ASN T 125 -47.32 -3.74 16.48
N VAL T 126 -47.28 -3.70 17.82
CA VAL T 126 -46.60 -2.64 18.55
C VAL T 126 -45.08 -2.57 18.30
N HIS T 127 -44.54 -3.57 17.60
CA HIS T 127 -43.11 -3.56 17.29
C HIS T 127 -42.78 -2.89 15.95
N ALA T 128 -43.80 -2.39 15.26
CA ALA T 128 -43.61 -1.77 13.97
C ALA T 128 -44.06 -0.33 14.08
N ARG T 129 -44.45 0.08 15.27
CA ARG T 129 -44.83 1.46 15.53
C ARG T 129 -43.70 2.27 16.21
N GLU T 130 -44.08 3.24 17.04
CA GLU T 130 -43.12 4.11 17.69
C GLU T 130 -42.28 3.33 18.71
N GLU T 131 -41.09 3.85 19.04
CA GLU T 131 -40.14 3.09 19.87
C GLU T 131 -40.63 2.91 21.30
N PHE T 132 -41.32 3.90 21.83
CA PHE T 132 -41.82 3.75 23.19
C PHE T 132 -42.80 2.58 23.35
N ARG T 133 -43.53 2.26 22.28
CA ARG T 133 -44.52 1.17 22.28
C ARG T 133 -43.83 -0.17 22.16
N ARG T 134 -42.52 -0.15 21.98
CA ARG T 134 -41.75 -1.36 21.79
C ARG T 134 -41.34 -2.04 23.13
N HIS T 135 -41.54 -1.34 24.24
CA HIS T 135 -41.27 -1.88 25.58
C HIS T 135 -42.57 -1.89 26.40
N SER T 136 -42.84 -3.02 27.04
CA SER T 136 -44.03 -3.19 27.85
C SER T 136 -43.62 -3.55 29.26
N TYR T 137 -44.25 -2.92 30.27
CA TYR T 137 -44.01 -3.26 31.68
C TYR T 137 -44.72 -4.53 32.14
N LEU T 138 -45.84 -4.85 31.48
CA LEU T 138 -46.60 -6.07 31.74
C LEU T 138 -45.97 -7.32 31.15
N SER T 139 -45.31 -7.18 30.01
CA SER T 139 -44.83 -8.35 29.29
C SER T 139 -43.94 -9.23 30.15
N PRO T 140 -43.03 -8.61 30.91
CA PRO T 140 -42.14 -9.44 31.74
C PRO T 140 -42.89 -10.29 32.77
N ILE T 141 -44.04 -9.84 33.24
CA ILE T 141 -44.75 -10.62 34.23
C ILE T 141 -45.89 -11.48 33.64
N ALA T 142 -46.40 -11.14 32.46
CA ALA T 142 -47.41 -11.97 31.80
C ALA T 142 -46.97 -13.41 31.55
N THR T 143 -47.96 -14.28 31.39
CA THR T 143 -47.74 -15.62 30.84
C THR T 143 -47.22 -15.49 29.41
N GLY T 144 -48.00 -14.81 28.56
CA GLY T 144 -47.66 -14.63 27.17
C GLY T 144 -48.19 -13.34 26.56
N VAL T 145 -47.84 -13.13 25.30
CA VAL T 145 -48.15 -11.90 24.60
C VAL T 145 -48.59 -12.20 23.19
N ILE T 146 -49.76 -11.67 22.78
CA ILE T 146 -50.26 -11.68 21.39
C ILE T 146 -50.49 -10.26 20.84
N VAL T 147 -49.86 -10.00 19.70
CA VAL T 147 -49.72 -8.65 19.11
C VAL T 147 -49.87 -8.71 17.57
N GLY T 148 -50.60 -7.79 16.98
CA GLY T 148 -50.58 -7.62 15.54
C GLY T 148 -51.54 -8.50 14.74
N LEU T 149 -52.36 -9.27 15.44
CA LEU T 149 -53.32 -10.17 14.77
C LEU T 149 -54.75 -9.60 14.77
N GLY T 150 -54.84 -8.32 15.09
CA GLY T 150 -56.14 -7.66 15.31
C GLY T 150 -56.98 -8.25 16.43
N ILE T 151 -58.29 -8.08 16.28
CA ILE T 151 -59.32 -8.60 17.19
C ILE T 151 -59.26 -10.12 17.45
N GLN T 152 -59.00 -10.92 16.41
CA GLN T 152 -58.94 -12.38 16.61
C GLN T 152 -57.89 -12.64 17.68
N GLY T 153 -57.09 -11.60 17.93
CA GLY T 153 -56.04 -11.63 18.93
C GLY T 153 -56.66 -12.14 20.18
N TYR T 154 -57.74 -11.46 20.59
CA TYR T 154 -58.52 -11.88 21.76
C TYR T 154 -59.01 -13.34 21.65
N LEU T 155 -59.66 -13.69 20.53
CA LEU T 155 -60.27 -15.03 20.38
C LEU T 155 -59.22 -16.12 20.53
N LEU T 156 -58.02 -15.86 19.98
CA LEU T 156 -56.87 -16.76 20.14
C LEU T 156 -56.39 -16.86 21.61
N ALA T 157 -56.64 -15.83 22.41
CA ALA T 157 -56.22 -15.83 23.81
C ALA T 157 -57.13 -16.68 24.67
N LEU T 158 -58.43 -16.62 24.41
CA LEU T 158 -59.35 -17.53 25.06
C LEU T 158 -59.02 -18.98 24.70
N ARG T 159 -58.74 -19.22 23.42
CA ARG T 159 -58.47 -20.58 23.00
C ARG T 159 -57.30 -21.15 23.82
N TYR T 160 -56.24 -20.35 24.02
CA TYR T 160 -55.12 -20.75 24.90
C TYR T 160 -55.58 -20.99 26.32
N LEU T 161 -56.46 -20.11 26.80
CA LEU T 161 -56.99 -20.22 28.16
C LEU T 161 -57.84 -21.45 28.35
N ALA T 162 -58.43 -21.95 27.26
CA ALA T 162 -59.19 -23.20 27.29
C ALA T 162 -58.31 -24.47 27.41
N GLU T 163 -57.09 -24.44 26.88
CA GLU T 163 -56.19 -25.57 27.12
C GLU T 163 -55.44 -25.48 28.45
N HIS T 164 -55.47 -24.30 29.07
CA HIS T 164 -54.70 -23.99 30.31
C HIS T 164 -53.18 -23.93 30.07
N LEU U 24 -51.11 18.60 66.32
CA LEU U 24 -50.54 18.93 64.98
C LEU U 24 -50.56 17.75 63.99
N ILE U 25 -51.33 17.92 62.92
CA ILE U 25 -51.67 16.87 61.97
C ILE U 25 -50.51 16.45 61.05
N VAL U 26 -50.39 15.14 60.81
CA VAL U 26 -49.53 14.56 59.76
C VAL U 26 -50.33 13.65 58.80
N ASN U 27 -50.22 13.92 57.51
CA ASN U 27 -50.86 13.06 56.51
C ASN U 27 -49.93 11.94 56.07
N VAL U 28 -50.44 10.71 56.04
CA VAL U 28 -49.69 9.58 55.53
C VAL U 28 -50.47 9.03 54.33
N ILE U 29 -49.99 9.33 53.14
CA ILE U 29 -50.72 9.00 51.95
C ILE U 29 -50.06 7.78 51.32
N ASN U 30 -50.88 6.80 51.00
CA ASN U 30 -50.46 5.61 50.26
C ASN U 30 -51.04 5.58 48.86
N GLY U 31 -50.17 5.41 47.86
CA GLY U 31 -50.57 5.30 46.45
C GLY U 31 -51.12 3.94 46.04
N PRO U 32 -51.26 3.71 44.72
CA PRO U 32 -52.04 2.54 44.28
C PRO U 32 -51.39 1.23 44.67
N ASN U 33 -52.22 0.28 45.12
CA ASN U 33 -51.82 -1.11 45.44
C ASN U 33 -51.56 -1.38 46.92
N LEU U 34 -51.26 -0.32 47.65
CA LEU U 34 -51.05 -0.40 49.10
C LEU U 34 -52.33 -0.63 49.92
N GLY U 35 -53.49 -0.49 49.29
CA GLY U 35 -54.75 -0.86 49.92
C GLY U 35 -54.85 -2.36 50.07
N ARG U 36 -53.86 -3.07 49.53
CA ARG U 36 -53.88 -4.53 49.44
C ARG U 36 -52.88 -5.21 50.40
N LEU U 37 -52.46 -4.50 51.45
CA LEU U 37 -51.44 -5.04 52.35
C LEU U 37 -51.92 -6.26 53.12
N GLY U 38 -50.97 -7.08 53.55
CA GLY U 38 -51.28 -8.32 54.26
C GLY U 38 -51.55 -9.48 53.33
N ARG U 39 -52.18 -9.19 52.19
CA ARG U 39 -52.58 -10.23 51.21
C ARG U 39 -52.27 -9.84 49.76
N ARG U 40 -51.14 -10.27 49.18
CA ARG U 40 -50.23 -11.23 49.77
C ARG U 40 -48.82 -10.63 49.80
N GLU U 41 -47.91 -11.20 48.99
CA GLU U 41 -46.55 -10.70 48.84
C GLU U 41 -45.79 -10.48 50.18
N PRO U 42 -46.10 -11.27 51.23
CA PRO U 42 -45.68 -10.91 52.61
C PRO U 42 -44.18 -11.02 52.91
N ALA U 43 -43.44 -11.73 52.08
CA ALA U 43 -41.98 -11.78 52.22
C ALA U 43 -41.40 -10.42 51.81
N VAL U 44 -42.13 -9.70 50.95
CA VAL U 44 -41.72 -8.39 50.46
C VAL U 44 -42.31 -7.25 51.33
N TYR U 45 -43.57 -7.36 51.72
CA TYR U 45 -44.29 -6.26 52.39
C TYR U 45 -44.88 -6.53 53.80
N GLY U 46 -44.60 -7.71 54.36
CA GLY U 46 -45.15 -8.08 55.65
C GLY U 46 -46.56 -8.63 55.54
N GLY U 47 -47.11 -9.05 56.68
CA GLY U 47 -48.45 -9.63 56.69
C GLY U 47 -49.40 -8.74 57.46
N THR U 48 -48.96 -7.53 57.79
CA THR U 48 -49.84 -6.49 58.35
C THR U 48 -50.72 -5.90 57.23
N THR U 49 -52.02 -5.83 57.51
CA THR U 49 -52.97 -5.24 56.58
C THR U 49 -52.90 -3.73 56.62
N HIS U 50 -53.63 -3.08 55.70
CA HIS U 50 -53.70 -1.65 55.67
C HIS U 50 -54.46 -1.09 56.88
N ASP U 51 -55.52 -1.78 57.29
CA ASP U 51 -56.26 -1.39 58.51
C ASP U 51 -55.39 -1.55 59.77
N GLU U 52 -54.59 -2.62 59.82
CA GLU U 52 -53.60 -2.79 60.88
C GLU U 52 -52.55 -1.70 60.79
N LEU U 53 -52.34 -1.18 59.60
CA LEU U 53 -51.36 -0.13 59.42
C LEU U 53 -51.88 1.23 59.90
N VAL U 54 -53.17 1.49 59.74
CA VAL U 54 -53.73 2.78 60.16
C VAL U 54 -53.63 2.79 61.66
N ALA U 55 -54.27 1.78 62.26
CA ALA U 55 -54.19 1.57 63.70
C ALA U 55 -52.79 1.89 64.20
N LEU U 56 -51.79 1.17 63.70
CA LEU U 56 -50.42 1.24 64.19
C LEU U 56 -49.77 2.59 64.08
N ILE U 57 -50.07 3.30 63.00
CA ILE U 57 -49.52 4.62 62.77
C ILE U 57 -50.25 5.62 63.65
N GLU U 58 -51.58 5.54 63.67
CA GLU U 58 -52.42 6.39 64.53
C GLU U 58 -51.92 6.37 65.97
N ARG U 59 -51.65 5.17 66.48
CA ARG U 59 -51.12 4.96 67.81
C ARG U 59 -49.64 5.33 67.98
N GLU U 60 -48.82 5.16 66.95
CA GLU U 60 -47.48 5.70 67.07
C GLU U 60 -47.55 7.22 67.14
N ALA U 61 -48.55 7.80 66.49
CA ALA U 61 -48.67 9.24 66.45
C ALA U 61 -49.14 9.80 67.80
N ALA U 62 -50.25 9.28 68.32
CA ALA U 62 -50.67 9.59 69.69
C ALA U 62 -49.49 9.58 70.66
N GLU U 63 -48.68 8.52 70.68
CA GLU U 63 -47.52 8.48 71.60
C GLU U 63 -46.55 9.66 71.43
N LEU U 64 -46.45 10.21 70.24
CA LEU U 64 -45.47 11.27 70.05
C LEU U 64 -46.12 12.64 70.18
N GLY U 65 -47.43 12.66 70.40
CA GLY U 65 -48.16 13.92 70.46
C GLY U 65 -48.60 14.47 69.11
N LEU U 66 -48.54 13.67 68.04
CA LEU U 66 -49.00 14.07 66.71
C LEU U 66 -50.31 13.37 66.41
N LYS U 67 -50.89 13.64 65.24
CA LYS U 67 -52.14 13.00 64.86
C LYS U 67 -52.08 12.65 63.38
N ALA U 68 -52.11 11.36 63.05
CA ALA U 68 -52.03 10.95 61.65
C ALA U 68 -53.38 10.85 60.98
N VAL U 69 -53.48 11.50 59.84
CA VAL U 69 -54.57 11.22 58.92
C VAL U 69 -53.98 10.29 57.86
N VAL U 70 -54.36 9.01 57.90
CA VAL U 70 -53.77 7.99 57.04
C VAL U 70 -54.80 7.66 55.96
N ARG U 71 -54.36 7.60 54.71
CA ARG U 71 -55.27 7.50 53.58
C ARG U 71 -54.58 6.79 52.44
N GLN U 72 -55.36 6.06 51.66
CA GLN U 72 -54.84 5.23 50.60
C GLN U 72 -55.76 5.36 49.38
N SER U 73 -55.16 5.53 48.20
CA SER U 73 -55.94 5.61 46.98
C SER U 73 -55.29 4.99 45.75
N ASP U 74 -56.06 4.21 45.02
CA ASP U 74 -55.65 3.78 43.69
C ASP U 74 -55.76 4.86 42.64
N SER U 75 -56.35 6.01 42.99
CA SER U 75 -56.54 7.09 42.02
C SER U 75 -55.41 8.11 42.13
N GLU U 76 -54.86 8.50 40.99
CA GLU U 76 -53.85 9.56 40.98
C GLU U 76 -54.51 10.90 41.31
N ALA U 77 -55.68 11.14 40.71
CA ALA U 77 -56.43 12.34 40.93
C ALA U 77 -56.72 12.56 42.39
N GLN U 78 -57.20 11.51 43.07
CA GLN U 78 -57.48 11.58 44.50
C GLN U 78 -56.24 12.05 45.30
N LEU U 79 -55.09 11.42 45.01
CA LEU U 79 -53.83 11.73 45.65
C LEU U 79 -53.47 13.22 45.51
N LEU U 80 -53.79 13.78 44.35
CA LEU U 80 -53.46 15.17 44.06
C LEU U 80 -54.31 16.02 44.96
N ASP U 81 -55.62 15.72 44.93
CA ASP U 81 -56.58 16.42 45.78
C ASP U 81 -55.98 16.45 47.18
N TRP U 82 -55.56 15.28 47.68
CA TRP U 82 -55.04 15.20 49.04
C TRP U 82 -53.78 16.04 49.28
N ILE U 83 -52.82 15.98 48.36
CA ILE U 83 -51.61 16.78 48.51
C ILE U 83 -51.92 18.27 48.43
N HIS U 84 -52.87 18.67 47.57
CA HIS U 84 -53.33 20.07 47.53
C HIS U 84 -53.74 20.48 48.95
N GLN U 85 -54.68 19.74 49.53
CA GLN U 85 -55.20 20.02 50.88
C GLN U 85 -54.11 20.19 51.93
N ALA U 86 -53.14 19.29 51.92
CA ALA U 86 -52.06 19.30 52.89
C ALA U 86 -51.18 20.52 52.69
N ALA U 87 -51.13 20.96 51.44
CA ALA U 87 -50.29 22.08 51.07
C ALA U 87 -50.97 23.39 51.40
N ASP U 88 -52.30 23.40 51.34
CA ASP U 88 -53.11 24.56 51.77
C ASP U 88 -53.08 24.63 53.29
N ALA U 89 -53.35 23.49 53.92
CA ALA U 89 -53.37 23.38 55.39
C ALA U 89 -51.96 23.46 55.99
N ALA U 90 -50.97 23.70 55.12
CA ALA U 90 -49.55 23.66 55.47
C ALA U 90 -49.21 22.54 56.45
N GLU U 91 -49.46 21.29 56.04
CA GLU U 91 -49.20 20.12 56.89
C GLU U 91 -48.12 19.23 56.32
N PRO U 92 -47.30 18.60 57.16
CA PRO U 92 -46.33 17.67 56.56
C PRO U 92 -46.99 16.43 55.95
N VAL U 93 -46.27 15.75 55.06
CA VAL U 93 -46.78 14.54 54.42
C VAL U 93 -45.71 13.46 54.46
N ILE U 94 -46.13 12.26 54.78
CA ILE U 94 -45.32 11.06 54.61
C ILE U 94 -45.95 10.35 53.44
N LEU U 95 -45.18 10.06 52.40
CA LEU U 95 -45.77 9.52 51.18
C LEU U 95 -45.09 8.24 50.61
N ASN U 96 -45.90 7.20 50.42
CA ASN U 96 -45.52 6.02 49.63
C ASN U 96 -46.41 5.98 48.36
N ALA U 97 -45.86 6.51 47.27
CA ALA U 97 -46.58 6.72 46.01
C ALA U 97 -46.77 5.43 45.29
N GLY U 98 -46.07 4.39 45.73
CA GLY U 98 -46.06 3.13 44.99
C GLY U 98 -45.53 3.30 43.57
N GLY U 99 -46.21 2.74 42.59
CA GLY U 99 -45.72 2.84 41.24
C GLY U 99 -45.46 4.27 40.78
N LEU U 100 -46.32 5.17 41.23
CA LEU U 100 -46.37 6.56 40.75
C LEU U 100 -45.08 7.30 40.99
N THR U 101 -44.28 6.78 41.92
CA THR U 101 -42.97 7.33 42.25
C THR U 101 -42.10 7.47 41.02
N HIS U 102 -42.31 6.55 40.09
CA HIS U 102 -41.42 6.33 38.98
C HIS U 102 -42.05 6.79 37.69
N THR U 103 -43.27 7.28 37.79
CA THR U 103 -44.02 7.58 36.59
C THR U 103 -44.59 8.99 36.56
N SER U 104 -44.86 9.57 37.73
CA SER U 104 -45.77 10.70 37.82
C SER U 104 -45.09 12.06 38.00
N VAL U 105 -45.12 12.88 36.95
CA VAL U 105 -44.69 14.25 37.06
C VAL U 105 -45.73 15.05 37.86
N ALA U 106 -47.00 14.82 37.52
CA ALA U 106 -48.11 15.54 38.15
C ALA U 106 -48.08 15.45 39.68
N LEU U 107 -47.87 14.23 40.19
CA LEU U 107 -47.74 14.04 41.63
C LEU U 107 -46.49 14.76 42.18
N ARG U 108 -45.41 14.71 41.42
CA ARG U 108 -44.20 15.36 41.86
C ARG U 108 -44.43 16.87 42.00
N ASP U 109 -45.10 17.47 41.00
CA ASP U 109 -45.42 18.89 41.06
C ASP U 109 -46.34 19.23 42.23
N ALA U 110 -47.35 18.39 42.45
CA ALA U 110 -48.26 18.60 43.56
C ALA U 110 -47.49 18.71 44.87
N CYS U 111 -46.54 17.80 45.06
CA CYS U 111 -45.80 17.72 46.30
C CYS U 111 -44.83 18.85 46.44
N ALA U 112 -44.37 19.36 45.30
CA ALA U 112 -43.35 20.43 45.29
C ALA U 112 -43.90 21.65 45.99
N GLU U 113 -45.22 21.79 45.93
CA GLU U 113 -45.97 22.91 46.48
C GLU U 113 -46.06 22.91 48.01
N LEU U 114 -45.78 21.76 48.62
CA LEU U 114 -45.84 21.58 50.06
C LEU U 114 -44.77 22.43 50.69
N SER U 115 -45.13 23.20 51.71
CA SER U 115 -44.15 23.97 52.43
C SER U 115 -43.61 23.19 53.63
N ALA U 116 -44.35 22.22 54.10
CA ALA U 116 -43.85 21.45 55.22
C ALA U 116 -43.05 20.27 54.71
N PRO U 117 -42.33 19.59 55.61
CA PRO U 117 -41.48 18.46 55.20
C PRO U 117 -42.24 17.35 54.47
N LEU U 118 -41.62 16.85 53.40
CA LEU U 118 -42.10 15.69 52.67
C LEU U 118 -41.17 14.53 52.94
N ILE U 119 -41.73 13.40 53.36
CA ILE U 119 -40.92 12.22 53.57
C ILE U 119 -41.48 11.09 52.72
N GLU U 120 -40.58 10.48 51.95
CA GLU U 120 -40.85 9.38 51.06
C GLU U 120 -40.62 8.05 51.79
N VAL U 121 -41.64 7.22 51.89
CA VAL U 121 -41.47 5.94 52.55
C VAL U 121 -41.73 4.78 51.60
N HIS U 122 -40.77 3.86 51.50
CA HIS U 122 -41.05 2.57 50.89
C HIS U 122 -40.78 1.45 51.87
N ILE U 123 -41.65 0.46 51.82
CA ILE U 123 -41.59 -0.73 52.66
C ILE U 123 -40.40 -1.57 52.20
N SER U 124 -40.40 -1.91 50.90
CA SER U 124 -39.38 -2.74 50.28
C SER U 124 -38.13 -1.95 49.95
N ASN U 125 -36.97 -2.59 49.92
CA ASN U 125 -35.78 -1.89 49.43
C ASN U 125 -35.77 -1.86 47.91
N VAL U 126 -36.19 -0.72 47.37
CA VAL U 126 -36.43 -0.57 45.94
C VAL U 126 -35.13 -0.71 45.17
N HIS U 127 -34.00 -0.36 45.79
CA HIS U 127 -32.69 -0.52 45.16
C HIS U 127 -32.28 -1.98 44.99
N ALA U 128 -33.01 -2.90 45.61
CA ALA U 128 -32.68 -4.30 45.49
C ALA U 128 -33.71 -4.94 44.56
N ARG U 129 -34.23 -4.13 43.64
CA ARG U 129 -35.34 -4.56 42.80
C ARG U 129 -35.11 -4.21 41.32
N GLU U 130 -36.16 -4.29 40.50
CA GLU U 130 -36.09 -3.94 39.06
C GLU U 130 -35.59 -2.50 38.87
N GLU U 131 -34.75 -2.30 37.86
CA GLU U 131 -34.05 -1.01 37.64
C GLU U 131 -34.95 0.24 37.56
N PHE U 132 -36.17 0.05 37.06
CA PHE U 132 -37.17 1.15 37.01
C PHE U 132 -37.59 1.65 38.39
N ARG U 133 -37.53 0.80 39.41
CA ARG U 133 -37.81 1.22 40.77
C ARG U 133 -36.64 2.00 41.41
N ARG U 134 -35.44 1.89 40.83
CA ARG U 134 -34.23 2.53 41.39
C ARG U 134 -34.17 4.08 41.21
N HIS U 135 -34.95 4.64 40.28
CA HIS U 135 -35.01 6.10 40.06
C HIS U 135 -36.38 6.64 40.49
N SER U 136 -36.36 7.74 41.21
CA SER U 136 -37.59 8.31 41.76
C SER U 136 -37.74 9.77 41.38
N TYR U 137 -38.91 10.15 40.90
CA TYR U 137 -39.21 11.55 40.64
C TYR U 137 -39.34 12.38 41.90
N LEU U 138 -39.88 11.75 42.94
CA LEU U 138 -40.12 12.39 44.22
C LEU U 138 -38.86 12.69 45.01
N SER U 139 -37.89 11.80 44.98
CA SER U 139 -36.77 11.87 45.92
C SER U 139 -35.99 13.18 45.92
N PRO U 140 -35.75 13.77 44.75
CA PRO U 140 -35.07 15.07 44.75
C PRO U 140 -35.81 16.22 45.47
N ILE U 141 -37.12 16.14 45.64
CA ILE U 141 -37.89 17.23 46.25
C ILE U 141 -38.44 16.94 47.65
N ALA U 142 -38.06 15.80 48.21
CA ALA U 142 -38.42 15.46 49.58
C ALA U 142 -37.34 15.86 50.60
N THR U 143 -37.73 15.97 51.85
CA THR U 143 -36.80 16.24 52.89
C THR U 143 -35.79 15.09 52.93
N GLY U 144 -36.30 13.87 52.93
CA GLY U 144 -35.45 12.69 52.88
C GLY U 144 -36.27 11.47 52.53
N VAL U 145 -35.60 10.31 52.45
CA VAL U 145 -36.26 9.09 52.01
C VAL U 145 -35.95 7.92 52.96
N ILE U 146 -36.97 7.13 53.29
CA ILE U 146 -36.79 5.89 54.03
C ILE U 146 -37.28 4.69 53.25
N VAL U 147 -36.38 3.74 53.07
CA VAL U 147 -36.61 2.62 52.20
C VAL U 147 -36.21 1.30 52.92
N GLY U 148 -37.03 0.28 52.69
CA GLY U 148 -36.67 -1.11 52.96
C GLY U 148 -36.52 -1.50 54.41
N LEU U 149 -37.18 -0.75 55.29
CA LEU U 149 -37.19 -1.06 56.72
C LEU U 149 -38.61 -1.47 57.09
N GLY U 150 -39.33 -1.97 56.09
CA GLY U 150 -40.72 -2.41 56.24
C GLY U 150 -41.72 -1.34 56.64
N ILE U 151 -42.86 -1.82 57.09
CA ILE U 151 -43.91 -1.01 57.68
C ILE U 151 -43.42 -0.04 58.78
N GLN U 152 -42.32 -0.36 59.46
CA GLN U 152 -41.75 0.55 60.46
C GLN U 152 -41.22 1.88 59.85
N GLY U 153 -41.01 1.91 58.53
CA GLY U 153 -40.59 3.14 57.84
C GLY U 153 -41.51 4.31 58.13
N TYR U 154 -42.83 4.08 58.07
CA TYR U 154 -43.84 5.10 58.45
C TYR U 154 -43.70 5.62 59.90
N LEU U 155 -43.54 4.71 60.85
CA LEU U 155 -43.38 5.12 62.23
C LEU U 155 -42.10 5.93 62.41
N LEU U 156 -41.06 5.63 61.64
CA LEU U 156 -39.78 6.34 61.77
C LEU U 156 -39.86 7.76 61.17
N ALA U 157 -40.54 7.90 60.04
CA ALA U 157 -40.84 9.22 59.51
C ALA U 157 -41.58 10.06 60.53
N LEU U 158 -42.65 9.51 61.12
CA LEU U 158 -43.39 10.16 62.21
C LEU U 158 -42.49 10.70 63.32
N ARG U 159 -41.46 9.93 63.69
CA ARG U 159 -40.54 10.36 64.74
C ARG U 159 -39.67 11.53 64.29
N TYR U 160 -39.35 11.55 63.01
CA TYR U 160 -38.59 12.64 62.44
C TYR U 160 -39.47 13.89 62.46
N LEU U 161 -40.74 13.74 62.07
CA LEU U 161 -41.67 14.85 62.11
C LEU U 161 -41.89 15.40 63.54
N ALA U 162 -41.94 14.53 64.54
CA ALA U 162 -42.06 14.99 65.93
C ALA U 162 -40.91 15.90 66.36
N GLU U 163 -39.66 15.44 66.22
CA GLU U 163 -38.50 16.27 66.56
C GLU U 163 -38.15 17.36 65.54
N HIS U 164 -38.71 17.26 64.34
CA HIS U 164 -38.64 18.27 63.24
C HIS U 164 -37.45 18.22 62.24
N LEU V 24 -67.08 29.89 15.69
CA LEU V 24 -66.18 28.69 15.72
C LEU V 24 -65.95 28.27 17.18
N ILE V 25 -65.83 26.98 17.43
CA ILE V 25 -65.71 26.50 18.81
C ILE V 25 -64.30 25.99 19.18
N VAL V 26 -63.72 26.61 20.19
CA VAL V 26 -62.35 26.36 20.58
C VAL V 26 -62.31 25.82 22.03
N ASN V 27 -61.63 24.68 22.21
CA ASN V 27 -61.44 24.10 23.54
C ASN V 27 -60.08 24.36 24.18
N VAL V 28 -60.10 24.82 25.42
CA VAL V 28 -58.87 25.02 26.14
C VAL V 28 -58.93 24.12 27.34
N ILE V 29 -58.00 23.17 27.36
CA ILE V 29 -57.97 22.10 28.34
C ILE V 29 -56.71 22.12 29.21
N ASN V 30 -56.93 22.37 30.50
CA ASN V 30 -55.87 22.27 31.48
C ASN V 30 -55.96 20.99 32.33
N GLY V 31 -54.84 20.28 32.36
CA GLY V 31 -54.68 19.09 33.14
C GLY V 31 -54.23 19.37 34.55
N PRO V 32 -53.60 18.37 35.18
CA PRO V 32 -53.27 18.30 36.61
C PRO V 32 -52.58 19.54 37.15
N ASN V 33 -53.00 19.98 38.33
CA ASN V 33 -52.30 21.02 39.09
C ASN V 33 -52.52 22.44 38.58
N LEU V 34 -53.27 22.58 37.50
CA LEU V 34 -53.46 23.88 36.90
C LEU V 34 -54.65 24.61 37.47
N GLY V 35 -55.48 23.93 38.24
CA GLY V 35 -56.53 24.61 39.01
C GLY V 35 -55.90 25.52 40.06
N ARG V 36 -54.68 25.19 40.43
CA ARG V 36 -53.96 25.89 41.50
C ARG V 36 -53.34 27.25 41.11
N LEU V 37 -53.44 27.63 39.83
CA LEU V 37 -52.81 28.85 39.32
C LEU V 37 -53.17 30.10 40.10
N GLY V 38 -52.15 30.85 40.47
CA GLY V 38 -52.30 32.03 41.30
C GLY V 38 -51.73 31.77 42.68
N ARG V 39 -50.92 30.71 42.78
CA ARG V 39 -50.02 30.45 43.93
C ARG V 39 -48.62 30.01 43.44
N ARG V 40 -47.78 31.00 43.17
CA ARG V 40 -46.45 30.84 42.54
C ARG V 40 -45.38 30.45 43.54
N TYR V 45 -45.16 31.08 37.78
CA TYR V 45 -46.33 30.84 36.92
C TYR V 45 -47.25 32.06 36.77
N GLY V 46 -47.00 33.11 37.55
CA GLY V 46 -47.81 34.33 37.50
C GLY V 46 -48.62 34.61 38.76
N GLY V 47 -49.70 35.38 38.60
CA GLY V 47 -50.61 35.71 39.69
C GLY V 47 -52.06 35.49 39.32
N THR V 48 -52.28 35.13 38.06
CA THR V 48 -53.61 34.86 37.55
C THR V 48 -54.21 33.61 38.20
N THR V 49 -55.37 33.77 38.83
CA THR V 49 -56.15 32.63 39.32
C THR V 49 -56.74 31.94 38.11
N HIS V 50 -56.91 30.61 38.20
CA HIS V 50 -57.46 29.90 37.07
C HIS V 50 -58.82 30.44 36.69
N ASP V 51 -59.59 30.87 37.68
CA ASP V 51 -60.90 31.45 37.43
C ASP V 51 -60.78 32.73 36.60
N GLU V 52 -59.67 33.44 36.78
CA GLU V 52 -59.39 34.67 36.02
C GLU V 52 -58.93 34.35 34.60
N LEU V 53 -57.99 33.42 34.46
CA LEU V 53 -57.50 33.00 33.14
C LEU V 53 -58.65 32.62 32.22
N VAL V 54 -59.70 32.03 32.78
CA VAL V 54 -60.93 31.73 32.04
C VAL V 54 -61.50 33.01 31.43
N ALA V 55 -61.79 34.00 32.28
CA ALA V 55 -62.34 35.30 31.83
C ALA V 55 -61.47 35.95 30.76
N LEU V 56 -60.16 35.94 30.97
CA LEU V 56 -59.21 36.39 29.96
C LEU V 56 -59.40 35.69 28.62
N ILE V 57 -59.56 34.36 28.66
CA ILE V 57 -59.74 33.54 27.45
C ILE V 57 -61.14 33.74 26.89
N GLU V 58 -62.14 33.81 27.77
CA GLU V 58 -63.50 34.17 27.39
C GLU V 58 -63.50 35.51 26.63
N ARG V 59 -63.02 36.57 27.29
CA ARG V 59 -63.09 37.94 26.79
C ARG V 59 -62.28 38.16 25.50
N GLU V 60 -61.19 37.43 25.36
CA GLU V 60 -60.32 37.48 24.17
C GLU V 60 -60.94 36.71 23.00
N ALA V 61 -61.55 35.57 23.32
CA ALA V 61 -62.27 34.78 22.32
C ALA V 61 -63.30 35.63 21.60
N ALA V 62 -63.91 36.53 22.37
CA ALA V 62 -65.01 37.37 21.91
C ALA V 62 -64.60 38.29 20.75
N GLU V 63 -63.47 38.99 20.91
CA GLU V 63 -62.97 39.88 19.88
C GLU V 63 -62.70 39.08 18.61
N LEU V 64 -62.11 37.90 18.77
CA LEU V 64 -61.55 37.11 17.66
C LEU V 64 -62.57 36.33 16.83
N GLY V 65 -63.82 36.31 17.28
CA GLY V 65 -64.90 35.72 16.51
C GLY V 65 -65.07 34.23 16.73
N LEU V 66 -64.63 33.75 17.89
CA LEU V 66 -64.79 32.34 18.26
C LEU V 66 -65.19 32.18 19.72
N LYS V 67 -65.79 31.03 20.06
CA LYS V 67 -66.10 30.74 21.46
C LYS V 67 -65.08 29.81 22.10
N ALA V 68 -64.73 30.15 23.33
CA ALA V 68 -63.81 29.38 24.13
C ALA V 68 -64.56 28.49 25.11
N VAL V 69 -64.31 27.18 25.07
CA VAL V 69 -64.69 26.31 26.18
C VAL V 69 -63.40 25.95 26.91
N VAL V 70 -63.18 26.59 28.07
CA VAL V 70 -61.98 26.34 28.88
C VAL V 70 -62.28 25.41 30.05
N ARG V 71 -61.56 24.29 30.11
CA ARG V 71 -61.85 23.27 31.10
C ARG V 71 -60.59 22.85 31.83
N GLN V 72 -60.75 22.35 33.06
CA GLN V 72 -59.60 21.94 33.86
C GLN V 72 -59.93 20.78 34.77
N SER V 73 -59.18 19.69 34.66
CA SER V 73 -59.38 18.55 35.52
C SER V 73 -58.05 17.99 35.96
N ASP V 74 -58.06 17.30 37.10
CA ASP V 74 -56.90 16.61 37.61
C ASP V 74 -56.87 15.15 37.18
N SER V 75 -57.98 14.71 36.58
CA SER V 75 -58.22 13.32 36.20
C SER V 75 -57.96 13.11 34.74
N GLU V 76 -56.96 12.29 34.43
CA GLU V 76 -56.65 11.98 33.03
C GLU V 76 -57.84 11.35 32.29
N ALA V 77 -58.68 10.61 33.00
CA ALA V 77 -59.91 10.05 32.43
C ALA V 77 -60.91 11.13 31.95
N GLN V 78 -61.01 12.24 32.68
CA GLN V 78 -61.85 13.36 32.26
C GLN V 78 -61.21 14.04 31.05
N LEU V 79 -59.88 14.23 31.09
CA LEU V 79 -59.17 14.84 29.97
C LEU V 79 -59.26 14.01 28.69
N LEU V 80 -59.15 12.69 28.80
CA LEU V 80 -59.27 11.86 27.62
C LEU V 80 -60.67 12.04 27.04
N ASP V 81 -61.65 12.14 27.93
CA ASP V 81 -63.05 12.30 27.57
C ASP V 81 -63.26 13.58 26.77
N TRP V 82 -62.69 14.68 27.24
CA TRP V 82 -62.85 15.96 26.58
C TRP V 82 -62.21 15.95 25.19
N ILE V 83 -61.13 15.17 25.07
CA ILE V 83 -60.38 15.08 23.80
C ILE V 83 -61.21 14.30 22.79
N HIS V 84 -61.63 13.10 23.17
CA HIS V 84 -62.59 12.28 22.44
C HIS V 84 -63.80 13.09 21.95
N GLN V 85 -64.43 13.80 22.89
CA GLN V 85 -65.54 14.71 22.62
C GLN V 85 -65.20 15.79 21.58
N ALA V 86 -64.02 16.40 21.70
CA ALA V 86 -63.52 17.43 20.79
C ALA V 86 -63.08 16.87 19.44
N ALA V 87 -62.82 15.59 19.37
CA ALA V 87 -62.46 14.99 18.11
C ALA V 87 -63.71 14.61 17.33
N ASP V 88 -64.70 14.04 18.03
CA ASP V 88 -65.95 13.63 17.40
C ASP V 88 -66.60 14.85 16.78
N ALA V 89 -66.49 15.96 17.50
CA ALA V 89 -67.03 17.23 17.09
C ALA V 89 -66.13 17.92 16.06
N ALA V 90 -64.96 17.35 15.79
CA ALA V 90 -63.94 17.96 14.90
C ALA V 90 -63.61 19.43 15.20
N GLU V 91 -63.44 19.74 16.50
CA GLU V 91 -63.13 21.07 16.99
C GLU V 91 -61.70 21.09 17.48
N PRO V 92 -61.04 22.27 17.44
CA PRO V 92 -59.66 22.39 17.90
C PRO V 92 -59.51 22.36 19.41
N VAL V 93 -58.26 22.20 19.84
CA VAL V 93 -57.92 22.08 21.24
C VAL V 93 -56.66 22.87 21.49
N ILE V 94 -56.77 23.79 22.43
CA ILE V 94 -55.61 24.40 23.04
C ILE V 94 -55.34 23.62 24.33
N LEU V 95 -54.13 23.07 24.46
CA LEU V 95 -53.82 22.08 25.51
C LEU V 95 -52.59 22.37 26.38
N ASN V 96 -52.78 22.59 27.69
CA ASN V 96 -51.65 22.50 28.64
C ASN V 96 -51.89 21.39 29.63
N ALA V 97 -51.38 20.20 29.33
CA ALA V 97 -51.72 18.98 30.06
C ALA V 97 -51.07 18.85 31.43
N GLY V 98 -50.52 19.94 31.97
CA GLY V 98 -49.76 19.87 33.21
C GLY V 98 -48.66 18.84 32.99
N GLY V 99 -48.32 18.09 34.03
CA GLY V 99 -47.24 17.12 33.89
C GLY V 99 -47.46 15.94 32.92
N LEU V 100 -48.68 15.76 32.40
CA LEU V 100 -49.01 14.54 31.65
C LEU V 100 -48.36 14.50 30.26
N THR V 101 -48.06 15.68 29.73
CA THR V 101 -47.23 15.88 28.55
C THR V 101 -46.05 14.92 28.39
N HIS V 102 -45.45 14.52 29.51
CA HIS V 102 -44.22 13.73 29.51
C HIS V 102 -44.42 12.27 29.90
N THR V 103 -45.62 11.93 30.36
CA THR V 103 -45.84 10.60 30.91
C THR V 103 -46.98 9.80 30.27
N SER V 104 -47.83 10.44 29.47
CA SER V 104 -49.07 9.80 29.05
C SER V 104 -49.15 9.50 27.55
N VAL V 105 -48.91 8.24 27.19
CA VAL V 105 -49.16 7.72 25.83
C VAL V 105 -50.68 7.77 25.56
N ALA V 106 -51.44 7.48 26.61
CA ALA V 106 -52.90 7.49 26.53
C ALA V 106 -53.39 8.84 25.99
N LEU V 107 -52.97 9.93 26.62
CA LEU V 107 -53.42 11.26 26.24
C LEU V 107 -52.91 11.60 24.84
N ARG V 108 -51.72 11.08 24.51
CA ARG V 108 -51.14 11.33 23.19
C ARG V 108 -52.03 10.69 22.15
N ASP V 109 -52.35 9.42 22.36
CA ASP V 109 -53.21 8.69 21.45
C ASP V 109 -54.54 9.40 21.20
N ALA V 110 -55.09 9.97 22.27
CA ALA V 110 -56.38 10.68 22.23
C ALA V 110 -56.30 11.90 21.34
N CYS V 111 -55.22 12.65 21.46
CA CYS V 111 -55.04 13.83 20.64
C CYS V 111 -54.85 13.44 19.18
N ALA V 112 -54.16 12.33 18.94
CA ALA V 112 -53.93 11.83 17.58
C ALA V 112 -55.17 11.92 16.66
N GLU V 113 -56.36 11.70 17.23
CA GLU V 113 -57.59 11.64 16.45
C GLU V 113 -58.08 13.04 16.03
N LEU V 114 -57.79 14.05 16.85
CA LEU V 114 -58.23 15.42 16.57
C LEU V 114 -57.93 15.86 15.13
N SER V 115 -58.96 16.02 14.31
CA SER V 115 -58.77 16.41 12.92
C SER V 115 -58.55 17.93 12.79
N ALA V 116 -59.13 18.68 13.73
CA ALA V 116 -58.90 20.11 13.85
C ALA V 116 -57.57 20.40 14.54
N PRO V 117 -57.06 21.64 14.42
CA PRO V 117 -55.72 21.92 14.97
C PRO V 117 -55.58 21.71 16.48
N LEU V 118 -54.43 21.17 16.88
CA LEU V 118 -54.05 21.04 18.27
C LEU V 118 -52.79 21.86 18.57
N ILE V 119 -52.92 22.78 19.52
CA ILE V 119 -51.80 23.61 19.92
C ILE V 119 -51.49 23.40 21.41
N GLU V 120 -50.28 22.94 21.67
CA GLU V 120 -49.77 22.74 23.01
C GLU V 120 -49.20 24.07 23.54
N VAL V 121 -49.61 24.44 24.75
CA VAL V 121 -49.15 25.63 25.40
C VAL V 121 -48.63 25.28 26.80
N HIS V 122 -47.48 25.81 27.19
CA HIS V 122 -47.04 25.77 28.59
C HIS V 122 -46.68 27.19 28.99
N ILE V 123 -47.06 27.58 30.20
CA ILE V 123 -46.92 28.93 30.73
C ILE V 123 -45.45 29.25 31.04
N SER V 124 -44.71 28.22 31.47
CA SER V 124 -43.28 28.34 31.76
C SER V 124 -42.44 27.79 30.61
N ASN V 125 -41.16 28.15 30.61
CA ASN V 125 -40.25 27.64 29.59
C ASN V 125 -39.70 26.27 29.99
N VAL V 126 -40.45 25.23 29.65
CA VAL V 126 -40.06 23.84 29.94
C VAL V 126 -38.59 23.51 29.64
N HIS V 127 -37.97 24.26 28.72
CA HIS V 127 -36.59 24.00 28.31
C HIS V 127 -35.57 24.61 29.24
N ALA V 128 -36.01 25.54 30.08
CA ALA V 128 -35.16 26.10 31.13
C ALA V 128 -35.11 25.17 32.35
N ARG V 129 -35.96 24.16 32.34
CA ARG V 129 -36.24 23.39 33.54
C ARG V 129 -35.61 21.99 33.53
N GLU V 130 -36.05 21.13 34.46
CA GLU V 130 -35.56 19.75 34.59
C GLU V 130 -35.57 19.03 33.23
N GLU V 131 -34.65 18.09 33.03
CA GLU V 131 -34.52 17.40 31.73
C GLU V 131 -35.72 16.56 31.38
N PHE V 132 -36.42 16.03 32.38
CA PHE V 132 -37.64 15.25 32.11
C PHE V 132 -38.76 16.10 31.47
N ARG V 133 -38.58 17.42 31.48
CA ARG V 133 -39.58 18.36 30.97
C ARG V 133 -39.34 18.80 29.54
N ARG V 134 -38.50 18.06 28.84
CA ARG V 134 -38.07 18.43 27.50
C ARG V 134 -38.51 17.46 26.44
N HIS V 135 -38.73 16.21 26.79
CA HIS V 135 -39.39 15.31 25.84
C HIS V 135 -40.89 15.50 26.04
N SER V 136 -41.62 15.67 24.95
CA SER V 136 -43.08 15.62 25.01
C SER V 136 -43.62 14.48 24.16
N TYR V 137 -44.69 13.84 24.64
CA TYR V 137 -45.41 12.85 23.83
C TYR V 137 -46.37 13.57 22.92
N LEU V 138 -46.70 14.81 23.29
CA LEU V 138 -47.71 15.57 22.54
C LEU V 138 -47.11 16.30 21.34
N SER V 139 -46.07 17.11 21.61
CA SER V 139 -45.44 17.98 20.61
C SER V 139 -45.27 17.31 19.23
N PRO V 140 -44.62 16.13 19.18
CA PRO V 140 -44.44 15.47 17.88
C PRO V 140 -45.71 15.36 17.01
N ILE V 141 -46.89 15.31 17.64
CA ILE V 141 -48.14 15.12 16.87
C ILE V 141 -49.03 16.36 16.80
N ALA V 142 -48.60 17.44 17.46
CA ALA V 142 -49.36 18.69 17.52
C ALA V 142 -49.08 19.60 16.32
N THR V 143 -50.03 20.50 16.02
CA THR V 143 -49.80 21.53 14.98
C THR V 143 -48.53 22.32 15.30
N GLY V 144 -48.46 22.83 16.53
CA GLY V 144 -47.33 23.60 17.03
C GLY V 144 -47.43 23.73 18.54
N VAL V 145 -46.44 24.40 19.14
CA VAL V 145 -46.32 24.45 20.58
C VAL V 145 -45.89 25.84 21.00
N ILE V 146 -46.53 26.43 22.01
CA ILE V 146 -46.04 27.67 22.60
C ILE V 146 -45.52 27.46 24.02
N VAL V 147 -44.42 28.12 24.36
CA VAL V 147 -43.69 27.83 25.60
C VAL V 147 -43.03 29.08 26.19
N GLY V 148 -43.15 29.27 27.51
CA GLY V 148 -42.49 30.40 28.21
C GLY V 148 -43.15 31.76 28.10
N LEU V 149 -44.22 31.89 27.31
CA LEU V 149 -44.82 33.20 27.11
C LEU V 149 -45.92 33.58 28.11
N GLY V 150 -45.81 33.07 29.34
CA GLY V 150 -46.83 33.23 30.37
C GLY V 150 -48.26 32.90 29.96
N ILE V 151 -49.22 33.40 30.75
CA ILE V 151 -50.66 33.23 30.50
C ILE V 151 -51.07 33.79 29.11
N GLN V 152 -50.45 34.91 28.75
CA GLN V 152 -50.50 35.43 27.39
C GLN V 152 -50.49 34.31 26.34
N GLY V 153 -49.60 33.34 26.52
CA GLY V 153 -49.40 32.26 25.56
C GLY V 153 -50.67 31.56 25.10
N TYR V 154 -51.68 31.50 25.97
CA TYR V 154 -53.00 30.94 25.60
C TYR V 154 -53.61 31.79 24.53
N LEU V 155 -53.61 33.11 24.76
CA LEU V 155 -54.30 34.09 23.91
C LEU V 155 -53.68 34.14 22.51
N LEU V 156 -52.37 33.90 22.45
CA LEU V 156 -51.66 33.85 21.17
C LEU V 156 -52.06 32.63 20.39
N ALA V 157 -52.27 31.51 21.10
CA ALA V 157 -52.80 30.30 20.46
C ALA V 157 -54.19 30.57 19.88
N LEU V 158 -55.05 31.26 20.64
CA LEU V 158 -56.39 31.62 20.17
C LEU V 158 -56.32 32.45 18.88
N ARG V 159 -55.41 33.42 18.87
CA ARG V 159 -55.16 34.21 17.68
C ARG V 159 -54.76 33.37 16.48
N TYR V 160 -53.85 32.43 16.67
CA TYR V 160 -53.47 31.57 15.55
C TYR V 160 -54.67 30.82 15.03
N LEU V 161 -55.57 30.43 15.94
CA LEU V 161 -56.77 29.68 15.58
C LEU V 161 -57.73 30.57 14.80
N ALA V 162 -57.85 31.82 15.26
CA ALA V 162 -58.68 32.80 14.56
C ALA V 162 -58.29 32.90 13.09
N GLU V 163 -56.98 32.88 12.79
CA GLU V 163 -56.51 32.96 11.40
C GLU V 163 -56.50 31.64 10.62
N HIS V 164 -57.20 30.62 11.11
CA HIS V 164 -57.11 29.20 10.63
C HIS V 164 -55.81 28.51 11.04
N LEU W 24 -25.11 20.77 -19.36
CA LEU W 24 -24.83 19.50 -18.57
C LEU W 24 -23.76 19.74 -17.50
N ILE W 25 -23.90 20.84 -16.77
CA ILE W 25 -22.96 21.25 -15.73
C ILE W 25 -23.05 20.35 -14.51
N VAL W 26 -21.94 20.19 -13.80
CA VAL W 26 -21.86 19.38 -12.59
C VAL W 26 -20.99 20.11 -11.55
N ASN W 27 -21.58 20.38 -10.39
CA ASN W 27 -20.88 21.11 -9.33
C ASN W 27 -20.04 20.20 -8.45
N VAL W 28 -18.79 20.60 -8.24
CA VAL W 28 -17.95 19.91 -7.28
C VAL W 28 -17.56 20.95 -6.23
N ILE W 29 -17.86 20.64 -4.98
CA ILE W 29 -17.64 21.58 -3.90
C ILE W 29 -16.84 20.93 -2.77
N ASN W 30 -15.74 21.58 -2.39
CA ASN W 30 -14.90 21.17 -1.28
C ASN W 30 -14.96 22.19 -0.13
N GLY W 31 -14.81 21.68 1.09
CA GLY W 31 -15.05 22.46 2.29
C GLY W 31 -13.77 22.76 3.01
N PRO W 32 -13.86 23.39 4.20
CA PRO W 32 -12.71 23.94 4.92
C PRO W 32 -11.49 22.98 4.98
N ASN W 33 -10.29 23.56 4.85
CA ASN W 33 -9.02 22.79 4.82
C ASN W 33 -8.68 22.05 3.51
N LEU W 34 -9.66 21.86 2.63
CA LEU W 34 -9.42 21.14 1.38
C LEU W 34 -8.61 21.98 0.38
N GLY W 35 -8.57 23.29 0.61
CA GLY W 35 -7.80 24.20 -0.22
C GLY W 35 -6.34 23.81 -0.29
N ARG W 36 -5.84 23.25 0.80
CA ARG W 36 -4.41 22.93 0.91
C ARG W 36 -4.09 21.44 0.79
N LEU W 37 -4.86 20.71 -0.02
CA LEU W 37 -4.48 19.35 -0.43
C LEU W 37 -3.05 19.35 -0.93
N GLY W 38 -2.42 18.18 -0.99
CA GLY W 38 -1.10 18.06 -1.57
C GLY W 38 0.04 18.52 -0.67
N ARG W 39 -0.02 19.77 -0.20
CA ARG W 39 1.02 20.31 0.70
C ARG W 39 0.67 20.02 2.16
N ARG W 40 1.60 19.38 2.87
CA ARG W 40 1.35 18.80 4.19
C ARG W 40 0.16 17.81 4.19
N GLU W 41 0.05 17.01 5.26
CA GLU W 41 -0.95 15.94 5.38
C GLU W 41 -1.17 15.14 4.07
N PRO W 42 -0.09 14.58 3.49
CA PRO W 42 -0.24 13.86 2.22
C PRO W 42 -0.46 12.36 2.38
N ALA W 43 -0.86 11.94 3.59
CA ALA W 43 -1.45 10.62 3.87
C ALA W 43 -2.18 10.67 5.20
N VAL W 44 -3.49 10.47 5.25
CA VAL W 44 -4.36 10.34 4.07
C VAL W 44 -4.61 11.72 3.46
N TYR W 45 -5.33 11.73 2.35
CA TYR W 45 -5.58 12.91 1.50
C TYR W 45 -4.78 12.93 0.19
N GLY W 46 -3.58 12.33 0.17
CA GLY W 46 -2.73 12.23 -1.03
C GLY W 46 -1.79 13.40 -1.35
N GLY W 47 -0.97 13.19 -2.37
CA GLY W 47 0.02 14.17 -2.81
C GLY W 47 -0.39 15.15 -3.91
N THR W 48 -1.41 14.78 -4.68
CA THR W 48 -2.10 15.67 -5.63
C THR W 48 -2.55 16.99 -4.95
N THR W 49 -2.17 18.12 -5.53
CA THR W 49 -2.62 19.42 -5.02
C THR W 49 -4.08 19.68 -5.40
N HIS W 50 -4.65 20.77 -4.87
CA HIS W 50 -6.02 21.15 -5.22
C HIS W 50 -6.17 21.44 -6.70
N ASP W 51 -5.26 22.25 -7.24
CA ASP W 51 -5.28 22.59 -8.67
C ASP W 51 -5.13 21.38 -9.57
N GLU W 52 -4.32 20.42 -9.15
CA GLU W 52 -4.25 19.15 -9.86
C GLU W 52 -5.60 18.44 -9.89
N LEU W 53 -6.32 18.51 -8.77
CA LEU W 53 -7.65 17.92 -8.66
C LEU W 53 -8.69 18.69 -9.51
N VAL W 54 -8.64 20.01 -9.49
CA VAL W 54 -9.50 20.76 -10.38
C VAL W 54 -9.24 20.31 -11.83
N ALA W 55 -7.97 20.25 -12.22
CA ALA W 55 -7.59 19.76 -13.54
C ALA W 55 -8.13 18.35 -13.86
N LEU W 56 -8.04 17.44 -12.90
CA LEU W 56 -8.47 16.04 -13.10
C LEU W 56 -9.98 15.91 -13.39
N ILE W 57 -10.77 16.56 -12.54
CA ILE W 57 -12.23 16.60 -12.59
C ILE W 57 -12.69 17.28 -13.87
N GLU W 58 -11.92 18.26 -14.32
CA GLU W 58 -12.28 18.95 -15.55
C GLU W 58 -12.03 18.07 -16.79
N ARG W 59 -10.84 17.50 -16.91
CA ARG W 59 -10.50 16.73 -18.11
C ARG W 59 -11.33 15.46 -18.21
N GLU W 60 -11.61 14.82 -17.07
CA GLU W 60 -12.44 13.62 -17.05
C GLU W 60 -13.94 13.90 -17.25
N ALA W 61 -14.40 15.09 -16.84
CA ALA W 61 -15.79 15.51 -17.08
C ALA W 61 -15.99 15.62 -18.56
N ALA W 62 -15.15 16.45 -19.20
CA ALA W 62 -15.18 16.62 -20.64
C ALA W 62 -15.09 15.26 -21.33
N GLU W 63 -14.14 14.42 -20.92
CA GLU W 63 -14.02 13.06 -21.42
C GLU W 63 -15.36 12.29 -21.38
N LEU W 64 -16.22 12.65 -20.41
CA LEU W 64 -17.58 12.05 -20.29
C LEU W 64 -18.68 12.82 -21.02
N GLY W 65 -18.49 14.12 -21.19
CA GLY W 65 -19.42 14.94 -21.96
C GLY W 65 -20.20 15.92 -21.12
N LEU W 66 -19.52 16.50 -20.13
CA LEU W 66 -20.16 17.46 -19.24
C LEU W 66 -19.15 18.51 -18.80
N LYS W 67 -19.65 19.68 -18.43
CA LYS W 67 -18.82 20.73 -17.87
C LYS W 67 -18.83 20.54 -16.37
N ALA W 68 -17.68 20.76 -15.75
CA ALA W 68 -17.55 20.64 -14.30
C ALA W 68 -17.09 21.94 -13.69
N VAL W 69 -17.75 22.33 -12.61
CA VAL W 69 -17.30 23.47 -11.88
C VAL W 69 -16.82 23.01 -10.51
N VAL W 70 -15.49 22.96 -10.35
CA VAL W 70 -14.83 22.66 -9.07
C VAL W 70 -14.54 23.96 -8.32
N ARG W 71 -14.76 23.95 -7.02
CA ARG W 71 -14.59 25.13 -6.18
C ARG W 71 -14.29 24.64 -4.75
N GLN W 72 -13.68 25.49 -3.93
CA GLN W 72 -13.37 25.20 -2.52
C GLN W 72 -13.53 26.46 -1.68
N SER W 73 -14.01 26.31 -0.44
CA SER W 73 -14.05 27.41 0.52
C SER W 73 -13.97 26.95 2.00
N ASP W 74 -13.33 27.77 2.84
CA ASP W 74 -13.29 27.61 4.30
C ASP W 74 -14.52 28.22 5.00
N SER W 75 -15.40 28.85 4.24
CA SER W 75 -16.61 29.45 4.80
C SER W 75 -17.86 28.60 4.56
N GLU W 76 -18.63 28.41 5.65
CA GLU W 76 -19.92 27.74 5.57
C GLU W 76 -20.82 28.54 4.64
N ALA W 77 -20.77 29.87 4.78
CA ALA W 77 -21.63 30.76 4.01
C ALA W 77 -21.51 30.57 2.49
N GLN W 78 -20.29 30.71 1.98
CA GLN W 78 -20.05 30.55 0.55
C GLN W 78 -20.48 29.18 0.06
N LEU W 79 -20.36 28.16 0.91
CA LEU W 79 -20.77 26.78 0.59
C LEU W 79 -22.29 26.67 0.44
N LEU W 80 -23.00 27.21 1.44
CA LEU W 80 -24.45 27.25 1.41
C LEU W 80 -24.85 27.84 0.09
N ASP W 81 -24.25 29.00 -0.20
CA ASP W 81 -24.52 29.76 -1.39
C ASP W 81 -24.41 29.03 -2.73
N TRP W 82 -23.28 28.36 -3.01
CA TRP W 82 -23.14 27.67 -4.30
C TRP W 82 -24.18 26.59 -4.42
N ILE W 83 -24.67 26.12 -3.27
CA ILE W 83 -25.70 25.09 -3.19
C ILE W 83 -27.11 25.69 -3.35
N HIS W 84 -27.39 26.82 -2.71
CA HIS W 84 -28.58 27.64 -3.06
C HIS W 84 -28.68 27.73 -4.58
N GLN W 85 -27.59 28.15 -5.21
CA GLN W 85 -27.45 28.18 -6.67
C GLN W 85 -27.71 26.84 -7.33
N ALA W 86 -26.89 25.84 -7.03
CA ALA W 86 -26.99 24.52 -7.67
C ALA W 86 -28.43 23.99 -7.71
N ALA W 87 -29.22 24.42 -6.72
CA ALA W 87 -30.60 23.98 -6.55
C ALA W 87 -31.50 24.72 -7.53
N ASP W 88 -31.27 26.04 -7.62
CA ASP W 88 -31.95 26.90 -8.59
C ASP W 88 -31.79 26.42 -10.05
N ALA W 89 -30.64 25.83 -10.36
CA ALA W 89 -30.34 25.38 -11.70
C ALA W 89 -30.57 23.88 -11.91
N ALA W 90 -31.15 23.20 -10.91
CA ALA W 90 -31.41 21.75 -10.94
C ALA W 90 -30.19 20.93 -11.37
N GLU W 91 -29.02 21.33 -10.84
CA GLU W 91 -27.73 20.70 -11.19
C GLU W 91 -27.26 19.70 -10.10
N PRO W 92 -26.47 18.66 -10.49
CA PRO W 92 -25.94 17.71 -9.52
C PRO W 92 -24.77 18.26 -8.72
N VAL W 93 -24.54 17.66 -7.56
CA VAL W 93 -23.43 18.05 -6.68
C VAL W 93 -22.62 16.85 -6.22
N ILE W 94 -21.30 17.02 -6.24
CA ILE W 94 -20.35 16.11 -5.60
C ILE W 94 -19.72 16.91 -4.47
N LEU W 95 -19.79 16.38 -3.25
CA LEU W 95 -19.54 17.22 -2.06
C LEU W 95 -18.71 16.59 -0.96
N ASN W 96 -17.63 17.29 -0.63
CA ASN W 96 -16.76 16.96 0.47
C ASN W 96 -16.67 18.19 1.36
N ALA W 97 -17.58 18.22 2.32
CA ALA W 97 -17.77 19.37 3.19
C ALA W 97 -16.75 19.37 4.33
N GLY W 98 -15.84 18.40 4.32
CA GLY W 98 -14.78 18.32 5.32
C GLY W 98 -15.30 18.14 6.74
N GLY W 99 -14.86 19.02 7.62
CA GLY W 99 -15.35 18.98 9.00
C GLY W 99 -16.86 19.05 9.07
N LEU W 100 -17.41 20.16 8.57
CA LEU W 100 -18.85 20.47 8.65
C LEU W 100 -19.80 19.30 8.30
N THR W 101 -19.31 18.33 7.52
CA THR W 101 -20.03 17.08 7.26
C THR W 101 -20.64 16.57 8.55
N HIS W 102 -19.92 16.77 9.64
CA HIS W 102 -20.30 16.23 10.96
C HIS W 102 -20.86 17.26 11.94
N THR W 103 -21.03 18.50 11.50
CA THR W 103 -21.44 19.53 12.45
C THR W 103 -22.51 20.50 11.95
N SER W 104 -22.78 20.50 10.65
CA SER W 104 -23.67 21.53 10.09
C SER W 104 -25.05 21.03 9.68
N VAL W 105 -26.07 21.54 10.38
CA VAL W 105 -27.47 21.28 10.06
C VAL W 105 -27.85 22.24 8.93
N ALA W 106 -27.38 23.47 9.01
CA ALA W 106 -27.51 24.46 7.94
C ALA W 106 -27.23 23.87 6.53
N LEU W 107 -26.08 23.24 6.40
CA LEU W 107 -25.59 22.72 5.14
C LEU W 107 -26.35 21.48 4.66
N ARG W 108 -26.75 20.61 5.59
CA ARG W 108 -27.61 19.47 5.25
C ARG W 108 -28.95 20.02 4.76
N ASP W 109 -29.50 20.98 5.51
CA ASP W 109 -30.73 21.66 5.10
C ASP W 109 -30.61 22.18 3.67
N ALA W 110 -29.51 22.86 3.36
CA ALA W 110 -29.29 23.35 2.01
C ALA W 110 -29.34 22.22 0.97
N CYS W 111 -28.76 21.08 1.27
CA CYS W 111 -28.72 19.99 0.29
C CYS W 111 -30.03 19.23 0.16
N ALA W 112 -30.87 19.29 1.19
CA ALA W 112 -32.18 18.65 1.12
C ALA W 112 -32.96 19.31 -0.04
N GLU W 113 -32.69 20.60 -0.28
CA GLU W 113 -33.31 21.35 -1.38
C GLU W 113 -32.94 20.91 -2.80
N LEU W 114 -31.84 20.20 -2.95
CA LEU W 114 -31.40 19.83 -4.29
C LEU W 114 -32.39 18.89 -4.90
N SER W 115 -32.51 18.92 -6.22
CA SER W 115 -33.39 17.98 -6.89
C SER W 115 -32.55 17.00 -7.68
N ALA W 116 -31.42 17.49 -8.20
CA ALA W 116 -30.48 16.63 -8.92
C ALA W 116 -29.70 15.82 -7.90
N PRO W 117 -29.32 14.58 -8.26
CA PRO W 117 -28.57 13.78 -7.31
C PRO W 117 -27.44 14.55 -6.62
N LEU W 118 -27.23 14.23 -5.34
CA LEU W 118 -26.09 14.71 -4.57
C LEU W 118 -25.22 13.50 -4.19
N ILE W 119 -23.93 13.58 -4.51
CA ILE W 119 -23.01 12.49 -4.16
C ILE W 119 -21.95 12.97 -3.19
N GLU W 120 -21.93 12.34 -2.03
CA GLU W 120 -21.08 12.72 -0.91
C GLU W 120 -19.75 12.01 -1.12
N VAL W 121 -18.65 12.78 -1.05
CA VAL W 121 -17.31 12.24 -1.29
C VAL W 121 -16.33 12.63 -0.18
N HIS W 122 -15.55 11.66 0.28
CA HIS W 122 -14.40 11.90 1.14
C HIS W 122 -13.20 11.09 0.67
N ILE W 123 -12.05 11.74 0.69
CA ILE W 123 -10.80 11.14 0.23
C ILE W 123 -10.32 10.05 1.19
N SER W 124 -10.36 10.33 2.49
CA SER W 124 -9.97 9.36 3.49
C SER W 124 -11.15 8.42 3.76
N ASN W 125 -10.83 7.22 4.26
CA ASN W 125 -11.85 6.29 4.83
C ASN W 125 -12.21 6.73 6.24
N VAL W 126 -13.12 7.69 6.29
CA VAL W 126 -13.60 8.29 7.53
C VAL W 126 -14.01 7.24 8.58
N HIS W 127 -14.33 6.03 8.15
CA HIS W 127 -14.71 4.96 9.06
C HIS W 127 -13.52 4.32 9.80
N ALA W 128 -12.30 4.73 9.44
CA ALA W 128 -11.08 4.19 10.06
C ALA W 128 -10.47 5.26 10.97
N ARG W 129 -11.17 6.39 11.04
CA ARG W 129 -10.70 7.56 11.78
C ARG W 129 -11.55 7.73 13.04
N GLU W 130 -11.56 8.93 13.62
CA GLU W 130 -12.19 9.17 14.91
C GLU W 130 -13.71 8.93 14.89
N GLU W 131 -14.29 8.67 16.06
CA GLU W 131 -15.71 8.35 16.13
C GLU W 131 -16.58 9.43 15.53
N PHE W 132 -16.28 10.69 15.80
CA PHE W 132 -17.08 11.80 15.26
C PHE W 132 -17.11 11.92 13.71
N ARG W 133 -16.12 11.32 13.04
CA ARG W 133 -16.07 11.27 11.59
C ARG W 133 -16.86 10.08 11.04
N ARG W 134 -17.51 9.30 11.93
CA ARG W 134 -18.24 8.07 11.58
C ARG W 134 -19.77 8.28 11.38
N HIS W 135 -20.27 9.43 11.80
CA HIS W 135 -21.65 9.83 11.56
C HIS W 135 -21.59 11.09 10.71
N SER W 136 -22.56 11.25 9.81
CA SER W 136 -22.62 12.38 8.86
C SER W 136 -24.03 12.97 8.75
N TYR W 137 -24.13 14.29 8.92
CA TYR W 137 -25.42 15.00 8.78
C TYR W 137 -25.92 14.93 7.34
N LEU W 138 -24.97 14.74 6.40
CA LEU W 138 -25.27 14.69 4.96
C LEU W 138 -25.73 13.33 4.47
N SER W 139 -25.03 12.28 4.87
CA SER W 139 -25.24 10.93 4.35
C SER W 139 -26.72 10.50 4.16
N PRO W 140 -27.60 10.78 5.15
CA PRO W 140 -28.95 10.26 4.94
C PRO W 140 -29.71 10.98 3.83
N ILE W 141 -29.37 12.22 3.53
CA ILE W 141 -30.07 12.92 2.46
C ILE W 141 -29.29 12.99 1.16
N ALA W 142 -28.28 12.14 1.02
CA ALA W 142 -27.53 12.08 -0.22
C ALA W 142 -27.87 10.83 -1.05
N THR W 143 -27.83 10.97 -2.36
CA THR W 143 -28.05 9.83 -3.23
C THR W 143 -27.12 8.72 -2.79
N GLY W 144 -25.83 9.06 -2.75
CA GLY W 144 -24.75 8.11 -2.44
C GLY W 144 -23.57 8.80 -1.80
N VAL W 145 -22.69 7.98 -1.21
CA VAL W 145 -21.48 8.40 -0.52
C VAL W 145 -20.28 7.55 -1.00
N ILE W 146 -19.18 8.21 -1.36
CA ILE W 146 -17.90 7.51 -1.66
C ILE W 146 -16.81 7.96 -0.69
N VAL W 147 -16.12 6.98 -0.13
CA VAL W 147 -15.24 7.21 1.01
C VAL W 147 -13.94 6.38 0.88
N GLY W 148 -12.80 7.06 0.99
CA GLY W 148 -11.50 6.39 1.10
C GLY W 148 -10.93 5.83 -0.18
N LEU W 149 -11.37 6.37 -1.30
CA LEU W 149 -10.92 5.89 -2.60
C LEU W 149 -9.88 6.85 -3.18
N GLY W 150 -9.25 7.63 -2.32
CA GLY W 150 -8.33 8.61 -2.79
C GLY W 150 -9.07 9.59 -3.68
N ILE W 151 -8.29 10.31 -4.47
CA ILE W 151 -8.80 11.42 -5.27
C ILE W 151 -9.80 10.91 -6.36
N GLN W 152 -9.53 9.71 -6.88
CA GLN W 152 -10.37 9.04 -7.89
C GLN W 152 -11.85 8.89 -7.45
N GLY W 153 -12.08 9.18 -6.17
CA GLY W 153 -13.41 9.14 -5.55
C GLY W 153 -14.30 10.17 -6.18
N TYR W 154 -13.72 11.30 -6.56
CA TYR W 154 -14.45 12.37 -7.20
C TYR W 154 -14.78 12.00 -8.65
N LEU W 155 -13.79 11.56 -9.41
CA LEU W 155 -13.97 11.11 -10.78
C LEU W 155 -15.05 10.04 -10.91
N LEU W 156 -14.97 9.01 -10.08
CA LEU W 156 -15.95 7.92 -10.07
C LEU W 156 -17.35 8.45 -9.78
N ALA W 157 -17.45 9.47 -8.92
CA ALA W 157 -18.71 10.13 -8.70
C ALA W 157 -19.16 10.71 -10.04
N LEU W 158 -18.28 11.50 -10.65
CA LEU W 158 -18.53 12.04 -11.98
C LEU W 158 -19.04 11.02 -12.99
N ARG W 159 -18.40 9.86 -13.01
CA ARG W 159 -18.79 8.76 -13.86
C ARG W 159 -20.19 8.19 -13.52
N TYR W 160 -20.57 8.30 -12.24
CA TYR W 160 -21.92 7.92 -11.79
C TYR W 160 -22.96 8.93 -12.27
N LEU W 161 -22.66 10.21 -12.09
CA LEU W 161 -23.54 11.25 -12.58
C LEU W 161 -23.85 11.13 -14.07
N ALA W 162 -22.84 10.72 -14.85
CA ALA W 162 -23.00 10.62 -16.30
C ALA W 162 -23.77 9.35 -16.70
N GLU W 163 -24.88 9.10 -16.00
CA GLU W 163 -25.82 8.01 -16.24
C GLU W 163 -27.07 8.34 -15.46
N HIS W 164 -26.91 9.15 -14.41
CA HIS W 164 -27.94 9.43 -13.39
C HIS W 164 -27.96 8.37 -12.27
N LEU X 24 -39.11 52.18 20.68
CA LEU X 24 -39.54 50.79 21.03
C LEU X 24 -39.25 49.83 19.87
N ILE X 25 -38.00 49.36 19.84
CA ILE X 25 -37.43 48.72 18.65
C ILE X 25 -37.29 47.22 18.84
N VAL X 26 -37.48 46.46 17.75
CA VAL X 26 -37.57 45.00 17.81
C VAL X 26 -36.81 44.25 16.68
N ASN X 27 -35.73 43.57 17.05
CA ASN X 27 -34.96 42.82 16.08
C ASN X 27 -35.47 41.42 15.74
N VAL X 28 -36.04 41.31 14.55
CA VAL X 28 -36.39 40.03 13.97
C VAL X 28 -35.17 39.56 13.18
N ILE X 29 -34.83 38.27 13.29
CA ILE X 29 -33.54 37.73 12.77
C ILE X 29 -33.55 36.29 12.24
N ASN X 30 -33.06 36.08 11.02
CA ASN X 30 -33.10 34.75 10.43
C ASN X 30 -31.78 34.12 10.00
N GLY X 31 -31.63 32.83 10.30
CA GLY X 31 -30.39 32.09 10.11
C GLY X 31 -30.20 31.54 8.72
N PRO X 32 -29.22 30.65 8.55
CA PRO X 32 -28.93 30.04 7.25
C PRO X 32 -30.20 29.54 6.55
N ASN X 33 -30.30 29.73 5.23
CA ASN X 33 -31.38 29.16 4.43
C ASN X 33 -32.72 29.88 4.58
N LEU X 34 -32.81 30.76 5.56
CA LEU X 34 -34.06 31.46 5.78
C LEU X 34 -34.39 32.53 4.69
N GLY X 35 -33.42 32.80 3.81
CA GLY X 35 -33.66 33.63 2.63
C GLY X 35 -34.36 32.89 1.50
N ARG X 36 -34.56 31.59 1.67
CA ARG X 36 -35.06 30.73 0.60
C ARG X 36 -36.54 30.41 0.74
N LEU X 37 -37.25 31.19 1.56
CA LEU X 37 -38.70 31.12 1.62
C LEU X 37 -39.37 31.36 0.25
N GLY X 38 -40.23 30.42 -0.14
CA GLY X 38 -40.84 30.41 -1.48
C GLY X 38 -40.29 29.30 -2.36
N ARG X 39 -39.14 28.75 -1.99
CA ARG X 39 -38.46 27.73 -2.77
C ARG X 39 -38.30 26.40 -2.00
N ARG X 40 -39.15 25.42 -2.33
CA ARG X 40 -39.15 24.04 -1.78
C ARG X 40 -38.93 23.80 -0.26
N GLU X 41 -39.87 24.15 0.62
CA GLU X 41 -41.12 24.91 0.35
C GLU X 41 -41.92 24.47 -0.89
N TYR X 45 -44.24 23.77 1.71
CA TYR X 45 -45.15 24.77 2.27
C TYR X 45 -44.92 26.17 1.65
N GLY X 46 -45.23 27.22 2.43
CA GLY X 46 -44.97 28.62 2.03
C GLY X 46 -46.17 29.53 2.26
N GLY X 47 -46.48 30.41 1.29
CA GLY X 47 -45.62 30.59 0.11
C GLY X 47 -44.73 31.81 0.24
N THR X 48 -45.03 32.62 1.26
CA THR X 48 -44.35 33.90 1.52
C THR X 48 -42.83 33.89 1.40
N THR X 49 -42.32 34.81 0.58
CA THR X 49 -40.88 35.01 0.42
C THR X 49 -40.39 35.79 1.63
N HIS X 50 -39.08 35.78 1.82
CA HIS X 50 -38.52 36.58 2.89
C HIS X 50 -38.89 38.05 2.73
N ASP X 51 -38.70 38.58 1.51
CA ASP X 51 -39.01 39.99 1.23
C ASP X 51 -40.43 40.31 1.66
N GLU X 52 -41.38 39.48 1.23
CA GLU X 52 -42.77 39.61 1.64
C GLU X 52 -42.85 39.60 3.16
N LEU X 53 -42.30 38.54 3.77
CA LEU X 53 -42.27 38.43 5.21
C LEU X 53 -41.78 39.72 5.88
N VAL X 54 -40.68 40.28 5.37
CA VAL X 54 -40.09 41.48 5.95
C VAL X 54 -41.19 42.54 6.11
N ALA X 55 -42.09 42.57 5.13
CA ALA X 55 -43.21 43.53 5.10
C ALA X 55 -44.35 43.19 6.07
N LEU X 56 -44.81 41.93 6.09
CA LEU X 56 -45.81 41.47 7.08
C LEU X 56 -45.43 41.91 8.50
N ILE X 57 -44.20 41.59 8.88
CA ILE X 57 -43.67 41.93 10.22
C ILE X 57 -43.64 43.44 10.43
N GLU X 58 -43.02 44.18 9.52
CA GLU X 58 -42.87 45.63 9.68
C GLU X 58 -44.24 46.32 9.80
N ARG X 59 -45.19 45.83 9.00
CA ARG X 59 -46.58 46.27 8.99
C ARG X 59 -47.15 46.11 10.39
N GLU X 60 -47.36 44.84 10.73
CA GLU X 60 -47.81 44.39 12.05
C GLU X 60 -47.07 45.12 13.17
N ALA X 61 -45.75 45.28 13.00
CA ALA X 61 -44.91 45.95 14.00
C ALA X 61 -45.40 47.35 14.35
N ALA X 62 -45.66 48.14 13.30
CA ALA X 62 -46.21 49.49 13.42
C ALA X 62 -47.61 49.50 14.02
N GLU X 63 -48.51 48.63 13.51
CA GLU X 63 -49.86 48.50 14.08
C GLU X 63 -49.90 47.84 15.47
N LEU X 64 -48.91 48.15 16.29
CA LEU X 64 -48.79 47.66 17.66
C LEU X 64 -48.10 48.71 18.53
N GLY X 65 -47.54 49.74 17.89
CA GLY X 65 -46.79 50.80 18.58
C GLY X 65 -45.30 50.51 18.66
N LEU X 66 -44.86 49.53 17.87
CA LEU X 66 -43.47 49.09 17.84
C LEU X 66 -42.88 49.35 16.47
N LYS X 67 -41.55 49.36 16.39
CA LYS X 67 -40.87 49.35 15.09
C LYS X 67 -39.95 48.13 15.04
N ALA X 68 -40.08 47.30 14.02
CA ALA X 68 -39.27 46.08 13.94
C ALA X 68 -38.22 46.07 12.84
N VAL X 69 -36.98 45.71 13.19
CA VAL X 69 -35.90 45.55 12.21
C VAL X 69 -35.73 44.09 11.80
N VAL X 70 -36.26 43.73 10.62
CA VAL X 70 -36.06 42.41 10.04
C VAL X 70 -34.63 42.35 9.48
N ARG X 71 -34.12 41.13 9.23
CA ARG X 71 -32.72 40.87 8.86
C ARG X 71 -32.49 39.38 8.77
N GLN X 72 -31.97 38.91 7.64
CA GLN X 72 -31.63 37.50 7.43
C GLN X 72 -30.14 37.40 7.14
N SER X 73 -29.52 36.27 7.49
CA SER X 73 -28.13 36.01 7.10
C SER X 73 -27.76 34.52 7.13
N ASP X 74 -26.92 34.08 6.20
CA ASP X 74 -26.34 32.73 6.22
C ASP X 74 -25.00 32.69 6.96
N SER X 75 -24.51 33.85 7.39
CA SER X 75 -23.26 33.93 8.15
C SER X 75 -23.52 34.00 9.65
N GLU X 76 -23.06 32.95 10.33
CA GLU X 76 -23.09 32.89 11.77
C GLU X 76 -22.44 34.14 12.32
N ALA X 77 -21.30 34.52 11.74
CA ALA X 77 -20.50 35.62 12.29
C ALA X 77 -21.29 36.93 12.20
N GLN X 78 -22.07 37.02 11.13
CA GLN X 78 -22.99 38.13 10.89
C GLN X 78 -24.12 38.10 11.91
N LEU X 79 -24.77 36.95 12.10
CA LEU X 79 -25.81 36.85 13.12
C LEU X 79 -25.24 37.19 14.50
N LEU X 80 -24.02 36.73 14.76
CA LEU X 80 -23.31 37.12 15.96
C LEU X 80 -23.15 38.63 16.08
N ASP X 81 -22.84 39.29 14.97
CA ASP X 81 -22.74 40.75 15.02
C ASP X 81 -24.08 41.40 15.36
N TRP X 82 -25.13 40.97 14.66
CA TRP X 82 -26.50 41.40 14.93
C TRP X 82 -26.92 41.30 16.42
N ILE X 83 -26.80 40.10 16.99
CA ILE X 83 -27.12 39.87 18.42
C ILE X 83 -26.30 40.78 19.33
N HIS X 84 -24.99 40.89 19.04
CA HIS X 84 -24.11 41.80 19.79
C HIS X 84 -24.71 43.17 19.99
N GLN X 85 -25.29 43.71 18.91
CA GLN X 85 -25.83 45.06 18.88
C GLN X 85 -27.09 45.22 19.74
N ALA X 86 -28.07 44.34 19.52
CA ALA X 86 -29.29 44.33 20.33
C ALA X 86 -29.01 44.25 21.84
N ALA X 87 -28.11 43.33 22.22
CA ALA X 87 -27.61 43.26 23.58
C ALA X 87 -27.18 44.64 24.13
N ASP X 88 -26.28 45.32 23.42
CA ASP X 88 -25.80 46.65 23.85
C ASP X 88 -26.94 47.66 23.92
N ALA X 89 -27.87 47.52 22.97
CA ALA X 89 -29.02 48.38 22.80
C ALA X 89 -30.20 48.06 23.72
N ALA X 90 -30.09 47.00 24.52
CA ALA X 90 -31.19 46.47 25.35
C ALA X 90 -32.53 46.31 24.58
N GLU X 91 -32.43 46.01 23.29
CA GLU X 91 -33.59 45.74 22.45
C GLU X 91 -33.95 44.26 22.54
N PRO X 92 -35.26 43.95 22.56
CA PRO X 92 -35.70 42.56 22.48
C PRO X 92 -35.42 41.95 21.10
N VAL X 93 -35.40 40.61 21.04
CA VAL X 93 -35.09 39.88 19.82
C VAL X 93 -36.01 38.67 19.59
N ILE X 94 -36.63 38.62 18.42
CA ILE X 94 -37.32 37.44 17.95
C ILE X 94 -36.29 36.77 17.04
N LEU X 95 -35.98 35.49 17.29
CA LEU X 95 -34.90 34.80 16.55
C LEU X 95 -35.20 33.38 16.06
N ASN X 96 -35.17 33.19 14.73
CA ASN X 96 -35.21 31.86 14.10
C ASN X 96 -33.84 31.54 13.51
N ALA X 97 -32.98 30.94 14.32
CA ALA X 97 -31.58 30.75 13.97
C ALA X 97 -31.31 29.58 12.99
N GLY X 98 -32.35 29.09 12.32
CA GLY X 98 -32.21 27.94 11.42
C GLY X 98 -31.54 26.72 12.06
N GLY X 99 -30.74 26.03 11.25
CA GLY X 99 -30.07 24.80 11.71
C GLY X 99 -29.07 25.06 12.82
N LEU X 100 -28.59 26.31 12.88
CA LEU X 100 -27.59 26.73 13.86
C LEU X 100 -28.18 26.67 15.26
N THR X 101 -29.50 26.52 15.31
CA THR X 101 -30.24 26.39 16.56
C THR X 101 -29.85 25.12 17.33
N HIS X 102 -29.32 24.15 16.59
CA HIS X 102 -28.96 22.88 17.19
C HIS X 102 -27.47 22.68 17.26
N THR X 103 -26.69 23.73 16.96
CA THR X 103 -25.26 23.54 16.77
C THR X 103 -24.33 24.63 17.27
N SER X 104 -24.83 25.74 17.78
CA SER X 104 -23.91 26.86 18.04
C SER X 104 -23.82 27.42 19.47
N VAL X 105 -22.80 26.98 20.19
CA VAL X 105 -22.54 27.55 21.49
C VAL X 105 -22.33 29.05 21.33
N ALA X 106 -21.70 29.42 20.22
CA ALA X 106 -21.34 30.82 19.98
C ALA X 106 -22.59 31.71 19.95
N LEU X 107 -23.61 31.22 19.25
CA LEU X 107 -24.84 31.99 19.12
C LEU X 107 -25.53 32.08 20.47
N ARG X 108 -25.57 30.97 21.19
CA ARG X 108 -26.17 30.94 22.50
C ARG X 108 -25.43 31.89 23.43
N ASP X 109 -24.10 31.80 23.46
CA ASP X 109 -23.32 32.73 24.29
C ASP X 109 -23.65 34.21 23.97
N ALA X 110 -23.64 34.59 22.69
CA ALA X 110 -24.04 35.96 22.31
C ALA X 110 -25.43 36.29 22.81
N CYS X 111 -26.37 35.39 22.53
CA CYS X 111 -27.77 35.52 22.93
C CYS X 111 -27.98 35.68 24.43
N ALA X 112 -27.12 35.09 25.27
CA ALA X 112 -27.22 35.25 26.73
C ALA X 112 -26.82 36.62 27.30
N GLU X 113 -26.27 37.51 26.48
CA GLU X 113 -25.95 38.87 26.95
C GLU X 113 -27.18 39.78 26.83
N LEU X 114 -28.20 39.33 26.11
CA LEU X 114 -29.42 40.08 25.98
C LEU X 114 -30.09 40.23 27.33
N SER X 115 -30.50 41.45 27.65
CA SER X 115 -31.23 41.73 28.89
C SER X 115 -32.72 41.82 28.67
N ALA X 116 -33.13 41.99 27.42
CA ALA X 116 -34.54 42.10 27.08
C ALA X 116 -35.09 40.71 26.67
N PRO X 117 -36.43 40.57 26.47
CA PRO X 117 -36.90 39.21 26.20
C PRO X 117 -36.42 38.72 24.84
N LEU X 118 -36.12 37.42 24.78
CA LEU X 118 -35.70 36.74 23.55
C LEU X 118 -36.67 35.60 23.31
N ILE X 119 -37.19 35.55 22.09
CA ILE X 119 -38.27 34.62 21.76
C ILE X 119 -37.94 33.87 20.49
N GLU X 120 -37.64 32.59 20.65
CA GLU X 120 -37.27 31.72 19.57
C GLU X 120 -38.49 31.36 18.74
N VAL X 121 -38.34 31.31 17.42
CA VAL X 121 -39.47 31.03 16.54
C VAL X 121 -39.04 30.00 15.52
N HIS X 122 -39.89 29.02 15.23
CA HIS X 122 -39.63 28.14 14.10
C HIS X 122 -40.90 27.95 13.31
N ILE X 123 -40.76 27.91 11.99
CA ILE X 123 -41.94 27.89 11.15
C ILE X 123 -42.63 26.52 11.23
N SER X 124 -41.88 25.45 10.99
CA SER X 124 -42.35 24.07 11.12
C SER X 124 -42.28 23.58 12.59
N ASN X 125 -43.01 22.51 12.91
CA ASN X 125 -42.91 21.89 14.24
C ASN X 125 -41.62 21.10 14.29
N VAL X 126 -40.60 21.66 14.93
CA VAL X 126 -39.30 20.96 15.05
C VAL X 126 -39.40 19.57 15.70
N HIS X 127 -40.34 19.43 16.63
CA HIS X 127 -40.52 18.18 17.39
C HIS X 127 -41.17 17.07 16.60
N ALA X 128 -41.60 17.36 15.39
CA ALA X 128 -42.22 16.35 14.55
C ALA X 128 -41.22 15.69 13.58
N ARG X 129 -40.01 16.24 13.51
CA ARG X 129 -39.02 15.76 12.55
C ARG X 129 -37.86 15.09 13.26
N GLU X 130 -36.73 14.97 12.56
CA GLU X 130 -35.51 14.25 13.00
C GLU X 130 -35.06 14.57 14.45
N GLU X 131 -34.47 13.59 15.12
CA GLU X 131 -34.11 13.74 16.55
C GLU X 131 -33.16 14.88 16.90
N PHE X 132 -32.21 15.16 16.00
CA PHE X 132 -31.26 16.25 16.22
C PHE X 132 -31.89 17.66 16.18
N ARG X 133 -33.10 17.79 15.63
CA ARG X 133 -33.84 19.06 15.69
C ARG X 133 -34.63 19.22 16.99
N ARG X 134 -34.71 18.14 17.77
CA ARG X 134 -35.47 18.14 19.01
C ARG X 134 -34.69 18.75 20.19
N HIS X 135 -33.42 19.10 19.96
CA HIS X 135 -32.66 19.85 20.97
C HIS X 135 -32.06 21.18 20.47
N SER X 136 -32.04 22.15 21.36
CA SER X 136 -31.77 23.52 21.01
C SER X 136 -30.99 24.21 22.13
N TYR X 137 -29.82 24.75 21.78
CA TYR X 137 -28.96 25.48 22.71
C TYR X 137 -29.61 26.74 23.26
N LEU X 138 -30.56 27.32 22.52
CA LEU X 138 -31.08 28.66 22.85
C LEU X 138 -32.35 28.63 23.70
N SER X 139 -33.07 27.51 23.62
CA SER X 139 -34.31 27.33 24.35
C SER X 139 -34.14 27.41 25.88
N PRO X 140 -33.01 26.89 26.42
CA PRO X 140 -32.75 27.10 27.86
C PRO X 140 -32.46 28.57 28.24
N ILE X 141 -32.11 29.41 27.27
CA ILE X 141 -31.88 30.85 27.54
C ILE X 141 -32.93 31.83 27.00
N ALA X 142 -33.74 31.39 26.03
CA ALA X 142 -34.93 32.13 25.59
C ALA X 142 -35.90 32.53 26.72
N THR X 143 -36.77 33.51 26.44
CA THR X 143 -37.87 33.79 27.37
C THR X 143 -38.90 32.70 27.17
N GLY X 144 -39.06 32.34 25.89
CA GLY X 144 -40.06 31.40 25.41
C GLY X 144 -39.81 31.00 23.96
N VAL X 145 -40.67 30.15 23.42
CA VAL X 145 -40.41 29.50 22.16
C VAL X 145 -41.75 29.18 21.47
N ILE X 146 -41.91 29.64 20.23
CA ILE X 146 -43.05 29.33 19.40
C ILE X 146 -42.56 28.47 18.25
N VAL X 147 -43.31 27.44 17.90
CA VAL X 147 -42.86 26.42 16.96
C VAL X 147 -44.06 25.83 16.22
N GLY X 148 -43.95 25.66 14.91
CA GLY X 148 -44.99 25.00 14.14
C GLY X 148 -46.23 25.83 13.83
N LEU X 149 -46.25 27.06 14.31
CA LEU X 149 -47.35 27.99 14.03
C LEU X 149 -47.16 28.73 12.68
N GLY X 150 -46.15 28.27 11.95
CA GLY X 150 -45.83 28.81 10.65
C GLY X 150 -45.41 30.26 10.74
N ILE X 151 -45.92 31.04 9.81
CA ILE X 151 -45.49 32.42 9.65
C ILE X 151 -45.99 33.32 10.80
N GLN X 152 -47.27 33.17 11.19
CA GLN X 152 -47.90 34.00 12.24
C GLN X 152 -47.13 33.94 13.58
N GLY X 153 -46.32 32.90 13.75
CA GLY X 153 -45.41 32.77 14.88
C GLY X 153 -44.66 34.05 15.16
N TYR X 154 -43.96 34.54 14.15
CA TYR X 154 -43.31 35.83 14.23
C TYR X 154 -44.26 36.92 14.73
N LEU X 155 -45.48 36.90 14.22
CA LEU X 155 -46.44 37.97 14.51
C LEU X 155 -46.98 37.82 15.92
N LEU X 156 -47.06 36.59 16.39
CA LEU X 156 -47.44 36.31 17.77
C LEU X 156 -46.31 36.66 18.75
N ALA X 157 -45.07 36.36 18.37
CA ALA X 157 -43.92 36.85 19.11
C ALA X 157 -43.99 38.36 19.23
N LEU X 158 -44.44 39.02 18.15
CA LEU X 158 -44.58 40.48 18.15
C LEU X 158 -45.61 40.97 19.15
N ARG X 159 -46.76 40.31 19.17
CA ARG X 159 -47.78 40.70 20.13
C ARG X 159 -47.22 40.58 21.53
N TYR X 160 -46.81 39.37 21.91
CA TYR X 160 -46.31 39.15 23.25
C TYR X 160 -45.34 40.24 23.73
N LEU X 161 -44.54 40.80 22.84
CA LEU X 161 -43.58 41.84 23.28
C LEU X 161 -44.20 43.22 23.50
N ALA X 162 -45.34 43.49 22.86
CA ALA X 162 -46.08 44.74 23.11
C ALA X 162 -46.57 44.83 24.57
N GLU X 163 -47.10 43.72 25.09
CA GLU X 163 -47.50 43.64 26.50
C GLU X 163 -46.30 43.39 27.42
N HIS X 164 -45.11 43.22 26.82
CA HIS X 164 -43.82 43.02 27.53
C HIS X 164 -43.58 41.61 28.10
#